data_9MSD
#
_entry.id   9MSD
#
_cell.length_a   1.00
_cell.length_b   1.00
_cell.length_c   1.00
_cell.angle_alpha   90.00
_cell.angle_beta   90.00
_cell.angle_gamma   90.00
#
_symmetry.space_group_name_H-M   'P 1'
#
loop_
_entity.id
_entity.type
_entity.pdbx_description
1 polymer '001428_T278M_L14 SOSIP gp140'
2 polymer 'G002-293-0536 Fab heavy chain'
3 polymer 'G002-293-0536 Fab light chain'
4 polymer 'RM20A3 Fab light chain'
5 polymer 'RM20A3 Rab heavy chain'
6 branched 2-acetamido-2-deoxy-beta-D-glucopyranose-(1-4)-2-acetamido-2-deoxy-beta-D-glucopyranose
7 branched beta-D-mannopyranose-(1-4)-2-acetamido-2-deoxy-beta-D-glucopyranose-(1-4)-2-acetamido-2-deoxy-beta-D-glucopyranose
8 non-polymer 2-acetamido-2-deoxy-beta-D-glucopyranose
#
loop_
_entity_poly.entity_id
_entity_poly.type
_entity_poly.pdbx_seq_one_letter_code
_entity_poly.pdbx_strand_id
1 'polypeptide(L)'
;ETGVENLWVTVYYGVPVWKEARTTLFCASDAKAYETEVHNVWATHACVPTDPNPQEMVLGNVTENFNMWKNDMVDQMHED
VISLWAQSLKPCVKLTPLCVTLECTQVNATQGNTTQVNVTQVNGDEMKNCSFNTTTEIRDKKQKAYALFYRLDLVPLERE
NRGDSNSASKYILINCNTSAITQACPKVNFDPIPIHYCTPAGYAILKCNNKTFNGTGSCNNVSTVQCTHGIKPVVSTQLL
LNGSLAEEEIIIRSENLMDNVKTIIVHLDQSVEIVCTRPNNNTVKSIRIGPGQTFYYTGDIIGNIREAHCNISEKKWHEM
LRRVSEKLAEHFPNKTIKFTSSSGGDLEITTHSFNCRGEFFYCNTSGLFNSTYMPNGTYMPNGTNNSNSTIILPCRIKQI
INMWQEVGRAMYAPPIAGNITCNSNITGLLLVRDGGKNNNTEIFRPGGGDMRDNWRSELYKYKVVEIKPLGVAPTRCKRR
VVGSHSGSGGSGSGGHAAVGLGAVSLGFLGAAGSTMGAASITLTVQARQLLSGIVQQQSNLLQAPEPQQHLLQDTHWGIK
QLQTRVLAIEHYLKDQQLLGIWGCSGKLICCTAVPWNSSWSNKSLTDIWDNMTWMQWDREVSNYTGIIYRLLEDSQNQQE
RNEQDLLALD
;
A,G,B
2 'polypeptide(L)'
;QVQLVQSGAEVKKPGASVKVSCKASGYSFTDYYIHWVRQAPGQGLEWMGWINPRFGGVNYAQKFQGRVTMTRDTSIRTAH
MELSRLISDDTAFYYCARGRFADSVWNLLFWGQGTLVTVSSASTKGPSVFPLAPSSKSTSGGTAALGCLVKDYFPEPVTV
SWNSGALTSGVHTFPAVLQSSGLYSLSSVVTVPSSSLGTQTYICNVNHKPSNTKVDKKVEPKSC
;
H,I,N
3 'polypeptide(L)'
;DIQMTQSPSSLSASVGDRVTITCQASQGISNYLNWYQQKPGKAPKLLIYDASNLETGVPSRFSGSGSGTDFTFTISGLQP
EDIATYYCQKYEFFGGGTKVEIKRTVAAPSVFIFPPSDEQLKSGTASVVCLLNNFYPREAKVQWKVDNALQSGNSQESVT
EQDSKDSTYSLSSTLTLSKADYEKHKVYACEVTHQGLSSPVTKSFNRGEC
;
L,M,O
4 'polypeptide(L)'
;ALTQPPSVSGSPGQSVTISCTGTSSDIGSYNYVSWYQQHPGKAPKLMIYDVTQRPSGVSDRFSGSKSGNTASLTISGLQA
DDEADYYCSAYAGRQTFYIFGGGTRLTVLGQPKAAPSVTLFPPSSEELQANKATLVCLISDFYPGAVTVAWKADSSPVKA
GVETTTPSKQSNNKYAASSYLSLTPEQWKSHRSYSCQVTHEGSTVEKTVAPTECS
;
D,F,K
5 'polypeptide(L)'
;EVQLVETGGGLVQPGGSLKLSCRASGYTFSSFAMSWVRQAPGKGLEWVSLINDRGGLTFYVDSVKGRFTISRDNSKNTLS
LQMHSLRDGDTAVYYCATGGMSSALQSSKYYFDFWGQGALVTVSSASTKGPSVFPLAPSSKSTSGGTAALGCLVKDYFPE
PVTVSWNSGALTSGVHTFPAVLQSSGLYSLSSVVTVPSSSLGTQTYICNVNHKPSNTKVDKKVEPKSC
;
C,E,J
#
# COMPACT_ATOMS: atom_id res chain seq x y z
N ASN A 6 -20.05 37.66 -8.96
CA ASN A 6 -21.29 37.26 -8.31
C ASN A 6 -21.40 35.75 -8.07
N LEU A 7 -20.66 34.95 -8.84
CA LEU A 7 -20.59 33.50 -8.67
C LEU A 7 -19.16 33.10 -8.35
N TRP A 8 -19.00 32.12 -7.46
CA TRP A 8 -17.69 31.70 -6.98
C TRP A 8 -17.55 30.18 -7.07
N VAL A 9 -16.31 29.73 -7.13
CA VAL A 9 -16.00 28.30 -7.27
C VAL A 9 -16.28 27.61 -5.95
N THR A 10 -17.15 26.60 -5.97
CA THR A 10 -17.44 25.76 -4.83
C THR A 10 -16.97 24.34 -5.14
N VAL A 11 -16.07 23.82 -4.32
CA VAL A 11 -15.46 22.51 -4.54
C VAL A 11 -16.33 21.45 -3.89
N TYR A 12 -16.77 20.47 -4.69
CA TYR A 12 -17.55 19.34 -4.24
C TYR A 12 -16.71 18.07 -4.29
N TYR A 13 -16.86 17.22 -3.28
CA TYR A 13 -16.18 15.94 -3.22
C TYR A 13 -17.23 14.85 -3.04
N GLY A 14 -17.18 13.85 -3.91
CA GLY A 14 -18.16 12.78 -3.92
C GLY A 14 -19.21 12.89 -5.00
N VAL A 15 -18.92 13.61 -6.09
CA VAL A 15 -19.89 13.82 -7.16
C VAL A 15 -19.99 12.56 -8.02
N PRO A 16 -21.18 12.21 -8.56
CA PRO A 16 -21.31 10.98 -9.36
C PRO A 16 -20.76 11.13 -10.77
N VAL A 17 -19.45 11.31 -10.86
CA VAL A 17 -18.73 11.52 -12.12
C VAL A 17 -17.73 10.41 -12.28
N TRP A 18 -17.62 9.87 -13.49
CA TRP A 18 -16.65 8.83 -13.79
C TRP A 18 -16.00 9.06 -15.15
N LYS A 19 -14.82 8.47 -15.31
CA LYS A 19 -14.08 8.45 -16.57
C LYS A 19 -13.77 7.00 -16.94
N GLU A 20 -13.51 6.77 -18.22
CA GLU A 20 -13.10 5.45 -18.66
C GLU A 20 -11.71 5.11 -18.14
N ALA A 21 -11.53 3.87 -17.72
CA ALA A 21 -10.26 3.43 -17.18
C ALA A 21 -10.23 1.91 -17.17
N ARG A 22 -9.04 1.37 -16.93
CA ARG A 22 -8.78 -0.07 -16.93
C ARG A 22 -8.04 -0.46 -15.67
N THR A 23 -8.58 -1.43 -14.93
CA THR A 23 -8.01 -1.90 -13.68
C THR A 23 -7.96 -3.42 -13.71
N THR A 24 -7.31 -4.01 -12.71
CA THR A 24 -7.18 -5.47 -12.60
C THR A 24 -8.28 -5.99 -11.67
N LEU A 25 -9.49 -6.06 -12.21
CA LEU A 25 -10.63 -6.64 -11.49
C LEU A 25 -10.27 -8.06 -11.05
N PHE A 26 -10.73 -8.45 -9.87
CA PHE A 26 -10.39 -9.74 -9.28
C PHE A 26 -11.58 -10.67 -9.33
N CYS A 27 -11.31 -11.94 -9.63
CA CYS A 27 -12.35 -12.95 -9.67
C CYS A 27 -12.97 -13.12 -8.29
N ALA A 28 -14.13 -13.80 -8.26
CA ALA A 28 -14.79 -14.08 -6.98
C ALA A 28 -15.75 -15.26 -7.19
N SER A 29 -15.23 -16.47 -7.01
CA SER A 29 -16.05 -17.67 -7.12
C SER A 29 -16.92 -17.77 -5.86
N CYS A 47 -12.13 -17.25 -6.02
CA CYS A 47 -10.94 -16.58 -5.52
C CYS A 47 -11.21 -15.79 -4.23
N VAL A 48 -12.46 -15.38 -4.03
CA VAL A 48 -12.93 -14.68 -2.84
C VAL A 48 -14.44 -14.89 -2.79
N PRO A 49 -15.03 -15.37 -1.68
CA PRO A 49 -16.47 -15.67 -1.67
C PRO A 49 -17.31 -14.47 -2.11
N THR A 50 -18.33 -14.74 -2.91
CA THR A 50 -19.23 -13.71 -3.39
C THR A 50 -20.28 -13.37 -2.32
N ASP A 51 -20.89 -12.21 -2.49
CA ASP A 51 -21.89 -11.70 -1.56
C ASP A 51 -23.28 -12.11 -2.02
N PRO A 52 -24.31 -11.96 -1.16
CA PRO A 52 -25.67 -12.40 -1.54
C PRO A 52 -26.15 -11.96 -2.91
N ASN A 53 -26.03 -10.69 -3.24
CA ASN A 53 -26.54 -10.12 -4.49
C ASN A 53 -25.51 -9.17 -5.06
N PRO A 54 -25.52 -8.92 -6.37
CA PRO A 54 -24.61 -7.91 -6.94
C PRO A 54 -24.95 -6.48 -6.54
N GLN A 55 -26.07 -6.25 -5.87
CA GLN A 55 -26.51 -4.91 -5.46
C GLN A 55 -26.51 -3.96 -6.66
N GLU A 56 -27.42 -4.23 -7.58
CA GLU A 56 -27.53 -3.45 -8.81
C GLU A 56 -28.36 -2.21 -8.54
N MET A 57 -27.80 -1.04 -8.85
CA MET A 57 -28.49 0.24 -8.78
C MET A 57 -28.71 0.73 -10.21
N VAL A 58 -29.97 0.78 -10.64
CA VAL A 58 -30.29 1.21 -12.00
C VAL A 58 -30.15 2.73 -12.06
N LEU A 59 -29.40 3.21 -13.05
CA LEU A 59 -29.15 4.65 -13.20
C LEU A 59 -30.19 5.23 -14.14
N GLY A 60 -31.13 6.01 -13.61
CA GLY A 60 -32.15 6.61 -14.43
C GLY A 60 -31.59 7.76 -15.25
N ASN A 61 -32.06 7.88 -16.49
CA ASN A 61 -31.73 9.00 -17.37
C ASN A 61 -30.23 9.07 -17.70
N VAL A 62 -29.53 7.93 -17.70
CA VAL A 62 -28.10 7.86 -17.97
C VAL A 62 -27.92 7.02 -19.22
N THR A 63 -27.15 7.56 -20.18
CA THR A 63 -26.83 6.88 -21.44
C THR A 63 -25.33 6.90 -21.60
N GLU A 64 -24.73 5.73 -21.78
CA GLU A 64 -23.29 5.58 -21.87
C GLU A 64 -22.93 4.89 -23.18
N ASN A 65 -21.71 5.14 -23.65
CA ASN A 65 -21.20 4.54 -24.89
C ASN A 65 -20.36 3.31 -24.55
N PHE A 66 -20.82 2.15 -25.00
CA PHE A 66 -20.09 0.91 -24.83
C PHE A 66 -19.37 0.57 -26.12
N ASN A 67 -18.32 -0.26 -26.01
CA ASN A 67 -17.59 -0.76 -27.17
C ASN A 67 -17.08 -2.16 -26.82
N MET A 68 -17.91 -3.16 -27.14
CA MET A 68 -17.59 -4.55 -26.79
C MET A 68 -16.25 -4.99 -27.35
N TRP A 69 -15.84 -4.43 -28.48
CA TRP A 69 -14.63 -4.84 -29.20
C TRP A 69 -13.38 -4.09 -28.75
N LYS A 70 -13.47 -3.34 -27.65
CA LYS A 70 -12.34 -2.62 -27.07
C LYS A 70 -12.38 -2.72 -25.56
N ASN A 71 -13.15 -3.65 -25.02
CA ASN A 71 -13.23 -3.87 -23.59
C ASN A 71 -11.95 -4.51 -23.10
N ASP A 72 -11.56 -4.15 -21.88
CA ASP A 72 -10.37 -4.72 -21.26
C ASP A 72 -10.71 -5.92 -20.41
N MET A 73 -11.94 -5.97 -19.87
CA MET A 73 -12.41 -7.13 -19.12
C MET A 73 -12.22 -8.44 -19.89
N VAL A 74 -12.21 -8.37 -21.22
CA VAL A 74 -11.96 -9.55 -22.04
C VAL A 74 -10.48 -9.91 -22.02
N ASP A 75 -9.58 -8.92 -22.14
CA ASP A 75 -8.16 -9.24 -22.09
C ASP A 75 -7.79 -9.77 -20.72
N GLN A 76 -8.38 -9.21 -19.67
CA GLN A 76 -8.12 -9.70 -18.33
C GLN A 76 -8.65 -11.11 -18.15
N MET A 77 -9.85 -11.39 -18.66
CA MET A 77 -10.38 -12.75 -18.55
C MET A 77 -9.52 -13.73 -19.33
N HIS A 78 -9.03 -13.32 -20.51
CA HIS A 78 -8.17 -14.19 -21.29
C HIS A 78 -6.91 -14.52 -20.51
N GLU A 79 -6.28 -13.49 -19.93
CA GLU A 79 -5.06 -13.72 -19.16
C GLU A 79 -5.33 -14.63 -17.96
N ASP A 80 -6.42 -14.36 -17.24
CA ASP A 80 -6.81 -15.22 -16.12
C ASP A 80 -6.98 -16.67 -16.55
N VAL A 81 -7.63 -16.92 -17.68
CA VAL A 81 -7.89 -18.30 -18.08
C VAL A 81 -6.60 -18.98 -18.52
N ILE A 82 -5.76 -18.29 -19.30
CA ILE A 82 -4.50 -18.89 -19.73
C ILE A 82 -3.48 -18.96 -18.59
N SER A 83 -3.84 -18.47 -17.41
CA SER A 83 -2.98 -18.52 -16.24
C SER A 83 -3.47 -19.55 -15.23
N LEU A 84 -4.79 -19.62 -15.01
CA LEU A 84 -5.33 -20.69 -14.18
C LEU A 84 -5.06 -22.03 -14.83
N TRP A 85 -5.23 -22.12 -16.16
CA TRP A 85 -5.01 -23.40 -16.82
C TRP A 85 -3.55 -23.81 -16.67
N ALA A 86 -2.63 -22.86 -16.86
CA ALA A 86 -1.21 -23.14 -16.80
C ALA A 86 -0.67 -23.16 -15.37
N GLN A 87 -1.53 -23.01 -14.37
CA GLN A 87 -1.16 -23.16 -12.96
C GLN A 87 -1.73 -24.43 -12.36
N SER A 88 -2.45 -25.24 -13.14
CA SER A 88 -3.00 -26.52 -12.71
C SER A 88 -2.26 -27.69 -13.34
N LEU A 89 -1.49 -27.47 -14.40
CA LEU A 89 -0.67 -28.48 -15.03
C LEU A 89 0.79 -28.39 -14.61
N LYS A 90 1.14 -27.39 -13.81
CA LYS A 90 2.52 -27.28 -13.34
C LYS A 90 2.88 -28.39 -12.36
N PRO A 91 2.04 -28.73 -11.33
CA PRO A 91 2.35 -29.85 -10.43
C PRO A 91 1.85 -31.19 -10.96
N CYS A 92 2.14 -31.50 -12.23
CA CYS A 92 1.63 -32.69 -12.86
C CYS A 92 2.73 -33.37 -13.66
N VAL A 93 2.55 -34.68 -13.85
CA VAL A 93 3.57 -35.50 -14.52
C VAL A 93 3.79 -34.98 -15.93
N LYS A 94 5.06 -34.80 -16.30
CA LYS A 94 5.46 -34.43 -17.66
C LYS A 94 5.89 -35.70 -18.36
N LEU A 95 5.37 -35.93 -19.56
CA LEU A 95 5.59 -37.20 -20.26
C LEU A 95 6.88 -37.18 -21.08
N THR A 96 7.97 -36.74 -20.47
CA THR A 96 9.26 -36.79 -21.14
C THR A 96 9.71 -38.23 -21.44
N PRO A 97 9.63 -39.19 -20.52
CA PRO A 97 10.08 -40.55 -20.83
C PRO A 97 9.32 -41.25 -21.96
N LEU A 98 8.18 -40.72 -22.42
CA LEU A 98 7.40 -41.35 -23.47
C LEU A 98 7.67 -40.79 -24.86
N CYS A 99 8.60 -39.85 -25.00
CA CYS A 99 8.99 -39.36 -26.33
C CYS A 99 10.05 -40.30 -26.89
N VAL A 100 9.61 -41.54 -27.13
CA VAL A 100 10.44 -42.63 -27.61
C VAL A 100 9.80 -43.23 -28.85
N THR A 101 10.58 -43.99 -29.59
CA THR A 101 10.05 -44.65 -30.77
C THR A 101 9.00 -45.66 -30.34
N LEU A 102 7.84 -45.61 -30.97
CA LEU A 102 6.74 -46.52 -30.71
C LEU A 102 6.63 -47.49 -31.87
N GLU A 103 6.32 -48.75 -31.57
CA GLU A 103 6.10 -49.78 -32.59
C GLU A 103 4.61 -50.04 -32.61
N CYS A 104 3.93 -49.44 -33.60
CA CYS A 104 2.47 -49.38 -33.63
C CYS A 104 1.92 -50.24 -34.75
N THR A 105 0.91 -51.05 -34.43
CA THR A 105 0.19 -51.88 -35.37
C THR A 105 -1.27 -51.44 -35.39
N GLN A 106 -2.04 -52.00 -36.32
CA GLN A 106 -3.45 -51.67 -36.41
C GLN A 106 -4.22 -52.35 -35.29
N VAL A 107 -5.32 -51.73 -34.88
CA VAL A 107 -6.14 -52.25 -33.77
C VAL A 107 -7.14 -53.21 -34.41
N ASN A 108 -6.69 -54.46 -34.58
CA ASN A 108 -7.49 -55.53 -35.19
C ASN A 108 -7.61 -56.73 -34.25
N ALA A 109 -7.56 -56.49 -32.94
CA ALA A 109 -7.69 -57.55 -31.96
C ALA A 109 -9.16 -57.92 -31.75
N ASP A 125 -5.53 -45.20 -40.10
CA ASP A 125 -6.53 -45.80 -39.22
C ASP A 125 -6.98 -44.75 -38.21
N GLU A 126 -7.91 -45.11 -37.33
CA GLU A 126 -8.36 -44.23 -36.26
C GLU A 126 -7.48 -44.39 -35.03
N MET A 127 -7.14 -45.63 -34.68
CA MET A 127 -6.36 -45.95 -33.50
C MET A 127 -5.27 -46.94 -33.88
N LYS A 128 -4.16 -46.89 -33.14
CA LYS A 128 -3.06 -47.82 -33.33
C LYS A 128 -2.67 -48.40 -31.98
N ASN A 129 -2.24 -49.66 -32.00
CA ASN A 129 -1.78 -50.38 -30.81
C ASN A 129 -0.27 -50.25 -30.75
N CYS A 130 0.22 -49.36 -29.89
CA CYS A 130 1.64 -48.98 -29.84
C CYS A 130 2.35 -49.60 -28.65
N SER A 131 3.44 -50.30 -28.95
CA SER A 131 4.34 -50.86 -27.94
C SER A 131 5.56 -49.96 -27.80
N PHE A 132 6.06 -49.83 -26.56
CA PHE A 132 7.24 -49.00 -26.32
C PHE A 132 7.98 -49.47 -25.09
N ASN A 133 9.26 -49.06 -25.02
CA ASN A 133 10.15 -49.31 -23.88
C ASN A 133 10.39 -47.99 -23.17
N THR A 134 9.84 -47.84 -21.98
CA THR A 134 9.94 -46.61 -21.21
C THR A 134 10.72 -46.86 -19.92
N THR A 135 10.92 -45.78 -19.16
CA THR A 135 11.66 -45.81 -17.91
C THR A 135 10.69 -46.08 -16.77
N THR A 136 11.10 -46.92 -15.83
CA THR A 136 10.27 -47.28 -14.69
C THR A 136 10.67 -46.46 -13.46
N GLU A 137 10.03 -46.76 -12.33
CA GLU A 137 10.23 -45.95 -11.13
C GLU A 137 11.68 -46.02 -10.65
N ILE A 138 12.28 -47.21 -10.66
CA ILE A 138 13.66 -47.37 -10.24
C ILE A 138 14.57 -46.96 -11.40
N ARG A 139 15.50 -46.03 -11.12
CA ARG A 139 16.32 -45.45 -12.17
C ARG A 139 17.48 -46.36 -12.58
N ASP A 140 17.19 -47.62 -12.87
CA ASP A 140 18.16 -48.55 -13.44
C ASP A 140 17.53 -49.63 -14.33
N LYS A 141 16.22 -49.78 -14.30
CA LYS A 141 15.45 -50.76 -15.08
C LYS A 141 14.68 -50.04 -16.18
N LYS A 142 14.06 -50.84 -17.03
CA LYS A 142 13.20 -50.36 -18.10
C LYS A 142 11.88 -51.12 -18.02
N GLN A 143 10.93 -50.72 -18.86
CA GLN A 143 9.58 -51.28 -18.79
C GLN A 143 9.01 -51.32 -20.20
N LYS A 144 8.41 -52.45 -20.56
CA LYS A 144 7.71 -52.60 -21.82
C LYS A 144 6.22 -52.45 -21.58
N ALA A 145 5.57 -51.62 -22.40
CA ALA A 145 4.15 -51.32 -22.25
C ALA A 145 3.51 -51.30 -23.62
N TYR A 146 2.19 -51.39 -23.64
CA TYR A 146 1.41 -51.29 -24.86
C TYR A 146 0.20 -50.40 -24.56
N ALA A 147 -0.01 -49.39 -25.39
CA ALA A 147 -1.14 -48.49 -25.25
C ALA A 147 -1.81 -48.29 -26.60
N LEU A 148 -3.09 -47.93 -26.56
CA LEU A 148 -3.85 -47.59 -27.76
C LEU A 148 -3.93 -46.08 -27.88
N PHE A 149 -3.38 -45.54 -28.97
CA PHE A 149 -3.37 -44.11 -29.23
C PHE A 149 -4.16 -43.86 -30.51
N TYR A 150 -4.71 -42.66 -30.63
CA TYR A 150 -5.42 -42.30 -31.85
C TYR A 150 -4.40 -41.93 -32.91
N ARG A 151 -4.74 -42.18 -34.18
CA ARG A 151 -3.82 -41.85 -35.25
C ARG A 151 -3.51 -40.36 -35.30
N LEU A 152 -4.45 -39.50 -34.86
CA LEU A 152 -4.18 -38.08 -34.86
C LEU A 152 -3.16 -37.68 -33.81
N ASP A 153 -2.83 -38.57 -32.87
CA ASP A 153 -1.87 -38.31 -31.81
C ASP A 153 -0.46 -38.76 -32.15
N LEU A 154 -0.26 -39.40 -33.31
CA LEU A 154 1.01 -40.00 -33.69
C LEU A 154 1.51 -39.34 -34.96
N VAL A 155 2.84 -39.27 -35.10
CA VAL A 155 3.49 -38.80 -36.32
C VAL A 155 4.48 -39.88 -36.74
N PRO A 156 4.46 -40.37 -37.99
CA PRO A 156 5.43 -41.41 -38.39
C PRO A 156 6.86 -40.91 -38.37
N LEU A 157 7.78 -41.84 -38.08
CA LEU A 157 9.21 -41.61 -38.24
C LEU A 157 9.74 -42.20 -39.55
N GLU A 158 8.90 -42.90 -40.30
CA GLU A 158 9.30 -43.59 -41.52
C GLU A 158 8.05 -43.73 -42.38
N ARG A 159 8.21 -44.28 -43.58
CA ARG A 159 7.07 -44.48 -44.47
C ARG A 159 6.02 -45.33 -43.77
N GLU A 160 4.78 -44.84 -43.79
CA GLU A 160 3.68 -45.52 -43.12
C GLU A 160 3.20 -46.69 -43.97
N ASN A 161 3.03 -47.85 -43.35
CA ASN A 161 2.52 -49.03 -44.03
C ASN A 161 1.03 -48.88 -44.33
N SER A 167 2.28 -55.73 -39.73
CA SER A 167 3.62 -55.21 -39.51
C SER A 167 3.55 -53.87 -38.78
N ALA A 168 4.45 -53.67 -37.83
CA ALA A 168 4.49 -52.43 -37.08
C ALA A 168 5.28 -51.37 -37.84
N SER A 169 4.87 -50.12 -37.64
CA SER A 169 5.57 -48.94 -38.15
C SER A 169 6.01 -48.07 -36.98
N LYS A 170 7.08 -47.32 -37.19
CA LYS A 170 7.61 -46.43 -36.15
C LYS A 170 6.88 -45.10 -36.10
N TYR A 171 6.45 -44.70 -34.90
CA TYR A 171 5.83 -43.41 -34.66
C TYR A 171 6.26 -42.89 -33.29
N ILE A 172 6.17 -41.57 -33.14
CA ILE A 172 6.36 -40.90 -31.87
C ILE A 172 5.11 -40.08 -31.59
N LEU A 173 4.97 -39.66 -30.33
CA LEU A 173 3.82 -38.84 -29.97
C LEU A 173 3.94 -37.49 -30.66
N ILE A 174 2.80 -36.94 -31.09
CA ILE A 174 2.80 -35.72 -31.86
C ILE A 174 3.39 -34.57 -31.05
N ASN A 175 4.34 -33.86 -31.67
CA ASN A 175 5.03 -32.70 -31.11
C ASN A 175 5.89 -33.04 -29.88
N CYS A 176 6.17 -34.31 -29.61
CA CYS A 176 6.97 -34.61 -28.42
C CYS A 176 8.42 -34.22 -28.63
N ASN A 177 8.89 -34.20 -29.87
CA ASN A 177 10.26 -33.78 -30.18
C ASN A 177 10.39 -32.28 -30.34
N THR A 178 9.32 -31.50 -30.16
CA THR A 178 9.34 -30.05 -30.24
C THR A 178 9.15 -29.38 -28.88
N SER A 179 8.48 -30.05 -27.94
CA SER A 179 8.30 -29.52 -26.61
C SER A 179 7.92 -30.68 -25.69
N ALA A 180 7.65 -30.35 -24.43
CA ALA A 180 7.22 -31.35 -23.45
C ALA A 180 5.71 -31.46 -23.45
N ILE A 181 5.21 -32.68 -23.29
CA ILE A 181 3.79 -32.96 -23.17
C ILE A 181 3.51 -33.22 -21.69
N THR A 182 2.61 -32.44 -21.12
CA THR A 182 2.27 -32.54 -19.71
C THR A 182 0.95 -33.30 -19.58
N GLN A 183 0.95 -34.36 -18.77
CA GLN A 183 -0.26 -35.09 -18.49
C GLN A 183 -1.09 -34.35 -17.46
N ALA A 184 -2.38 -34.24 -17.70
CA ALA A 184 -3.25 -33.60 -16.72
C ALA A 184 -3.37 -34.47 -15.48
N CYS A 185 -3.29 -33.84 -14.31
CA CYS A 185 -3.50 -34.57 -13.08
C CYS A 185 -4.95 -35.06 -13.01
N PRO A 186 -5.22 -36.18 -12.35
CA PRO A 186 -6.61 -36.63 -12.24
C PRO A 186 -7.50 -35.67 -11.48
N LYS A 187 -6.93 -34.72 -10.73
CA LYS A 187 -7.69 -33.74 -9.96
C LYS A 187 -7.98 -32.45 -10.73
N VAL A 188 -7.55 -32.35 -11.99
CA VAL A 188 -7.82 -31.14 -12.76
C VAL A 188 -9.31 -31.11 -13.10
N ASN A 189 -9.95 -29.98 -12.84
CA ASN A 189 -11.38 -29.82 -13.04
C ASN A 189 -11.61 -29.31 -14.47
N PHE A 190 -12.24 -30.14 -15.30
CA PHE A 190 -12.55 -29.81 -16.68
C PHE A 190 -14.00 -29.35 -16.85
N ASP A 191 -14.69 -29.07 -15.75
CA ASP A 191 -16.06 -28.57 -15.78
C ASP A 191 -16.00 -27.08 -15.48
N PRO A 192 -16.24 -26.18 -16.46
CA PRO A 192 -16.07 -24.75 -16.22
C PRO A 192 -16.84 -24.23 -15.00
N ILE A 193 -16.15 -23.46 -14.17
CA ILE A 193 -16.69 -22.92 -12.93
C ILE A 193 -17.04 -21.46 -13.18
N PRO A 194 -18.27 -21.01 -12.91
CA PRO A 194 -18.59 -19.59 -13.15
C PRO A 194 -17.66 -18.66 -12.39
N ILE A 195 -17.19 -17.62 -13.07
CA ILE A 195 -16.28 -16.62 -12.52
C ILE A 195 -17.02 -15.29 -12.49
N HIS A 196 -17.05 -14.67 -11.31
CA HIS A 196 -17.62 -13.34 -11.12
C HIS A 196 -16.47 -12.35 -11.03
N TYR A 197 -16.51 -11.30 -11.83
CA TYR A 197 -15.53 -10.23 -11.75
C TYR A 197 -16.13 -9.10 -10.92
N CYS A 198 -15.47 -8.77 -9.82
CA CYS A 198 -15.86 -7.72 -8.90
C CYS A 198 -14.88 -6.55 -9.00
N THR A 199 -15.35 -5.36 -8.63
CA THR A 199 -14.52 -4.18 -8.78
C THR A 199 -13.54 -4.00 -7.62
N PRO A 200 -12.40 -3.36 -7.87
CA PRO A 200 -11.59 -2.86 -6.76
C PRO A 200 -12.21 -1.56 -6.28
N ALA A 201 -11.77 -1.12 -5.11
CA ALA A 201 -12.22 0.17 -4.60
C ALA A 201 -11.92 1.28 -5.58
N GLY A 202 -12.86 2.22 -5.73
CA GLY A 202 -12.67 3.33 -6.63
C GLY A 202 -13.18 3.16 -8.05
N TYR A 203 -13.72 2.00 -8.42
CA TYR A 203 -14.23 1.76 -9.76
C TYR A 203 -15.62 1.15 -9.71
N ALA A 204 -16.30 1.17 -10.85
CA ALA A 204 -17.66 0.67 -10.97
C ALA A 204 -17.86 -0.02 -12.32
N ILE A 205 -18.71 -1.05 -12.31
CA ILE A 205 -19.08 -1.79 -13.52
C ILE A 205 -20.44 -1.28 -13.95
N LEU A 206 -20.51 -0.77 -15.18
CA LEU A 206 -21.73 -0.18 -15.72
C LEU A 206 -22.35 -1.20 -16.68
N LYS A 207 -23.37 -1.91 -16.23
CA LYS A 207 -24.05 -2.87 -17.07
C LYS A 207 -24.98 -2.15 -18.05
N CYS A 208 -25.33 -2.84 -19.14
CA CYS A 208 -26.26 -2.36 -20.15
C CYS A 208 -27.47 -3.28 -20.22
N ASN A 209 -28.65 -2.73 -19.95
CA ASN A 209 -29.88 -3.50 -19.90
C ASN A 209 -30.77 -3.32 -21.12
N ASN A 210 -30.33 -2.62 -22.15
CA ASN A 210 -31.11 -2.57 -23.37
C ASN A 210 -31.13 -3.97 -23.96
N LYS A 211 -32.34 -4.54 -24.06
CA LYS A 211 -32.46 -5.95 -24.46
C LYS A 211 -32.04 -6.19 -25.90
N THR A 212 -31.98 -5.15 -26.74
CA THR A 212 -31.62 -5.30 -28.15
C THR A 212 -30.31 -4.59 -28.48
N PHE A 213 -29.43 -4.46 -27.49
CA PHE A 213 -28.12 -3.87 -27.74
C PHE A 213 -27.28 -4.87 -28.50
N ASN A 214 -26.50 -4.38 -29.48
CA ASN A 214 -25.60 -5.28 -30.21
C ASN A 214 -24.25 -5.40 -29.51
N GLY A 215 -23.70 -4.29 -29.02
CA GLY A 215 -22.46 -4.31 -28.28
C GLY A 215 -21.69 -3.00 -28.38
N THR A 216 -21.82 -2.31 -29.50
CA THR A 216 -21.17 -1.03 -29.74
C THR A 216 -22.22 0.05 -29.86
N GLY A 217 -21.91 1.23 -29.34
CA GLY A 217 -22.77 2.39 -29.46
C GLY A 217 -23.42 2.75 -28.14
N SER A 218 -24.16 3.86 -28.18
CA SER A 218 -24.83 4.37 -26.99
C SER A 218 -25.82 3.34 -26.44
N CYS A 219 -25.82 3.20 -25.12
CA CYS A 219 -26.76 2.34 -24.41
C CYS A 219 -27.46 3.14 -23.33
N ASN A 220 -28.79 3.09 -23.32
CA ASN A 220 -29.57 3.71 -22.26
C ASN A 220 -29.88 2.65 -21.20
N ASN A 221 -30.64 3.03 -20.18
CA ASN A 221 -31.03 2.12 -19.10
C ASN A 221 -29.81 1.40 -18.52
N VAL A 222 -28.74 2.18 -18.31
CA VAL A 222 -27.47 1.68 -17.79
C VAL A 222 -27.59 1.47 -16.30
N SER A 223 -27.12 0.33 -15.81
CA SER A 223 -27.12 -0.01 -14.39
C SER A 223 -25.69 -0.08 -13.88
N THR A 224 -25.54 0.16 -12.58
CA THR A 224 -24.27 0.03 -11.87
C THR A 224 -24.32 -1.23 -11.03
N VAL A 225 -23.31 -2.09 -11.17
CA VAL A 225 -23.19 -3.30 -10.37
C VAL A 225 -21.80 -3.35 -9.75
N GLN A 226 -21.69 -4.14 -8.68
CA GLN A 226 -20.41 -4.36 -8.02
C GLN A 226 -19.68 -5.56 -8.63
N CYS A 227 -20.41 -6.61 -9.02
CA CYS A 227 -19.83 -7.80 -9.63
C CYS A 227 -20.66 -8.19 -10.85
N THR A 228 -20.02 -8.91 -11.75
CA THR A 228 -20.69 -9.49 -12.91
C THR A 228 -21.46 -10.75 -12.51
N HIS A 229 -22.26 -11.24 -13.45
CA HIS A 229 -22.95 -12.51 -13.24
C HIS A 229 -21.92 -13.65 -13.33
N GLY A 230 -22.38 -14.87 -13.11
CA GLY A 230 -21.43 -15.96 -13.17
C GLY A 230 -21.15 -16.30 -14.62
N ILE A 231 -19.89 -16.15 -15.01
CA ILE A 231 -19.44 -16.35 -16.38
C ILE A 231 -18.65 -17.65 -16.41
N LYS A 232 -19.10 -18.60 -17.20
CA LYS A 232 -18.39 -19.87 -17.30
C LYS A 232 -17.28 -19.75 -18.34
N PRO A 233 -16.03 -20.15 -18.02
CA PRO A 233 -15.00 -20.12 -19.08
C PRO A 233 -15.11 -21.33 -20.01
N VAL A 234 -16.17 -21.33 -20.81
CA VAL A 234 -16.41 -22.43 -21.75
C VAL A 234 -15.57 -22.18 -22.99
N VAL A 235 -14.78 -23.19 -23.37
CA VAL A 235 -13.93 -23.15 -24.56
C VAL A 235 -14.61 -24.02 -25.61
N SER A 236 -15.05 -23.39 -26.70
CA SER A 236 -15.70 -24.08 -27.79
C SER A 236 -15.46 -23.27 -29.06
N THR A 237 -15.23 -23.96 -30.18
CA THR A 237 -15.04 -23.31 -31.46
C THR A 237 -16.30 -23.42 -32.31
N GLN A 238 -16.53 -22.42 -33.14
CA GLN A 238 -17.62 -22.32 -34.12
C GLN A 238 -19.01 -22.14 -33.50
N LEU A 239 -19.32 -22.90 -32.45
CA LEU A 239 -20.58 -22.83 -31.73
C LEU A 239 -20.30 -22.40 -30.31
N LEU A 240 -21.03 -21.39 -29.82
CA LEU A 240 -20.90 -20.98 -28.44
C LEU A 240 -21.82 -21.86 -27.61
N LEU A 241 -21.28 -22.48 -26.58
CA LEU A 241 -22.00 -23.43 -25.74
C LEU A 241 -22.20 -22.88 -24.34
N ASN A 242 -23.34 -23.26 -23.73
CA ASN A 242 -23.63 -22.96 -22.33
C ASN A 242 -23.50 -21.47 -22.02
N GLY A 243 -23.92 -20.63 -22.97
CA GLY A 243 -23.93 -19.20 -22.79
C GLY A 243 -25.29 -18.67 -22.37
N SER A 244 -25.38 -17.34 -22.33
CA SER A 244 -26.63 -16.66 -22.03
C SER A 244 -27.36 -16.37 -23.33
N LEU A 245 -28.69 -16.49 -23.30
CA LEU A 245 -29.51 -16.23 -24.47
C LEU A 245 -29.97 -14.78 -24.53
N ALA A 246 -30.20 -14.31 -25.75
CA ALA A 246 -30.71 -12.96 -25.96
C ALA A 246 -32.11 -12.84 -25.39
N GLU A 247 -32.39 -11.70 -24.78
CA GLU A 247 -33.69 -11.49 -24.14
C GLU A 247 -34.82 -11.40 -25.16
N GLU A 248 -34.60 -10.77 -26.32
CA GLU A 248 -35.66 -10.49 -27.26
C GLU A 248 -35.57 -11.26 -28.57
N GLU A 249 -34.45 -11.18 -29.27
CA GLU A 249 -34.32 -11.84 -30.57
C GLU A 249 -32.85 -12.10 -30.84
N ILE A 250 -32.58 -12.69 -32.00
CA ILE A 250 -31.20 -12.95 -32.42
C ILE A 250 -30.52 -11.62 -32.67
N ILE A 251 -29.35 -11.42 -32.05
CA ILE A 251 -28.65 -10.13 -32.07
C ILE A 251 -27.32 -10.33 -32.78
N ILE A 252 -27.27 -10.03 -34.08
CA ILE A 252 -26.01 -10.12 -34.81
C ILE A 252 -25.12 -8.99 -34.35
N ARG A 253 -23.89 -9.33 -33.94
CA ARG A 253 -22.94 -8.32 -33.49
C ARG A 253 -21.57 -8.58 -34.09
N SER A 254 -20.93 -7.49 -34.54
CA SER A 254 -19.60 -7.52 -35.13
C SER A 254 -19.02 -6.13 -34.98
N GLU A 255 -17.69 -6.05 -34.93
CA GLU A 255 -17.04 -4.74 -34.88
C GLU A 255 -17.37 -3.90 -36.11
N ASN A 256 -17.44 -4.54 -37.29
CA ASN A 256 -17.72 -3.79 -38.51
C ASN A 256 -18.24 -4.79 -39.54
N LEU A 257 -19.55 -4.80 -39.77
CA LEU A 257 -20.15 -5.72 -40.74
C LEU A 257 -19.98 -5.17 -42.15
N MET A 258 -18.72 -5.03 -42.57
CA MET A 258 -18.43 -4.55 -43.91
C MET A 258 -17.11 -5.13 -44.43
N ASP A 259 -16.20 -5.50 -43.53
CA ASP A 259 -14.97 -6.22 -43.88
C ASP A 259 -15.17 -7.71 -43.66
N ASN A 260 -14.11 -8.48 -43.94
CA ASN A 260 -14.13 -9.94 -43.83
C ASN A 260 -13.05 -10.44 -42.87
N VAL A 261 -12.68 -9.63 -41.89
CA VAL A 261 -11.69 -9.99 -40.89
C VAL A 261 -12.31 -10.15 -39.51
N LYS A 262 -13.25 -9.26 -39.17
CA LYS A 262 -13.83 -9.28 -37.85
C LYS A 262 -14.77 -10.47 -37.70
N THR A 263 -14.75 -11.08 -36.51
CA THR A 263 -15.64 -12.20 -36.25
C THR A 263 -17.05 -11.70 -36.04
N ILE A 264 -18.01 -12.41 -36.62
CA ILE A 264 -19.43 -12.11 -36.45
C ILE A 264 -19.95 -13.07 -35.40
N ILE A 265 -20.46 -12.52 -34.30
CA ILE A 265 -21.02 -13.30 -33.20
C ILE A 265 -22.52 -13.23 -33.32
N VAL A 266 -23.16 -14.39 -33.38
CA VAL A 266 -24.62 -14.50 -33.46
C VAL A 266 -25.08 -14.89 -32.08
N HIS A 267 -25.82 -14.01 -31.41
CA HIS A 267 -26.29 -14.27 -30.05
C HIS A 267 -27.74 -14.71 -30.15
N LEU A 268 -28.00 -15.97 -29.85
CA LEU A 268 -29.31 -16.56 -30.06
C LEU A 268 -30.25 -16.26 -28.90
N ASP A 269 -31.55 -16.35 -29.18
CA ASP A 269 -32.59 -16.12 -28.19
C ASP A 269 -33.18 -17.41 -27.65
N GLN A 270 -33.12 -18.50 -28.42
CA GLN A 270 -33.53 -19.83 -27.98
C GLN A 270 -32.42 -20.81 -28.31
N SER A 271 -32.05 -21.63 -27.34
CA SER A 271 -30.91 -22.53 -27.50
C SER A 271 -31.28 -23.78 -28.28
N VAL A 272 -30.30 -24.29 -29.05
CA VAL A 272 -30.42 -25.55 -29.75
C VAL A 272 -29.62 -26.58 -28.96
N GLU A 273 -30.26 -27.68 -28.59
CA GLU A 273 -29.61 -28.67 -27.74
C GLU A 273 -28.77 -29.64 -28.57
N ILE A 274 -27.53 -29.85 -28.12
CA ILE A 274 -26.57 -30.76 -28.75
C ILE A 274 -26.21 -31.81 -27.71
N VAL A 275 -26.26 -33.08 -28.09
CA VAL A 275 -25.86 -34.19 -27.22
C VAL A 275 -24.77 -34.99 -27.91
N CYS A 276 -23.60 -35.05 -27.27
CA CYS A 276 -22.40 -35.66 -27.81
C CYS A 276 -22.01 -36.85 -26.96
N THR A 277 -21.51 -37.90 -27.61
CA THR A 277 -21.14 -39.12 -26.91
C THR A 277 -19.91 -39.77 -27.53
N ARG A 278 -19.22 -40.54 -26.70
CA ARG A 278 -18.14 -41.44 -27.13
C ARG A 278 -18.62 -42.84 -26.76
N PRO A 279 -19.21 -43.60 -27.69
CA PRO A 279 -19.84 -44.87 -27.29
C PRO A 279 -18.87 -45.99 -26.93
N ASN A 280 -17.57 -45.84 -27.15
CA ASN A 280 -16.66 -46.95 -26.91
C ASN A 280 -16.52 -47.20 -25.42
N ASN A 281 -16.49 -48.48 -25.04
CA ASN A 281 -16.31 -48.90 -23.65
C ASN A 281 -14.82 -49.14 -23.45
N ASN A 282 -14.12 -48.13 -22.92
CA ASN A 282 -12.67 -48.18 -22.78
C ASN A 282 -12.28 -48.75 -21.43
N THR A 283 -11.21 -49.53 -21.43
CA THR A 283 -10.57 -50.05 -20.22
C THR A 283 -9.26 -49.30 -20.06
N VAL A 284 -9.12 -48.57 -18.96
CA VAL A 284 -7.97 -47.71 -18.72
C VAL A 284 -6.96 -48.46 -17.88
N LYS A 285 -5.71 -48.45 -18.32
CA LYS A 285 -4.57 -49.05 -17.64
C LYS A 285 -3.58 -47.93 -17.35
N SER A 286 -2.68 -48.17 -16.41
CA SER A 286 -1.67 -47.17 -16.11
C SER A 286 -0.35 -47.85 -15.73
N ILE A 287 0.74 -47.13 -15.99
CA ILE A 287 2.08 -47.54 -15.64
C ILE A 287 2.76 -46.37 -14.95
N ARG A 288 3.74 -46.69 -14.12
CA ARG A 288 4.55 -45.68 -13.45
C ARG A 288 5.81 -45.43 -14.28
N ILE A 289 6.11 -44.15 -14.51
CA ILE A 289 7.24 -43.74 -15.34
C ILE A 289 8.26 -42.94 -14.52
N GLY A 290 8.19 -43.00 -13.20
CA GLY A 290 9.11 -42.28 -12.36
C GLY A 290 8.71 -42.34 -10.90
N PRO A 291 9.44 -41.66 -10.04
CA PRO A 291 9.15 -41.74 -8.61
C PRO A 291 7.88 -41.01 -8.25
N GLY A 292 6.74 -41.69 -8.42
CA GLY A 292 5.43 -41.11 -8.17
C GLY A 292 4.74 -40.53 -9.38
N GLN A 293 5.24 -40.80 -10.58
CA GLN A 293 4.69 -40.28 -11.83
C GLN A 293 3.96 -41.41 -12.53
N THR A 294 2.63 -41.36 -12.53
CA THR A 294 1.80 -42.41 -13.10
C THR A 294 1.22 -41.93 -14.42
N PHE A 295 1.43 -42.72 -15.47
CA PHE A 295 0.92 -42.45 -16.81
C PHE A 295 -0.33 -43.28 -17.06
N TYR A 296 -1.41 -42.62 -17.45
CA TYR A 296 -2.69 -43.27 -17.71
C TYR A 296 -2.92 -43.37 -19.22
N TYR A 297 -3.39 -44.53 -19.67
CA TYR A 297 -3.61 -44.75 -21.09
C TYR A 297 -4.70 -45.79 -21.27
N THR A 298 -5.24 -45.84 -22.49
CA THR A 298 -6.24 -46.83 -22.84
C THR A 298 -5.55 -48.17 -23.04
N GLY A 299 -5.99 -49.18 -22.29
CA GLY A 299 -5.39 -50.50 -22.37
C GLY A 299 -6.04 -51.31 -23.46
N ASP A 300 -7.36 -51.39 -23.41
CA ASP A 300 -8.15 -52.14 -24.39
C ASP A 300 -9.51 -51.47 -24.50
N ILE A 301 -10.32 -51.99 -25.42
CA ILE A 301 -11.69 -51.54 -25.62
C ILE A 301 -12.58 -52.76 -25.62
N ILE A 302 -13.63 -52.71 -24.81
CA ILE A 302 -14.56 -53.82 -24.65
C ILE A 302 -15.69 -53.62 -25.64
N GLY A 303 -16.01 -54.68 -26.39
CA GLY A 303 -17.05 -54.60 -27.40
C GLY A 303 -16.46 -54.15 -28.72
N ASN A 304 -17.32 -53.56 -29.56
CA ASN A 304 -16.92 -53.18 -30.89
C ASN A 304 -16.35 -51.77 -30.85
N ILE A 305 -15.86 -51.28 -31.99
CA ILE A 305 -15.33 -49.93 -32.13
C ILE A 305 -16.39 -49.10 -32.84
N ARG A 306 -16.84 -48.03 -32.19
CA ARG A 306 -17.83 -47.13 -32.74
C ARG A 306 -17.28 -45.71 -32.69
N GLU A 307 -17.60 -44.92 -33.72
CA GLU A 307 -17.10 -43.55 -33.80
C GLU A 307 -17.90 -42.64 -32.88
N ALA A 308 -17.22 -41.66 -32.29
CA ALA A 308 -17.89 -40.64 -31.51
C ALA A 308 -18.73 -39.75 -32.41
N HIS A 309 -19.83 -39.23 -31.87
CA HIS A 309 -20.74 -38.43 -32.69
C HIS A 309 -21.55 -37.50 -31.79
N CYS A 310 -22.19 -36.52 -32.42
CA CYS A 310 -23.08 -35.58 -31.78
C CYS A 310 -24.40 -35.53 -32.54
N ASN A 311 -25.50 -35.38 -31.80
CA ASN A 311 -26.84 -35.35 -32.37
C ASN A 311 -27.43 -33.96 -32.16
N ILE A 312 -27.84 -33.33 -33.25
CA ILE A 312 -28.61 -32.09 -33.22
C ILE A 312 -29.90 -32.33 -33.99
N SER A 313 -31.03 -32.01 -33.38
CA SER A 313 -32.30 -32.19 -34.06
C SER A 313 -32.34 -31.34 -35.32
N GLU A 314 -32.77 -31.93 -36.43
CA GLU A 314 -32.77 -31.20 -37.71
C GLU A 314 -33.73 -30.02 -37.66
N LYS A 315 -34.90 -30.21 -37.05
CA LYS A 315 -35.91 -29.15 -37.07
C LYS A 315 -35.42 -27.92 -36.31
N LYS A 316 -34.83 -28.13 -35.13
CA LYS A 316 -34.44 -26.99 -34.31
C LYS A 316 -33.25 -26.28 -34.93
N TRP A 317 -32.30 -27.03 -35.47
CA TRP A 317 -31.14 -26.41 -36.10
C TRP A 317 -31.57 -25.58 -37.30
N HIS A 318 -32.37 -26.18 -38.21
CA HIS A 318 -32.70 -25.46 -39.42
C HIS A 318 -33.65 -24.30 -39.13
N GLU A 319 -34.42 -24.36 -38.04
CA GLU A 319 -35.21 -23.19 -37.66
C GLU A 319 -34.30 -22.08 -37.15
N MET A 320 -33.30 -22.46 -36.35
CA MET A 320 -32.32 -21.48 -35.88
C MET A 320 -31.62 -20.82 -37.05
N LEU A 321 -31.19 -21.62 -38.03
CA LEU A 321 -30.45 -21.05 -39.15
C LEU A 321 -31.36 -20.23 -40.05
N ARG A 322 -32.66 -20.54 -40.05
CA ARG A 322 -33.58 -19.69 -40.80
C ARG A 322 -33.66 -18.33 -40.14
N ARG A 323 -33.84 -18.30 -38.82
CA ARG A 323 -33.96 -17.01 -38.14
C ARG A 323 -32.65 -16.23 -38.21
N VAL A 324 -31.50 -16.91 -38.16
CA VAL A 324 -30.22 -16.20 -38.32
C VAL A 324 -30.06 -15.71 -39.74
N SER A 325 -30.66 -16.39 -40.72
CA SER A 325 -30.53 -15.95 -42.10
C SER A 325 -31.45 -14.77 -42.39
N GLU A 326 -32.57 -14.68 -41.65
CA GLU A 326 -33.45 -13.53 -41.80
C GLU A 326 -32.89 -12.32 -41.06
N LYS A 327 -32.24 -12.55 -39.91
CA LYS A 327 -31.60 -11.43 -39.20
C LYS A 327 -30.38 -10.94 -39.95
N LEU A 328 -29.63 -11.82 -40.60
CA LEU A 328 -28.51 -11.39 -41.41
C LEU A 328 -28.94 -10.75 -42.73
N ALA A 329 -30.20 -10.92 -43.13
CA ALA A 329 -30.73 -10.22 -44.29
C ALA A 329 -31.08 -8.77 -43.97
N GLU A 330 -31.17 -8.42 -42.69
CA GLU A 330 -31.45 -7.05 -42.28
C GLU A 330 -30.18 -6.19 -42.27
N HIS A 331 -29.01 -6.81 -42.38
CA HIS A 331 -27.74 -6.12 -42.41
C HIS A 331 -27.09 -6.12 -43.78
N PHE A 332 -27.45 -7.08 -44.64
CA PHE A 332 -26.92 -7.22 -46.00
C PHE A 332 -28.11 -7.28 -46.95
N PRO A 333 -28.81 -6.15 -47.12
CA PRO A 333 -30.08 -6.19 -47.86
C PRO A 333 -29.90 -6.55 -49.32
N ASN A 334 -30.86 -7.30 -49.86
CA ASN A 334 -30.90 -7.73 -51.25
C ASN A 334 -29.76 -8.67 -51.62
N LYS A 335 -29.09 -9.26 -50.62
CA LYS A 335 -28.03 -10.23 -50.85
C LYS A 335 -28.56 -11.64 -50.57
N THR A 336 -27.94 -12.63 -51.22
CA THR A 336 -28.18 -14.03 -50.92
C THR A 336 -27.27 -14.42 -49.76
N ILE A 337 -27.83 -15.11 -48.78
CA ILE A 337 -27.10 -15.54 -47.59
C ILE A 337 -26.93 -17.05 -47.66
N LYS A 338 -25.67 -17.49 -47.66
CA LYS A 338 -25.32 -18.90 -47.69
C LYS A 338 -24.43 -19.23 -46.50
N PHE A 339 -24.61 -20.44 -45.97
CA PHE A 339 -23.78 -21.00 -44.93
C PHE A 339 -23.07 -22.21 -45.50
N THR A 340 -21.74 -22.23 -45.41
CA THR A 340 -20.93 -23.33 -45.92
C THR A 340 -19.91 -23.71 -44.86
N SER A 341 -19.21 -24.81 -45.10
CA SER A 341 -18.20 -25.26 -44.16
C SER A 341 -16.94 -24.41 -44.26
N SER A 342 -16.07 -24.56 -43.27
CA SER A 342 -14.84 -23.79 -43.25
C SER A 342 -13.98 -24.14 -44.47
N SER A 343 -13.33 -23.11 -45.03
CA SER A 343 -12.53 -23.28 -46.23
C SER A 343 -11.10 -23.73 -45.96
N GLY A 344 -10.67 -23.80 -44.70
CA GLY A 344 -9.31 -24.23 -44.42
C GLY A 344 -8.94 -23.95 -42.99
N GLY A 345 -7.74 -24.40 -42.65
CA GLY A 345 -7.18 -24.24 -41.32
C GLY A 345 -6.99 -25.57 -40.62
N ASP A 346 -6.53 -25.44 -39.37
CA ASP A 346 -6.23 -26.61 -38.52
C ASP A 346 -7.49 -27.24 -37.98
N LEU A 347 -7.34 -28.44 -37.41
CA LEU A 347 -8.49 -29.15 -36.89
C LEU A 347 -9.21 -28.33 -35.84
N GLU A 348 -8.47 -27.55 -35.05
CA GLU A 348 -9.06 -26.76 -33.99
C GLU A 348 -10.03 -25.69 -34.47
N ILE A 349 -9.97 -25.29 -35.75
CA ILE A 349 -10.87 -24.27 -36.28
C ILE A 349 -11.72 -24.75 -37.45
N THR A 350 -11.39 -25.86 -38.12
CA THR A 350 -12.24 -26.39 -39.18
C THR A 350 -13.34 -27.30 -38.66
N THR A 351 -13.17 -27.83 -37.45
CA THR A 351 -14.15 -28.65 -36.75
C THR A 351 -14.68 -27.90 -35.53
N HIS A 352 -15.72 -28.46 -34.93
CA HIS A 352 -16.26 -27.94 -33.67
C HIS A 352 -15.48 -28.58 -32.53
N SER A 353 -14.61 -27.81 -31.91
CA SER A 353 -13.75 -28.28 -30.83
C SER A 353 -14.45 -27.99 -29.51
N PHE A 354 -14.54 -29.00 -28.65
CA PHE A 354 -15.11 -28.77 -27.33
C PHE A 354 -14.60 -29.84 -26.38
N ASN A 355 -14.67 -29.53 -25.09
CA ASN A 355 -14.30 -30.44 -24.01
C ASN A 355 -15.57 -31.12 -23.48
N CYS A 356 -15.62 -32.44 -23.62
CA CYS A 356 -16.73 -33.27 -23.13
C CYS A 356 -16.19 -34.22 -22.07
N ARG A 357 -16.39 -33.84 -20.80
CA ARG A 357 -15.93 -34.62 -19.65
C ARG A 357 -14.43 -34.95 -19.77
N GLY A 358 -13.67 -33.99 -20.29
CA GLY A 358 -12.25 -34.12 -20.45
C GLY A 358 -11.82 -34.57 -21.83
N GLU A 359 -12.64 -35.34 -22.54
CA GLU A 359 -12.30 -35.78 -23.87
C GLU A 359 -12.54 -34.64 -24.87
N PHE A 360 -11.56 -34.41 -25.75
CA PHE A 360 -11.58 -33.29 -26.69
C PHE A 360 -12.10 -33.75 -28.04
N PHE A 361 -13.37 -33.46 -28.31
CA PHE A 361 -14.03 -33.87 -29.53
C PHE A 361 -13.78 -32.85 -30.65
N TYR A 362 -14.12 -33.24 -31.90
CA TYR A 362 -13.85 -32.38 -33.06
C TYR A 362 -14.85 -32.74 -34.16
N CYS A 363 -16.05 -32.15 -34.09
CA CYS A 363 -17.10 -32.50 -35.04
C CYS A 363 -16.91 -31.87 -36.41
N ASN A 364 -17.37 -32.60 -37.43
CA ASN A 364 -17.20 -32.15 -38.81
C ASN A 364 -17.99 -30.88 -39.11
N THR A 365 -19.25 -30.81 -38.66
CA THR A 365 -20.13 -29.65 -38.86
C THR A 365 -20.14 -29.14 -40.29
N SER A 366 -20.42 -30.05 -41.23
CA SER A 366 -20.63 -29.72 -42.63
C SER A 366 -22.03 -30.07 -43.10
N GLY A 367 -22.81 -30.77 -42.29
CA GLY A 367 -24.20 -31.03 -42.57
C GLY A 367 -25.05 -29.97 -41.91
N LEU A 368 -24.49 -29.29 -40.90
CA LEU A 368 -25.17 -28.17 -40.28
C LEU A 368 -25.13 -26.94 -41.17
N PHE A 369 -23.92 -26.51 -41.55
CA PHE A 369 -23.72 -25.28 -42.30
C PHE A 369 -23.74 -25.58 -43.80
N ASN A 370 -24.96 -25.82 -44.29
CA ASN A 370 -25.21 -26.06 -45.70
C ASN A 370 -26.63 -25.56 -45.98
N SER A 371 -26.73 -24.28 -46.33
CA SER A 371 -28.03 -23.67 -46.57
C SER A 371 -27.86 -22.46 -47.46
N THR A 372 -28.94 -22.09 -48.13
CA THR A 372 -29.02 -20.86 -48.92
C THR A 372 -30.33 -20.17 -48.57
N TYR A 373 -30.25 -18.88 -48.26
CA TYR A 373 -31.42 -18.05 -48.03
C TYR A 373 -31.36 -16.86 -48.99
N MET A 374 -32.40 -16.70 -49.79
CA MET A 374 -32.51 -15.66 -50.81
C MET A 374 -33.49 -14.58 -50.37
N PRO A 375 -33.39 -13.35 -50.95
CA PRO A 375 -34.33 -12.27 -50.58
C PRO A 375 -35.81 -12.60 -50.72
N ASN A 376 -36.18 -13.66 -51.43
CA ASN A 376 -37.59 -13.97 -51.60
C ASN A 376 -38.22 -14.53 -50.34
N GLY A 377 -37.43 -14.86 -49.32
CA GLY A 377 -37.92 -15.39 -48.06
C GLY A 377 -38.02 -16.88 -48.00
N THR A 378 -37.76 -17.59 -49.10
CA THR A 378 -37.76 -19.04 -49.10
C THR A 378 -36.38 -19.53 -48.70
N TYR A 379 -36.35 -20.55 -47.85
CA TYR A 379 -35.11 -21.15 -47.36
C TYR A 379 -34.91 -22.44 -48.14
N MET A 380 -33.76 -22.53 -48.83
CA MET A 380 -33.56 -23.61 -49.80
C MET A 380 -33.69 -25.00 -49.23
N PRO A 381 -32.91 -25.42 -48.21
CA PRO A 381 -33.07 -26.81 -47.76
C PRO A 381 -34.35 -26.93 -46.93
N ASN A 382 -35.48 -26.95 -47.64
CA ASN A 382 -36.80 -26.91 -47.02
C ASN A 382 -37.30 -28.31 -46.70
N GLY A 383 -38.45 -28.35 -46.02
CA GLY A 383 -38.98 -29.58 -45.50
C GLY A 383 -38.47 -29.93 -44.12
N THR A 384 -37.61 -29.09 -43.54
CA THR A 384 -37.01 -29.31 -42.24
C THR A 384 -37.79 -28.65 -41.11
N ASN A 385 -39.08 -28.42 -41.29
CA ASN A 385 -39.96 -27.88 -40.25
C ASN A 385 -41.01 -28.87 -39.81
N ASN A 386 -41.06 -30.06 -40.43
CA ASN A 386 -41.96 -31.14 -40.06
C ASN A 386 -41.19 -32.46 -40.01
N SER A 387 -39.88 -32.38 -39.76
CA SER A 387 -38.99 -33.52 -39.81
C SER A 387 -38.77 -34.09 -38.41
N ASN A 388 -38.45 -35.39 -38.38
CA ASN A 388 -38.06 -36.07 -37.16
C ASN A 388 -36.61 -36.57 -37.22
N SER A 389 -35.84 -36.12 -38.20
CA SER A 389 -34.50 -36.63 -38.39
C SER A 389 -33.53 -35.99 -37.41
N THR A 390 -32.31 -36.51 -37.39
CA THR A 390 -31.22 -36.00 -36.58
C THR A 390 -30.00 -35.82 -37.46
N ILE A 391 -29.19 -34.80 -37.14
CA ILE A 391 -27.97 -34.51 -37.87
C ILE A 391 -26.81 -35.09 -37.06
N ILE A 392 -26.26 -36.20 -37.54
CA ILE A 392 -25.21 -36.92 -36.84
C ILE A 392 -23.88 -36.37 -37.32
N LEU A 393 -23.14 -35.74 -36.40
CA LEU A 393 -21.85 -35.13 -36.70
C LEU A 393 -20.72 -36.05 -36.23
N PRO A 394 -19.86 -36.57 -37.12
CA PRO A 394 -18.81 -37.53 -36.65
C PRO A 394 -17.60 -36.93 -35.96
N CYS A 395 -17.76 -36.54 -34.69
CA CYS A 395 -16.65 -36.02 -33.91
C CYS A 395 -15.50 -37.01 -33.80
N ARG A 396 -14.29 -36.53 -34.02
CA ARG A 396 -13.06 -37.29 -33.79
C ARG A 396 -12.51 -36.94 -32.40
N ILE A 397 -11.75 -37.87 -31.83
CA ILE A 397 -11.18 -37.71 -30.50
C ILE A 397 -9.67 -37.56 -30.64
N LYS A 398 -9.11 -36.60 -29.92
CA LYS A 398 -7.68 -36.33 -29.89
C LYS A 398 -7.23 -36.23 -28.43
N GLN A 399 -6.01 -36.67 -28.15
CA GLN A 399 -5.48 -36.70 -26.79
C GLN A 399 -4.35 -35.72 -26.54
N ILE A 400 -3.33 -35.68 -27.39
CA ILE A 400 -2.28 -34.68 -27.24
C ILE A 400 -2.83 -33.38 -27.82
N ILE A 401 -3.41 -32.56 -26.97
CA ILE A 401 -4.08 -31.32 -27.34
C ILE A 401 -3.07 -30.18 -27.31
N ASN A 402 -2.82 -29.57 -28.46
CA ASN A 402 -1.98 -28.39 -28.49
C ASN A 402 -2.68 -27.25 -27.74
N MET A 403 -2.31 -27.09 -26.47
CA MET A 403 -2.96 -26.12 -25.60
C MET A 403 -2.88 -24.72 -26.19
N TRP A 404 -4.04 -24.04 -26.25
CA TRP A 404 -4.17 -22.69 -26.78
C TRP A 404 -3.38 -22.60 -28.09
N GLN A 405 -2.44 -21.65 -28.20
CA GLN A 405 -1.47 -21.65 -29.28
C GLN A 405 -0.08 -21.33 -28.76
N GLU A 406 0.21 -21.68 -27.51
CA GLU A 406 1.51 -21.44 -26.91
C GLU A 406 2.65 -22.14 -27.65
N VAL A 407 2.36 -23.15 -28.47
CA VAL A 407 3.33 -23.92 -29.24
C VAL A 407 4.23 -24.73 -28.31
N GLY A 408 4.97 -24.06 -27.42
CA GLY A 408 5.89 -24.75 -26.53
C GLY A 408 5.27 -25.39 -25.30
N ARG A 409 4.01 -25.82 -25.39
CA ARG A 409 3.32 -26.45 -24.27
C ARG A 409 2.12 -27.19 -24.84
N ALA A 410 2.15 -28.51 -24.79
CA ALA A 410 1.03 -29.36 -25.17
C ALA A 410 0.36 -29.89 -23.91
N MET A 411 -0.61 -30.77 -24.10
CA MET A 411 -1.30 -31.39 -22.98
C MET A 411 -1.81 -32.76 -23.39
N TYR A 412 -1.73 -33.72 -22.48
CA TYR A 412 -2.27 -35.06 -22.68
C TYR A 412 -3.53 -35.19 -21.83
N ALA A 413 -4.66 -35.47 -22.48
CA ALA A 413 -5.92 -35.68 -21.77
C ALA A 413 -6.01 -37.16 -21.45
N PRO A 414 -5.95 -37.59 -20.18
CA PRO A 414 -5.96 -39.03 -19.92
C PRO A 414 -7.32 -39.62 -20.26
N PRO A 415 -7.37 -40.89 -20.68
CA PRO A 415 -8.67 -41.50 -21.00
C PRO A 415 -9.47 -41.81 -19.75
N ILE A 416 -10.78 -41.87 -19.93
CA ILE A 416 -11.73 -42.22 -18.88
C ILE A 416 -12.36 -43.55 -19.24
N ALA A 417 -12.33 -44.49 -18.30
CA ALA A 417 -12.91 -45.81 -18.52
C ALA A 417 -14.41 -45.70 -18.71
N GLY A 418 -14.95 -46.62 -19.51
CA GLY A 418 -16.37 -46.61 -19.83
C GLY A 418 -16.63 -45.71 -21.01
N ASN A 419 -17.80 -45.10 -21.05
CA ASN A 419 -18.22 -44.22 -22.14
C ASN A 419 -18.53 -42.84 -21.57
N ILE A 420 -18.77 -41.90 -22.48
CA ILE A 420 -19.01 -40.50 -22.12
C ILE A 420 -20.17 -39.99 -22.93
N THR A 421 -21.08 -39.27 -22.27
CA THR A 421 -22.14 -38.52 -22.93
C THR A 421 -22.21 -37.13 -22.30
N CYS A 422 -22.29 -36.10 -23.14
CA CYS A 422 -22.43 -34.72 -22.68
C CYS A 422 -23.58 -34.05 -23.43
N ASN A 423 -24.38 -33.30 -22.70
CA ASN A 423 -25.40 -32.44 -23.28
C ASN A 423 -24.96 -31.00 -23.09
N SER A 424 -25.30 -30.15 -24.06
CA SER A 424 -25.03 -28.73 -23.91
C SER A 424 -26.03 -27.95 -24.75
N ASN A 425 -26.12 -26.67 -24.47
CA ASN A 425 -27.00 -25.75 -25.18
C ASN A 425 -26.15 -24.92 -26.14
N ILE A 426 -26.56 -24.86 -27.40
CA ILE A 426 -25.91 -23.99 -28.38
C ILE A 426 -26.61 -22.63 -28.28
N THR A 427 -25.86 -21.63 -27.82
CA THR A 427 -26.38 -20.30 -27.54
C THR A 427 -25.83 -19.25 -28.48
N GLY A 428 -25.04 -19.62 -29.47
CA GLY A 428 -24.51 -18.63 -30.39
C GLY A 428 -23.55 -19.26 -31.37
N LEU A 429 -23.32 -18.53 -32.46
CA LEU A 429 -22.47 -18.95 -33.56
C LEU A 429 -21.33 -17.96 -33.74
N LEU A 430 -20.19 -18.46 -34.22
CA LEU A 430 -19.06 -17.63 -34.64
C LEU A 430 -18.93 -17.78 -36.15
N LEU A 431 -19.23 -16.71 -36.87
CA LEU A 431 -19.23 -16.70 -38.33
C LEU A 431 -18.18 -15.74 -38.86
N VAL A 432 -17.60 -16.10 -40.01
CA VAL A 432 -16.68 -15.26 -40.75
C VAL A 432 -17.22 -15.11 -42.17
N ARG A 433 -17.27 -13.88 -42.67
CA ARG A 433 -17.84 -13.61 -43.99
C ARG A 433 -16.74 -13.63 -45.04
N ASP A 434 -17.06 -14.19 -46.21
CA ASP A 434 -16.09 -14.30 -47.29
C ASP A 434 -16.02 -12.99 -48.07
N GLY A 435 -14.81 -12.47 -48.26
CA GLY A 435 -14.61 -11.20 -48.91
C GLY A 435 -14.51 -11.33 -50.41
N GLY A 436 -14.18 -10.22 -51.06
CA GLY A 436 -13.96 -10.20 -52.50
C GLY A 436 -15.21 -9.92 -53.29
N LYS A 437 -15.04 -9.86 -54.61
CA LYS A 437 -16.16 -9.61 -55.50
C LYS A 437 -17.11 -10.80 -55.47
N ASN A 438 -18.40 -10.52 -55.52
CA ASN A 438 -19.41 -11.57 -55.52
C ASN A 438 -20.64 -11.09 -56.26
N ASN A 439 -21.47 -12.06 -56.68
CA ASN A 439 -22.72 -11.76 -57.36
C ASN A 439 -23.84 -11.63 -56.32
N ASN A 440 -23.69 -10.59 -55.50
CA ASN A 440 -24.65 -10.23 -54.45
C ASN A 440 -25.03 -11.43 -53.56
N THR A 441 -24.03 -12.27 -53.26
CA THR A 441 -24.21 -13.40 -52.36
C THR A 441 -23.14 -13.37 -51.27
N GLU A 442 -23.57 -13.48 -50.01
CA GLU A 442 -22.67 -13.60 -48.87
C GLU A 442 -22.52 -15.08 -48.50
N ILE A 443 -21.31 -15.47 -48.15
CA ILE A 443 -20.99 -16.84 -47.76
C ILE A 443 -20.39 -16.80 -46.35
N PHE A 444 -21.24 -17.01 -45.34
CA PHE A 444 -20.82 -16.95 -43.94
C PHE A 444 -20.33 -18.33 -43.50
N ARG A 445 -19.01 -18.47 -43.34
CA ARG A 445 -18.40 -19.75 -43.00
C ARG A 445 -17.97 -19.76 -41.53
N PRO A 446 -18.19 -20.86 -40.79
CA PRO A 446 -17.83 -20.87 -39.36
C PRO A 446 -16.39 -20.46 -39.12
N GLY A 447 -16.13 -19.95 -37.92
CA GLY A 447 -14.81 -19.49 -37.56
C GLY A 447 -14.57 -19.71 -36.09
N GLY A 448 -13.40 -19.29 -35.65
CA GLY A 448 -13.05 -19.37 -34.25
C GLY A 448 -11.55 -19.53 -34.09
N GLY A 449 -11.17 -20.08 -32.94
CA GLY A 449 -9.77 -20.30 -32.62
C GLY A 449 -9.29 -19.24 -31.65
N ASP A 450 -9.67 -17.99 -31.91
CA ASP A 450 -9.35 -16.89 -31.03
C ASP A 450 -10.37 -16.92 -29.90
N MET A 451 -9.90 -17.16 -28.67
CA MET A 451 -10.81 -17.37 -27.57
C MET A 451 -11.30 -16.07 -26.94
N ARG A 452 -10.90 -14.91 -27.47
CA ARG A 452 -11.45 -13.67 -26.95
C ARG A 452 -12.86 -13.46 -27.46
N ASP A 453 -13.15 -13.98 -28.66
CA ASP A 453 -14.47 -13.85 -29.26
C ASP A 453 -15.48 -14.82 -28.65
N ASN A 454 -15.04 -15.68 -27.73
CA ASN A 454 -15.92 -16.54 -26.96
C ASN A 454 -16.29 -15.91 -25.63
N TRP A 455 -15.51 -14.91 -25.21
CA TRP A 455 -15.70 -14.17 -23.97
C TRP A 455 -16.25 -12.78 -24.23
N ARG A 456 -16.21 -12.32 -25.49
CA ARG A 456 -16.88 -11.09 -25.91
C ARG A 456 -18.37 -11.30 -26.16
N SER A 457 -18.92 -12.45 -25.77
CA SER A 457 -20.33 -12.78 -25.96
C SER A 457 -21.03 -12.99 -24.63
N GLU A 458 -20.33 -12.73 -23.53
CA GLU A 458 -20.89 -12.72 -22.18
C GLU A 458 -20.39 -11.54 -21.36
N LEU A 459 -19.32 -10.86 -21.78
CA LEU A 459 -18.83 -9.63 -21.17
C LEU A 459 -19.10 -8.47 -22.14
N TYR A 460 -20.24 -8.54 -22.82
CA TYR A 460 -20.61 -7.52 -23.79
C TYR A 460 -21.25 -6.32 -23.13
N LYS A 461 -22.01 -6.56 -22.07
CA LYS A 461 -22.81 -5.50 -21.44
C LYS A 461 -22.04 -4.75 -20.35
N TYR A 462 -20.82 -5.17 -20.02
CA TYR A 462 -20.10 -4.60 -18.88
C TYR A 462 -18.99 -3.66 -19.34
N LYS A 463 -18.96 -2.49 -18.72
CA LYS A 463 -17.92 -1.48 -18.92
C LYS A 463 -17.35 -1.13 -17.55
N VAL A 464 -16.04 -0.89 -17.49
CA VAL A 464 -15.36 -0.52 -16.26
C VAL A 464 -15.05 0.98 -16.31
N VAL A 465 -15.48 1.70 -15.28
CA VAL A 465 -15.25 3.13 -15.17
C VAL A 465 -14.62 3.47 -13.83
N GLU A 466 -13.90 4.58 -13.79
CA GLU A 466 -13.24 5.10 -12.59
C GLU A 466 -14.00 6.33 -12.12
N ILE A 467 -14.38 6.36 -10.85
CA ILE A 467 -15.11 7.50 -10.31
C ILE A 467 -14.15 8.66 -10.08
N LYS A 468 -14.60 9.88 -10.39
CA LYS A 468 -13.85 11.11 -10.20
C LYS A 468 -14.62 11.96 -9.17
N PRO A 469 -14.48 11.66 -7.88
CA PRO A 469 -15.38 12.28 -6.89
C PRO A 469 -15.15 13.77 -6.71
N LEU A 470 -14.03 14.33 -7.17
CA LEU A 470 -13.69 15.72 -6.93
C LEU A 470 -14.05 16.56 -8.14
N GLY A 471 -14.76 17.66 -7.90
CA GLY A 471 -15.13 18.56 -8.99
C GLY A 471 -15.49 19.92 -8.42
N VAL A 472 -15.74 20.86 -9.35
CA VAL A 472 -16.02 22.25 -9.02
C VAL A 472 -17.27 22.70 -9.76
N ALA A 473 -17.95 23.69 -9.20
CA ALA A 473 -19.12 24.26 -9.86
C ALA A 473 -19.35 25.67 -9.32
N PRO A 474 -19.92 26.58 -10.11
CA PRO A 474 -20.22 27.91 -9.59
C PRO A 474 -21.40 27.91 -8.65
N THR A 475 -21.28 28.69 -7.58
CA THR A 475 -22.38 28.95 -6.67
C THR A 475 -22.29 30.41 -6.25
N ARG A 476 -23.26 30.84 -5.46
CA ARG A 476 -23.27 32.17 -4.87
C ARG A 476 -22.51 32.22 -3.55
N CYS A 477 -21.82 31.14 -3.18
CA CYS A 477 -21.17 30.99 -1.89
C CYS A 477 -19.75 31.53 -1.94
N LYS A 478 -19.44 32.47 -1.04
CA LYS A 478 -18.09 33.01 -0.89
C LYS A 478 -17.53 32.59 0.46
N ARG A 479 -16.23 32.31 0.49
CA ARG A 479 -15.57 32.01 1.74
C ARG A 479 -15.39 33.29 2.55
N ARG A 480 -15.46 33.15 3.87
CA ARG A 480 -15.28 34.26 4.81
C ARG A 480 -15.33 33.74 6.23
N LEU A 506 -28.84 5.63 -0.45
CA LEU A 506 -29.28 5.33 -1.80
C LEU A 506 -28.35 4.29 -2.44
N GLY A 507 -27.35 4.71 -3.20
CA GLY A 507 -26.40 3.76 -3.76
C GLY A 507 -25.31 4.50 -4.51
N PHE A 508 -24.32 3.72 -4.94
CA PHE A 508 -23.18 4.29 -5.64
C PHE A 508 -23.62 4.79 -7.02
N LEU A 509 -23.28 6.04 -7.32
CA LEU A 509 -23.65 6.71 -8.57
C LEU A 509 -25.16 6.81 -8.75
N GLY A 510 -25.94 6.64 -7.68
CA GLY A 510 -27.39 6.65 -7.81
C GLY A 510 -27.93 7.93 -8.40
N ALA A 511 -27.26 9.06 -8.12
CA ALA A 511 -27.67 10.36 -8.60
C ALA A 511 -26.95 10.76 -9.88
N ALA A 512 -26.27 9.80 -10.55
CA ALA A 512 -25.51 10.11 -11.76
C ALA A 512 -26.38 10.74 -12.83
N GLY A 513 -27.63 10.33 -12.93
CA GLY A 513 -28.56 10.88 -13.90
C GLY A 513 -29.42 12.00 -13.39
N SER A 514 -29.26 12.39 -12.13
CA SER A 514 -30.05 13.45 -11.54
C SER A 514 -29.38 14.80 -11.80
N THR A 515 -30.12 15.87 -11.57
CA THR A 515 -29.58 17.19 -11.85
C THR A 515 -28.54 17.55 -10.80
N MET A 516 -27.74 18.57 -11.12
CA MET A 516 -26.62 18.94 -10.27
C MET A 516 -27.05 19.45 -8.89
N GLY A 517 -28.34 19.73 -8.68
CA GLY A 517 -28.81 20.28 -7.43
C GLY A 517 -29.47 19.22 -6.57
N ALA A 518 -29.76 18.05 -7.16
CA ALA A 518 -30.28 16.90 -6.44
C ALA A 518 -29.22 15.84 -6.18
N ALA A 519 -28.03 15.99 -6.78
CA ALA A 519 -26.91 15.10 -6.58
C ALA A 519 -25.91 15.67 -5.58
N SER A 520 -26.12 16.89 -5.10
CA SER A 520 -25.27 17.52 -4.11
C SER A 520 -25.75 17.24 -2.70
N ILE A 521 -26.72 16.34 -2.54
CA ILE A 521 -27.17 15.86 -1.24
C ILE A 521 -26.66 14.46 -0.99
N THR A 522 -26.52 13.64 -2.04
CA THR A 522 -25.99 12.28 -1.93
C THR A 522 -24.50 12.31 -2.26
N LEU A 523 -23.73 12.85 -1.30
CA LEU A 523 -22.29 12.96 -1.39
C LEU A 523 -21.59 12.05 -0.40
N THR A 524 -22.22 11.78 0.74
CA THR A 524 -21.66 10.90 1.74
C THR A 524 -21.83 9.44 1.39
N VAL A 525 -22.43 9.14 0.23
CA VAL A 525 -22.65 7.78 -0.22
C VAL A 525 -21.68 7.38 -1.32
N GLN A 526 -21.31 8.32 -2.19
CA GLN A 526 -20.26 8.07 -3.17
C GLN A 526 -18.87 8.35 -2.61
N ALA A 527 -18.79 8.94 -1.42
CA ALA A 527 -17.53 9.16 -0.72
C ALA A 527 -17.12 7.96 0.11
N ARG A 528 -18.07 7.29 0.76
CA ARG A 528 -17.73 6.15 1.61
C ARG A 528 -17.37 4.92 0.81
N GLN A 529 -17.90 4.78 -0.41
CA GLN A 529 -17.63 3.61 -1.22
C GLN A 529 -16.35 3.71 -2.02
N LEU A 530 -15.45 4.62 -1.64
CA LEU A 530 -14.09 4.62 -2.15
C LEU A 530 -13.20 3.71 -1.31
N LEU A 531 -13.71 3.22 -0.17
CA LEU A 531 -13.06 2.23 0.69
C LEU A 531 -11.63 2.64 1.02
N SER A 532 -11.43 3.91 1.31
CA SER A 532 -10.13 4.41 1.69
C SER A 532 -10.31 5.78 2.33
N GLY A 558 -1.99 -12.07 -6.18
CA GLY A 558 -1.39 -11.29 -5.12
C GLY A 558 -0.96 -9.91 -5.58
N ILE A 559 -0.01 -9.87 -6.51
CA ILE A 559 0.49 -8.59 -7.00
C ILE A 559 -0.60 -7.84 -7.76
N LYS A 560 -1.36 -8.55 -8.59
CA LYS A 560 -2.40 -7.90 -9.40
C LYS A 560 -3.40 -7.14 -8.55
N GLN A 561 -3.79 -7.72 -7.40
CA GLN A 561 -4.77 -7.06 -6.54
C GLN A 561 -4.10 -6.04 -5.63
N LEU A 562 -2.92 -6.38 -5.11
CA LEU A 562 -2.26 -5.48 -4.17
C LEU A 562 -1.85 -4.18 -4.85
N GLN A 563 -1.47 -4.25 -6.13
CA GLN A 563 -1.14 -3.03 -6.86
C GLN A 563 -2.35 -2.15 -7.05
N THR A 564 -3.55 -2.72 -7.13
CA THR A 564 -4.74 -1.88 -7.31
C THR A 564 -5.24 -1.37 -5.97
N ARG A 565 -4.92 -2.07 -4.89
CA ARG A 565 -5.24 -1.52 -3.58
C ARG A 565 -4.34 -0.32 -3.28
N VAL A 566 -3.06 -0.44 -3.61
CA VAL A 566 -2.15 0.67 -3.43
C VAL A 566 -2.52 1.82 -4.36
N LEU A 567 -2.91 1.51 -5.60
CA LEU A 567 -3.31 2.57 -6.53
C LEU A 567 -4.55 3.31 -6.04
N ALA A 568 -5.53 2.57 -5.52
CA ALA A 568 -6.72 3.22 -4.97
C ALA A 568 -6.36 4.11 -3.79
N ILE A 569 -5.43 3.67 -2.95
CA ILE A 569 -5.00 4.50 -1.83
C ILE A 569 -4.32 5.76 -2.35
N GLU A 570 -3.45 5.62 -3.36
CA GLU A 570 -2.76 6.79 -3.89
C GLU A 570 -3.74 7.79 -4.48
N HIS A 571 -4.77 7.31 -5.19
CA HIS A 571 -5.72 8.24 -5.78
C HIS A 571 -6.53 8.95 -4.70
N TYR A 572 -6.94 8.20 -3.67
CA TYR A 572 -7.66 8.82 -2.56
C TYR A 572 -6.82 9.90 -1.91
N LEU A 573 -5.54 9.58 -1.62
CA LEU A 573 -4.69 10.55 -0.94
C LEU A 573 -4.37 11.74 -1.83
N LYS A 574 -4.26 11.57 -3.13
CA LYS A 574 -4.06 12.73 -4.01
C LYS A 574 -5.28 13.63 -3.98
N ASP A 575 -6.49 13.06 -3.94
CA ASP A 575 -7.68 13.91 -3.86
C ASP A 575 -7.75 14.62 -2.51
N GLN A 576 -7.44 13.92 -1.41
CA GLN A 576 -7.39 14.57 -0.11
C GLN A 576 -6.35 15.68 -0.08
N GLN A 577 -5.18 15.45 -0.69
CA GLN A 577 -4.14 16.47 -0.68
C GLN A 577 -4.60 17.69 -1.47
N LEU A 578 -5.30 17.47 -2.58
CA LEU A 578 -5.85 18.60 -3.32
C LEU A 578 -6.81 19.39 -2.45
N LEU A 579 -7.73 18.70 -1.77
CA LEU A 579 -8.67 19.40 -0.90
C LEU A 579 -7.94 20.17 0.17
N GLY A 580 -6.90 19.58 0.75
CA GLY A 580 -6.17 20.25 1.83
C GLY A 580 -5.44 21.49 1.36
N ILE A 581 -4.73 21.40 0.23
CA ILE A 581 -4.05 22.55 -0.33
C ILE A 581 -5.02 23.69 -0.63
N TRP A 582 -6.27 23.37 -0.93
CA TRP A 582 -7.29 24.37 -1.22
C TRP A 582 -7.96 24.91 0.03
N GLY A 583 -7.63 24.39 1.22
CA GLY A 583 -8.31 24.77 2.44
C GLY A 583 -9.63 24.07 2.68
N CYS A 584 -9.92 23.01 1.93
CA CYS A 584 -11.19 22.30 1.99
C CYS A 584 -11.10 21.00 2.76
N SER A 585 -10.03 20.78 3.53
CA SER A 585 -9.86 19.53 4.25
C SER A 585 -11.02 19.30 5.22
N GLY A 586 -11.55 18.09 5.21
CA GLY A 586 -12.62 17.72 6.13
C GLY A 586 -14.00 18.10 5.68
N LYS A 587 -14.17 18.61 4.45
CA LYS A 587 -15.46 19.05 3.93
C LYS A 587 -15.74 18.37 2.61
N LEU A 588 -17.02 18.04 2.38
CA LEU A 588 -17.48 17.54 1.10
C LEU A 588 -18.03 18.64 0.21
N ILE A 589 -18.57 19.70 0.80
CA ILE A 589 -19.03 20.88 0.08
C ILE A 589 -18.21 22.03 0.65
N CYS A 590 -17.33 22.60 -0.17
CA CYS A 590 -16.38 23.62 0.27
C CYS A 590 -16.53 24.87 -0.57
N CYS A 591 -16.80 25.99 0.09
CA CYS A 591 -16.91 27.28 -0.57
C CYS A 591 -15.54 27.94 -0.57
N THR A 592 -15.18 28.54 -1.69
CA THR A 592 -13.87 29.17 -1.86
C THR A 592 -14.04 30.65 -2.19
N ALA A 593 -12.91 31.34 -2.29
CA ALA A 593 -12.86 32.77 -2.58
C ALA A 593 -12.45 33.06 -4.02
N VAL A 594 -12.43 32.06 -4.89
CA VAL A 594 -12.04 32.24 -6.29
C VAL A 594 -13.29 32.62 -7.07
N PRO A 595 -13.34 33.77 -7.74
CA PRO A 595 -14.54 34.11 -8.52
C PRO A 595 -14.63 33.24 -9.75
N TRP A 596 -15.86 33.04 -10.22
CA TRP A 596 -16.09 32.27 -11.43
C TRP A 596 -15.90 33.18 -12.64
N ASN A 597 -15.08 32.71 -13.58
CA ASN A 597 -14.81 33.43 -14.82
C ASN A 597 -15.81 32.97 -15.86
N SER A 598 -16.53 33.93 -16.46
CA SER A 598 -17.57 33.60 -17.42
C SER A 598 -17.05 32.87 -18.65
N SER A 599 -15.74 32.90 -18.90
CA SER A 599 -15.19 32.15 -20.02
C SER A 599 -15.14 30.66 -19.74
N TRP A 600 -15.23 30.26 -18.46
CA TRP A 600 -15.25 28.84 -18.13
C TRP A 600 -16.63 28.25 -18.42
N SER A 601 -17.68 28.99 -18.06
CA SER A 601 -19.05 28.65 -18.39
C SER A 601 -19.91 29.88 -18.13
N ASN A 602 -20.77 30.24 -19.08
CA ASN A 602 -21.63 31.42 -18.95
C ASN A 602 -23.08 31.04 -18.66
N LYS A 603 -23.33 29.82 -18.22
CA LYS A 603 -24.68 29.40 -17.88
C LYS A 603 -25.06 29.97 -16.51
N SER A 604 -26.34 30.29 -16.36
CA SER A 604 -26.85 30.77 -15.09
C SER A 604 -27.04 29.62 -14.12
N LEU A 605 -27.29 29.97 -12.86
CA LEU A 605 -27.44 28.94 -11.83
C LEU A 605 -28.63 28.05 -12.10
N THR A 606 -29.71 28.60 -12.66
CA THR A 606 -30.88 27.78 -12.94
C THR A 606 -30.71 26.92 -14.19
N ASP A 607 -29.66 27.16 -14.98
CA ASP A 607 -29.31 26.34 -16.13
C ASP A 607 -28.31 25.25 -15.81
N ILE A 608 -27.69 25.30 -14.62
CA ILE A 608 -26.67 24.34 -14.21
C ILE A 608 -27.20 23.44 -13.11
N TRP A 609 -27.52 24.01 -11.96
CA TRP A 609 -27.93 23.23 -10.80
C TRP A 609 -29.27 22.55 -11.02
N ASP A 610 -30.18 23.20 -11.75
CA ASP A 610 -31.52 22.67 -11.95
C ASP A 610 -31.71 21.87 -13.23
N ASN A 611 -30.88 22.08 -14.26
CA ASN A 611 -31.09 21.43 -15.55
C ASN A 611 -30.03 20.44 -15.98
N MET A 612 -28.79 20.55 -15.51
CA MET A 612 -27.70 19.68 -15.97
C MET A 612 -27.32 18.66 -14.90
N THR A 613 -26.78 17.54 -15.38
CA THR A 613 -26.20 16.50 -14.54
C THR A 613 -24.71 16.77 -14.35
N TRP A 614 -24.11 16.05 -13.40
CA TRP A 614 -22.68 16.25 -13.15
C TRP A 614 -21.81 15.73 -14.29
N MET A 615 -22.25 14.71 -15.03
CA MET A 615 -21.47 14.25 -16.18
C MET A 615 -21.42 15.29 -17.28
N GLN A 616 -22.55 15.95 -17.55
CA GLN A 616 -22.56 16.98 -18.59
C GLN A 616 -21.69 18.16 -18.16
N TRP A 617 -21.74 18.50 -16.88
CA TRP A 617 -20.90 19.57 -16.37
C TRP A 617 -19.43 19.22 -16.50
N ASP A 618 -19.05 17.98 -16.14
CA ASP A 618 -17.66 17.59 -16.28
C ASP A 618 -17.24 17.67 -17.75
N ARG A 619 -18.12 17.23 -18.66
CA ARG A 619 -17.79 17.34 -20.08
C ARG A 619 -17.70 18.78 -20.53
N GLU A 620 -18.31 19.72 -19.80
CA GLU A 620 -18.23 21.12 -20.16
C GLU A 620 -16.95 21.77 -19.62
N VAL A 621 -16.82 21.82 -18.29
CA VAL A 621 -15.62 22.36 -17.64
C VAL A 621 -14.65 21.20 -17.42
N SER A 622 -13.81 20.97 -18.42
CA SER A 622 -12.76 19.97 -18.35
C SER A 622 -11.44 20.52 -18.86
N ASN A 623 -11.47 21.33 -19.93
CA ASN A 623 -10.28 22.01 -20.39
C ASN A 623 -9.80 23.09 -19.43
N TYR A 624 -10.56 23.42 -18.38
CA TYR A 624 -10.23 24.53 -17.48
C TYR A 624 -9.85 24.09 -16.07
N THR A 625 -9.73 22.79 -15.79
CA THR A 625 -9.45 22.38 -14.42
C THR A 625 -8.01 22.69 -14.02
N GLY A 626 -7.10 22.80 -14.99
CA GLY A 626 -5.73 23.16 -14.68
C GLY A 626 -5.56 24.62 -14.36
N ILE A 627 -6.57 25.43 -14.59
CA ILE A 627 -6.59 26.84 -14.25
C ILE A 627 -7.27 27.04 -12.91
N ILE A 628 -8.42 26.36 -12.74
CA ILE A 628 -9.18 26.49 -11.50
C ILE A 628 -8.38 25.95 -10.33
N TYR A 629 -7.73 24.79 -10.51
CA TYR A 629 -6.97 24.21 -9.40
C TYR A 629 -5.80 25.11 -9.00
N ARG A 630 -5.14 25.72 -9.99
CA ARG A 630 -4.04 26.63 -9.69
C ARG A 630 -4.56 27.86 -8.95
N LEU A 631 -5.69 28.39 -9.38
CA LEU A 631 -6.26 29.55 -8.70
C LEU A 631 -6.65 29.21 -7.27
N LEU A 632 -7.18 28.00 -7.06
CA LEU A 632 -7.56 27.60 -5.71
C LEU A 632 -6.36 27.47 -4.78
N GLU A 633 -5.26 26.90 -5.27
CA GLU A 633 -4.11 26.78 -4.37
C GLU A 633 -3.45 28.14 -4.15
N ASP A 634 -3.49 29.04 -5.14
CA ASP A 634 -2.93 30.37 -4.94
C ASP A 634 -3.76 31.15 -3.92
N SER A 635 -5.08 31.03 -4.01
CA SER A 635 -5.94 31.72 -3.05
C SER A 635 -5.73 31.19 -1.65
N GLN A 636 -5.55 29.87 -1.51
CA GLN A 636 -5.30 29.34 -0.17
C GLN A 636 -3.95 29.80 0.35
N ASN A 637 -2.93 29.90 -0.49
CA ASN A 637 -1.65 30.39 0.01
C ASN A 637 -1.77 31.83 0.48
N GLN A 638 -2.55 32.64 -0.23
CA GLN A 638 -2.74 34.02 0.20
C GLN A 638 -3.52 34.07 1.51
N GLN A 639 -4.51 33.21 1.66
CA GLN A 639 -5.29 33.19 2.90
C GLN A 639 -4.46 32.71 4.07
N GLU A 640 -3.57 31.74 3.85
CA GLU A 640 -2.72 31.27 4.94
C GLU A 640 -1.74 32.35 5.39
N ARG A 641 -1.18 33.10 4.44
CA ARG A 641 -0.26 34.16 4.86
C ARG A 641 -1.00 35.31 5.53
N ASN A 642 -2.21 35.62 5.05
CA ASN A 642 -2.99 36.65 5.71
C ASN A 642 -3.43 36.20 7.10
N GLU A 643 -3.69 34.90 7.27
CA GLU A 643 -4.09 34.40 8.57
C GLU A 643 -2.93 34.44 9.56
N GLN A 644 -1.71 34.10 9.11
CA GLN A 644 -0.61 34.19 10.06
C GLN A 644 -0.28 35.65 10.37
N ASP A 645 -0.57 36.57 9.44
CA ASP A 645 -0.32 37.97 9.73
C ASP A 645 -1.37 38.51 10.72
N LEU A 646 -2.63 38.12 10.55
CA LEU A 646 -3.67 38.52 11.50
C LEU A 646 -3.43 37.91 12.88
N LEU A 647 -2.95 36.67 12.94
CA LEU A 647 -2.70 36.00 14.20
C LEU A 647 -1.43 36.45 14.89
N ALA A 648 -0.62 37.28 14.23
CA ALA A 648 0.56 37.90 14.83
C ALA A 648 0.33 39.38 15.08
N LEU A 649 -0.91 39.84 14.96
CA LEU A 649 -1.32 41.23 15.17
C LEU A 649 -1.93 41.32 16.56
N ASP A 650 -1.15 41.84 17.51
CA ASP A 650 -1.37 41.88 18.97
C ASP A 650 -0.06 41.50 19.63
N GLN B 1 14.85 -5.79 -38.48
CA GLN B 1 14.20 -5.35 -39.75
C GLN B 1 13.21 -6.39 -40.23
N VAL B 2 11.98 -5.95 -40.50
CA VAL B 2 10.94 -6.84 -41.00
C VAL B 2 11.16 -7.07 -42.49
N GLN B 3 11.22 -8.35 -42.88
CA GLN B 3 11.44 -8.73 -44.27
C GLN B 3 10.48 -9.85 -44.64
N LEU B 4 10.08 -9.86 -45.92
CA LEU B 4 9.32 -10.96 -46.50
C LEU B 4 10.03 -11.37 -47.78
N VAL B 5 10.47 -12.63 -47.83
CA VAL B 5 11.25 -13.15 -48.95
C VAL B 5 10.43 -14.25 -49.62
N GLN B 6 10.07 -14.03 -50.88
CA GLN B 6 9.25 -14.95 -51.65
C GLN B 6 10.10 -15.72 -52.66
N SER B 7 9.56 -16.86 -53.10
CA SER B 7 10.25 -17.67 -54.09
C SER B 7 10.29 -16.95 -55.44
N GLY B 8 11.17 -17.44 -56.31
CA GLY B 8 11.39 -16.82 -57.60
C GLY B 8 10.32 -17.17 -58.62
N ALA B 9 10.51 -16.63 -59.83
CA ALA B 9 9.53 -16.79 -60.89
C ALA B 9 9.42 -18.26 -61.31
N GLU B 10 8.23 -18.64 -61.79
CA GLU B 10 7.93 -20.00 -62.19
C GLU B 10 7.10 -19.98 -63.46
N VAL B 11 7.21 -21.06 -64.24
CA VAL B 11 6.46 -21.25 -65.48
C VAL B 11 5.68 -22.56 -65.40
N LYS B 12 4.36 -22.47 -65.60
CA LYS B 12 3.47 -23.63 -65.58
C LYS B 12 2.59 -23.63 -66.83
N LYS B 13 2.10 -24.84 -67.17
CA LYS B 13 1.17 -25.09 -68.25
C LYS B 13 -0.27 -25.04 -67.72
N PRO B 14 -1.26 -24.70 -68.57
CA PRO B 14 -2.65 -24.71 -68.09
C PRO B 14 -3.05 -26.03 -67.48
N GLY B 15 -3.75 -25.95 -66.34
CA GLY B 15 -4.20 -27.10 -65.59
C GLY B 15 -3.28 -27.51 -64.46
N ALA B 16 -2.05 -27.02 -64.45
CA ALA B 16 -1.09 -27.35 -63.41
C ALA B 16 -1.38 -26.53 -62.15
N SER B 17 -0.77 -26.95 -61.04
CA SER B 17 -0.81 -26.22 -59.78
C SER B 17 0.57 -25.64 -59.49
N VAL B 18 0.58 -24.44 -58.90
CA VAL B 18 1.80 -23.73 -58.53
C VAL B 18 1.76 -23.43 -57.04
N LYS B 19 2.88 -23.65 -56.36
CA LYS B 19 3.02 -23.36 -54.95
C LYS B 19 4.00 -22.22 -54.76
N VAL B 20 3.57 -21.18 -54.05
CA VAL B 20 4.37 -19.99 -53.76
C VAL B 20 4.56 -19.90 -52.26
N SER B 21 5.76 -19.50 -51.85
CA SER B 21 6.13 -19.41 -50.44
C SER B 21 6.59 -18.00 -50.10
N CYS B 22 6.41 -17.61 -48.83
CA CYS B 22 6.73 -16.26 -48.34
C CYS B 22 7.42 -16.37 -46.98
N LYS B 23 8.73 -16.67 -47.00
CA LYS B 23 9.50 -16.67 -45.76
C LYS B 23 9.36 -15.32 -45.07
N ALA B 24 9.06 -15.36 -43.76
CA ALA B 24 8.83 -14.17 -42.97
C ALA B 24 9.86 -14.09 -41.86
N SER B 25 10.59 -12.96 -41.81
CA SER B 25 11.67 -12.75 -40.85
C SER B 25 11.55 -11.38 -40.20
N GLY B 26 11.89 -11.31 -38.91
CA GLY B 26 11.98 -10.06 -38.17
C GLY B 26 10.95 -9.85 -37.09
N TYR B 27 9.82 -10.56 -37.12
CA TYR B 27 8.72 -10.34 -36.19
C TYR B 27 8.21 -11.69 -35.70
N SER B 28 7.21 -11.66 -34.82
CA SER B 28 6.55 -12.86 -34.34
C SER B 28 5.56 -13.33 -35.38
N PHE B 29 5.83 -14.51 -35.97
CA PHE B 29 5.03 -15.00 -37.09
C PHE B 29 3.57 -15.26 -36.69
N THR B 30 3.36 -15.86 -35.53
CA THR B 30 2.02 -16.30 -35.12
C THR B 30 1.16 -15.19 -34.49
N ASP B 31 1.43 -13.91 -34.81
CA ASP B 31 0.60 -12.82 -34.31
C ASP B 31 0.06 -11.87 -35.37
N TYR B 32 0.41 -12.04 -36.65
CA TYR B 32 -0.04 -11.12 -37.70
C TYR B 32 -0.62 -11.88 -38.89
N TYR B 33 -1.58 -11.24 -39.54
CA TYR B 33 -2.19 -11.77 -40.74
C TYR B 33 -1.30 -11.52 -41.94
N ILE B 34 -1.23 -12.50 -42.84
CA ILE B 34 -0.46 -12.39 -44.09
C ILE B 34 -1.46 -12.38 -45.24
N HIS B 35 -1.40 -11.34 -46.06
CA HIS B 35 -2.30 -11.14 -47.19
C HIS B 35 -1.54 -11.45 -48.46
N TRP B 36 -2.14 -12.23 -49.35
CA TRP B 36 -1.54 -12.55 -50.64
C TRP B 36 -2.26 -11.77 -51.72
N VAL B 37 -1.55 -10.88 -52.40
CA VAL B 37 -2.14 -9.96 -53.39
C VAL B 37 -1.61 -10.32 -54.76
N ARG B 38 -2.51 -10.48 -55.72
CA ARG B 38 -2.17 -10.83 -57.09
C ARG B 38 -2.24 -9.57 -57.96
N GLN B 39 -1.10 -9.19 -58.54
CA GLN B 39 -1.00 -8.00 -59.39
C GLN B 39 -0.99 -8.45 -60.85
N ALA B 40 -2.08 -8.19 -61.55
CA ALA B 40 -2.12 -8.52 -62.97
C ALA B 40 -1.17 -7.57 -63.72
N PRO B 41 -0.57 -8.03 -64.83
CA PRO B 41 0.49 -7.23 -65.50
C PRO B 41 0.14 -5.77 -65.73
N GLY B 42 -1.11 -5.45 -66.08
CA GLY B 42 -1.53 -4.08 -66.25
C GLY B 42 -2.98 -3.81 -65.89
N GLN B 43 -3.59 -4.68 -65.07
CA GLN B 43 -5.01 -4.60 -64.76
C GLN B 43 -5.29 -4.40 -63.27
N GLY B 44 -4.29 -4.00 -62.49
CA GLY B 44 -4.52 -3.69 -61.08
C GLY B 44 -4.27 -4.84 -60.13
N LEU B 45 -4.62 -4.58 -58.86
CA LEU B 45 -4.33 -5.44 -57.73
C LEU B 45 -5.61 -6.14 -57.27
N GLU B 46 -5.59 -7.47 -57.27
CA GLU B 46 -6.68 -8.28 -56.72
C GLU B 46 -6.25 -8.83 -55.38
N TRP B 47 -7.14 -8.74 -54.39
CA TRP B 47 -6.77 -9.12 -53.03
C TRP B 47 -6.62 -10.63 -52.85
N MET B 48 -7.49 -11.42 -53.47
CA MET B 48 -7.41 -12.88 -53.48
C MET B 48 -7.52 -13.60 -52.12
N GLY B 49 -6.87 -13.12 -51.04
CA GLY B 49 -7.03 -13.82 -49.75
C GLY B 49 -6.12 -13.44 -48.60
N TRP B 50 -6.49 -13.83 -47.36
CA TRP B 50 -5.68 -13.65 -46.16
C TRP B 50 -5.57 -14.97 -45.41
N ILE B 51 -4.41 -15.18 -44.76
CA ILE B 51 -4.16 -16.31 -43.87
C ILE B 51 -3.81 -15.80 -42.48
N ASN B 52 -4.36 -16.46 -41.46
CA ASN B 52 -4.07 -16.16 -40.05
C ASN B 52 -3.16 -17.27 -39.53
N PRO B 53 -1.84 -17.06 -39.44
CA PRO B 53 -0.94 -18.17 -39.07
C PRO B 53 -1.07 -18.65 -37.63
N ARG B 54 -1.92 -18.06 -36.79
CA ARG B 54 -2.02 -18.56 -35.42
C ARG B 54 -2.66 -19.94 -35.39
N PHE B 55 -3.87 -20.07 -35.97
CA PHE B 55 -4.55 -21.35 -36.13
C PHE B 55 -4.69 -21.73 -37.60
N GLY B 56 -4.10 -20.95 -38.50
CA GLY B 56 -4.15 -21.26 -39.91
C GLY B 56 -5.43 -20.87 -40.59
N GLY B 57 -6.15 -19.90 -40.04
CA GLY B 57 -7.43 -19.53 -40.62
C GLY B 57 -7.23 -18.87 -41.97
N VAL B 58 -8.18 -19.08 -42.87
CA VAL B 58 -8.12 -18.51 -44.21
C VAL B 58 -9.46 -17.90 -44.57
N ASN B 59 -9.41 -16.92 -45.48
CA ASN B 59 -10.60 -16.27 -46.03
C ASN B 59 -10.35 -15.99 -47.51
N TYR B 60 -10.53 -17.01 -48.34
CA TYR B 60 -10.32 -16.84 -49.77
C TYR B 60 -11.48 -16.05 -50.36
N ALA B 61 -11.16 -15.16 -51.30
CA ALA B 61 -12.19 -14.36 -51.95
C ALA B 61 -13.20 -15.27 -52.64
N GLN B 62 -14.41 -14.75 -52.82
CA GLN B 62 -15.48 -15.58 -53.39
C GLN B 62 -15.24 -15.94 -54.85
N LYS B 63 -14.25 -15.33 -55.50
CA LYS B 63 -13.87 -15.70 -56.86
C LYS B 63 -12.88 -16.85 -56.84
N PHE B 64 -11.87 -16.76 -55.98
CA PHE B 64 -10.78 -17.73 -55.93
C PHE B 64 -11.00 -18.82 -54.88
N GLN B 65 -12.25 -19.17 -54.60
CA GLN B 65 -12.54 -20.28 -53.69
C GLN B 65 -12.62 -21.57 -54.48
N GLY B 66 -11.98 -22.62 -53.96
CA GLY B 66 -11.89 -23.90 -54.63
C GLY B 66 -10.59 -24.12 -55.36
N ARG B 67 -9.84 -23.04 -55.64
CA ARG B 67 -8.58 -23.10 -56.36
C ARG B 67 -7.38 -22.59 -55.58
N VAL B 68 -7.59 -21.73 -54.59
CA VAL B 68 -6.51 -21.10 -53.83
C VAL B 68 -6.49 -21.73 -52.45
N THR B 69 -5.49 -22.57 -52.19
CA THR B 69 -5.26 -23.15 -50.88
C THR B 69 -4.09 -22.41 -50.24
N MET B 70 -4.24 -22.05 -48.97
CA MET B 70 -3.18 -21.43 -48.19
C MET B 70 -2.89 -22.27 -46.96
N THR B 71 -1.61 -22.39 -46.63
CA THR B 71 -1.15 -23.14 -45.48
C THR B 71 -0.01 -22.37 -44.83
N ARG B 72 0.46 -22.85 -43.68
CA ARG B 72 1.56 -22.17 -42.97
C ARG B 72 2.42 -23.20 -42.23
N ASP B 73 3.73 -22.99 -42.20
CA ASP B 73 4.69 -23.86 -41.51
C ASP B 73 5.39 -22.96 -40.49
N THR B 74 4.96 -23.06 -39.23
CA THR B 74 5.48 -22.17 -38.20
C THR B 74 6.88 -22.57 -37.74
N SER B 75 7.31 -23.80 -38.02
CA SER B 75 8.63 -24.23 -37.58
C SER B 75 9.74 -23.54 -38.37
N ILE B 76 9.42 -22.99 -39.54
CA ILE B 76 10.37 -22.25 -40.36
C ILE B 76 9.84 -20.86 -40.71
N ARG B 77 8.74 -20.44 -40.06
CA ARG B 77 8.13 -19.14 -40.26
C ARG B 77 7.89 -18.79 -41.74
N THR B 78 7.33 -19.75 -42.49
CA THR B 78 7.05 -19.56 -43.91
C THR B 78 5.58 -19.86 -44.18
N ALA B 79 4.94 -18.98 -44.95
CA ALA B 79 3.58 -19.14 -45.41
C ALA B 79 3.61 -19.73 -46.83
N HIS B 80 2.60 -20.53 -47.15
CA HIS B 80 2.50 -21.18 -48.46
C HIS B 80 1.13 -20.93 -49.05
N MET B 81 1.11 -20.69 -50.36
CA MET B 81 -0.11 -20.56 -51.15
C MET B 81 -0.02 -21.55 -52.30
N GLU B 82 -1.14 -22.20 -52.61
CA GLU B 82 -1.24 -23.08 -53.77
C GLU B 82 -2.42 -22.65 -54.62
N LEU B 83 -2.16 -22.45 -55.92
CA LEU B 83 -3.19 -22.09 -56.90
C LEU B 83 -3.30 -23.21 -57.92
N SER B 84 -4.45 -23.87 -57.95
CA SER B 84 -4.72 -24.98 -58.85
C SER B 84 -5.50 -24.52 -60.07
N ARG B 85 -5.56 -25.41 -61.09
CA ARG B 85 -6.32 -25.17 -62.32
C ARG B 85 -5.94 -23.84 -62.96
N LEU B 86 -4.64 -23.63 -63.14
CA LEU B 86 -4.14 -22.40 -63.71
C LEU B 86 -4.67 -22.21 -65.14
N ILE B 87 -4.97 -20.96 -65.46
CA ILE B 87 -5.43 -20.56 -66.80
C ILE B 87 -4.52 -19.41 -67.23
N SER B 88 -4.54 -19.11 -68.53
CA SER B 88 -3.68 -18.04 -69.05
C SER B 88 -4.00 -16.69 -68.44
N ASP B 89 -5.23 -16.51 -67.92
CA ASP B 89 -5.61 -15.26 -67.27
C ASP B 89 -5.04 -15.13 -65.86
N ASP B 90 -4.35 -16.15 -65.35
CA ASP B 90 -3.78 -16.11 -64.01
C ASP B 90 -2.35 -15.60 -63.98
N THR B 91 -1.79 -15.19 -65.13
CA THR B 91 -0.46 -14.63 -65.13
C THR B 91 -0.47 -13.31 -64.35
N ALA B 92 0.42 -13.21 -63.36
CA ALA B 92 0.43 -12.05 -62.49
C ALA B 92 1.65 -12.11 -61.57
N PHE B 93 1.90 -10.99 -60.90
CA PHE B 93 2.88 -10.91 -59.82
C PHE B 93 2.16 -11.15 -58.51
N TYR B 94 2.52 -12.23 -57.82
CA TYR B 94 1.89 -12.58 -56.55
C TYR B 94 2.73 -12.00 -55.42
N TYR B 95 2.12 -11.14 -54.62
CA TYR B 95 2.79 -10.44 -53.54
C TYR B 95 2.31 -10.93 -52.18
N CYS B 96 3.24 -11.03 -51.25
CA CYS B 96 2.97 -11.35 -49.85
C CYS B 96 3.01 -10.02 -49.09
N ALA B 97 1.99 -9.76 -48.27
CA ALA B 97 1.93 -8.50 -47.53
C ALA B 97 1.36 -8.70 -46.13
N ARG B 98 1.78 -7.83 -45.22
CA ARG B 98 1.34 -7.79 -43.84
C ARG B 98 0.90 -6.39 -43.46
N GLY B 99 0.00 -6.29 -42.48
CA GLY B 99 -0.37 -4.99 -41.97
C GLY B 99 0.65 -4.47 -40.99
N ARG B 100 0.60 -3.15 -40.72
CA ARG B 100 1.49 -2.57 -39.73
C ARG B 100 1.15 -3.04 -38.31
N PHE B 101 -0.14 -3.21 -38.01
CA PHE B 101 -0.59 -3.64 -36.69
C PHE B 101 -1.48 -4.88 -36.82
N ALA B 102 -1.49 -5.68 -35.76
CA ALA B 102 -2.41 -6.81 -35.69
C ALA B 102 -3.85 -6.33 -35.54
N ASP B 103 -4.07 -5.18 -34.92
CA ASP B 103 -5.43 -4.69 -34.71
C ASP B 103 -6.06 -4.20 -36.01
N SER B 104 -5.25 -3.65 -36.91
CA SER B 104 -5.71 -3.14 -38.21
C SER B 104 -4.76 -3.72 -39.25
N VAL B 105 -5.24 -4.73 -39.99
CA VAL B 105 -4.36 -5.54 -40.84
C VAL B 105 -4.43 -5.15 -42.31
N TRP B 106 -5.23 -4.16 -42.67
CA TRP B 106 -5.34 -3.73 -44.06
C TRP B 106 -4.30 -2.71 -44.46
N ASN B 107 -3.55 -2.15 -43.51
CA ASN B 107 -2.54 -1.14 -43.80
C ASN B 107 -1.26 -1.86 -44.21
N LEU B 108 -1.23 -2.32 -45.46
CA LEU B 108 -0.19 -3.23 -45.93
C LEU B 108 1.11 -2.45 -46.09
N LEU B 109 1.78 -2.24 -44.95
CA LEU B 109 3.04 -1.52 -44.94
C LEU B 109 4.21 -2.36 -45.41
N PHE B 110 4.21 -3.66 -45.11
CA PHE B 110 5.33 -4.55 -45.36
C PHE B 110 4.98 -5.48 -46.51
N TRP B 111 5.77 -5.43 -47.58
CA TRP B 111 5.57 -6.24 -48.77
C TRP B 111 6.87 -6.97 -49.10
N GLY B 112 6.74 -8.18 -49.64
CA GLY B 112 7.87 -8.92 -50.16
C GLY B 112 8.09 -8.63 -51.64
N GLN B 113 9.02 -9.38 -52.22
CA GLN B 113 9.29 -9.27 -53.65
C GLN B 113 8.22 -10.05 -54.41
N GLY B 114 7.87 -9.57 -55.60
CA GLY B 114 6.85 -10.25 -56.37
C GLY B 114 7.36 -11.54 -56.97
N THR B 115 6.48 -12.54 -56.99
CA THR B 115 6.73 -13.82 -57.62
C THR B 115 6.00 -13.84 -58.96
N LEU B 116 6.74 -13.94 -60.06
CA LEU B 116 6.14 -13.93 -61.39
C LEU B 116 5.72 -15.35 -61.75
N VAL B 117 4.42 -15.53 -62.03
CA VAL B 117 3.88 -16.80 -62.48
C VAL B 117 3.37 -16.57 -63.89
N THR B 118 3.89 -17.32 -64.85
CA THR B 118 3.48 -17.25 -66.24
C THR B 118 2.76 -18.54 -66.59
N VAL B 119 1.58 -18.42 -67.20
CA VAL B 119 0.79 -19.55 -67.65
C VAL B 119 0.64 -19.43 -69.16
N SER B 120 1.13 -20.44 -69.88
CA SER B 120 1.10 -20.42 -71.33
C SER B 120 1.24 -21.86 -71.82
N SER B 121 0.93 -22.06 -73.09
CA SER B 121 1.08 -23.36 -73.73
C SER B 121 2.50 -23.55 -74.24
N ASP C 1 -20.01 -6.51 -51.98
CA ASP C 1 -19.22 -5.84 -53.04
C ASP C 1 -19.17 -4.33 -52.79
N ILE C 2 -17.96 -3.80 -52.67
CA ILE C 2 -17.72 -2.38 -52.45
C ILE C 2 -16.81 -1.92 -53.58
N GLN C 3 -17.41 -1.52 -54.70
CA GLN C 3 -16.63 -1.14 -55.86
C GLN C 3 -15.91 0.18 -55.59
N MET C 4 -14.61 0.22 -55.87
CA MET C 4 -13.82 1.44 -55.79
C MET C 4 -13.80 2.10 -57.17
N THR C 5 -14.17 3.37 -57.23
CA THR C 5 -14.09 4.16 -58.45
C THR C 5 -12.99 5.20 -58.24
N GLN C 6 -11.96 5.13 -59.07
CA GLN C 6 -10.78 5.98 -58.96
C GLN C 6 -10.64 6.78 -60.25
N SER C 7 -10.34 8.07 -60.11
CA SER C 7 -10.19 8.94 -61.27
C SER C 7 -9.19 10.04 -60.93
N PRO C 8 -8.51 10.62 -61.95
CA PRO C 8 -8.53 10.30 -63.37
C PRO C 8 -7.76 9.02 -63.64
N SER C 9 -7.94 8.35 -64.78
CA SER C 9 -7.14 7.17 -65.08
C SER C 9 -5.72 7.53 -65.51
N SER C 10 -5.50 8.74 -66.01
CA SER C 10 -4.19 9.19 -66.46
C SER C 10 -4.09 10.69 -66.17
N LEU C 11 -3.06 11.08 -65.42
CA LEU C 11 -2.89 12.47 -65.00
C LEU C 11 -1.57 12.98 -65.58
N SER C 12 -1.67 14.03 -66.40
CA SER C 12 -0.51 14.66 -67.04
C SER C 12 -0.11 15.87 -66.21
N ALA C 13 1.11 15.87 -65.70
CA ALA C 13 1.59 16.98 -64.88
C ALA C 13 3.11 17.06 -64.97
N SER C 14 3.61 18.27 -64.75
CA SER C 14 5.04 18.56 -64.73
C SER C 14 5.52 18.68 -63.28
N VAL C 15 6.78 19.05 -63.12
CA VAL C 15 7.36 19.18 -61.78
C VAL C 15 6.86 20.48 -61.15
N GLY C 16 6.34 20.37 -59.93
CA GLY C 16 5.83 21.50 -59.17
C GLY C 16 4.33 21.75 -59.25
N ASP C 17 3.62 21.13 -60.20
CA ASP C 17 2.18 21.31 -60.25
C ASP C 17 1.51 20.51 -59.13
N ARG C 18 0.33 20.98 -58.72
CA ARG C 18 -0.44 20.29 -57.69
C ARG C 18 -1.24 19.15 -58.33
N VAL C 19 -1.11 17.95 -57.76
CA VAL C 19 -1.74 16.74 -58.26
C VAL C 19 -2.90 16.41 -57.34
N THR C 20 -4.10 16.22 -57.92
CA THR C 20 -5.28 15.82 -57.17
C THR C 20 -5.83 14.51 -57.75
N ILE C 21 -6.00 13.51 -56.89
CA ILE C 21 -6.54 12.21 -57.27
C ILE C 21 -7.73 11.92 -56.36
N THR C 22 -8.81 11.40 -56.93
CA THR C 22 -10.04 11.10 -56.21
C THR C 22 -10.32 9.61 -56.23
N CYS C 23 -11.07 9.17 -55.22
CA CYS C 23 -11.49 7.77 -55.05
C CYS C 23 -12.88 7.80 -54.46
N GLN C 24 -13.84 7.15 -55.13
CA GLN C 24 -15.25 7.18 -54.72
C GLN C 24 -15.68 5.76 -54.39
N ALA C 25 -15.77 5.47 -53.08
CA ALA C 25 -16.26 4.17 -52.64
C ALA C 25 -17.76 4.04 -52.88
N SER C 26 -18.21 2.80 -53.06
CA SER C 26 -19.64 2.55 -53.18
C SER C 26 -20.33 2.62 -51.82
N GLN C 27 -19.66 2.13 -50.77
CA GLN C 27 -20.16 2.17 -49.41
C GLN C 27 -19.00 2.59 -48.51
N GLY C 28 -19.29 3.46 -47.55
CA GLY C 28 -18.26 3.99 -46.66
C GLY C 28 -18.56 3.79 -45.19
N ILE C 29 -19.22 4.79 -44.59
CA ILE C 29 -19.57 4.80 -43.17
C ILE C 29 -18.35 4.55 -42.28
N SER C 30 -17.16 4.85 -42.78
CA SER C 30 -15.94 4.65 -42.02
C SER C 30 -14.78 5.30 -42.77
N ASN C 31 -13.92 6.01 -42.04
CA ASN C 31 -12.74 6.65 -42.62
C ASN C 31 -11.57 5.67 -42.63
N TYR C 32 -11.68 4.64 -43.50
CA TYR C 32 -10.68 3.58 -43.62
C TYR C 32 -10.30 3.42 -45.09
N LEU C 33 -9.52 4.37 -45.62
CA LEU C 33 -8.99 4.31 -46.97
C LEU C 33 -7.47 4.46 -46.93
N ASN C 34 -6.79 3.67 -47.75
CA ASN C 34 -5.33 3.67 -47.84
C ASN C 34 -4.90 4.02 -49.26
N TRP C 35 -3.72 4.63 -49.36
CA TRP C 35 -3.17 5.07 -50.63
C TRP C 35 -1.79 4.43 -50.83
N TYR C 36 -1.59 3.81 -52.00
CA TYR C 36 -0.38 3.04 -52.29
C TYR C 36 0.34 3.60 -53.51
N GLN C 37 1.58 4.03 -53.31
CA GLN C 37 2.47 4.44 -54.40
C GLN C 37 3.21 3.22 -54.91
N GLN C 38 2.91 2.80 -56.13
CA GLN C 38 3.55 1.64 -56.75
C GLN C 38 4.48 2.12 -57.85
N LYS C 39 5.78 1.93 -57.65
CA LYS C 39 6.78 2.20 -58.67
C LYS C 39 6.90 0.98 -59.59
N PRO C 40 7.14 1.16 -60.89
CA PRO C 40 7.31 -0.01 -61.77
C PRO C 40 8.43 -0.92 -61.27
N GLY C 41 8.14 -2.22 -61.23
CA GLY C 41 9.10 -3.21 -60.82
C GLY C 41 9.19 -3.44 -59.32
N LYS C 42 8.49 -2.65 -58.52
CA LYS C 42 8.52 -2.74 -57.06
C LYS C 42 7.12 -2.98 -56.51
N ALA C 43 7.07 -3.58 -55.33
CA ALA C 43 5.80 -3.78 -54.65
C ALA C 43 5.29 -2.44 -54.10
N PRO C 44 3.96 -2.19 -54.13
CA PRO C 44 3.43 -0.90 -53.68
C PRO C 44 3.94 -0.49 -52.30
N LYS C 45 3.96 0.83 -52.07
CA LYS C 45 4.37 1.41 -50.80
C LYS C 45 3.20 2.19 -50.21
N LEU C 46 2.90 1.93 -48.94
CA LEU C 46 1.84 2.63 -48.23
C LEU C 46 2.30 4.04 -47.83
N LEU C 47 1.48 5.03 -48.17
CA LEU C 47 1.74 6.43 -47.79
C LEU C 47 0.75 6.98 -46.78
N ILE C 48 -0.54 6.73 -46.97
CA ILE C 48 -1.58 7.31 -46.13
C ILE C 48 -2.28 6.16 -45.41
N TYR C 49 -1.74 5.75 -44.27
CA TYR C 49 -2.43 4.77 -43.43
C TYR C 49 -3.61 5.48 -42.80
N ASP C 50 -4.82 4.93 -42.99
CA ASP C 50 -6.09 5.52 -42.57
C ASP C 50 -6.42 6.62 -43.58
N ALA C 51 -7.60 7.22 -43.44
CA ALA C 51 -8.07 8.17 -44.46
C ALA C 51 -7.14 9.37 -44.61
N SER C 52 -6.62 9.89 -43.50
CA SER C 52 -5.81 11.11 -43.52
C SER C 52 -4.43 10.96 -42.92
N ASN C 53 -4.26 10.13 -41.88
CA ASN C 53 -2.99 9.99 -41.20
C ASN C 53 -1.89 9.57 -42.18
N LEU C 54 -0.69 10.11 -41.97
CA LEU C 54 0.44 9.91 -42.87
C LEU C 54 1.35 8.81 -42.32
N GLU C 55 2.09 8.18 -43.22
CA GLU C 55 2.96 7.06 -42.90
C GLU C 55 4.38 7.54 -42.69
N THR C 56 5.05 6.96 -41.68
CA THR C 56 6.46 7.26 -41.44
C THR C 56 7.28 6.94 -42.69
N GLY C 57 8.39 7.67 -42.86
CA GLY C 57 9.23 7.50 -44.03
C GLY C 57 8.74 8.14 -45.30
N VAL C 58 7.64 8.88 -45.25
CA VAL C 58 7.07 9.57 -46.41
C VAL C 58 7.18 11.07 -46.16
N PRO C 59 7.72 11.86 -47.10
CA PRO C 59 7.84 13.31 -46.84
C PRO C 59 6.47 13.98 -46.76
N SER C 60 6.46 15.13 -46.10
CA SER C 60 5.24 15.90 -45.86
C SER C 60 4.56 16.40 -47.14
N ARG C 61 5.19 16.28 -48.31
CA ARG C 61 4.55 16.74 -49.53
C ARG C 61 3.31 15.94 -49.88
N PHE C 62 3.16 14.74 -49.32
CA PHE C 62 2.00 13.89 -49.58
C PHE C 62 0.94 14.15 -48.51
N SER C 63 -0.32 14.20 -48.92
CA SER C 63 -1.41 14.43 -47.98
C SER C 63 -2.72 13.96 -48.62
N GLY C 64 -3.76 13.96 -47.81
CA GLY C 64 -5.09 13.66 -48.30
C GLY C 64 -6.09 13.77 -47.15
N SER C 65 -7.36 13.74 -47.52
CA SER C 65 -8.44 13.84 -46.54
C SER C 65 -9.73 13.38 -47.19
N GLY C 66 -10.75 13.20 -46.37
CA GLY C 66 -12.07 12.85 -46.85
C GLY C 66 -12.81 12.03 -45.81
N SER C 67 -14.02 11.62 -46.19
CA SER C 67 -14.87 10.84 -45.30
C SER C 67 -15.92 10.12 -46.12
N GLY C 68 -16.52 9.11 -45.51
CA GLY C 68 -17.66 8.43 -46.10
C GLY C 68 -17.29 7.75 -47.40
N THR C 69 -17.95 8.17 -48.48
CA THR C 69 -17.75 7.60 -49.81
C THR C 69 -16.96 8.50 -50.75
N ASP C 70 -16.32 9.56 -50.24
CA ASP C 70 -15.59 10.51 -51.07
C ASP C 70 -14.29 10.89 -50.38
N PHE C 71 -13.17 10.46 -50.96
CA PHE C 71 -11.84 10.73 -50.43
C PHE C 71 -11.00 11.42 -51.49
N THR C 72 -10.08 12.27 -51.03
CA THR C 72 -9.17 13.00 -51.90
C THR C 72 -7.73 12.84 -51.45
N PHE C 73 -6.85 12.55 -52.40
CA PHE C 73 -5.41 12.49 -52.19
C PHE C 73 -4.77 13.61 -53.01
N THR C 74 -3.81 14.31 -52.41
CA THR C 74 -3.11 15.38 -53.11
C THR C 74 -1.61 15.29 -52.87
N ILE C 75 -0.87 15.87 -53.79
CA ILE C 75 0.57 16.08 -53.69
C ILE C 75 0.82 17.57 -53.84
N SER C 76 1.47 18.17 -52.84
CA SER C 76 1.74 19.61 -52.84
C SER C 76 2.99 19.91 -53.65
N GLY C 77 2.88 19.65 -54.95
CA GLY C 77 3.98 19.84 -55.89
C GLY C 77 4.67 18.56 -56.31
N LEU C 78 4.38 18.11 -57.54
CA LEU C 78 4.96 16.88 -58.04
C LEU C 78 6.47 17.02 -58.18
N GLN C 79 7.20 16.02 -57.69
CA GLN C 79 8.65 15.94 -57.79
C GLN C 79 9.03 14.90 -58.85
N PRO C 80 10.26 14.96 -59.39
CA PRO C 80 10.68 13.91 -60.33
C PRO C 80 10.62 12.51 -59.73
N GLU C 81 10.79 12.38 -58.42
CA GLU C 81 10.78 11.08 -57.75
C GLU C 81 9.37 10.56 -57.50
N ASP C 82 8.33 11.35 -57.80
CA ASP C 82 6.95 11.00 -57.47
C ASP C 82 6.22 10.38 -58.65
N ILE C 83 6.94 9.92 -59.68
CA ILE C 83 6.31 9.31 -60.85
C ILE C 83 6.00 7.86 -60.49
N ALA C 84 4.71 7.53 -60.41
CA ALA C 84 4.26 6.23 -59.92
C ALA C 84 2.78 6.09 -60.26
N THR C 85 2.27 4.87 -60.12
CA THR C 85 0.84 4.63 -60.18
C THR C 85 0.31 4.64 -58.75
N TYR C 86 -0.68 5.48 -58.49
CA TYR C 86 -1.29 5.63 -57.17
C TYR C 86 -2.62 4.90 -57.13
N TYR C 87 -2.81 4.07 -56.11
CA TYR C 87 -4.02 3.27 -55.93
C TYR C 87 -4.67 3.63 -54.61
N CYS C 88 -6.00 3.56 -54.59
CA CYS C 88 -6.78 3.65 -53.36
C CYS C 88 -7.27 2.26 -52.98
N GLN C 89 -7.38 2.02 -51.67
CA GLN C 89 -7.83 0.75 -51.13
C GLN C 89 -8.73 0.95 -49.93
N LYS C 90 -9.84 0.22 -49.90
CA LYS C 90 -10.71 0.13 -48.73
C LYS C 90 -10.89 -1.36 -48.44
N TYR C 91 -10.38 -1.80 -47.29
CA TYR C 91 -10.41 -3.21 -46.89
C TYR C 91 -9.79 -4.03 -48.02
N GLU C 92 -10.45 -5.08 -48.53
CA GLU C 92 -9.87 -5.89 -49.60
C GLU C 92 -10.06 -5.29 -50.98
N PHE C 93 -10.78 -4.17 -51.10
CA PHE C 93 -11.13 -3.63 -52.40
C PHE C 93 -10.12 -2.59 -52.86
N PHE C 94 -9.50 -2.84 -54.01
CA PHE C 94 -8.53 -1.96 -54.62
C PHE C 94 -9.16 -1.20 -55.79
N GLY C 95 -8.67 0.02 -56.01
CA GLY C 95 -9.10 0.82 -57.13
C GLY C 95 -8.35 0.47 -58.41
N GLY C 96 -8.68 1.19 -59.47
CA GLY C 96 -8.07 0.96 -60.76
C GLY C 96 -6.67 1.52 -60.90
N GLY C 97 -6.34 2.54 -60.11
CA GLY C 97 -5.04 3.17 -60.16
C GLY C 97 -5.01 4.39 -61.07
N THR C 98 -4.22 5.39 -60.65
CA THR C 98 -3.98 6.61 -61.41
C THR C 98 -2.49 6.68 -61.70
N LYS C 99 -2.13 6.78 -62.98
CA LYS C 99 -0.74 6.89 -63.38
C LYS C 99 -0.31 8.35 -63.31
N VAL C 100 0.68 8.64 -62.47
CA VAL C 100 1.21 9.98 -62.30
C VAL C 100 2.64 10.00 -62.83
N ALA D 1 -9.62 58.89 24.42
CA ALA D 1 -8.29 58.69 23.76
C ALA D 1 -7.20 58.65 24.84
N LEU D 2 -6.06 59.31 24.64
CA LEU D 2 -4.98 59.37 25.61
C LEU D 2 -4.85 60.79 26.13
N THR D 3 -4.77 60.95 27.45
CA THR D 3 -4.58 62.27 28.04
C THR D 3 -3.09 62.61 28.01
N GLN D 4 -2.78 63.85 27.61
CA GLN D 4 -1.41 64.36 27.59
C GLN D 4 -1.39 65.83 28.00
N PRO D 5 -0.68 66.25 29.07
CA PRO D 5 -0.66 67.68 29.50
C PRO D 5 -0.56 68.66 28.33
N PRO D 6 -1.44 69.68 28.25
CA PRO D 6 -1.39 70.57 27.08
C PRO D 6 -0.06 71.26 26.85
N SER D 7 0.66 71.67 27.89
CA SER D 7 1.96 72.28 27.68
C SER D 7 2.84 72.13 28.92
N VAL D 8 4.15 72.09 28.68
CA VAL D 8 5.17 72.05 29.73
C VAL D 8 6.30 72.96 29.28
N SER D 9 7.00 73.54 30.25
CA SER D 9 8.06 74.48 29.96
C SER D 9 9.22 74.30 30.94
N GLY D 10 10.36 74.88 30.58
CA GLY D 10 11.51 74.90 31.45
C GLY D 10 12.62 75.69 30.78
N SER D 11 13.66 75.98 31.56
CA SER D 11 14.78 76.75 31.06
C SER D 11 15.78 75.87 30.31
N PRO D 12 16.61 76.45 29.44
CA PRO D 12 17.68 75.67 28.81
C PRO D 12 18.58 75.03 29.85
N GLY D 13 18.93 73.77 29.60
CA GLY D 13 19.78 73.00 30.49
C GLY D 13 19.05 72.18 31.53
N GLN D 14 17.76 72.44 31.74
CA GLN D 14 16.95 71.69 32.70
C GLN D 14 16.31 70.49 32.01
N SER D 15 15.89 69.53 32.83
CA SER D 15 15.15 68.39 32.33
C SER D 15 13.65 68.68 32.39
N VAL D 16 12.91 68.05 31.48
CA VAL D 16 11.45 68.15 31.45
C VAL D 16 10.91 66.76 31.14
N THR D 17 9.75 66.46 31.74
CA THR D 17 9.03 65.22 31.49
C THR D 17 7.68 65.54 30.88
N ILE D 18 7.33 64.79 29.84
CA ILE D 18 6.04 64.90 29.16
C ILE D 18 5.34 63.57 29.40
N SER D 19 4.32 63.58 30.23
CA SER D 19 3.61 62.35 30.57
C SER D 19 2.53 62.04 29.55
N CYS D 20 2.11 60.78 29.54
CA CYS D 20 0.99 60.32 28.72
C CYS D 20 0.30 59.23 29.51
N THR D 21 -1.00 59.39 29.75
CA THR D 21 -1.78 58.46 30.57
C THR D 21 -2.88 57.84 29.72
N GLY D 22 -2.96 56.51 29.76
CA GLY D 22 -3.97 55.75 29.05
C GLY D 22 -4.69 54.84 30.02
N THR D 23 -5.37 53.81 29.52
CA THR D 23 -6.06 52.83 30.35
C THR D 23 -5.31 51.51 30.29
N SER D 24 -5.86 50.51 30.97
CA SER D 24 -5.19 49.21 31.05
C SER D 24 -5.11 48.53 29.70
N SER D 25 -6.07 48.78 28.82
CA SER D 25 -6.08 48.16 27.50
C SER D 25 -5.14 48.83 26.50
N ASP D 26 -4.59 50.00 26.80
CA ASP D 26 -3.86 50.80 25.82
C ASP D 26 -2.36 50.86 26.10
N ILE D 27 -1.97 51.36 27.27
CA ILE D 27 -0.57 51.48 27.64
C ILE D 27 -0.16 50.39 28.62
N GLY D 28 -1.03 50.07 29.57
CA GLY D 28 -0.72 49.05 30.55
C GLY D 28 -0.48 47.69 29.92
N SER D 29 -1.45 47.22 29.13
CA SER D 29 -1.34 45.89 28.54
C SER D 29 -0.28 45.79 27.46
N TYR D 30 -0.03 46.88 26.73
CA TYR D 30 0.88 46.86 25.58
C TYR D 30 2.02 47.84 25.82
N ASN D 31 3.25 47.32 25.76
CA ASN D 31 4.47 48.13 25.87
C ASN D 31 4.93 48.60 24.50
N TYR D 32 4.02 49.22 23.75
CA TYR D 32 4.26 49.67 22.37
C TYR D 32 4.06 51.17 22.23
N VAL D 33 4.27 51.93 23.31
CA VAL D 33 4.12 53.37 23.23
C VAL D 33 5.21 53.96 22.35
N SER D 34 4.92 55.14 21.81
CA SER D 34 5.89 55.86 20.98
C SER D 34 5.63 57.36 21.13
N TRP D 35 6.65 58.15 20.80
CA TRP D 35 6.59 59.60 20.86
C TRP D 35 7.09 60.23 19.56
N TYR D 36 6.42 61.30 19.15
CA TYR D 36 6.77 62.03 17.93
C TYR D 36 6.98 63.49 18.27
N GLN D 37 7.91 64.11 17.55
CA GLN D 37 8.21 65.54 17.69
C GLN D 37 7.81 66.21 16.38
N GLN D 38 6.88 67.16 16.46
CA GLN D 38 6.39 67.89 15.29
C GLN D 38 6.68 69.38 15.46
N HIS D 39 7.67 69.87 14.72
CA HIS D 39 7.89 71.30 14.67
C HIS D 39 6.79 71.89 13.79
N PRO D 40 6.42 73.17 13.99
CA PRO D 40 5.36 73.74 13.14
C PRO D 40 5.68 73.57 11.67
N GLY D 41 4.71 73.10 10.91
CA GLY D 41 4.95 72.78 9.52
C GLY D 41 5.64 71.43 9.42
N LYS D 42 6.21 71.17 8.24
CA LYS D 42 6.95 69.95 7.91
C LYS D 42 6.10 68.73 8.29
N ALA D 43 6.60 67.76 9.07
CA ALA D 43 5.85 66.57 9.41
C ALA D 43 6.40 66.01 10.72
N PRO D 44 5.59 65.25 11.48
CA PRO D 44 6.11 64.63 12.70
C PRO D 44 7.27 63.68 12.41
N LYS D 45 8.27 63.72 13.29
CA LYS D 45 9.41 62.81 13.25
C LYS D 45 9.33 61.86 14.43
N LEU D 46 9.71 60.59 14.22
CA LEU D 46 9.74 59.63 15.30
C LEU D 46 10.93 59.92 16.21
N MET D 47 10.66 60.03 17.51
CA MET D 47 11.68 60.24 18.53
C MET D 47 11.91 59.01 19.40
N ILE D 48 10.84 58.39 19.85
CA ILE D 48 10.90 57.21 20.72
C ILE D 48 9.88 56.20 20.19
N TYR D 49 10.27 54.94 20.19
CA TYR D 49 9.35 53.84 19.91
C TYR D 49 9.60 52.79 20.98
N ASP D 50 8.59 51.96 21.25
CA ASP D 50 8.66 51.02 22.37
C ASP D 50 8.76 51.85 23.65
N VAL D 51 8.91 51.21 24.80
CA VAL D 51 9.00 51.99 26.04
C VAL D 51 10.34 52.73 26.12
N THR D 52 11.45 52.03 25.83
CA THR D 52 12.79 52.59 26.01
C THR D 52 13.66 52.72 24.76
N GLN D 53 13.14 52.42 23.57
CA GLN D 53 13.96 52.41 22.36
C GLN D 53 13.80 53.72 21.59
N ARG D 54 14.85 54.07 20.84
CA ARG D 54 14.85 55.22 19.95
C ARG D 54 15.35 54.80 18.58
N PRO D 55 14.88 55.41 17.50
CA PRO D 55 15.37 55.05 16.16
C PRO D 55 16.76 55.62 15.91
N SER D 56 17.44 55.01 14.93
CA SER D 56 18.72 55.51 14.49
C SER D 56 18.56 56.93 13.95
N GLY D 57 19.52 57.80 14.29
CA GLY D 57 19.48 59.19 13.91
C GLY D 57 19.05 60.13 15.02
N VAL D 58 18.47 59.60 16.09
CA VAL D 58 18.04 60.37 17.25
C VAL D 58 19.10 60.17 18.33
N SER D 59 19.57 61.27 18.90
CA SER D 59 20.61 61.21 19.91
C SER D 59 20.04 60.72 21.24
N ASP D 60 20.93 60.42 22.18
CA ASP D 60 20.52 59.90 23.47
C ASP D 60 19.97 60.97 24.41
N ARG D 61 19.85 62.22 23.93
CA ARG D 61 19.20 63.25 24.73
C ARG D 61 17.73 62.91 24.97
N PHE D 62 17.11 62.15 24.07
CA PHE D 62 15.69 61.80 24.16
C PHE D 62 15.55 60.38 24.68
N SER D 63 14.76 60.22 25.74
CA SER D 63 14.51 58.92 26.35
C SER D 63 13.09 58.89 26.86
N GLY D 64 12.69 57.75 27.42
CA GLY D 64 11.35 57.63 27.96
C GLY D 64 11.23 56.35 28.75
N SER D 65 10.06 56.17 29.36
CA SER D 65 9.81 55.03 30.23
C SER D 65 8.31 54.81 30.34
N LYS D 66 7.95 53.71 30.97
CA LYS D 66 6.56 53.35 31.23
C LYS D 66 6.44 52.75 32.62
N SER D 67 5.42 53.19 33.36
CA SER D 67 5.12 52.64 34.67
C SER D 67 3.62 52.60 34.84
N GLY D 68 3.09 51.42 35.17
CA GLY D 68 1.65 51.28 35.29
C GLY D 68 0.99 51.58 33.96
N ASN D 69 0.05 52.52 33.97
CA ASN D 69 -0.66 52.95 32.78
C ASN D 69 -0.20 54.33 32.30
N THR D 70 0.93 54.82 32.80
CA THR D 70 1.46 56.13 32.45
C THR D 70 2.80 55.99 31.72
N ALA D 71 2.90 56.63 30.56
CA ALA D 71 4.14 56.70 29.79
C ALA D 71 4.71 58.11 29.94
N SER D 72 6.03 58.24 29.87
CA SER D 72 6.66 59.54 29.99
C SER D 72 7.91 59.64 29.14
N LEU D 73 8.06 60.76 28.46
CA LEU D 73 9.25 61.11 27.68
C LEU D 73 10.02 62.18 28.44
N THR D 74 11.32 61.97 28.60
CA THR D 74 12.20 62.89 29.32
C THR D 74 13.24 63.44 28.35
N ILE D 75 13.36 64.76 28.31
CA ILE D 75 14.38 65.45 27.53
C ILE D 75 15.29 66.18 28.51
N SER D 76 16.57 65.80 28.52
CA SER D 76 17.57 66.44 29.38
C SER D 76 18.35 67.48 28.59
N GLY D 77 18.72 68.56 29.28
CA GLY D 77 19.60 69.54 28.68
C GLY D 77 19.00 70.26 27.50
N LEU D 78 17.75 70.70 27.65
CA LEU D 78 16.94 71.29 26.57
C LEU D 78 17.67 72.35 25.76
N GLN D 79 17.54 72.27 24.44
CA GLN D 79 18.09 73.23 23.49
C GLN D 79 16.96 74.09 22.93
N ALA D 80 17.34 75.24 22.39
CA ALA D 80 16.37 76.11 21.74
C ALA D 80 15.65 75.43 20.58
N ASP D 81 16.32 74.48 19.91
CA ASP D 81 15.77 73.84 18.74
C ASP D 81 14.73 72.76 19.06
N ASP D 82 14.40 72.54 20.32
CA ASP D 82 13.41 71.55 20.72
C ASP D 82 12.00 72.11 20.83
N GLU D 83 11.77 73.36 20.43
CA GLU D 83 10.45 73.95 20.55
C GLU D 83 9.53 73.33 19.51
N ALA D 84 8.79 72.30 19.91
CA ALA D 84 7.95 71.53 19.00
C ALA D 84 6.78 70.96 19.78
N ASP D 85 5.76 70.53 19.03
CA ASP D 85 4.61 69.85 19.60
C ASP D 85 4.89 68.35 19.68
N TYR D 86 4.87 67.81 20.88
CA TYR D 86 5.12 66.39 21.11
C TYR D 86 3.80 65.65 21.27
N TYR D 87 3.74 64.46 20.66
CA TYR D 87 2.55 63.61 20.72
C TYR D 87 2.95 62.22 21.19
N CYS D 88 2.11 61.63 22.02
CA CYS D 88 2.23 60.22 22.39
C CYS D 88 1.24 59.40 21.60
N SER D 89 1.57 58.14 21.39
CA SER D 89 0.66 57.18 20.78
C SER D 89 0.92 55.82 21.42
N ALA D 90 -0.05 54.94 21.29
CA ALA D 90 0.09 53.59 21.79
C ALA D 90 -0.78 52.66 20.96
N TYR D 91 -0.39 51.39 20.94
CA TYR D 91 -1.16 50.36 20.27
C TYR D 91 -2.26 49.92 21.22
N ALA D 92 -3.52 50.17 20.85
CA ALA D 92 -4.64 49.78 21.71
C ALA D 92 -4.95 48.30 21.55
N GLY D 93 -5.12 47.84 20.32
CA GLY D 93 -5.38 46.45 20.07
C GLY D 93 -5.63 46.23 18.60
N ARG D 94 -5.99 44.99 18.25
CA ARG D 94 -6.35 44.71 16.86
C ARG D 94 -7.65 45.37 16.44
N GLN D 95 -8.40 45.97 17.37
CA GLN D 95 -9.69 46.58 17.10
C GLN D 95 -9.56 48.11 16.96
N THR D 96 -9.14 48.79 18.02
CA THR D 96 -9.04 50.25 18.00
C THR D 96 -7.73 50.74 17.36
N PHE D 97 -6.71 49.89 17.31
CA PHE D 97 -5.39 50.20 16.72
C PHE D 97 -4.78 51.43 17.40
N TYR D 98 -4.04 52.27 16.67
CA TYR D 98 -3.28 53.37 17.25
C TYR D 98 -4.16 54.51 17.72
N ILE D 99 -3.98 54.90 18.98
CA ILE D 99 -4.68 56.03 19.58
C ILE D 99 -3.63 57.05 20.03
N PHE D 100 -3.64 58.24 19.41
CA PHE D 100 -2.68 59.27 19.73
C PHE D 100 -3.17 60.05 20.96
N GLY D 101 -2.53 61.20 21.22
CA GLY D 101 -2.91 62.08 22.31
C GLY D 101 -2.79 63.53 21.89
N GLY D 102 -3.19 64.42 22.78
CA GLY D 102 -3.04 65.83 22.52
C GLY D 102 -1.58 66.23 22.46
N GLY D 103 -1.35 67.47 22.04
CA GLY D 103 -0.01 67.98 21.80
C GLY D 103 0.50 68.76 22.99
N THR D 104 1.77 68.53 23.32
CA THR D 104 2.46 69.22 24.42
C THR D 104 3.37 70.30 23.84
N ARG D 105 2.81 71.48 23.60
CA ARG D 105 3.62 72.62 23.18
C ARG D 105 4.73 72.85 24.20
N LEU D 106 5.97 72.51 23.83
CA LEU D 106 7.12 72.76 24.69
C LEU D 106 7.73 74.10 24.31
N THR D 107 7.69 75.05 25.25
CA THR D 107 8.26 76.39 25.07
C THR D 107 9.40 76.56 26.08
N VAL D 108 10.62 76.32 25.62
CA VAL D 108 11.78 76.52 26.49
C VAL D 108 11.86 77.97 26.93
N LEU D 109 12.24 78.18 28.18
CA LEU D 109 12.29 79.52 28.76
C LEU D 109 13.66 80.15 28.55
N GLU E 1 -17.81 17.60 55.84
CA GLU E 1 -17.61 19.05 56.15
C GLU E 1 -16.37 19.55 55.43
N VAL E 2 -16.59 20.23 54.30
CA VAL E 2 -15.49 20.85 53.56
C VAL E 2 -15.18 22.21 54.18
N GLN E 3 -13.94 22.65 54.03
CA GLN E 3 -13.45 23.87 54.67
C GLN E 3 -12.73 24.71 53.62
N LEU E 4 -13.26 25.89 53.36
CA LEU E 4 -12.63 26.90 52.50
C LEU E 4 -12.23 28.08 53.38
N VAL E 5 -10.93 28.34 53.49
CA VAL E 5 -10.39 29.38 54.37
C VAL E 5 -9.64 30.40 53.52
N GLU E 6 -10.21 31.60 53.39
CA GLU E 6 -9.63 32.67 52.59
C GLU E 6 -8.64 33.45 53.46
N THR E 7 -7.36 33.34 53.14
CA THR E 7 -6.28 34.00 53.89
C THR E 7 -5.79 35.18 53.05
N GLY E 8 -6.22 36.38 53.43
CA GLY E 8 -5.80 37.58 52.73
C GLY E 8 -6.70 38.74 53.13
N GLY E 9 -6.55 39.84 52.38
CA GLY E 9 -7.40 41.00 52.55
C GLY E 9 -6.79 42.04 53.46
N GLY E 10 -7.46 43.20 53.51
CA GLY E 10 -7.01 44.34 54.29
C GLY E 10 -7.41 45.67 53.69
N LEU E 11 -6.46 46.62 53.62
CA LEU E 11 -6.75 47.96 53.16
C LEU E 11 -5.79 48.32 52.02
N VAL E 12 -6.34 48.97 50.99
CA VAL E 12 -5.57 49.46 49.85
C VAL E 12 -6.07 50.87 49.55
N GLN E 13 -5.27 51.62 48.79
CA GLN E 13 -5.54 52.97 48.33
C GLN E 13 -5.80 52.93 46.82
N PRO E 14 -6.84 53.67 46.29
CA PRO E 14 -7.16 53.61 44.85
C PRO E 14 -5.97 53.65 43.91
N GLY E 15 -5.79 52.56 43.16
CA GLY E 15 -4.66 52.37 42.27
C GLY E 15 -3.73 51.25 42.68
N GLY E 16 -3.95 50.62 43.84
CA GLY E 16 -3.06 49.59 44.34
C GLY E 16 -3.48 48.21 43.87
N SER E 17 -2.70 47.21 44.30
CA SER E 17 -2.96 45.81 44.01
C SER E 17 -3.06 45.02 45.30
N LEU E 18 -3.81 43.92 45.24
CA LEU E 18 -4.01 43.03 46.38
C LEU E 18 -4.28 41.63 45.88
N LYS E 19 -3.68 40.64 46.54
CA LYS E 19 -3.89 39.24 46.23
C LYS E 19 -4.66 38.59 47.36
N LEU E 20 -5.63 37.76 46.98
CA LEU E 20 -6.39 36.91 47.90
C LEU E 20 -6.02 35.47 47.60
N SER E 21 -6.10 34.62 48.63
CA SER E 21 -5.88 33.19 48.44
C SER E 21 -6.87 32.41 49.30
N CYS E 22 -7.24 31.24 48.79
CA CYS E 22 -8.25 30.38 49.41
C CYS E 22 -7.74 28.95 49.39
N ARG E 23 -7.64 28.34 50.57
CA ARG E 23 -7.22 26.96 50.71
C ARG E 23 -8.44 26.07 50.95
N ALA E 24 -8.48 24.93 50.26
CA ALA E 24 -9.57 23.97 50.36
C ALA E 24 -9.11 22.70 51.04
N SER E 25 -10.02 22.08 51.79
CA SER E 25 -9.72 20.81 52.45
C SER E 25 -11.03 20.08 52.70
N GLY E 26 -10.96 18.75 52.67
CA GLY E 26 -12.08 17.88 52.96
C GLY E 26 -12.67 17.19 51.75
N TYR E 27 -12.19 17.49 50.55
CA TYR E 27 -12.74 16.92 49.32
C TYR E 27 -11.66 16.99 48.25
N THR E 28 -11.88 16.24 47.18
CA THR E 28 -10.96 16.29 46.05
C THR E 28 -10.96 17.69 45.44
N PHE E 29 -9.78 18.30 45.34
CA PHE E 29 -9.71 19.69 44.89
C PHE E 29 -9.83 19.79 43.37
N SER E 30 -9.02 19.04 42.63
CA SER E 30 -9.01 19.17 41.18
C SER E 30 -10.19 18.48 40.51
N SER E 31 -11.40 18.79 40.95
CA SER E 31 -12.61 18.28 40.33
C SER E 31 -13.75 19.29 40.38
N PHE E 32 -13.54 20.49 40.91
CA PHE E 32 -14.59 21.47 41.10
C PHE E 32 -14.16 22.81 40.53
N ALA E 33 -15.03 23.45 39.76
CA ALA E 33 -14.75 24.77 39.20
C ALA E 33 -15.04 25.83 40.26
N MET E 34 -13.99 26.49 40.76
CA MET E 34 -14.13 27.45 41.84
C MET E 34 -14.41 28.85 41.29
N SER E 35 -14.89 29.71 42.17
CA SER E 35 -15.27 31.07 41.81
C SER E 35 -15.05 32.00 43.00
N TRP E 36 -15.19 33.31 42.74
CA TRP E 36 -15.18 34.34 43.76
C TRP E 36 -16.44 35.19 43.62
N VAL E 37 -16.97 35.65 44.75
CA VAL E 37 -18.22 36.41 44.80
C VAL E 37 -18.06 37.52 45.83
N ARG E 38 -18.48 38.73 45.46
CA ARG E 38 -18.27 39.93 46.27
C ARG E 38 -19.59 40.36 46.90
N GLN E 39 -19.52 40.75 48.18
CA GLN E 39 -20.68 41.30 48.90
C GLN E 39 -20.28 42.65 49.50
N ALA E 40 -20.66 43.73 48.83
CA ALA E 40 -20.36 45.05 49.36
C ALA E 40 -21.21 45.28 50.63
N PRO E 41 -20.70 46.06 51.59
CA PRO E 41 -21.49 46.31 52.81
C PRO E 41 -22.87 46.88 52.50
N GLY E 42 -23.90 46.26 53.08
CA GLY E 42 -25.26 46.70 52.92
C GLY E 42 -25.93 46.27 51.62
N LYS E 43 -25.19 45.62 50.73
CA LYS E 43 -25.67 45.19 49.41
C LYS E 43 -25.70 43.67 49.33
N GLY E 44 -26.21 43.18 48.23
CA GLY E 44 -26.29 41.74 47.98
C GLY E 44 -25.03 41.18 47.34
N LEU E 45 -25.17 39.97 46.81
CA LEU E 45 -24.06 39.24 46.24
C LEU E 45 -23.91 39.56 44.75
N GLU E 46 -22.67 39.65 44.30
CA GLU E 46 -22.36 39.82 42.89
C GLU E 46 -21.22 38.89 42.51
N TRP E 47 -21.38 38.17 41.41
CA TRP E 47 -20.34 37.28 40.92
C TRP E 47 -19.21 38.09 40.29
N VAL E 48 -17.97 37.70 40.55
CA VAL E 48 -16.79 38.39 40.06
C VAL E 48 -16.05 37.59 38.99
N SER E 49 -15.68 36.35 39.31
CA SER E 49 -14.87 35.56 38.39
C SER E 49 -15.08 34.08 38.63
N LEU E 50 -14.83 33.30 37.58
CA LEU E 50 -14.96 31.85 37.60
C LEU E 50 -13.75 31.23 36.93
N ILE E 51 -13.25 30.14 37.51
CA ILE E 51 -12.14 29.36 36.97
C ILE E 51 -12.56 27.90 36.90
N ASN E 52 -12.14 27.20 35.84
CA ASN E 52 -12.52 25.82 35.64
C ASN E 52 -11.73 24.92 36.59
N ASP E 53 -12.05 23.62 36.60
CA ASP E 53 -11.42 22.70 37.53
C ASP E 53 -9.95 22.51 37.20
N ARG E 54 -9.59 22.58 35.93
CA ARG E 54 -8.22 22.41 35.47
C ARG E 54 -7.43 23.71 35.47
N GLY E 55 -8.09 24.86 35.60
CA GLY E 55 -7.41 26.14 35.62
C GLY E 55 -7.15 26.76 34.27
N GLY E 56 -7.45 26.06 33.18
CA GLY E 56 -7.15 26.59 31.86
C GLY E 56 -8.09 27.66 31.37
N LEU E 57 -9.33 27.68 31.87
CA LEU E 57 -10.36 28.62 31.44
C LEU E 57 -10.76 29.51 32.60
N THR E 58 -10.77 30.82 32.36
CA THR E 58 -11.18 31.80 33.34
C THR E 58 -12.25 32.69 32.72
N PHE E 59 -13.21 33.11 33.54
CA PHE E 59 -14.29 33.98 33.14
C PHE E 59 -14.44 35.07 34.19
N TYR E 60 -14.80 36.27 33.74
CA TYR E 60 -14.92 37.42 34.62
C TYR E 60 -16.21 38.17 34.33
N VAL E 61 -16.71 38.87 35.35
CA VAL E 61 -17.78 39.83 35.13
C VAL E 61 -17.20 41.02 34.40
N ASP E 62 -17.97 41.59 33.46
CA ASP E 62 -17.48 42.66 32.59
C ASP E 62 -16.84 43.81 33.37
N SER E 63 -17.38 44.12 34.55
CA SER E 63 -16.88 45.26 35.32
C SER E 63 -15.45 45.10 35.81
N VAL E 64 -14.88 43.89 35.81
CA VAL E 64 -13.52 43.65 36.27
C VAL E 64 -12.61 43.11 35.19
N LYS E 65 -13.07 43.02 33.94
CA LYS E 65 -12.24 42.45 32.88
C LYS E 65 -11.00 43.30 32.67
N GLY E 66 -9.85 42.64 32.58
CA GLY E 66 -8.58 43.29 32.38
C GLY E 66 -7.87 43.75 33.63
N ARG E 67 -8.51 43.64 34.80
CA ARG E 67 -7.93 44.05 36.07
C ARG E 67 -7.71 42.91 37.05
N PHE E 68 -8.57 41.89 37.04
CA PHE E 68 -8.49 40.77 37.97
C PHE E 68 -7.94 39.55 37.24
N THR E 69 -7.09 38.79 37.94
CA THR E 69 -6.58 37.52 37.46
C THR E 69 -6.90 36.45 38.50
N ILE E 70 -7.56 35.37 38.07
CA ILE E 70 -7.88 34.23 38.91
C ILE E 70 -7.01 33.06 38.49
N SER E 71 -6.44 32.38 39.48
CA SER E 71 -5.53 31.27 39.23
C SER E 71 -5.72 30.26 40.35
N ARG E 72 -5.41 29.01 40.07
CA ARG E 72 -5.49 27.94 41.05
C ARG E 72 -4.29 27.02 40.89
N ASP E 73 -3.94 26.35 41.99
CA ASP E 73 -2.84 25.40 42.03
C ASP E 73 -3.37 24.11 42.61
N ASN E 74 -3.49 23.08 41.77
CA ASN E 74 -4.11 21.82 42.19
C ASN E 74 -3.16 20.95 42.99
N SER E 75 -1.87 21.30 43.06
CA SER E 75 -0.92 20.55 43.86
C SER E 75 -0.88 21.03 45.29
N LYS E 76 -1.17 22.32 45.52
CA LYS E 76 -1.23 22.89 46.86
C LYS E 76 -2.65 22.98 47.40
N ASN E 77 -3.66 22.64 46.58
CA ASN E 77 -5.08 22.80 46.95
C ASN E 77 -5.40 24.24 47.31
N THR E 78 -4.91 25.18 46.51
CA THR E 78 -5.12 26.60 46.74
C THR E 78 -5.75 27.27 45.52
N LEU E 79 -6.56 28.28 45.79
CA LEU E 79 -7.14 29.19 44.80
C LEU E 79 -6.62 30.58 45.15
N SER E 80 -6.35 31.39 44.12
CA SER E 80 -5.97 32.77 44.36
C SER E 80 -6.60 33.70 43.34
N LEU E 81 -6.80 34.94 43.77
CA LEU E 81 -7.33 36.02 42.95
C LEU E 81 -6.45 37.23 43.18
N GLN E 82 -5.84 37.74 42.11
CA GLN E 82 -4.97 38.89 42.16
C GLN E 82 -5.64 40.05 41.46
N MET E 83 -5.88 41.14 42.19
CA MET E 83 -6.61 42.30 41.71
C MET E 83 -5.66 43.47 41.51
N HIS E 84 -5.84 44.20 40.41
CA HIS E 84 -5.12 45.42 40.15
C HIS E 84 -6.07 46.62 40.06
N SER E 85 -5.50 47.78 40.35
CA SER E 85 -6.11 49.11 40.31
C SER E 85 -7.06 49.35 41.49
N LEU E 86 -7.89 48.35 41.83
CA LEU E 86 -8.71 48.35 43.04
C LEU E 86 -9.50 49.63 43.23
N ARG E 87 -10.56 49.82 42.46
CA ARG E 87 -11.36 51.04 42.55
C ARG E 87 -12.24 51.01 43.79
N ASP E 88 -12.77 52.19 44.14
CA ASP E 88 -13.61 52.31 45.33
C ASP E 88 -14.83 51.42 45.24
N GLY E 89 -15.32 51.14 44.03
CA GLY E 89 -16.46 50.25 43.86
C GLY E 89 -16.16 48.79 44.12
N ASP E 90 -14.89 48.43 44.33
CA ASP E 90 -14.49 47.05 44.60
C ASP E 90 -14.43 46.73 46.09
N THR E 91 -14.76 47.68 46.97
CA THR E 91 -14.76 47.40 48.39
C THR E 91 -15.90 46.42 48.67
N ALA E 92 -15.57 45.29 49.28
CA ALA E 92 -16.58 44.26 49.52
C ALA E 92 -15.94 43.14 50.32
N VAL E 93 -16.79 42.26 50.85
CA VAL E 93 -16.37 40.96 51.34
C VAL E 93 -16.32 40.02 50.13
N TYR E 94 -15.17 39.39 49.92
CA TYR E 94 -14.96 38.46 48.81
C TYR E 94 -15.02 37.05 49.33
N TYR E 95 -16.03 36.29 48.88
CA TYR E 95 -16.24 34.92 49.30
C TYR E 95 -15.65 33.95 48.29
N CYS E 96 -14.97 32.94 48.81
CA CYS E 96 -14.45 31.84 48.02
C CYS E 96 -15.57 30.81 47.91
N ALA E 97 -15.92 30.43 46.68
CA ALA E 97 -17.01 29.50 46.44
C ALA E 97 -16.58 28.41 45.47
N THR E 98 -17.14 27.23 45.70
CA THR E 98 -16.90 26.04 44.88
C THR E 98 -18.16 25.75 44.08
N GLY E 99 -18.04 25.76 42.76
CA GLY E 99 -19.18 25.59 41.87
C GLY E 99 -19.17 26.62 40.75
N GLY E 100 -20.08 26.40 39.80
CA GLY E 100 -20.25 27.28 38.67
C GLY E 100 -20.01 26.66 37.32
N MET E 101 -19.48 25.45 37.21
CA MET E 101 -19.08 24.90 35.92
C MET E 101 -18.75 23.43 36.12
N SER E 102 -18.67 22.71 34.99
CA SER E 102 -18.28 21.31 35.00
C SER E 102 -17.39 21.03 33.79
N SER E 103 -16.79 19.83 33.79
CA SER E 103 -15.77 19.47 32.81
C SER E 103 -16.33 18.89 31.52
N ALA E 104 -17.65 18.84 31.35
CA ALA E 104 -18.40 18.30 30.22
C ALA E 104 -18.52 16.78 30.30
N LEU E 105 -17.79 16.11 31.19
CA LEU E 105 -17.92 14.67 31.42
C LEU E 105 -18.57 14.40 32.76
N GLN E 106 -19.22 15.39 33.36
CA GLN E 106 -19.87 15.28 34.65
C GLN E 106 -21.12 16.15 34.60
N SER E 107 -21.98 15.99 35.60
CA SER E 107 -23.26 16.68 35.57
C SER E 107 -23.08 18.18 35.77
N SER E 108 -24.09 18.93 35.34
CA SER E 108 -24.01 20.39 35.38
C SER E 108 -24.01 20.87 36.83
N LYS E 109 -23.03 21.72 37.16
CA LYS E 109 -22.95 22.33 38.48
C LYS E 109 -23.10 23.84 38.40
N TYR E 110 -24.20 24.31 37.80
CA TYR E 110 -24.45 25.74 37.64
C TYR E 110 -25.05 26.31 38.94
N TYR E 111 -24.27 26.21 40.00
CA TYR E 111 -24.65 26.70 41.32
C TYR E 111 -23.39 26.70 42.18
N PHE E 112 -23.38 27.52 43.22
CA PHE E 112 -22.24 27.67 44.11
C PHE E 112 -22.54 26.80 45.33
N ASP E 113 -21.91 25.62 45.38
CA ASP E 113 -22.25 24.63 46.40
C ASP E 113 -21.65 24.95 47.77
N PHE E 114 -20.34 25.13 47.85
CA PHE E 114 -19.64 25.32 49.11
C PHE E 114 -18.97 26.68 49.12
N TRP E 115 -19.21 27.45 50.18
CA TRP E 115 -18.68 28.79 50.32
C TRP E 115 -17.65 28.85 51.45
N GLY E 116 -16.87 29.91 51.45
CA GLY E 116 -15.89 30.17 52.48
C GLY E 116 -16.43 31.13 53.53
N GLN E 117 -15.53 31.63 54.37
CA GLN E 117 -15.92 32.54 55.44
C GLN E 117 -15.85 34.00 55.03
N GLY E 118 -15.09 34.32 53.99
CA GLY E 118 -15.04 35.65 53.44
C GLY E 118 -13.88 36.51 53.88
N ALA E 119 -13.16 37.08 52.91
CA ALA E 119 -12.09 38.03 53.15
C ALA E 119 -12.65 39.42 52.96
N LEU E 120 -12.22 40.37 53.79
CA LEU E 120 -12.70 41.75 53.74
C LEU E 120 -11.68 42.61 53.00
N VAL E 121 -12.12 43.24 51.92
CA VAL E 121 -11.30 44.14 51.10
C VAL E 121 -11.86 45.55 51.22
N THR E 122 -11.04 46.48 51.71
CA THR E 122 -11.44 47.87 51.90
C THR E 122 -10.57 48.77 51.03
N VAL E 123 -11.21 49.67 50.29
CA VAL E 123 -10.53 50.63 49.42
C VAL E 123 -10.84 52.02 49.95
N SER E 124 -9.79 52.80 50.22
CA SER E 124 -9.95 54.15 50.73
C SER E 124 -8.84 55.07 50.25
N ASN F 6 7.59 36.03 23.35
CA ASN F 6 7.38 36.92 22.21
C ASN F 6 7.43 36.21 20.86
N LEU F 7 8.09 35.05 20.79
CA LEU F 7 8.15 34.23 19.58
C LEU F 7 7.54 32.86 19.89
N TRP F 8 6.82 32.32 18.92
CA TRP F 8 6.08 31.07 19.09
C TRP F 8 6.38 30.11 17.93
N VAL F 9 6.18 28.83 18.21
CA VAL F 9 6.47 27.77 17.23
C VAL F 9 5.40 27.79 16.15
N THR F 10 5.82 27.95 14.90
CA THR F 10 4.95 27.88 13.74
C THR F 10 5.36 26.68 12.90
N VAL F 11 4.42 25.76 12.69
CA VAL F 11 4.69 24.51 11.98
C VAL F 11 4.49 24.73 10.50
N TYR F 12 5.52 24.44 9.71
CA TYR F 12 5.49 24.53 8.26
C TYR F 12 5.53 23.14 7.66
N TYR F 13 4.74 22.93 6.60
CA TYR F 13 4.72 21.67 5.87
C TYR F 13 5.01 21.95 4.41
N GLY F 14 5.99 21.25 3.86
CA GLY F 14 6.44 21.47 2.49
C GLY F 14 7.72 22.25 2.37
N VAL F 15 8.56 22.25 3.41
CA VAL F 15 9.81 23.02 3.41
C VAL F 15 10.86 22.30 2.56
N PRO F 16 11.74 23.01 1.83
CA PRO F 16 12.74 22.34 0.99
C PRO F 16 13.91 21.78 1.80
N VAL F 17 13.62 20.78 2.61
CA VAL F 17 14.58 20.14 3.49
C VAL F 17 14.65 18.67 3.15
N TRP F 18 15.86 18.13 3.10
CA TRP F 18 16.06 16.71 2.82
C TRP F 18 17.14 16.12 3.71
N LYS F 19 17.08 14.80 3.87
CA LYS F 19 18.08 14.01 4.57
C LYS F 19 18.59 12.91 3.64
N GLU F 20 19.78 12.40 3.96
CA GLU F 20 20.31 11.28 3.20
C GLU F 20 19.49 10.01 3.47
N ALA F 21 19.25 9.24 2.42
CA ALA F 21 18.47 8.02 2.55
C ALA F 21 18.71 7.16 1.32
N ARG F 22 18.26 5.91 1.41
CA ARG F 22 18.42 4.91 0.35
C ARG F 22 17.09 4.26 0.04
N THR F 23 16.70 4.27 -1.23
CA THR F 23 15.44 3.70 -1.68
C THR F 23 15.70 2.82 -2.89
N THR F 24 14.68 2.10 -3.33
CA THR F 24 14.79 1.20 -4.49
C THR F 24 14.29 1.95 -5.73
N LEU F 25 15.13 2.84 -6.24
CA LEU F 25 14.84 3.55 -7.49
C LEU F 25 14.57 2.53 -8.60
N PHE F 26 13.62 2.86 -9.48
CA PHE F 26 13.20 1.95 -10.52
C PHE F 26 13.72 2.42 -11.88
N CYS F 27 14.14 1.45 -12.69
CA CYS F 27 14.63 1.75 -14.03
C CYS F 27 13.51 2.35 -14.87
N ALA F 28 13.90 2.93 -16.02
CA ALA F 28 12.91 3.50 -16.93
C ALA F 28 13.56 3.61 -18.31
N SER F 29 13.46 2.55 -19.10
CA SER F 29 13.97 2.55 -20.46
C SER F 29 13.02 3.37 -21.34
N CYS F 47 11.82 -0.30 -18.47
CA CYS F 47 10.90 -0.85 -17.47
C CYS F 47 9.63 -0.02 -17.32
N VAL F 48 9.71 1.27 -17.67
CA VAL F 48 8.58 2.19 -17.67
C VAL F 48 8.97 3.34 -18.62
N PRO F 49 8.15 3.70 -19.62
CA PRO F 49 8.58 4.72 -20.58
C PRO F 49 9.01 6.02 -19.90
N THR F 50 10.10 6.60 -20.41
CA THR F 50 10.62 7.85 -19.87
C THR F 50 9.83 9.04 -20.42
N ASP F 51 9.97 10.17 -19.73
CA ASP F 51 9.26 11.40 -20.07
C ASP F 51 10.14 12.25 -20.97
N PRO F 52 9.56 13.30 -21.60
CA PRO F 52 10.36 14.13 -22.54
C PRO F 52 11.72 14.58 -22.03
N ASN F 53 11.79 15.14 -20.83
CA ASN F 53 13.01 15.70 -20.28
C ASN F 53 13.12 15.29 -18.82
N PRO F 54 14.34 15.26 -18.25
CA PRO F 54 14.46 14.99 -16.81
C PRO F 54 13.94 16.11 -15.91
N GLN F 55 13.56 17.26 -16.49
CA GLN F 55 13.07 18.41 -15.72
C GLN F 55 14.04 18.77 -14.60
N GLU F 56 15.21 19.25 -15.02
CA GLU F 56 16.27 19.60 -14.09
C GLU F 56 16.04 21.01 -13.56
N MET F 57 15.98 21.14 -12.24
CA MET F 57 15.89 22.43 -11.55
C MET F 57 17.23 22.69 -10.86
N VAL F 58 17.96 23.69 -11.32
CA VAL F 58 19.26 24.01 -10.74
C VAL F 58 19.03 24.72 -9.41
N LEU F 59 19.70 24.23 -8.36
CA LEU F 59 19.53 24.80 -7.02
C LEU F 59 20.61 25.85 -6.80
N GLY F 60 20.21 27.11 -6.78
CA GLY F 60 21.17 28.18 -6.56
C GLY F 60 21.61 28.24 -5.11
N ASN F 61 22.90 28.53 -4.90
CA ASN F 61 23.46 28.75 -3.57
C ASN F 61 23.36 27.51 -2.67
N VAL F 62 23.36 26.31 -3.26
CA VAL F 62 23.25 25.06 -2.52
C VAL F 62 24.53 24.27 -2.75
N THR F 63 25.14 23.81 -1.67
CA THR F 63 26.36 23.00 -1.71
C THR F 63 26.11 21.75 -0.89
N GLU F 64 26.32 20.59 -1.49
CA GLU F 64 26.04 19.30 -0.86
C GLU F 64 27.32 18.45 -0.88
N ASN F 65 27.39 17.52 0.06
CA ASN F 65 28.52 16.60 0.18
C ASN F 65 28.19 15.28 -0.50
N PHE F 66 28.92 14.96 -1.56
CA PHE F 66 28.78 13.69 -2.25
C PHE F 66 29.88 12.74 -1.81
N ASN F 67 29.62 11.44 -2.00
CA ASN F 67 30.62 10.41 -1.71
C ASN F 67 30.38 9.27 -2.70
N MET F 68 31.06 9.35 -3.84
CA MET F 68 30.88 8.38 -4.92
C MET F 68 31.12 6.95 -4.45
N TRP F 69 31.99 6.76 -3.47
CA TRP F 69 32.42 5.45 -3.00
C TRP F 69 31.54 4.89 -1.88
N LYS F 70 30.39 5.53 -1.63
CA LYS F 70 29.43 5.07 -0.64
C LYS F 70 28.01 5.25 -1.17
N ASN F 71 27.87 5.45 -2.47
CA ASN F 71 26.57 5.59 -3.09
C ASN F 71 25.86 4.24 -3.11
N ASP F 72 24.54 4.29 -2.98
CA ASP F 72 23.73 3.08 -3.01
C ASP F 72 23.21 2.81 -4.42
N MET F 73 23.03 3.87 -5.22
CA MET F 73 22.65 3.72 -6.62
C MET F 73 23.54 2.75 -7.38
N VAL F 74 24.79 2.59 -6.94
CA VAL F 74 25.70 1.62 -7.53
C VAL F 74 25.34 0.21 -7.10
N ASP F 75 25.06 0.00 -5.81
CA ASP F 75 24.68 -1.34 -5.38
C ASP F 75 23.37 -1.76 -6.01
N GLN F 76 22.44 -0.81 -6.15
CA GLN F 76 21.17 -1.12 -6.81
C GLN F 76 21.37 -1.43 -8.27
N MET F 77 22.23 -0.67 -8.96
CA MET F 77 22.50 -0.97 -10.36
C MET F 77 23.17 -2.32 -10.51
N HIS F 78 24.09 -2.65 -9.61
CA HIS F 78 24.75 -3.95 -9.66
C HIS F 78 23.72 -5.06 -9.52
N GLU F 79 22.83 -4.94 -8.54
CA GLU F 79 21.81 -5.97 -8.32
C GLU F 79 20.90 -6.08 -9.55
N ASP F 80 20.46 -4.93 -10.09
CA ASP F 80 19.65 -4.94 -11.29
C ASP F 80 20.34 -5.65 -12.45
N VAL F 81 21.64 -5.40 -12.65
CA VAL F 81 22.31 -6.00 -13.79
C VAL F 81 22.50 -7.50 -13.59
N ILE F 82 22.90 -7.92 -12.37
CA ILE F 82 23.08 -9.36 -12.11
C ILE F 82 21.73 -10.07 -11.99
N SER F 83 20.62 -9.34 -12.11
CA SER F 83 19.28 -9.93 -12.05
C SER F 83 18.64 -9.95 -13.42
N LEU F 84 18.79 -8.87 -14.20
CA LEU F 84 18.31 -8.91 -15.57
C LEU F 84 19.10 -9.95 -16.36
N TRP F 85 20.40 -10.04 -16.14
CA TRP F 85 21.19 -11.01 -16.90
C TRP F 85 20.73 -12.42 -16.53
N ALA F 86 20.51 -12.68 -15.25
CA ALA F 86 20.12 -14.00 -14.78
C ALA F 86 18.62 -14.26 -14.93
N GLN F 87 17.87 -13.33 -15.52
CA GLN F 87 16.46 -13.53 -15.86
C GLN F 87 16.25 -13.68 -17.36
N SER F 88 17.33 -13.64 -18.15
CA SER F 88 17.27 -13.83 -19.60
C SER F 88 17.86 -15.17 -20.02
N LEU F 89 18.62 -15.82 -19.15
CA LEU F 89 19.18 -17.14 -19.39
C LEU F 89 18.38 -18.24 -18.70
N LYS F 90 17.36 -17.87 -17.93
CA LYS F 90 16.52 -18.88 -17.29
C LYS F 90 15.68 -19.66 -18.30
N PRO F 91 14.98 -19.01 -19.28
CA PRO F 91 14.24 -19.76 -20.29
C PRO F 91 15.09 -20.16 -21.51
N CYS F 92 16.26 -20.74 -21.25
CA CYS F 92 17.21 -21.06 -22.31
C CYS F 92 17.78 -22.45 -22.08
N VAL F 93 18.23 -23.05 -23.19
CA VAL F 93 18.73 -24.43 -23.15
C VAL F 93 19.93 -24.51 -22.22
N LYS F 94 19.91 -25.51 -21.33
CA LYS F 94 21.02 -25.83 -20.45
C LYS F 94 21.80 -26.97 -21.07
N LEU F 95 23.11 -26.83 -21.18
CA LEU F 95 23.92 -27.80 -21.91
C LEU F 95 24.36 -28.97 -21.02
N THR F 96 23.41 -29.54 -20.29
CA THR F 96 23.72 -30.73 -19.49
C THR F 96 24.13 -31.92 -20.36
N PRO F 97 23.42 -32.26 -21.45
CA PRO F 97 23.83 -33.43 -22.25
C PRO F 97 25.21 -33.34 -22.88
N LEU F 98 25.86 -32.17 -22.88
CA LEU F 98 27.17 -32.02 -23.49
C LEU F 98 28.33 -32.11 -22.51
N CYS F 99 28.06 -32.39 -21.23
CA CYS F 99 29.14 -32.61 -20.27
C CYS F 99 29.55 -34.09 -20.34
N VAL F 100 30.10 -34.43 -21.50
CA VAL F 100 30.51 -35.79 -21.84
C VAL F 100 31.95 -35.75 -22.31
N THR F 101 32.58 -36.92 -22.33
CA THR F 101 33.95 -37.00 -22.80
C THR F 101 33.99 -36.64 -24.27
N LEU F 102 34.89 -35.73 -24.63
CA LEU F 102 35.08 -35.29 -26.00
C LEU F 102 36.37 -35.89 -26.52
N GLU F 103 36.38 -36.28 -27.80
CA GLU F 103 37.58 -36.81 -28.45
C GLU F 103 38.05 -35.72 -29.41
N CYS F 104 39.06 -34.97 -28.98
CA CYS F 104 39.47 -33.75 -29.65
C CYS F 104 40.82 -33.91 -30.31
N THR F 105 40.92 -33.48 -31.57
CA THR F 105 42.15 -33.47 -32.34
C THR F 105 42.48 -32.03 -32.71
N GLN F 106 43.66 -31.83 -33.28
CA GLN F 106 44.07 -30.50 -33.69
C GLN F 106 43.32 -30.09 -34.96
N VAL F 107 43.12 -28.79 -35.10
CA VAL F 107 42.38 -28.24 -36.26
C VAL F 107 43.40 -28.03 -37.36
N ASN F 108 43.66 -29.11 -38.11
CA ASN F 108 44.62 -29.13 -39.21
C ASN F 108 43.97 -29.56 -40.52
N ALA F 109 42.67 -29.29 -40.67
CA ALA F 109 41.95 -29.64 -41.88
C ALA F 109 42.20 -28.61 -42.98
N ASP F 125 47.05 -25.72 -28.40
CA ASP F 125 46.58 -25.11 -29.63
C ASP F 125 45.56 -24.03 -29.27
N GLU F 126 45.04 -23.34 -30.29
CA GLU F 126 44.00 -22.34 -30.09
C GLU F 126 42.62 -22.99 -30.14
N MET F 127 42.40 -23.90 -31.09
CA MET F 127 41.13 -24.56 -31.28
C MET F 127 41.36 -26.05 -31.45
N LYS F 128 40.36 -26.84 -31.06
CA LYS F 128 40.39 -28.29 -31.22
C LYS F 128 39.11 -28.74 -31.89
N ASN F 129 39.21 -29.80 -32.70
CA ASN F 129 38.08 -30.41 -33.40
C ASN F 129 37.61 -31.58 -32.54
N CYS F 130 36.51 -31.37 -31.82
CA CYS F 130 36.03 -32.32 -30.81
C CYS F 130 34.81 -33.10 -31.29
N SER F 131 34.92 -34.42 -31.24
CA SER F 131 33.82 -35.33 -31.54
C SER F 131 33.20 -35.82 -30.23
N PHE F 132 31.88 -35.99 -30.23
CA PHE F 132 31.20 -36.47 -29.03
C PHE F 132 29.90 -37.19 -29.38
N ASN F 133 29.44 -37.99 -28.44
CA ASN F 133 28.16 -38.71 -28.51
C ASN F 133 27.21 -38.09 -27.51
N THR F 134 26.19 -37.38 -28.01
CA THR F 134 25.23 -36.70 -27.16
C THR F 134 23.84 -37.30 -27.35
N THR F 135 22.89 -36.77 -26.58
CA THR F 135 21.51 -37.23 -26.59
C THR F 135 20.73 -36.42 -27.61
N THR F 136 19.87 -37.10 -28.37
CA THR F 136 19.07 -36.45 -29.40
C THR F 136 17.66 -36.16 -28.87
N GLU F 137 16.80 -35.65 -29.76
CA GLU F 137 15.47 -35.21 -29.35
C GLU F 137 14.64 -36.38 -28.81
N ILE F 138 14.70 -37.53 -29.47
CA ILE F 138 13.95 -38.70 -29.04
C ILE F 138 14.74 -39.37 -27.92
N ARG F 139 14.07 -39.59 -26.78
CA ARG F 139 14.75 -40.09 -25.59
C ARG F 139 14.98 -41.61 -25.64
N ASP F 140 15.55 -42.10 -26.74
CA ASP F 140 15.98 -43.49 -26.86
C ASP F 140 17.17 -43.69 -27.79
N LYS F 141 17.52 -42.68 -28.59
CA LYS F 141 18.62 -42.70 -29.54
C LYS F 141 19.75 -41.81 -29.04
N LYS F 142 20.87 -41.85 -29.76
CA LYS F 142 22.04 -41.03 -29.49
C LYS F 142 22.42 -40.35 -30.80
N GLN F 143 23.41 -39.45 -30.71
CA GLN F 143 23.81 -38.64 -31.85
C GLN F 143 25.30 -38.38 -31.78
N LYS F 144 25.98 -38.56 -32.90
CA LYS F 144 27.40 -38.23 -33.01
C LYS F 144 27.54 -36.89 -33.70
N ALA F 145 28.35 -36.01 -33.11
CA ALA F 145 28.54 -34.67 -33.61
C ALA F 145 30.01 -34.31 -33.54
N TYR F 146 30.39 -33.27 -34.27
CA TYR F 146 31.75 -32.73 -34.23
C TYR F 146 31.63 -31.21 -34.19
N ALA F 147 32.31 -30.58 -33.24
CA ALA F 147 32.34 -29.14 -33.10
C ALA F 147 33.76 -28.66 -32.89
N LEU F 148 34.00 -27.41 -33.24
CA LEU F 148 35.29 -26.75 -33.01
C LEU F 148 35.17 -25.87 -31.78
N PHE F 149 35.96 -26.18 -30.75
CA PHE F 149 35.99 -25.43 -29.50
C PHE F 149 37.37 -24.83 -29.32
N TYR F 150 37.43 -23.72 -28.59
CA TYR F 150 38.71 -23.11 -28.30
C TYR F 150 39.38 -23.89 -27.19
N ARG F 151 40.72 -23.91 -27.20
CA ARG F 151 41.43 -24.64 -26.16
C ARG F 151 41.16 -24.08 -24.78
N LEU F 152 40.85 -22.78 -24.67
CA LEU F 152 40.53 -22.21 -23.37
C LEU F 152 39.20 -22.69 -22.83
N ASP F 153 38.37 -23.33 -23.66
CA ASP F 153 37.07 -23.83 -23.27
C ASP F 153 37.08 -25.29 -22.83
N LEU F 154 38.23 -25.96 -22.93
CA LEU F 154 38.36 -27.38 -22.68
C LEU F 154 39.33 -27.61 -21.52
N VAL F 155 39.09 -28.69 -20.77
CA VAL F 155 40.00 -29.13 -19.72
C VAL F 155 40.31 -30.60 -19.98
N PRO F 156 41.59 -31.02 -20.05
CA PRO F 156 41.88 -32.44 -20.29
C PRO F 156 41.39 -33.34 -19.18
N LEU F 157 41.03 -34.57 -19.56
CA LEU F 157 40.76 -35.64 -18.60
C LEU F 157 41.95 -36.58 -18.47
N GLU F 158 43.02 -36.37 -19.24
CA GLU F 158 44.19 -37.25 -19.26
C GLU F 158 45.36 -36.41 -19.76
N ARG F 159 46.54 -37.01 -19.78
CA ARG F 159 47.72 -36.31 -20.26
C ARG F 159 47.48 -35.81 -21.68
N GLU F 160 47.75 -34.52 -21.90
CA GLU F 160 47.52 -33.90 -23.19
C GLU F 160 48.65 -34.26 -24.15
N ASN F 161 48.29 -34.67 -25.37
CA ASN F 161 49.28 -34.99 -26.38
C ASN F 161 49.93 -33.73 -26.92
N SER F 167 46.36 -37.90 -33.22
CA SER F 167 45.72 -38.69 -32.18
C SER F 167 44.82 -37.79 -31.33
N ALA F 168 43.64 -38.30 -30.98
CA ALA F 168 42.71 -37.55 -30.16
C ALA F 168 43.05 -37.71 -28.68
N SER F 169 42.76 -36.67 -27.91
CA SER F 169 42.86 -36.67 -26.46
C SER F 169 41.49 -36.39 -25.86
N LYS F 170 41.27 -36.89 -24.65
CA LYS F 170 40.00 -36.70 -23.95
C LYS F 170 39.93 -35.35 -23.24
N TYR F 171 38.84 -34.62 -23.47
CA TYR F 171 38.56 -33.36 -22.78
C TYR F 171 37.07 -33.25 -22.53
N ILE F 172 36.73 -32.42 -21.54
CA ILE F 172 35.35 -32.04 -21.26
C ILE F 172 35.29 -30.53 -21.30
N LEU F 173 34.06 -30.00 -21.38
CA LEU F 173 33.89 -28.56 -21.38
C LEU F 173 34.29 -28.01 -20.02
N ILE F 174 34.90 -26.83 -20.02
CA ILE F 174 35.44 -26.25 -18.81
C ILE F 174 34.32 -26.01 -17.80
N ASN F 175 34.54 -26.48 -16.57
CA ASN F 175 33.62 -26.33 -15.44
C ASN F 175 32.29 -27.07 -15.63
N CYS F 176 32.16 -27.96 -16.61
CA CYS F 176 30.87 -28.62 -16.78
C CYS F 176 30.62 -29.64 -15.68
N ASN F 177 31.67 -30.18 -15.07
CA ASN F 177 31.53 -31.11 -13.96
C ASN F 177 31.39 -30.42 -12.62
N THR F 178 31.38 -29.08 -12.58
CA THR F 178 31.21 -28.31 -11.35
C THR F 178 29.87 -27.60 -11.28
N SER F 179 29.26 -27.29 -12.44
CA SER F 179 27.95 -26.67 -12.48
C SER F 179 27.38 -26.87 -13.87
N ALA F 180 26.20 -26.30 -14.10
CA ALA F 180 25.54 -26.36 -15.40
C ALA F 180 25.97 -25.18 -16.25
N ILE F 181 26.15 -25.42 -17.54
CA ILE F 181 26.46 -24.38 -18.51
C ILE F 181 25.18 -24.10 -19.29
N THR F 182 24.74 -22.85 -19.26
CA THR F 182 23.51 -22.43 -19.91
C THR F 182 23.87 -21.74 -21.23
N GLN F 183 23.27 -22.22 -22.32
CA GLN F 183 23.45 -21.58 -23.61
C GLN F 183 22.56 -20.36 -23.71
N ALA F 184 23.12 -19.26 -24.20
CA ALA F 184 22.32 -18.07 -24.38
C ALA F 184 21.32 -18.28 -25.50
N CYS F 185 20.08 -17.84 -25.27
CA CYS F 185 19.09 -17.90 -26.33
C CYS F 185 19.50 -16.96 -27.47
N PRO F 186 19.12 -17.27 -28.72
CA PRO F 186 19.47 -16.35 -29.82
C PRO F 186 18.82 -14.98 -29.69
N LYS F 187 17.80 -14.83 -28.84
CA LYS F 187 17.12 -13.56 -28.64
C LYS F 187 17.71 -12.73 -27.50
N VAL F 188 18.77 -13.19 -26.85
CA VAL F 188 19.37 -12.40 -25.77
C VAL F 188 20.08 -11.21 -26.40
N ASN F 189 19.82 -10.02 -25.87
CA ASN F 189 20.37 -8.79 -26.39
C ASN F 189 21.70 -8.51 -25.69
N PHE F 190 22.79 -8.56 -26.45
CA PHE F 190 24.14 -8.31 -25.94
C PHE F 190 24.60 -6.89 -26.23
N ASP F 191 23.70 -6.01 -26.67
CA ASP F 191 24.01 -4.61 -26.94
C ASP F 191 23.46 -3.80 -25.76
N PRO F 192 24.30 -3.24 -24.89
CA PRO F 192 23.79 -2.57 -23.69
C PRO F 192 22.75 -1.48 -24.00
N ILE F 193 21.66 -1.51 -23.26
CA ILE F 193 20.54 -0.59 -23.44
C ILE F 193 20.61 0.45 -22.34
N PRO F 194 20.62 1.76 -22.66
CA PRO F 194 20.69 2.77 -21.60
C PRO F 194 19.56 2.61 -20.58
N ILE F 195 19.92 2.70 -19.31
CA ILE F 195 18.99 2.58 -18.19
C ILE F 195 18.93 3.93 -17.48
N HIS F 196 17.71 4.45 -17.32
CA HIS F 196 17.46 5.68 -16.57
C HIS F 196 16.91 5.29 -15.21
N TYR F 197 17.51 5.80 -14.14
CA TYR F 197 16.99 5.59 -12.80
C TYR F 197 16.18 6.81 -12.41
N CYS F 198 14.90 6.60 -12.12
CA CYS F 198 13.96 7.62 -11.72
C CYS F 198 13.60 7.44 -10.25
N THR F 199 13.17 8.54 -9.62
CA THR F 199 12.89 8.48 -8.19
C THR F 199 11.51 7.93 -7.88
N PRO F 200 11.33 7.31 -6.72
CA PRO F 200 9.99 7.06 -6.22
C PRO F 200 9.47 8.35 -5.59
N ALA F 201 8.17 8.40 -5.35
CA ALA F 201 7.60 9.55 -4.67
C ALA F 201 8.26 9.77 -3.32
N GLY F 202 8.51 11.04 -2.98
CA GLY F 202 9.12 11.38 -1.72
C GLY F 202 10.63 11.51 -1.71
N TYR F 203 11.31 11.27 -2.84
CA TYR F 203 12.77 11.37 -2.89
C TYR F 203 13.18 12.19 -4.11
N ALA F 204 14.45 12.61 -4.11
CA ALA F 204 15.01 13.44 -5.16
C ALA F 204 16.46 13.04 -5.45
N ILE F 205 16.85 13.18 -6.72
CA ILE F 205 18.22 12.92 -7.17
C ILE F 205 18.91 14.26 -7.31
N LEU F 206 20.01 14.43 -6.57
CA LEU F 206 20.75 15.69 -6.55
C LEU F 206 22.00 15.51 -7.42
N LYS F 207 21.95 16.02 -8.64
CA LYS F 207 23.10 15.93 -9.53
C LYS F 207 24.15 16.96 -9.13
N CYS F 208 25.39 16.73 -9.56
CA CYS F 208 26.52 17.62 -9.35
C CYS F 208 27.06 18.09 -10.68
N ASN F 209 27.04 19.41 -10.90
CA ASN F 209 27.44 20.01 -12.16
C ASN F 209 28.80 20.68 -12.11
N ASN F 210 29.54 20.55 -11.02
CA ASN F 210 30.91 21.06 -11.03
C ASN F 210 31.71 20.24 -12.02
N LYS F 211 32.21 20.90 -13.06
CA LYS F 211 32.86 20.17 -14.15
C LYS F 211 34.16 19.50 -13.74
N THR F 212 34.77 19.91 -12.62
CA THR F 212 36.04 19.35 -12.17
C THR F 212 35.88 18.61 -10.83
N PHE F 213 34.69 18.09 -10.56
CA PHE F 213 34.47 17.30 -9.36
C PHE F 213 35.15 15.95 -9.53
N ASN F 214 35.79 15.45 -8.48
CA ASN F 214 36.38 14.11 -8.55
C ASN F 214 35.37 13.03 -8.18
N GLY F 215 34.58 13.25 -7.13
CA GLY F 215 33.55 12.31 -6.74
C GLY F 215 33.22 12.40 -5.26
N THR F 216 34.21 12.73 -4.43
CA THR F 216 34.05 12.86 -2.99
C THR F 216 34.26 14.31 -2.60
N GLY F 217 33.49 14.77 -1.63
CA GLY F 217 33.65 16.10 -1.07
C GLY F 217 32.51 17.01 -1.48
N SER F 218 32.55 18.23 -0.92
CA SER F 218 31.51 19.22 -1.19
C SER F 218 31.43 19.54 -2.67
N CYS F 219 30.21 19.65 -3.17
CA CYS F 219 29.92 20.04 -4.54
C CYS F 219 28.95 21.21 -4.54
N ASN F 220 29.30 22.28 -5.25
CA ASN F 220 28.40 23.40 -5.43
C ASN F 220 27.66 23.22 -6.75
N ASN F 221 26.82 24.19 -7.12
CA ASN F 221 26.05 24.16 -8.36
C ASN F 221 25.29 22.83 -8.50
N VAL F 222 24.68 22.41 -7.39
CA VAL F 222 23.94 21.17 -7.31
C VAL F 222 22.58 21.35 -7.96
N SER F 223 22.18 20.40 -8.81
CA SER F 223 20.90 20.40 -9.48
C SER F 223 20.03 19.25 -8.96
N THR F 224 18.73 19.43 -9.06
CA THR F 224 17.73 18.41 -8.74
C THR F 224 17.16 17.88 -10.04
N VAL F 225 17.16 16.55 -10.19
CA VAL F 225 16.58 15.90 -11.36
C VAL F 225 15.63 14.81 -10.87
N GLN F 226 14.71 14.43 -11.77
CA GLN F 226 13.78 13.34 -11.49
C GLN F 226 14.36 12.00 -11.94
N CYS F 227 15.10 11.97 -13.05
CA CYS F 227 15.72 10.75 -13.57
C CYS F 227 17.16 11.05 -13.95
N THR F 228 17.97 10.01 -13.97
CA THR F 228 19.35 10.09 -14.45
C THR F 228 19.38 10.08 -15.98
N HIS F 229 20.56 10.35 -16.52
CA HIS F 229 20.76 10.24 -17.96
C HIS F 229 20.77 8.76 -18.35
N GLY F 230 20.88 8.49 -19.64
CA GLY F 230 20.86 7.10 -20.05
C GLY F 230 22.22 6.49 -19.76
N ILE F 231 22.23 5.48 -18.90
CA ILE F 231 23.46 4.82 -18.46
C ILE F 231 23.49 3.44 -19.11
N LYS F 232 24.51 3.19 -19.90
CA LYS F 232 24.62 1.89 -20.56
C LYS F 232 25.30 0.90 -19.60
N PRO F 233 24.73 -0.30 -19.40
CA PRO F 233 25.46 -1.28 -18.55
C PRO F 233 26.56 -1.98 -19.34
N VAL F 234 27.62 -1.21 -19.64
CA VAL F 234 28.75 -1.75 -20.39
C VAL F 234 29.66 -2.48 -19.42
N VAL F 235 29.98 -3.73 -19.75
CA VAL F 235 30.88 -4.57 -18.95
C VAL F 235 32.20 -4.63 -19.70
N SER F 236 33.24 -4.07 -19.10
CA SER F 236 34.57 -4.06 -19.67
C SER F 236 35.58 -3.99 -18.53
N THR F 237 36.69 -4.71 -18.67
CA THR F 237 37.75 -4.68 -17.68
C THR F 237 38.91 -3.82 -18.16
N GLN F 238 39.60 -3.18 -17.21
CA GLN F 238 40.79 -2.37 -17.40
C GLN F 238 40.54 -1.04 -18.12
N LEU F 239 39.76 -1.07 -19.20
CA LEU F 239 39.40 0.11 -19.98
C LEU F 239 37.90 0.31 -19.88
N LEU F 240 37.47 1.53 -19.56
CA LEU F 240 36.05 1.84 -19.55
C LEU F 240 35.66 2.23 -20.97
N LEU F 241 34.64 1.58 -21.50
CA LEU F 241 34.20 1.77 -22.87
C LEU F 241 32.82 2.42 -22.92
N ASN F 242 32.62 3.23 -23.98
CA ASN F 242 31.32 3.83 -24.27
C ASN F 242 30.74 4.58 -23.08
N GLY F 243 31.61 5.26 -22.34
CA GLY F 243 31.20 6.08 -21.22
C GLY F 243 31.07 7.55 -21.58
N SER F 244 30.84 8.36 -20.55
CA SER F 244 30.78 9.80 -20.69
C SER F 244 32.16 10.39 -20.45
N LEU F 245 32.50 11.42 -21.23
CA LEU F 245 33.79 12.09 -21.09
C LEU F 245 33.74 13.25 -20.11
N ALA F 246 34.88 13.54 -19.51
CA ALA F 246 34.99 14.67 -18.59
C ALA F 246 34.80 15.97 -19.36
N GLU F 247 34.10 16.91 -18.73
CA GLU F 247 33.81 18.19 -19.39
C GLU F 247 35.06 19.02 -19.61
N GLU F 248 35.99 19.03 -18.65
CA GLU F 248 37.13 19.94 -18.68
C GLU F 248 38.48 19.26 -18.89
N GLU F 249 38.83 18.28 -18.06
CA GLU F 249 40.14 17.64 -18.17
C GLU F 249 40.04 16.25 -17.57
N ILE F 250 41.18 15.54 -17.58
CA ILE F 250 41.25 14.21 -17.00
C ILE F 250 41.08 14.35 -15.50
N ILE F 251 40.15 13.58 -14.93
CA ILE F 251 39.78 13.71 -13.52
C ILE F 251 40.12 12.40 -12.81
N ILE F 252 41.29 12.35 -12.17
CA ILE F 252 41.66 11.16 -11.41
C ILE F 252 40.80 11.11 -10.16
N ARG F 253 40.14 9.97 -9.95
CA ARG F 253 39.29 9.81 -8.78
C ARG F 253 39.53 8.44 -8.13
N SER F 254 39.61 8.46 -6.80
CA SER F 254 39.81 7.27 -5.99
C SER F 254 39.30 7.58 -4.60
N GLU F 255 38.89 6.53 -3.89
CA GLU F 255 38.44 6.72 -2.51
C GLU F 255 39.56 7.29 -1.64
N ASN F 256 40.80 6.84 -1.86
CA ASN F 256 41.91 7.31 -1.04
C ASN F 256 43.19 7.05 -1.82
N LEU F 257 43.77 8.10 -2.43
CA LEU F 257 45.00 7.96 -3.20
C LEU F 257 46.21 7.93 -2.26
N MET F 258 46.24 6.91 -1.41
CA MET F 258 47.36 6.74 -0.48
C MET F 258 47.60 5.27 -0.15
N ASP F 259 46.56 4.44 -0.25
CA ASP F 259 46.68 2.99 -0.13
C ASP F 259 46.77 2.36 -1.51
N ASN F 260 46.89 1.03 -1.54
CA ASN F 260 47.02 0.25 -2.77
C ASN F 260 45.91 -0.78 -2.92
N VAL F 261 44.75 -0.51 -2.35
CA VAL F 261 43.59 -1.39 -2.43
C VAL F 261 42.48 -0.77 -3.27
N LYS F 262 42.26 0.53 -3.09
CA LYS F 262 41.15 1.18 -3.78
C LYS F 262 41.46 1.32 -5.26
N THR F 263 40.44 1.13 -6.09
CA THR F 263 40.61 1.27 -7.52
C THR F 263 40.71 2.75 -7.88
N ILE F 264 41.63 3.07 -8.78
CA ILE F 264 41.79 4.43 -9.29
C ILE F 264 41.09 4.47 -10.64
N ILE F 265 40.10 5.35 -10.75
CA ILE F 265 39.33 5.51 -11.98
C ILE F 265 39.83 6.78 -12.64
N VAL F 266 40.26 6.66 -13.89
CA VAL F 266 40.74 7.79 -14.68
C VAL F 266 39.61 8.14 -15.63
N HIS F 267 39.03 9.32 -15.47
CA HIS F 267 37.90 9.76 -16.30
C HIS F 267 38.47 10.70 -17.35
N LEU F 268 38.45 10.26 -18.61
CA LEU F 268 39.10 10.99 -19.68
C LEU F 268 38.20 12.08 -20.24
N ASP F 269 38.83 13.06 -20.87
CA ASP F 269 38.12 14.18 -21.49
C ASP F 269 37.99 14.03 -23.00
N GLN F 270 38.89 13.28 -23.64
CA GLN F 270 38.79 12.95 -25.06
C GLN F 270 38.98 11.45 -25.21
N SER F 271 38.09 10.82 -25.97
CA SER F 271 38.09 9.37 -26.09
C SER F 271 39.14 8.88 -27.08
N VAL F 272 39.69 7.69 -26.79
CA VAL F 272 40.60 7.00 -27.69
C VAL F 272 39.80 5.88 -28.34
N GLU F 273 39.80 5.85 -29.68
CA GLU F 273 38.99 4.89 -30.40
C GLU F 273 39.71 3.54 -30.53
N ILE F 274 38.99 2.46 -30.21
CA ILE F 274 39.49 1.10 -30.31
C ILE F 274 38.57 0.36 -31.27
N VAL F 275 39.16 -0.35 -32.24
CA VAL F 275 38.42 -1.17 -33.20
C VAL F 275 38.90 -2.60 -33.10
N CYS F 276 38.00 -3.51 -32.74
CA CYS F 276 38.29 -4.91 -32.49
C CYS F 276 37.59 -5.77 -33.51
N THR F 277 38.24 -6.85 -33.95
CA THR F 277 37.68 -7.73 -34.95
C THR F 277 38.04 -9.18 -34.69
N ARG F 278 37.21 -10.07 -35.22
CA ARG F 278 37.47 -11.51 -35.30
C ARG F 278 37.48 -11.83 -36.78
N PRO F 279 38.65 -11.89 -37.43
CA PRO F 279 38.65 -12.02 -38.90
C PRO F 279 38.23 -13.38 -39.43
N ASN F 280 38.07 -14.40 -38.60
CA ASN F 280 37.79 -15.73 -39.12
C ASN F 280 36.37 -15.79 -39.68
N ASN F 281 36.22 -16.46 -40.82
CA ASN F 281 34.92 -16.65 -41.47
C ASN F 281 34.37 -17.98 -40.97
N ASN F 282 33.52 -17.93 -39.95
CA ASN F 282 33.01 -19.13 -39.30
C ASN F 282 31.72 -19.59 -39.96
N THR F 283 31.56 -20.90 -40.07
CA THR F 283 30.33 -21.54 -40.52
C THR F 283 29.70 -22.19 -39.29
N VAL F 284 28.50 -21.76 -38.94
CA VAL F 284 27.82 -22.20 -37.73
C VAL F 284 26.87 -23.34 -38.08
N LYS F 285 26.96 -24.42 -37.31
CA LYS F 285 26.11 -25.59 -37.43
C LYS F 285 25.39 -25.76 -36.11
N SER F 286 24.29 -26.51 -36.12
CA SER F 286 23.57 -26.75 -34.88
C SER F 286 22.98 -28.15 -34.88
N ILE F 287 22.81 -28.69 -33.68
CA ILE F 287 22.19 -29.98 -33.43
C ILE F 287 21.16 -29.80 -32.34
N ARG F 288 20.16 -30.68 -32.33
CA ARG F 288 19.15 -30.69 -31.29
C ARG F 288 19.55 -31.70 -30.24
N ILE F 289 19.48 -31.28 -28.97
CA ILE F 289 19.89 -32.11 -27.83
C ILE F 289 18.72 -32.39 -26.89
N GLY F 290 17.49 -32.19 -27.36
CA GLY F 290 16.33 -32.44 -26.54
C GLY F 290 15.06 -31.94 -27.21
N PRO F 291 13.93 -32.05 -26.52
CA PRO F 291 12.66 -31.67 -27.14
C PRO F 291 12.54 -30.16 -27.30
N GLY F 292 13.12 -29.63 -28.37
CA GLY F 292 13.14 -28.19 -28.62
C GLY F 292 14.37 -27.47 -28.14
N GLN F 293 15.42 -28.20 -27.76
CA GLN F 293 16.67 -27.62 -27.26
C GLN F 293 17.72 -27.74 -28.36
N THR F 294 18.07 -26.61 -28.98
CA THR F 294 19.00 -26.58 -30.11
C THR F 294 20.33 -26.02 -29.61
N PHE F 295 21.40 -26.76 -29.87
CA PHE F 295 22.76 -26.37 -29.52
C PHE F 295 23.47 -25.84 -30.76
N TYR F 296 24.03 -24.64 -30.64
CA TYR F 296 24.72 -23.98 -31.74
C TYR F 296 26.22 -24.05 -31.51
N TYR F 297 26.98 -24.36 -32.56
CA TYR F 297 28.42 -24.49 -32.45
C TYR F 297 29.05 -24.18 -33.80
N THR F 298 30.36 -23.94 -33.75
CA THR F 298 31.12 -23.69 -34.98
C THR F 298 31.35 -25.03 -35.67
N GLY F 299 30.92 -25.13 -36.92
CA GLY F 299 31.07 -26.36 -37.68
C GLY F 299 32.41 -26.41 -38.36
N ASP F 300 32.73 -25.36 -39.10
CA ASP F 300 33.98 -25.26 -39.83
C ASP F 300 34.34 -23.78 -39.94
N ILE F 301 35.52 -23.52 -40.50
CA ILE F 301 36.00 -22.18 -40.76
C ILE F 301 36.44 -22.12 -42.20
N ILE F 302 35.94 -21.12 -42.92
CA ILE F 302 36.22 -20.94 -44.34
C ILE F 302 37.44 -20.02 -44.46
N GLY F 303 38.41 -20.44 -45.27
CA GLY F 303 39.63 -19.68 -45.43
C GLY F 303 40.65 -20.10 -44.40
N ASN F 304 41.58 -19.18 -44.12
CA ASN F 304 42.68 -19.47 -43.22
C ASN F 304 42.24 -19.17 -41.79
N ILE F 305 43.12 -19.46 -40.83
CA ILE F 305 42.88 -19.17 -39.42
C ILE F 305 43.71 -17.94 -39.06
N ARG F 306 43.02 -16.90 -38.59
CA ARG F 306 43.67 -15.65 -38.20
C ARG F 306 43.24 -15.31 -36.78
N GLU F 307 44.16 -14.76 -36.00
CA GLU F 307 43.88 -14.43 -34.61
C GLU F 307 43.08 -13.14 -34.52
N ALA F 308 42.16 -13.09 -33.55
CA ALA F 308 41.43 -11.87 -33.26
C ALA F 308 42.37 -10.81 -32.70
N HIS F 309 42.06 -9.54 -32.99
CA HIS F 309 42.94 -8.47 -32.55
C HIS F 309 42.16 -7.16 -32.45
N CYS F 310 42.77 -6.18 -31.79
CA CYS F 310 42.23 -4.84 -31.65
C CYS F 310 43.30 -3.83 -32.04
N ASN F 311 42.86 -2.74 -32.68
CA ASN F 311 43.75 -1.70 -33.17
C ASN F 311 43.49 -0.42 -32.39
N ILE F 312 44.53 0.12 -31.77
CA ILE F 312 44.50 1.44 -31.14
C ILE F 312 45.62 2.26 -31.77
N SER F 313 45.28 3.46 -32.25
CA SER F 313 46.30 4.32 -32.84
C SER F 313 47.36 4.64 -31.79
N GLU F 314 48.63 4.53 -32.18
CA GLU F 314 49.71 4.75 -31.23
C GLU F 314 49.74 6.19 -30.75
N LYS F 315 49.49 7.14 -31.66
CA LYS F 315 49.60 8.55 -31.29
C LYS F 315 48.55 8.93 -30.26
N LYS F 316 47.31 8.48 -30.47
CA LYS F 316 46.24 8.90 -29.58
C LYS F 316 46.39 8.23 -28.23
N TRP F 317 46.77 6.95 -28.21
CA TRP F 317 46.96 6.26 -26.95
C TRP F 317 48.08 6.91 -26.15
N HIS F 318 49.24 7.11 -26.78
CA HIS F 318 50.37 7.62 -26.00
C HIS F 318 50.16 9.08 -25.61
N GLU F 319 49.34 9.83 -26.35
CA GLU F 319 49.00 11.17 -25.90
C GLU F 319 48.09 11.10 -24.68
N MET F 320 47.11 10.18 -24.72
CA MET F 320 46.24 9.97 -23.57
C MET F 320 47.06 9.60 -22.34
N LEU F 321 48.01 8.67 -22.50
CA LEU F 321 48.79 8.23 -21.35
C LEU F 321 49.74 9.31 -20.89
N ARG F 322 50.15 10.21 -21.77
CA ARG F 322 50.96 11.33 -21.33
C ARG F 322 50.12 12.24 -20.44
N ARG F 323 48.91 12.58 -20.88
CA ARG F 323 48.09 13.48 -20.08
C ARG F 323 47.67 12.82 -18.77
N VAL F 324 47.43 11.50 -18.76
CA VAL F 324 47.12 10.82 -17.51
C VAL F 324 48.35 10.76 -16.61
N SER F 325 49.56 10.76 -17.19
CA SER F 325 50.76 10.70 -16.38
C SER F 325 51.07 12.07 -15.80
N GLU F 326 50.66 13.14 -16.49
CA GLU F 326 50.85 14.47 -15.93
C GLU F 326 49.78 14.78 -14.89
N LYS F 327 48.56 14.27 -15.07
CA LYS F 327 47.55 14.46 -14.04
C LYS F 327 47.84 13.62 -12.80
N LEU F 328 48.41 12.44 -12.97
CA LEU F 328 48.80 11.63 -11.82
C LEU F 328 50.07 12.16 -11.15
N ALA F 329 50.81 13.05 -11.80
CA ALA F 329 51.94 13.72 -11.17
C ALA F 329 51.49 14.85 -10.25
N GLU F 330 50.23 15.29 -10.37
CA GLU F 330 49.69 16.33 -9.50
C GLU F 330 49.21 15.76 -8.17
N HIS F 331 49.09 14.44 -8.06
CA HIS F 331 48.67 13.76 -6.85
C HIS F 331 49.81 13.05 -6.13
N PHE F 332 50.87 12.70 -6.86
CA PHE F 332 52.04 12.00 -6.32
C PHE F 332 53.28 12.82 -6.69
N PRO F 333 53.44 13.99 -6.07
CA PRO F 333 54.48 14.92 -6.54
C PRO F 333 55.88 14.37 -6.32
N ASN F 334 56.77 14.68 -7.27
CA ASN F 334 58.18 14.29 -7.24
C ASN F 334 58.37 12.78 -7.33
N LYS F 335 57.35 12.04 -7.77
CA LYS F 335 57.45 10.60 -7.97
C LYS F 335 57.56 10.30 -9.46
N THR F 336 58.17 9.16 -9.78
CA THR F 336 58.19 8.63 -11.13
C THR F 336 56.91 7.82 -11.33
N ILE F 337 56.24 8.04 -12.46
CA ILE F 337 54.98 7.35 -12.77
C ILE F 337 55.27 6.37 -13.89
N LYS F 338 54.99 5.09 -13.63
CA LYS F 338 55.16 4.02 -14.60
C LYS F 338 53.86 3.28 -14.77
N PHE F 339 53.60 2.83 -16.00
CA PHE F 339 52.48 1.97 -16.33
C PHE F 339 53.04 0.64 -16.81
N THR F 340 52.60 -0.44 -16.18
CA THR F 340 53.05 -1.79 -16.53
C THR F 340 51.83 -2.70 -16.64
N SER F 341 52.06 -3.91 -17.12
CA SER F 341 50.97 -4.86 -17.26
C SER F 341 50.59 -5.44 -15.90
N SER F 342 49.44 -6.11 -15.86
CA SER F 342 48.97 -6.70 -14.62
C SER F 342 49.95 -7.77 -14.13
N SER F 343 50.13 -7.81 -12.82
CA SER F 343 51.10 -8.72 -12.20
C SER F 343 50.53 -10.12 -11.93
N GLY F 344 49.24 -10.34 -12.13
CA GLY F 344 48.69 -11.65 -11.89
C GLY F 344 47.18 -11.62 -11.88
N GLY F 345 46.61 -12.80 -11.75
CA GLY F 345 45.17 -12.99 -11.72
C GLY F 345 44.67 -13.80 -12.91
N ASP F 346 43.35 -13.93 -12.92
CA ASP F 346 42.66 -14.71 -13.97
C ASP F 346 42.58 -13.94 -15.28
N LEU F 347 42.20 -14.65 -16.33
CA LEU F 347 42.12 -14.02 -17.65
C LEU F 347 41.18 -12.83 -17.63
N GLU F 348 40.11 -12.91 -16.84
CA GLU F 348 39.12 -11.84 -16.80
C GLU F 348 39.67 -10.52 -16.27
N ILE F 349 40.80 -10.53 -15.55
CA ILE F 349 41.37 -9.29 -15.01
C ILE F 349 42.79 -9.01 -15.50
N THR F 350 43.52 -9.98 -16.06
CA THR F 350 44.85 -9.73 -16.60
C THR F 350 44.79 -9.25 -18.05
N THR F 351 43.69 -9.51 -18.74
CA THR F 351 43.43 -9.06 -20.10
C THR F 351 42.28 -8.05 -20.10
N HIS F 352 42.08 -7.43 -21.24
CA HIS F 352 40.94 -6.52 -21.44
C HIS F 352 39.76 -7.35 -21.92
N SER F 353 38.81 -7.57 -21.01
CA SER F 353 37.64 -8.38 -21.28
C SER F 353 36.52 -7.48 -21.76
N PHE F 354 35.88 -7.85 -22.88
CA PHE F 354 34.75 -7.07 -23.35
C PHE F 354 33.89 -7.95 -24.24
N ASN F 355 32.64 -7.54 -24.39
CA ASN F 355 31.66 -8.20 -25.26
C ASN F 355 31.61 -7.46 -26.59
N CYS F 356 31.97 -8.16 -27.66
CA CYS F 356 31.95 -7.64 -29.03
C CYS F 356 30.95 -8.45 -29.85
N ARG F 357 29.74 -7.92 -29.99
CA ARG F 357 28.66 -8.57 -30.73
C ARG F 357 28.42 -10.00 -30.22
N GLY F 358 28.55 -10.17 -28.90
CA GLY F 358 28.35 -11.44 -28.25
C GLY F 358 29.61 -12.23 -28.00
N GLU F 359 30.63 -12.07 -28.85
CA GLU F 359 31.89 -12.77 -28.66
C GLU F 359 32.69 -12.09 -27.57
N PHE F 360 33.25 -12.88 -26.65
CA PHE F 360 33.95 -12.37 -25.47
C PHE F 360 35.45 -12.37 -25.73
N PHE F 361 36.00 -11.21 -26.04
CA PHE F 361 37.41 -11.06 -26.36
C PHE F 361 38.23 -10.86 -25.08
N TYR F 362 39.56 -10.96 -25.22
CA TYR F 362 40.46 -10.87 -24.05
C TYR F 362 41.83 -10.39 -24.53
N CYS F 363 41.99 -9.07 -24.66
CA CYS F 363 43.23 -8.51 -25.21
C CYS F 363 44.37 -8.51 -24.21
N ASN F 364 45.58 -8.67 -24.75
CA ASN F 364 46.77 -8.76 -23.91
C ASN F 364 47.05 -7.45 -23.18
N THR F 365 46.95 -6.31 -23.88
CA THR F 365 47.18 -4.98 -23.31
C THR F 365 48.47 -4.87 -22.49
N SER F 366 49.58 -5.27 -23.12
CA SER F 366 50.91 -5.11 -22.54
C SER F 366 51.78 -4.21 -23.39
N GLY F 367 51.34 -3.84 -24.59
CA GLY F 367 52.02 -2.88 -25.43
C GLY F 367 51.44 -1.50 -25.16
N LEU F 368 50.23 -1.46 -24.61
CA LEU F 368 49.64 -0.19 -24.21
C LEU F 368 50.26 0.33 -22.92
N PHE F 369 50.22 -0.49 -21.88
CA PHE F 369 50.68 -0.07 -20.55
C PHE F 369 52.15 -0.42 -20.39
N ASN F 370 52.99 0.38 -21.05
CA ASN F 370 54.44 0.26 -20.97
C ASN F 370 54.99 1.66 -21.19
N SER F 371 55.15 2.42 -20.10
CA SER F 371 55.61 3.78 -20.18
C SER F 371 56.21 4.19 -18.85
N THR F 372 57.09 5.20 -18.89
CA THR F 372 57.64 5.82 -17.71
C THR F 372 57.55 7.34 -17.89
N TYR F 373 57.02 8.03 -16.89
CA TYR F 373 56.98 9.48 -16.86
C TYR F 373 57.66 9.95 -15.58
N MET F 374 58.68 10.79 -15.75
CA MET F 374 59.49 11.31 -14.66
C MET F 374 59.17 12.77 -14.39
N PRO F 375 59.49 13.29 -13.17
CA PRO F 375 59.21 14.70 -12.86
C PRO F 375 59.79 15.73 -13.83
N ASN F 376 60.75 15.36 -14.67
CA ASN F 376 61.33 16.32 -15.59
C ASN F 376 60.39 16.70 -16.73
N GLY F 377 59.27 16.01 -16.89
CA GLY F 377 58.30 16.29 -17.92
C GLY F 377 58.50 15.56 -19.21
N THR F 378 59.60 14.81 -19.34
CA THR F 378 59.85 14.01 -20.53
C THR F 378 59.17 12.65 -20.36
N TYR F 379 58.53 12.19 -21.42
CA TYR F 379 57.83 10.91 -21.44
C TYR F 379 58.74 9.92 -22.16
N MET F 380 59.10 8.83 -21.47
CA MET F 380 60.15 7.94 -21.96
C MET F 380 59.86 7.35 -23.35
N PRO F 381 58.77 6.62 -23.57
CA PRO F 381 58.61 6.05 -24.94
C PRO F 381 58.18 7.15 -25.90
N ASN F 382 59.16 7.98 -26.28
CA ASN F 382 58.92 9.17 -27.08
C ASN F 382 58.99 8.86 -28.57
N GLY F 383 58.65 9.88 -29.37
CA GLY F 383 58.50 9.70 -30.80
C GLY F 383 57.11 9.28 -31.21
N THR F 384 56.19 9.11 -30.26
CA THR F 384 54.84 8.67 -30.51
C THR F 384 53.85 9.82 -30.68
N ASN F 385 54.34 10.99 -31.09
CA ASN F 385 53.50 12.15 -31.37
C ASN F 385 53.52 12.54 -32.84
N ASN F 386 54.32 11.84 -33.66
CA ASN F 386 54.39 12.04 -35.10
C ASN F 386 54.35 10.68 -35.81
N SER F 387 53.76 9.68 -35.16
CA SER F 387 53.76 8.31 -35.63
C SER F 387 52.46 8.01 -36.38
N ASN F 388 52.56 7.04 -37.30
CA ASN F 388 51.41 6.50 -38.01
C ASN F 388 51.17 5.03 -37.68
N SER F 389 51.82 4.51 -36.64
CA SER F 389 51.73 3.09 -36.33
C SER F 389 50.43 2.78 -35.60
N THR F 390 50.17 1.49 -35.43
CA THR F 390 49.02 0.98 -34.70
C THR F 390 49.51 -0.04 -33.69
N ILE F 391 48.82 -0.10 -32.55
CA ILE F 391 49.14 -1.05 -31.48
C ILE F 391 48.16 -2.21 -31.62
N ILE F 392 48.65 -3.35 -32.11
CA ILE F 392 47.83 -4.51 -32.37
C ILE F 392 47.83 -5.38 -31.12
N LEU F 393 46.66 -5.51 -30.50
CA LEU F 393 46.50 -6.28 -29.27
C LEU F 393 45.92 -7.65 -29.59
N PRO F 394 46.60 -8.77 -29.33
CA PRO F 394 46.05 -10.09 -29.73
C PRO F 394 44.96 -10.67 -28.82
N CYS F 395 43.74 -10.15 -28.95
CA CYS F 395 42.62 -10.67 -28.19
C CYS F 395 42.37 -12.15 -28.47
N ARG F 396 42.18 -12.92 -27.39
CA ARG F 396 41.76 -14.32 -27.46
C ARG F 396 40.24 -14.38 -27.30
N ILE F 397 39.64 -15.45 -27.85
CA ILE F 397 38.20 -15.66 -27.81
C ILE F 397 37.90 -16.83 -26.89
N LYS F 398 36.91 -16.67 -26.02
CA LYS F 398 36.46 -17.70 -25.09
C LYS F 398 34.95 -17.81 -25.20
N GLN F 399 34.42 -19.02 -25.03
CA GLN F 399 32.99 -19.29 -25.18
C GLN F 399 32.28 -19.65 -23.89
N ILE F 400 32.82 -20.58 -23.10
CA ILE F 400 32.23 -20.88 -21.80
C ILE F 400 32.72 -19.79 -20.84
N ILE F 401 31.91 -18.75 -20.71
CA ILE F 401 32.25 -17.56 -19.91
C ILE F 401 31.75 -17.76 -18.49
N ASN F 402 32.69 -17.79 -17.54
CA ASN F 402 32.29 -17.83 -16.14
C ASN F 402 31.57 -16.53 -15.78
N MET F 403 30.24 -16.58 -15.82
CA MET F 403 29.43 -15.39 -15.60
C MET F 403 29.74 -14.76 -14.25
N TRP F 404 29.99 -13.44 -14.26
CA TRP F 404 30.30 -12.67 -13.06
C TRP F 404 31.32 -13.44 -12.22
N GLN F 405 31.01 -13.71 -10.94
CA GLN F 405 31.79 -14.66 -10.15
C GLN F 405 30.87 -15.56 -9.34
N GLU F 406 29.66 -15.81 -9.85
CA GLU F 406 28.70 -16.67 -9.16
C GLU F 406 29.22 -18.10 -8.96
N VAL F 407 30.25 -18.52 -9.69
CA VAL F 407 30.84 -19.85 -9.62
C VAL F 407 29.86 -20.91 -10.11
N GLY F 408 28.71 -21.04 -9.44
CA GLY F 408 27.73 -22.06 -9.79
C GLY F 408 26.83 -21.73 -10.98
N ARG F 409 27.33 -20.94 -11.93
CA ARG F 409 26.55 -20.57 -13.10
C ARG F 409 27.53 -20.06 -14.15
N ALA F 410 27.70 -20.81 -15.23
CA ALA F 410 28.50 -20.40 -16.37
C ALA F 410 27.57 -19.97 -17.51
N MET F 411 28.15 -19.68 -18.66
CA MET F 411 27.38 -19.30 -19.83
C MET F 411 28.13 -19.69 -21.08
N TYR F 412 27.41 -20.16 -22.09
CA TYR F 412 27.96 -20.48 -23.40
C TYR F 412 27.51 -19.39 -24.38
N ALA F 413 28.47 -18.70 -24.98
CA ALA F 413 28.17 -17.69 -25.99
C ALA F 413 28.14 -18.39 -27.34
N PRO F 414 27.00 -18.50 -28.02
CA PRO F 414 26.98 -19.25 -29.28
C PRO F 414 27.77 -18.50 -30.34
N PRO F 415 28.39 -19.21 -31.29
CA PRO F 415 29.14 -18.52 -32.34
C PRO F 415 28.21 -17.87 -33.35
N ILE F 416 28.75 -16.84 -34.00
CA ILE F 416 28.07 -16.11 -35.07
C ILE F 416 28.80 -16.37 -36.37
N ALA F 417 28.05 -16.78 -37.39
CA ALA F 417 28.64 -17.06 -38.69
C ALA F 417 29.20 -15.79 -39.30
N GLY F 418 30.25 -15.96 -40.10
CA GLY F 418 30.93 -14.83 -40.70
C GLY F 418 31.97 -14.27 -39.76
N ASN F 419 32.23 -12.97 -39.84
CA ASN F 419 33.22 -12.30 -39.03
C ASN F 419 32.54 -11.21 -38.21
N ILE F 420 33.30 -10.62 -37.30
CA ILE F 420 32.78 -9.61 -36.38
C ILE F 420 33.79 -8.47 -36.32
N THR F 421 33.28 -7.24 -36.36
CA THR F 421 34.06 -6.04 -36.10
C THR F 421 33.25 -5.13 -35.16
N CYS F 422 33.91 -4.61 -34.13
CA CYS F 422 33.28 -3.67 -33.20
C CYS F 422 34.18 -2.47 -33.01
N ASN F 423 33.57 -1.29 -33.01
CA ASN F 423 34.25 -0.05 -32.65
C ASN F 423 33.72 0.39 -31.29
N SER F 424 34.59 1.02 -30.50
CA SER F 424 34.14 1.60 -29.25
C SER F 424 35.08 2.73 -28.86
N ASN F 425 34.62 3.55 -27.94
CA ASN F 425 35.38 4.68 -27.42
C ASN F 425 35.93 4.31 -26.05
N ILE F 426 37.22 4.50 -25.84
CA ILE F 426 37.83 4.32 -24.53
C ILE F 426 37.69 5.65 -23.80
N THR F 427 36.89 5.65 -22.73
CA THR F 427 36.56 6.85 -21.99
C THR F 427 37.12 6.85 -20.59
N GLY F 428 37.92 5.86 -20.21
CA GLY F 428 38.48 5.84 -18.88
C GLY F 428 39.26 4.58 -18.64
N LEU F 429 40.10 4.64 -17.61
CA LEU F 429 40.99 3.56 -17.23
C LEU F 429 40.70 3.13 -15.79
N LEU F 430 40.94 1.86 -15.50
CA LEU F 430 40.90 1.33 -14.14
C LEU F 430 42.32 0.94 -13.76
N LEU F 431 42.91 1.67 -12.83
CA LEU F 431 44.30 1.48 -12.42
C LEU F 431 44.36 1.07 -10.95
N VAL F 432 45.34 0.25 -10.63
CA VAL F 432 45.66 -0.15 -9.27
C VAL F 432 47.13 0.18 -9.02
N ARG F 433 47.42 0.83 -7.90
CA ARG F 433 48.77 1.27 -7.58
C ARG F 433 49.49 0.21 -6.75
N ASP F 434 50.78 0.01 -7.03
CA ASP F 434 51.56 -1.00 -6.34
C ASP F 434 52.07 -0.44 -5.01
N GLY F 435 51.83 -1.17 -3.93
CA GLY F 435 52.19 -0.72 -2.60
C GLY F 435 53.61 -1.10 -2.23
N GLY F 436 53.96 -0.83 -0.97
CA GLY F 436 55.26 -1.20 -0.45
C GLY F 436 56.30 -0.12 -0.62
N LYS F 437 57.49 -0.41 -0.11
CA LYS F 437 58.60 0.53 -0.21
C LYS F 437 59.02 0.66 -1.66
N ASN F 438 59.37 1.88 -2.06
CA ASN F 438 59.80 2.13 -3.43
C ASN F 438 60.76 3.31 -3.45
N ASN F 439 61.53 3.40 -4.53
CA ASN F 439 62.47 4.50 -4.72
C ASN F 439 61.76 5.64 -5.46
N ASN F 440 60.76 6.19 -4.78
CA ASN F 440 59.96 7.33 -5.27
C ASN F 440 59.42 7.10 -6.68
N THR F 441 59.01 5.86 -6.96
CA THR F 441 58.38 5.50 -8.22
C THR F 441 57.06 4.79 -7.97
N GLU F 442 56.00 5.25 -8.64
CA GLU F 442 54.70 4.60 -8.61
C GLU F 442 54.56 3.72 -9.84
N ILE F 443 53.96 2.54 -9.66
CA ILE F 443 53.72 1.58 -10.74
C ILE F 443 52.23 1.30 -10.81
N PHE F 444 51.53 2.02 -11.68
CA PHE F 444 50.08 1.89 -11.82
C PHE F 444 49.77 0.79 -12.82
N ARG F 445 49.28 -0.36 -12.33
CA ARG F 445 49.01 -1.51 -13.18
C ARG F 445 47.51 -1.67 -13.38
N PRO F 446 47.04 -1.99 -14.60
CA PRO F 446 45.59 -2.10 -14.84
C PRO F 446 44.91 -3.03 -13.85
N GLY F 447 43.61 -2.80 -13.64
CA GLY F 447 42.85 -3.59 -12.70
C GLY F 447 41.43 -3.71 -13.18
N GLY F 448 40.62 -4.39 -12.37
CA GLY F 448 39.21 -4.53 -12.67
C GLY F 448 38.69 -5.83 -12.09
N GLY F 449 37.59 -6.30 -12.67
CA GLY F 449 36.94 -7.52 -12.26
C GLY F 449 35.72 -7.21 -11.42
N ASP F 450 35.86 -6.24 -10.52
CA ASP F 450 34.75 -5.78 -9.71
C ASP F 450 33.96 -4.80 -10.55
N MET F 451 32.71 -5.15 -10.87
CA MET F 451 31.94 -4.37 -11.81
C MET F 451 31.25 -3.17 -11.17
N ARG F 452 31.46 -2.93 -9.87
CA ARG F 452 30.91 -1.73 -9.26
C ARG F 452 31.74 -0.52 -9.66
N ASP F 453 33.03 -0.72 -9.89
CA ASP F 453 33.94 0.36 -10.27
C ASP F 453 33.78 0.73 -11.74
N ASN F 454 32.94 0.02 -12.49
CA ASN F 454 32.59 0.38 -13.86
C ASN F 454 31.31 1.21 -13.89
N TRP F 455 30.54 1.18 -12.81
CA TRP F 455 29.30 1.90 -12.65
C TRP F 455 29.46 3.08 -11.71
N ARG F 456 30.56 3.14 -10.95
CA ARG F 456 30.94 4.31 -10.16
C ARG F 456 31.61 5.38 -11.02
N SER F 457 31.58 5.27 -12.34
CA SER F 457 32.20 6.22 -13.25
C SER F 457 31.15 6.85 -14.16
N GLU F 458 29.87 6.57 -13.91
CA GLU F 458 28.74 7.22 -14.56
C GLU F 458 27.63 7.57 -13.58
N LEU F 459 27.62 7.01 -12.37
CA LEU F 459 26.72 7.36 -11.28
C LEU F 459 27.51 8.09 -10.21
N TYR F 460 28.48 8.90 -10.64
CA TYR F 460 29.33 9.63 -9.71
C TYR F 460 28.68 10.91 -9.24
N LYS F 461 27.91 11.56 -10.11
CA LYS F 461 27.34 12.87 -9.82
C LYS F 461 25.99 12.80 -9.14
N TYR F 462 25.42 11.61 -8.96
CA TYR F 462 24.05 11.48 -8.45
C TYR F 462 24.02 11.02 -7.01
N LYS F 463 23.24 11.73 -6.20
CA LYS F 463 22.98 11.40 -4.81
C LYS F 463 21.47 11.30 -4.62
N VAL F 464 21.03 10.36 -3.78
CA VAL F 464 19.61 10.18 -3.50
C VAL F 464 19.33 10.74 -2.11
N VAL F 465 18.34 11.63 -2.01
CA VAL F 465 17.95 12.24 -0.75
C VAL F 465 16.45 12.09 -0.54
N GLU F 466 16.04 12.11 0.72
CA GLU F 466 14.64 12.02 1.13
C GLU F 466 14.19 13.38 1.63
N ILE F 467 13.07 13.88 1.09
CA ILE F 467 12.56 15.18 1.51
C ILE F 467 11.91 15.06 2.88
N LYS F 468 12.12 16.07 3.73
CA LYS F 468 11.53 16.15 5.06
C LYS F 468 10.62 17.38 5.08
N PRO F 469 9.40 17.29 4.53
CA PRO F 469 8.61 18.50 4.32
C PRO F 469 8.12 19.15 5.59
N LEU F 470 8.17 18.48 6.74
CA LEU F 470 7.62 18.99 7.99
C LEU F 470 8.72 19.59 8.84
N GLY F 471 8.51 20.81 9.32
CA GLY F 471 9.48 21.47 10.17
C GLY F 471 8.83 22.59 10.95
N VAL F 472 9.60 23.18 11.86
CA VAL F 472 9.14 24.22 12.76
C VAL F 472 10.09 25.40 12.70
N ALA F 473 9.59 26.59 13.02
CA ALA F 473 10.43 27.77 13.10
C ALA F 473 9.74 28.80 13.98
N PRO F 474 10.49 29.67 14.67
CA PRO F 474 9.86 30.72 15.46
C PRO F 474 9.28 31.82 14.60
N THR F 475 8.11 32.30 14.99
CA THR F 475 7.48 33.47 14.40
C THR F 475 6.83 34.25 15.52
N ARG F 476 6.25 35.39 15.17
CA ARG F 476 5.48 36.21 16.09
C ARG F 476 4.01 35.79 16.12
N CYS F 477 3.67 34.68 15.48
CA CYS F 477 2.29 34.24 15.32
C CYS F 477 1.87 33.36 16.48
N LYS F 478 0.77 33.73 17.16
CA LYS F 478 0.19 32.95 18.22
C LYS F 478 -1.18 32.43 17.78
N ARG F 479 -1.50 31.21 18.19
CA ARG F 479 -2.82 30.68 17.92
C ARG F 479 -3.85 31.34 18.84
N ARG F 480 -5.06 31.50 18.31
CA ARG F 480 -6.17 32.09 19.05
C ARG F 480 -7.44 32.03 18.19
N LEU F 506 7.18 26.81 -9.68
CA LEU F 506 8.63 26.81 -9.75
C LEU F 506 9.16 25.40 -9.97
N GLY F 507 9.54 24.70 -8.90
CA GLY F 507 9.98 23.32 -9.05
C GLY F 507 10.28 22.73 -7.69
N PHE F 508 10.56 21.42 -7.71
CA PHE F 508 10.83 20.70 -6.47
C PHE F 508 12.16 21.15 -5.89
N LEU F 509 12.15 21.52 -4.61
CA LEU F 509 13.32 22.02 -3.90
C LEU F 509 13.89 23.30 -4.52
N GLY F 510 13.10 23.99 -5.36
CA GLY F 510 13.62 25.17 -6.03
C GLY F 510 14.10 26.25 -5.09
N ALA F 511 13.47 26.35 -3.92
CA ALA F 511 13.82 27.34 -2.90
C ALA F 511 14.78 26.79 -1.86
N ALA F 512 15.38 25.61 -2.12
CA ALA F 512 16.28 25.00 -1.15
C ALA F 512 17.43 25.91 -0.75
N GLY F 513 17.93 26.71 -1.70
CA GLY F 513 19.01 27.64 -1.42
C GLY F 513 18.56 29.03 -1.09
N SER F 514 17.26 29.29 -1.05
CA SER F 514 16.73 30.61 -0.74
C SER F 514 16.57 30.76 0.77
N THR F 515 16.38 32.00 1.21
CA THR F 515 16.28 32.24 2.63
C THR F 515 14.95 31.71 3.16
N MET F 516 14.87 31.58 4.49
CA MET F 516 13.70 30.97 5.11
C MET F 516 12.42 31.79 4.92
N GLY F 517 12.52 33.03 4.44
CA GLY F 517 11.37 33.89 4.30
C GLY F 517 10.90 33.97 2.86
N ALA F 518 11.73 33.48 1.93
CA ALA F 518 11.38 33.38 0.52
C ALA F 518 11.03 31.96 0.12
N ALA F 519 11.27 30.98 1.00
CA ALA F 519 10.91 29.59 0.77
C ALA F 519 9.61 29.21 1.47
N SER F 520 9.01 30.13 2.22
CA SER F 520 7.73 29.91 2.88
C SER F 520 6.56 30.34 2.00
N ILE F 521 6.82 30.66 0.74
CA ILE F 521 5.79 30.95 -0.24
C ILE F 521 5.65 29.79 -1.21
N THR F 522 6.74 29.08 -1.51
CA THR F 522 6.72 27.92 -2.39
C THR F 522 6.63 26.65 -1.52
N LEU F 523 5.43 26.45 -0.98
CA LEU F 523 5.11 25.31 -0.14
C LEU F 523 4.13 24.37 -0.82
N THR F 524 3.27 24.89 -1.67
CA THR F 524 2.30 24.08 -2.40
C THR F 524 2.93 23.37 -3.58
N VAL F 525 4.24 23.54 -3.79
CA VAL F 525 4.95 22.91 -4.89
C VAL F 525 5.81 21.75 -4.41
N GLN F 526 6.38 21.84 -3.21
CA GLN F 526 7.07 20.71 -2.62
C GLN F 526 6.12 19.79 -1.86
N ALA F 527 4.86 20.21 -1.67
CA ALA F 527 3.83 19.39 -1.05
C ALA F 527 3.13 18.50 -2.07
N ARG F 528 2.89 19.01 -3.28
CA ARG F 528 2.18 18.22 -4.28
C ARG F 528 3.05 17.14 -4.89
N GLN F 529 4.37 17.33 -4.92
CA GLN F 529 5.27 16.35 -5.51
C GLN F 529 5.67 15.24 -4.55
N LEU F 530 4.91 15.05 -3.48
CA LEU F 530 5.02 13.86 -2.65
C LEU F 530 4.15 12.73 -3.19
N LEU F 531 3.28 13.05 -4.17
CA LEU F 531 2.46 12.08 -4.90
C LEU F 531 1.70 11.17 -3.94
N SER F 532 1.16 11.75 -2.88
CA SER F 532 0.36 11.00 -1.93
C SER F 532 -0.42 11.99 -1.08
N GLY F 558 8.40 -5.83 -9.13
CA GLY F 558 7.11 -5.76 -8.48
C GLY F 558 7.20 -5.41 -7.01
N ILE F 559 7.83 -6.30 -6.23
CA ILE F 559 7.94 -6.08 -4.80
C ILE F 559 8.83 -4.87 -4.52
N LYS F 560 9.94 -4.75 -5.24
CA LYS F 560 10.88 -3.64 -4.99
C LYS F 560 10.21 -2.28 -5.13
N GLN F 561 9.32 -2.12 -6.11
CA GLN F 561 8.65 -0.84 -6.31
C GLN F 561 7.44 -0.70 -5.40
N LEU F 562 6.68 -1.79 -5.24
CA LEU F 562 5.47 -1.72 -4.43
C LEU F 562 5.79 -1.44 -2.96
N GLN F 563 6.92 -1.95 -2.47
CA GLN F 563 7.32 -1.66 -1.10
C GLN F 563 7.68 -0.19 -0.93
N THR F 564 8.17 0.47 -1.98
CA THR F 564 8.51 1.88 -1.84
C THR F 564 7.30 2.75 -2.05
N ARG F 565 6.30 2.26 -2.76
CA ARG F 565 5.04 3.00 -2.85
C ARG F 565 4.32 2.96 -1.51
N VAL F 566 4.31 1.79 -0.87
CA VAL F 566 3.72 1.68 0.45
C VAL F 566 4.50 2.50 1.46
N LEU F 567 5.84 2.48 1.37
CA LEU F 567 6.65 3.26 2.30
C LEU F 567 6.40 4.75 2.14
N ALA F 568 6.28 5.23 0.90
CA ALA F 568 5.97 6.64 0.68
C ALA F 568 4.62 6.99 1.26
N ILE F 569 3.64 6.09 1.13
CA ILE F 569 2.32 6.34 1.70
C ILE F 569 2.42 6.41 3.22
N GLU F 570 3.17 5.48 3.83
CA GLU F 570 3.30 5.48 5.28
C GLU F 570 3.96 6.76 5.78
N HIS F 571 4.98 7.25 5.07
CA HIS F 571 5.64 8.47 5.52
C HIS F 571 4.72 9.67 5.39
N TYR F 572 3.96 9.73 4.28
CA TYR F 572 3.01 10.82 4.12
C TYR F 572 1.98 10.80 5.24
N LEU F 573 1.43 9.62 5.54
CA LEU F 573 0.39 9.54 6.56
C LEU F 573 0.95 9.82 7.94
N LYS F 574 2.19 9.45 8.22
CA LYS F 574 2.77 9.81 9.52
C LYS F 574 2.92 11.31 9.65
N ASP F 575 3.30 11.99 8.57
CA ASP F 575 3.40 13.45 8.64
C ASP F 575 2.02 14.09 8.82
N GLN F 576 1.01 13.60 8.08
CA GLN F 576 -0.35 14.09 8.27
C GLN F 576 -0.84 13.85 9.69
N GLN F 577 -0.54 12.67 10.25
CA GLN F 577 -0.99 12.38 11.60
C GLN F 577 -0.32 13.32 12.60
N LEU F 578 0.96 13.63 12.39
CA LEU F 578 1.63 14.61 13.24
C LEU F 578 0.92 15.95 13.16
N LEU F 579 0.64 16.41 11.94
CA LEU F 579 -0.05 17.70 11.79
C LEU F 579 -1.40 17.66 12.50
N GLY F 580 -2.13 16.55 12.37
CA GLY F 580 -3.45 16.47 12.96
C GLY F 580 -3.42 16.49 14.48
N ILE F 581 -2.52 15.70 15.08
CA ILE F 581 -2.35 15.69 16.53
C ILE F 581 -2.00 17.08 17.06
N TRP F 582 -1.33 17.90 16.25
CA TRP F 582 -0.95 19.24 16.64
C TRP F 582 -2.04 20.27 16.40
N GLY F 583 -3.16 19.87 15.81
CA GLY F 583 -4.21 20.80 15.43
C GLY F 583 -3.97 21.54 14.14
N CYS F 584 -3.01 21.09 13.33
CA CYS F 584 -2.62 21.75 12.10
C CYS F 584 -3.16 21.07 10.85
N SER F 585 -4.13 20.18 11.00
CA SER F 585 -4.66 19.44 9.85
C SER F 585 -5.22 20.40 8.82
N GLY F 586 -4.88 20.17 7.55
CA GLY F 586 -5.39 20.97 6.46
C GLY F 586 -4.66 22.27 6.20
N LYS F 587 -3.54 22.51 6.88
CA LYS F 587 -2.77 23.75 6.75
C LYS F 587 -1.32 23.43 6.43
N LEU F 588 -0.72 24.28 5.58
CA LEU F 588 0.70 24.20 5.30
C LEU F 588 1.51 25.14 6.19
N ILE F 589 0.92 26.24 6.62
CA ILE F 589 1.52 27.18 7.55
C ILE F 589 0.57 27.21 8.75
N CYS F 590 1.02 26.70 9.89
CA CYS F 590 0.18 26.53 11.06
C CYS F 590 0.81 27.23 12.26
N CYS F 591 0.07 28.15 12.84
CA CYS F 591 0.52 28.86 14.03
C CYS F 591 0.04 28.09 15.26
N THR F 592 0.92 27.98 16.26
CA THR F 592 0.61 27.22 17.47
C THR F 592 0.73 28.13 18.69
N ALA F 593 0.40 27.57 19.85
CA ALA F 593 0.44 28.27 21.13
C ALA F 593 1.65 27.91 21.98
N VAL F 594 2.63 27.21 21.42
CA VAL F 594 3.82 26.81 22.15
C VAL F 594 4.84 27.94 22.05
N PRO F 595 5.30 28.52 23.17
CA PRO F 595 6.29 29.59 23.06
C PRO F 595 7.64 29.03 22.65
N TRP F 596 8.45 29.86 22.01
CA TRP F 596 9.78 29.47 21.62
C TRP F 596 10.73 29.64 22.79
N ASN F 597 11.48 28.59 23.08
CA ASN F 597 12.47 28.59 24.15
C ASN F 597 13.80 29.03 23.57
N SER F 598 14.39 30.06 24.18
CA SER F 598 15.65 30.61 23.65
C SER F 598 16.79 29.60 23.68
N SER F 599 16.67 28.51 24.42
CA SER F 599 17.72 27.50 24.40
C SER F 599 17.68 26.68 23.11
N TRP F 600 16.56 26.69 22.39
CA TRP F 600 16.49 25.98 21.12
C TRP F 600 17.23 26.75 20.03
N SER F 601 17.05 28.07 20.02
CA SER F 601 17.77 28.97 19.14
C SER F 601 17.55 30.39 19.64
N ASN F 602 18.62 31.17 19.78
CA ASN F 602 18.53 32.54 20.28
C ASN F 602 18.72 33.57 19.17
N LYS F 603 18.57 33.16 17.91
CA LYS F 603 18.67 34.10 16.80
C LYS F 603 17.38 34.91 16.68
N SER F 604 17.53 36.16 16.26
CA SER F 604 16.37 37.01 16.05
C SER F 604 15.70 36.67 14.73
N LEU F 605 14.50 37.24 14.54
CA LEU F 605 13.74 36.94 13.33
C LEU F 605 14.46 37.39 12.07
N THR F 606 15.19 38.51 12.15
CA THR F 606 15.90 38.98 10.97
C THR F 606 17.18 38.19 10.71
N ASP F 607 17.61 37.36 11.66
CA ASP F 607 18.76 36.47 11.48
C ASP F 607 18.36 35.08 10.99
N ILE F 608 17.06 34.77 11.00
CA ILE F 608 16.56 33.44 10.63
C ILE F 608 15.80 33.53 9.31
N TRP F 609 14.70 34.27 9.29
CA TRP F 609 13.84 34.33 8.11
C TRP F 609 14.53 35.04 6.95
N ASP F 610 15.35 36.04 7.24
CA ASP F 610 15.99 36.84 6.20
C ASP F 610 17.38 36.37 5.80
N ASN F 611 18.10 35.67 6.68
CA ASN F 611 19.50 35.31 6.41
C ASN F 611 19.78 33.83 6.25
N MET F 612 18.99 32.93 6.84
CA MET F 612 19.28 31.50 6.79
C MET F 612 18.34 30.76 5.85
N THR F 613 18.82 29.64 5.33
CA THR F 613 18.05 28.70 4.54
C THR F 613 17.43 27.65 5.45
N TRP F 614 16.48 26.88 4.89
CA TRP F 614 15.83 25.85 5.69
C TRP F 614 16.77 24.70 6.03
N MET F 615 17.76 24.40 5.18
CA MET F 615 18.71 23.35 5.51
C MET F 615 19.58 23.73 6.70
N GLN F 616 20.02 24.99 6.76
CA GLN F 616 20.84 25.43 7.89
C GLN F 616 20.02 25.41 9.17
N TRP F 617 18.75 25.81 9.06
CA TRP F 617 17.87 25.78 10.21
C TRP F 617 17.65 24.35 10.70
N ASP F 618 17.42 23.41 9.77
CA ASP F 618 17.24 22.02 10.19
C ASP F 618 18.51 21.53 10.88
N ARG F 619 19.68 21.89 10.34
CA ARG F 619 20.92 21.48 10.99
C ARG F 619 21.09 22.14 12.35
N GLU F 620 20.41 23.26 12.60
CA GLU F 620 20.49 23.92 13.89
C GLU F 620 19.52 23.29 14.90
N VAL F 621 18.22 23.40 14.63
CA VAL F 621 17.20 22.79 15.50
C VAL F 621 16.93 21.38 14.98
N SER F 622 17.69 20.43 15.48
CA SER F 622 17.51 19.02 15.16
C SER F 622 17.55 18.17 16.42
N ASN F 623 18.43 18.49 17.36
CA ASN F 623 18.45 17.83 18.66
C ASN F 623 17.22 18.15 19.51
N TYR F 624 16.37 19.10 19.10
CA TYR F 624 15.25 19.56 19.92
C TYR F 624 13.88 19.19 19.36
N THR F 625 13.81 18.43 18.27
CA THR F 625 12.49 18.15 17.69
C THR F 625 11.68 17.19 18.54
N GLY F 626 12.34 16.37 19.35
CA GLY F 626 11.63 15.48 20.25
C GLY F 626 11.02 16.18 21.44
N ILE F 627 11.39 17.44 21.66
CA ILE F 627 10.82 18.27 22.72
C ILE F 627 9.70 19.13 22.14
N ILE F 628 9.95 19.71 20.98
CA ILE F 628 8.96 20.58 20.35
C ILE F 628 7.73 19.78 19.98
N TYR F 629 7.92 18.58 19.40
CA TYR F 629 6.76 17.79 19.00
C TYR F 629 5.92 17.37 20.21
N ARG F 630 6.57 17.03 21.31
CA ARG F 630 5.85 16.67 22.52
C ARG F 630 5.08 17.87 23.07
N LEU F 631 5.71 19.04 23.05
CA LEU F 631 5.02 20.23 23.52
C LEU F 631 3.82 20.56 22.65
N LEU F 632 3.96 20.36 21.34
CA LEU F 632 2.86 20.65 20.43
C LEU F 632 1.68 19.71 20.66
N GLU F 633 1.93 18.41 20.88
CA GLU F 633 0.80 17.52 21.11
C GLU F 633 0.18 17.76 22.49
N ASP F 634 0.99 18.15 23.48
CA ASP F 634 0.42 18.45 24.79
C ASP F 634 -0.45 19.70 24.74
N SER F 635 0.01 20.72 24.00
CA SER F 635 -0.79 21.93 23.86
C SER F 635 -2.08 21.66 23.13
N GLN F 636 -2.05 20.80 22.10
CA GLN F 636 -3.30 20.49 21.41
C GLN F 636 -4.23 19.69 22.32
N ASN F 637 -3.72 18.79 23.15
CA ASN F 637 -4.61 18.07 24.05
C ASN F 637 -5.28 19.02 25.03
N GLN F 638 -4.52 20.02 25.50
CA GLN F 638 -5.11 21.00 26.42
C GLN F 638 -6.16 21.84 25.70
N GLN F 639 -5.89 22.21 24.45
CA GLN F 639 -6.85 23.01 23.70
C GLN F 639 -8.11 22.22 23.40
N GLU F 640 -7.98 20.92 23.10
CA GLU F 640 -9.17 20.11 22.83
C GLU F 640 -10.03 19.95 24.08
N ARG F 641 -9.40 19.78 25.24
CA ARG F 641 -10.22 19.66 26.45
C ARG F 641 -10.85 20.99 26.83
N ASN F 642 -10.12 22.09 26.61
CA ASN F 642 -10.71 23.40 26.88
C ASN F 642 -11.84 23.69 25.90
N GLU F 643 -11.72 23.22 24.66
CA GLU F 643 -12.76 23.45 23.68
C GLU F 643 -14.01 22.65 24.02
N GLN F 644 -13.86 21.40 24.47
CA GLN F 644 -15.07 20.66 24.83
C GLN F 644 -15.68 21.24 26.10
N ASP F 645 -14.89 21.86 26.97
CA ASP F 645 -15.47 22.47 28.15
C ASP F 645 -16.21 23.75 27.79
N LEU F 646 -15.65 24.56 26.89
CA LEU F 646 -16.34 25.77 26.43
C LEU F 646 -17.61 25.42 25.66
N LEU F 647 -17.59 24.35 24.87
CA LEU F 647 -18.74 23.95 24.08
C LEU F 647 -19.81 23.24 24.90
N ALA F 648 -19.54 22.95 26.17
CA ALA F 648 -20.52 22.39 27.10
C ALA F 648 -20.95 23.43 28.12
N LEU F 649 -20.57 24.69 27.92
CA LEU F 649 -20.90 25.81 28.79
C LEU F 649 -22.07 26.56 28.16
N ASP F 650 -23.26 26.32 28.71
CA ASP F 650 -24.60 26.73 28.21
C ASP F 650 -25.51 25.53 28.37
N GLN G 1 33.53 -20.62 13.58
CA GLN G 1 34.84 -20.02 13.99
C GLN G 1 35.73 -19.84 12.76
N VAL G 2 36.25 -18.62 12.60
CA VAL G 2 37.15 -18.32 11.49
C VAL G 2 38.54 -18.83 11.83
N GLN G 3 39.11 -19.63 10.93
CA GLN G 3 40.43 -20.21 11.12
C GLN G 3 41.22 -20.09 9.83
N LEU G 4 42.54 -19.94 9.98
CA LEU G 4 43.48 -19.99 8.87
C LEU G 4 44.58 -20.97 9.25
N VAL G 5 44.72 -22.04 8.45
CA VAL G 5 45.65 -23.13 8.73
C VAL G 5 46.70 -23.14 7.62
N GLN G 6 47.96 -22.89 7.98
CA GLN G 6 49.06 -22.83 7.03
C GLN G 6 49.91 -24.09 7.11
N SER G 7 50.66 -24.34 6.04
CA SER G 7 51.56 -25.47 6.00
C SER G 7 52.71 -25.30 6.99
N GLY G 8 53.39 -26.41 7.27
CA GLY G 8 54.45 -26.42 8.25
C GLY G 8 55.76 -25.88 7.72
N ALA G 9 56.76 -25.90 8.60
CA ALA G 9 58.06 -25.32 8.28
C ALA G 9 58.73 -26.09 7.14
N GLU G 10 59.56 -25.38 6.38
CA GLU G 10 60.26 -25.94 5.23
C GLU G 10 61.68 -25.42 5.18
N VAL G 11 62.56 -26.21 4.57
CA VAL G 11 63.98 -25.86 4.40
C VAL G 11 64.33 -25.93 2.92
N LYS G 12 64.85 -24.82 2.39
CA LYS G 12 65.27 -24.72 0.99
C LYS G 12 66.68 -24.17 0.90
N LYS G 13 67.34 -24.48 -0.24
CA LYS G 13 68.65 -23.99 -0.60
C LYS G 13 68.52 -22.71 -1.43
N PRO G 14 69.53 -21.82 -1.41
CA PRO G 14 69.46 -20.61 -2.24
C PRO G 14 69.19 -20.93 -3.70
N GLY G 15 68.29 -20.15 -4.30
CA GLY G 15 67.89 -20.30 -5.69
C GLY G 15 66.64 -21.14 -5.88
N ALA G 16 66.22 -21.88 -4.87
CA ALA G 16 65.03 -22.72 -4.95
C ALA G 16 63.78 -21.85 -4.78
N SER G 17 62.63 -22.44 -5.13
CA SER G 17 61.33 -21.83 -4.92
C SER G 17 60.58 -22.61 -3.83
N VAL G 18 59.83 -21.88 -3.01
CA VAL G 18 59.04 -22.45 -1.93
C VAL G 18 57.58 -22.04 -2.12
N LYS G 19 56.68 -22.99 -1.93
CA LYS G 19 55.24 -22.77 -2.03
C LYS G 19 54.60 -22.93 -0.66
N VAL G 20 53.88 -21.89 -0.23
CA VAL G 20 53.20 -21.86 1.06
C VAL G 20 51.71 -21.77 0.81
N SER G 21 50.93 -22.48 1.62
CA SER G 21 49.47 -22.55 1.47
C SER G 21 48.80 -22.10 2.77
N CYS G 22 47.58 -21.57 2.63
CA CYS G 22 46.80 -21.03 3.77
C CYS G 22 45.35 -21.47 3.63
N LYS G 23 45.06 -22.71 4.04
CA LYS G 23 43.68 -23.19 4.08
C LYS G 23 42.84 -22.23 4.91
N ALA G 24 41.70 -21.82 4.36
CA ALA G 24 40.80 -20.87 4.99
C ALA G 24 39.46 -21.54 5.27
N SER G 25 39.02 -21.50 6.53
CA SER G 25 37.79 -22.15 6.97
C SER G 25 36.98 -21.22 7.86
N GLY G 26 35.65 -21.28 7.71
CA GLY G 26 34.72 -20.56 8.58
C GLY G 26 33.93 -19.46 7.92
N TYR G 27 34.38 -18.92 6.79
CA TYR G 27 33.75 -17.77 6.16
C TYR G 27 33.65 -18.02 4.66
N SER G 28 33.07 -17.06 3.94
CA SER G 28 32.99 -17.12 2.48
C SER G 28 34.33 -16.70 1.90
N PHE G 29 35.01 -17.64 1.23
CA PHE G 29 36.36 -17.40 0.75
C PHE G 29 36.42 -16.29 -0.30
N THR G 30 35.47 -16.29 -1.24
CA THR G 30 35.51 -15.37 -2.38
C THR G 30 34.96 -13.98 -2.07
N ASP G 31 34.97 -13.54 -0.81
CA ASP G 31 34.54 -12.19 -0.46
C ASP G 31 35.53 -11.37 0.35
N TYR G 32 36.69 -11.91 0.74
CA TYR G 32 37.65 -11.18 1.56
C TYR G 32 39.05 -11.29 1.00
N TYR G 33 39.83 -10.22 1.22
CA TYR G 33 41.23 -10.17 0.82
C TYR G 33 42.09 -10.93 1.81
N ILE G 34 43.08 -11.66 1.31
CA ILE G 34 44.05 -12.39 2.13
C ILE G 34 45.40 -11.72 1.95
N HIS G 35 45.99 -11.31 3.08
CA HIS G 35 47.26 -10.61 3.10
C HIS G 35 48.32 -11.58 3.60
N TRP G 36 49.46 -11.64 2.91
CA TRP G 36 50.57 -12.48 3.32
C TRP G 36 51.67 -11.59 3.90
N VAL G 37 51.98 -11.79 5.17
CA VAL G 37 52.91 -10.93 5.91
C VAL G 37 54.13 -11.75 6.27
N ARG G 38 55.31 -11.22 5.96
CA ARG G 38 56.58 -11.88 6.24
C ARG G 38 57.20 -11.26 7.48
N GLN G 39 57.39 -12.06 8.53
CA GLN G 39 57.98 -11.60 9.78
C GLN G 39 59.44 -12.05 9.85
N ALA G 40 60.36 -11.11 9.70
CA ALA G 40 61.77 -11.44 9.82
C ALA G 40 62.06 -11.81 11.27
N PRO G 41 63.03 -12.71 11.53
CA PRO G 41 63.25 -13.23 12.89
C PRO G 41 63.32 -12.17 13.98
N GLY G 42 63.93 -11.02 13.71
CA GLY G 42 63.98 -9.94 14.67
C GLY G 42 63.98 -8.54 14.07
N GLN G 43 63.52 -8.41 12.82
CA GLN G 43 63.58 -7.15 12.09
C GLN G 43 62.21 -6.62 11.70
N GLY G 44 61.13 -7.11 12.30
CA GLY G 44 59.81 -6.56 12.03
C GLY G 44 59.02 -7.28 10.95
N LEU G 45 57.88 -6.67 10.63
CA LEU G 45 56.86 -7.22 9.75
C LEU G 45 56.89 -6.50 8.41
N GLU G 46 57.10 -7.24 7.32
CA GLU G 46 57.01 -6.72 5.97
C GLU G 46 55.71 -7.19 5.36
N TRP G 47 55.00 -6.27 4.70
CA TRP G 47 53.67 -6.60 4.19
C TRP G 47 53.70 -7.54 2.98
N MET G 48 54.65 -7.34 2.08
CA MET G 48 54.88 -8.21 0.91
C MET G 48 53.74 -8.33 -0.11
N GLY G 49 52.47 -8.45 0.29
CA GLY G 49 51.41 -8.53 -0.72
C GLY G 49 50.00 -8.92 -0.27
N TRP G 50 48.99 -8.66 -1.14
CA TRP G 50 47.60 -9.06 -0.92
C TRP G 50 47.08 -9.78 -2.16
N ILE G 51 46.19 -10.76 -1.94
CA ILE G 51 45.47 -11.47 -2.99
C ILE G 51 43.96 -11.29 -2.80
N ASN G 52 43.26 -11.06 -3.90
CA ASN G 52 41.79 -10.95 -3.91
C ASN G 52 41.24 -12.24 -4.51
N PRO G 53 40.76 -13.20 -3.71
CA PRO G 53 40.36 -14.50 -4.27
C PRO G 53 39.12 -14.46 -5.13
N ARG G 54 38.44 -13.32 -5.32
CA ARG G 54 37.24 -13.33 -6.16
C ARG G 54 37.63 -13.56 -7.62
N PHE G 55 38.51 -12.72 -8.16
CA PHE G 55 39.07 -12.87 -9.51
C PHE G 55 40.55 -13.17 -9.47
N GLY G 56 41.12 -13.35 -8.28
CA GLY G 56 42.53 -13.67 -8.15
C GLY G 56 43.45 -12.49 -8.30
N GLY G 57 42.96 -11.29 -8.00
CA GLY G 57 43.79 -10.11 -8.18
C GLY G 57 44.90 -10.10 -7.15
N VAL G 58 46.06 -9.54 -7.55
CA VAL G 58 47.22 -9.47 -6.68
C VAL G 58 47.81 -8.07 -6.74
N ASN G 59 48.50 -7.70 -5.66
CA ASN G 59 49.23 -6.43 -5.56
C ASN G 59 50.52 -6.68 -4.79
N TYR G 60 51.53 -7.21 -5.47
CA TYR G 60 52.80 -7.48 -4.82
C TYR G 60 53.54 -6.18 -4.59
N ALA G 61 54.20 -6.08 -3.44
CA ALA G 61 54.96 -4.87 -3.12
C ALA G 61 56.02 -4.63 -4.17
N GLN G 62 56.44 -3.37 -4.31
CA GLN G 62 57.39 -3.03 -5.35
C GLN G 62 58.78 -3.63 -5.11
N LYS G 63 59.04 -4.19 -3.93
CA LYS G 63 60.29 -4.88 -3.67
C LYS G 63 60.19 -6.33 -4.12
N PHE G 64 59.10 -7.01 -3.78
CA PHE G 64 58.92 -8.43 -4.04
C PHE G 64 58.17 -8.70 -5.34
N GLN G 65 58.28 -7.83 -6.34
CA GLN G 65 57.68 -8.08 -7.65
C GLN G 65 58.67 -8.83 -8.51
N GLY G 66 58.18 -9.86 -9.21
CA GLY G 66 59.00 -10.73 -10.02
C GLY G 66 59.39 -12.02 -9.33
N ARG G 67 59.27 -12.09 -8.00
CA ARG G 67 59.64 -13.25 -7.22
C ARG G 67 58.49 -13.85 -6.42
N VAL G 68 57.45 -13.08 -6.10
CA VAL G 68 56.35 -13.52 -5.27
C VAL G 68 55.13 -13.69 -6.16
N THR G 69 54.77 -14.94 -6.42
CA THR G 69 53.55 -15.27 -7.15
C THR G 69 52.52 -15.74 -6.14
N MET G 70 51.28 -15.25 -6.29
CA MET G 70 50.16 -15.68 -5.47
C MET G 70 49.06 -16.21 -6.36
N THR G 71 48.42 -17.29 -5.91
CA THR G 71 47.33 -17.92 -6.62
C THR G 71 46.28 -18.35 -5.61
N ARG G 72 45.14 -18.85 -6.10
CA ARG G 72 44.07 -19.29 -5.18
C ARG G 72 43.31 -20.46 -5.81
N ASP G 73 42.89 -21.43 -4.99
CA ASP G 73 42.12 -22.60 -5.42
C ASP G 73 40.82 -22.55 -4.62
N THR G 74 39.76 -22.07 -5.26
CA THR G 74 38.49 -21.87 -4.57
C THR G 74 37.75 -23.18 -4.34
N SER G 75 38.10 -24.26 -5.05
CA SER G 75 37.40 -25.52 -4.86
C SER G 75 37.75 -26.16 -3.52
N ILE G 76 38.85 -25.75 -2.90
CA ILE G 76 39.25 -26.24 -1.58
C ILE G 76 39.49 -25.09 -0.61
N ARG G 77 39.10 -23.87 -1.00
CA ARG G 77 39.24 -22.66 -0.19
C ARG G 77 40.65 -22.48 0.40
N THR G 78 41.66 -22.64 -0.45
CA THR G 78 43.07 -22.50 -0.04
C THR G 78 43.76 -21.49 -0.93
N ALA G 79 44.50 -20.59 -0.32
CA ALA G 79 45.35 -19.62 -1.00
C ALA G 79 46.77 -20.16 -1.06
N HIS G 80 47.48 -19.81 -2.13
CA HIS G 80 48.85 -20.26 -2.34
C HIS G 80 49.75 -19.07 -2.66
N MET G 81 50.95 -19.10 -2.11
CA MET G 81 52.00 -18.13 -2.38
C MET G 81 53.24 -18.90 -2.82
N GLU G 82 53.94 -18.38 -3.83
CA GLU G 82 55.21 -18.95 -4.26
C GLU G 82 56.27 -17.85 -4.26
N LEU G 83 57.40 -18.12 -3.60
CA LEU G 83 58.54 -17.22 -3.54
C LEU G 83 59.72 -17.88 -4.23
N SER G 84 60.17 -17.29 -5.33
CA SER G 84 61.28 -17.81 -6.13
C SER G 84 62.58 -17.08 -5.79
N ARG G 85 63.70 -17.65 -6.26
CA ARG G 85 65.03 -17.06 -6.09
C ARG G 85 65.32 -16.73 -4.63
N LEU G 86 65.11 -17.71 -3.77
CA LEU G 86 65.32 -17.52 -2.34
C LEU G 86 66.77 -17.17 -2.04
N ILE G 87 66.97 -16.27 -1.08
CA ILE G 87 68.28 -15.87 -0.61
C ILE G 87 68.26 -16.04 0.91
N SER G 88 69.45 -16.03 1.53
CA SER G 88 69.54 -16.22 2.97
C SER G 88 68.81 -15.13 3.74
N ASP G 89 68.62 -13.95 3.13
CA ASP G 89 67.90 -12.86 3.76
C ASP G 89 66.39 -13.07 3.77
N ASP G 90 65.88 -14.13 3.13
CA ASP G 90 64.45 -14.39 3.07
C ASP G 90 63.96 -15.29 4.19
N THR G 91 64.83 -15.68 5.13
CA THR G 91 64.38 -16.47 6.26
C THR G 91 63.42 -15.64 7.11
N ALA G 92 62.24 -16.18 7.36
CA ALA G 92 61.21 -15.43 8.06
C ALA G 92 60.03 -16.34 8.37
N PHE G 93 59.14 -15.84 9.22
CA PHE G 93 57.84 -16.46 9.47
C PHE G 93 56.82 -15.82 8.54
N TYR G 94 56.25 -16.62 7.64
CA TYR G 94 55.28 -16.12 6.68
C TYR G 94 53.88 -16.34 7.25
N TYR G 95 53.14 -15.25 7.43
CA TYR G 95 51.82 -15.28 8.03
C TYR G 95 50.74 -14.97 7.00
N CYS G 96 49.63 -15.67 7.12
CA CYS G 96 48.43 -15.42 6.33
C CYS G 96 47.46 -14.63 7.21
N ALA G 97 46.92 -13.53 6.69
CA ALA G 97 46.03 -12.69 7.48
C ALA G 97 44.88 -12.14 6.63
N ARG G 98 43.76 -11.89 7.30
CA ARG G 98 42.56 -11.31 6.72
C ARG G 98 42.09 -10.13 7.54
N GLY G 99 41.38 -9.20 6.90
CA GLY G 99 40.78 -8.11 7.63
C GLY G 99 39.48 -8.53 8.29
N ARG G 100 39.02 -7.73 9.26
CA ARG G 100 37.75 -8.01 9.90
C ARG G 100 36.57 -7.80 8.95
N PHE G 101 36.65 -6.79 8.07
CA PHE G 101 35.59 -6.48 7.12
C PHE G 101 36.16 -6.44 5.70
N ALA G 102 35.29 -6.73 4.74
CA ALA G 102 35.65 -6.58 3.34
C ALA G 102 35.82 -5.11 2.96
N ASP G 103 35.09 -4.21 3.62
CA ASP G 103 35.17 -2.79 3.29
C ASP G 103 36.50 -2.18 3.75
N SER G 104 37.06 -2.66 4.86
CA SER G 104 38.32 -2.19 5.40
C SER G 104 39.15 -3.42 5.70
N VAL G 105 40.14 -3.69 4.85
CA VAL G 105 40.86 -4.97 4.86
C VAL G 105 42.20 -4.90 5.57
N TRP G 106 42.60 -3.74 6.08
CA TRP G 106 43.88 -3.60 6.77
C TRP G 106 43.81 -3.96 8.25
N ASN G 107 42.61 -4.14 8.79
CA ASN G 107 42.44 -4.46 10.21
C ASN G 107 42.61 -5.96 10.38
N LEU G 108 43.88 -6.40 10.38
CA LEU G 108 44.19 -7.82 10.28
C LEU G 108 43.87 -8.48 11.61
N LEU G 109 42.57 -8.77 11.80
CA LEU G 109 42.11 -9.42 13.03
C LEU G 109 42.38 -10.91 13.04
N PHE G 110 42.31 -11.58 11.89
CA PHE G 110 42.40 -13.03 11.80
C PHE G 110 43.74 -13.40 11.18
N TRP G 111 44.54 -14.17 11.93
CA TRP G 111 45.85 -14.62 11.50
C TRP G 111 45.93 -16.13 11.65
N GLY G 112 46.69 -16.76 10.75
CA GLY G 112 47.01 -18.17 10.86
C GLY G 112 48.30 -18.40 11.62
N GLN G 113 48.73 -19.65 11.63
CA GLN G 113 50.01 -20.00 12.26
C GLN G 113 51.13 -19.66 11.31
N GLY G 114 52.28 -19.26 11.86
CA GLY G 114 53.39 -18.90 11.02
C GLY G 114 54.04 -20.11 10.38
N THR G 115 54.46 -19.94 9.13
CA THR G 115 55.22 -20.94 8.39
C THR G 115 56.68 -20.52 8.38
N LEU G 116 57.54 -21.34 8.98
CA LEU G 116 58.95 -21.02 9.06
C LEU G 116 59.65 -21.50 7.79
N VAL G 117 60.29 -20.57 7.09
CA VAL G 117 61.07 -20.88 5.90
C VAL G 117 62.51 -20.52 6.24
N THR G 118 63.40 -21.50 6.15
CA THR G 118 64.83 -21.31 6.40
C THR G 118 65.56 -21.46 5.08
N VAL G 119 66.44 -20.51 4.77
CA VAL G 119 67.25 -20.55 3.57
C VAL G 119 68.71 -20.56 4.02
N SER G 120 69.44 -21.61 3.65
CA SER G 120 70.82 -21.78 4.06
C SER G 120 71.49 -22.75 3.10
N SER G 121 72.82 -22.78 3.14
CA SER G 121 73.58 -23.71 2.32
C SER G 121 73.73 -25.05 3.03
N ASP H 1 55.76 5.88 -0.59
CA ASP H 1 56.45 5.46 0.66
C ASP H 1 55.94 6.29 1.83
N ILE H 2 55.42 5.60 2.84
CA ILE H 2 54.91 6.21 4.06
C ILE H 2 55.68 5.56 5.21
N GLN H 3 56.82 6.12 5.56
CA GLN H 3 57.65 5.53 6.60
C GLN H 3 56.99 5.70 7.96
N MET H 4 56.91 4.61 8.72
CA MET H 4 56.42 4.64 10.09
C MET H 4 57.61 4.81 11.02
N THR H 5 57.55 5.80 11.90
CA THR H 5 58.55 6.00 12.94
C THR H 5 57.89 5.69 14.27
N GLN H 6 58.41 4.69 14.97
CA GLN H 6 57.86 4.21 16.22
C GLN H 6 58.90 4.35 17.31
N SER H 7 58.48 4.84 18.48
CA SER H 7 59.40 5.04 19.59
C SER H 7 58.64 4.87 20.89
N PRO H 8 59.32 4.48 22.00
CA PRO H 8 60.74 4.13 22.14
C PRO H 8 60.98 2.75 21.54
N SER H 9 62.24 2.38 21.24
CA SER H 9 62.50 1.03 20.75
C SER H 9 62.48 0.00 21.88
N SER H 10 62.69 0.42 23.12
CA SER H 10 62.68 -0.47 24.27
C SER H 10 62.13 0.31 25.46
N LEU H 11 61.09 -0.22 26.09
CA LEU H 11 60.41 0.45 27.20
C LEU H 11 60.52 -0.43 28.43
N SER H 12 61.16 0.12 29.47
CA SER H 12 61.35 -0.57 30.74
C SER H 12 60.25 -0.13 31.71
N ALA H 13 59.44 -1.07 32.17
CA ALA H 13 58.35 -0.74 33.09
C ALA H 13 58.02 -1.96 33.94
N SER H 14 57.48 -1.68 35.12
CA SER H 14 57.03 -2.69 36.06
C SER H 14 55.51 -2.82 35.98
N VAL H 15 54.94 -3.64 36.87
CA VAL H 15 53.51 -3.86 36.89
C VAL H 15 52.82 -2.66 37.53
N GLY H 16 51.82 -2.11 36.82
CA GLY H 16 51.06 -0.97 37.29
C GLY H 16 51.50 0.39 36.77
N ASP H 17 52.68 0.50 36.17
CA ASP H 17 53.08 1.79 35.60
C ASP H 17 52.33 2.05 34.30
N ARG H 18 52.18 3.34 33.98
CA ARG H 18 51.53 3.73 32.73
C ARG H 18 52.54 3.67 31.60
N VAL H 19 52.15 2.98 30.52
CA VAL H 19 53.00 2.77 29.34
C VAL H 19 52.48 3.67 28.23
N THR H 20 53.38 4.47 27.65
CA THR H 20 53.06 5.33 26.52
C THR H 20 53.98 4.98 25.34
N ILE H 21 53.37 4.69 24.19
CA ILE H 21 54.08 4.36 22.96
C ILE H 21 53.58 5.30 21.87
N THR H 22 54.51 5.84 21.07
CA THR H 22 54.21 6.78 20.00
C THR H 22 54.54 6.20 18.64
N CYS H 23 53.85 6.70 17.62
CA CYS H 23 54.04 6.30 16.23
C CYS H 23 53.84 7.55 15.38
N GLN H 24 54.83 7.89 14.56
CA GLN H 24 54.83 9.13 13.77
C GLN H 24 54.86 8.75 12.29
N ALA H 25 53.70 8.83 11.65
CA ALA H 25 53.61 8.58 10.21
C ALA H 25 54.27 9.71 9.43
N SER H 26 54.76 9.38 8.23
CA SER H 26 55.30 10.40 7.35
C SER H 26 54.18 11.19 6.68
N GLN H 27 53.10 10.51 6.31
CA GLN H 27 51.92 11.13 5.71
C GLN H 27 50.69 10.52 6.37
N GLY H 28 49.71 11.37 6.67
CA GLY H 28 48.50 10.94 7.37
C GLY H 28 47.22 11.28 6.64
N ILE H 29 46.66 12.44 6.96
CA ILE H 29 45.40 12.94 6.38
C ILE H 29 44.27 11.91 6.54
N SER H 30 44.38 11.03 7.52
CA SER H 30 43.37 10.02 7.75
C SER H 30 43.66 9.32 9.08
N ASN H 31 42.62 9.10 9.87
CA ASN H 31 42.76 8.40 11.16
C ASN H 31 42.62 6.89 10.94
N TYR H 32 43.65 6.31 10.29
CA TYR H 32 43.67 4.88 9.96
C TYR H 32 44.99 4.28 10.44
N LEU H 33 45.12 4.08 11.75
CA LEU H 33 46.27 3.43 12.35
C LEU H 33 45.81 2.27 13.22
N ASN H 34 46.54 1.16 13.15
CA ASN H 34 46.23 -0.05 13.89
C ASN H 34 47.41 -0.41 14.80
N TRP H 35 47.10 -1.05 15.92
CA TRP H 35 48.07 -1.44 16.93
C TRP H 35 48.00 -2.95 17.15
N TYR H 36 49.15 -3.63 17.07
CA TYR H 36 49.24 -5.08 17.12
C TYR H 36 50.11 -5.53 18.28
N GLN H 37 49.52 -6.29 19.21
CA GLN H 37 50.24 -6.95 20.30
C GLN H 37 50.74 -8.29 19.80
N GLN H 38 52.05 -8.44 19.65
CA GLN H 38 52.67 -9.69 19.21
C GLN H 38 53.38 -10.35 20.38
N LYS H 39 52.87 -11.50 20.81
CA LYS H 39 53.53 -12.30 21.82
C LYS H 39 54.58 -13.20 21.14
N PRO H 40 55.71 -13.48 21.79
CA PRO H 40 56.70 -14.38 21.15
C PRO H 40 56.08 -15.73 20.83
N GLY H 41 56.33 -16.20 19.60
CA GLY H 41 55.85 -17.49 19.17
C GLY H 41 54.44 -17.48 18.59
N LYS H 42 53.73 -16.37 18.66
CA LYS H 42 52.36 -16.24 18.18
C LYS H 42 52.25 -15.15 17.14
N ALA H 43 51.23 -15.28 16.29
CA ALA H 43 50.97 -14.24 15.30
C ALA H 43 50.36 -13.01 15.98
N PRO H 44 50.69 -11.79 15.53
CA PRO H 44 50.20 -10.58 16.21
C PRO H 44 48.69 -10.58 16.40
N LYS H 45 48.24 -9.85 17.42
CA LYS H 45 46.83 -9.69 17.75
C LYS H 45 46.45 -8.22 17.62
N LEU H 46 45.37 -7.95 16.91
CA LEU H 46 44.86 -6.60 16.75
C LEU H 46 44.13 -6.14 18.01
N LEU H 47 44.50 -4.96 18.52
CA LEU H 47 43.83 -4.36 19.68
C LEU H 47 43.06 -3.10 19.35
N ILE H 48 43.61 -2.21 18.56
CA ILE H 48 43.00 -0.91 18.27
C ILE H 48 42.70 -0.87 16.77
N TYR H 49 41.54 -1.39 16.39
CA TYR H 49 41.08 -1.25 15.01
C TYR H 49 40.68 0.20 14.81
N ASP H 50 41.28 0.87 13.81
CA ASP H 50 41.12 2.30 13.54
C ASP H 50 41.99 3.05 14.56
N ALA H 51 42.08 4.37 14.43
CA ALA H 51 43.00 5.14 15.25
C ALA H 51 42.70 5.01 16.74
N SER H 52 41.42 5.01 17.12
CA SER H 52 41.02 5.02 18.52
C SER H 52 40.10 3.87 18.92
N ASN H 53 39.22 3.43 18.03
CA ASN H 53 38.25 2.38 18.36
C ASN H 53 38.96 1.12 18.85
N LEU H 54 38.36 0.46 19.83
CA LEU H 54 38.94 -0.71 20.48
C LEU H 54 38.36 -1.98 19.87
N GLU H 55 39.13 -3.06 19.99
CA GLU H 55 38.78 -4.35 19.42
C GLU H 55 38.11 -5.24 20.46
N THR H 56 37.07 -5.97 20.05
CA THR H 56 36.42 -6.93 20.92
C THR H 56 37.44 -7.95 21.42
N GLY H 57 37.19 -8.48 22.62
CA GLY H 57 38.08 -9.43 23.23
C GLY H 57 39.32 -8.85 23.88
N VAL H 58 39.45 -7.52 23.91
CA VAL H 58 40.58 -6.84 24.52
C VAL H 58 40.07 -6.06 25.74
N PRO H 59 40.69 -6.20 26.92
CA PRO H 59 40.17 -5.47 28.08
C PRO H 59 40.35 -3.96 27.93
N SER H 60 39.53 -3.23 28.68
CA SER H 60 39.50 -1.77 28.64
C SER H 60 40.81 -1.11 29.06
N ARG H 61 41.78 -1.85 29.61
CA ARG H 61 43.03 -1.23 30.02
C ARG H 61 43.83 -0.70 28.84
N PHE H 62 43.54 -1.16 27.62
CA PHE H 62 44.23 -0.71 26.42
C PHE H 62 43.45 0.45 25.80
N SER H 63 44.17 1.46 25.33
CA SER H 63 43.53 2.61 24.71
C SER H 63 44.56 3.34 23.85
N GLY H 64 44.08 4.32 23.10
CA GLY H 64 44.95 5.19 22.32
C GLY H 64 44.10 6.22 21.60
N SER H 65 44.80 7.21 21.03
CA SER H 65 44.13 8.27 20.31
C SER H 65 45.18 9.00 19.47
N GLY H 66 44.69 9.85 18.58
CA GLY H 66 45.56 10.68 17.77
C GLY H 66 44.91 10.98 16.44
N SER H 67 45.65 11.70 15.60
CA SER H 67 45.17 12.09 14.29
C SER H 67 46.35 12.45 13.41
N GLY H 68 46.09 12.47 12.10
CA GLY H 68 47.07 12.96 11.15
C GLY H 68 48.33 12.11 11.14
N THR H 69 49.46 12.73 11.47
CA THR H 69 50.76 12.08 11.47
C THR H 69 51.29 11.79 12.87
N ASP H 70 50.46 11.92 13.90
CA ASP H 70 50.90 11.74 15.28
C ASP H 70 49.83 10.96 16.05
N PHE H 71 50.16 9.72 16.42
CA PHE H 71 49.26 8.84 17.16
C PHE H 71 49.93 8.38 18.45
N THR H 72 49.09 8.16 19.48
CA THR H 72 49.57 7.70 20.77
C THR H 72 48.77 6.48 21.23
N PHE H 73 49.48 5.47 21.70
CA PHE H 73 48.92 4.28 22.32
C PHE H 73 49.34 4.25 23.78
N THR H 74 48.40 3.93 24.67
CA THR H 74 48.69 3.84 26.09
C THR H 74 48.08 2.58 26.69
N ILE H 75 48.67 2.18 27.81
CA ILE H 75 48.15 1.11 28.67
C ILE H 75 47.99 1.71 30.06
N SER H 76 46.76 1.64 30.58
CA SER H 76 46.44 2.21 31.89
C SER H 76 46.83 1.24 33.00
N GLY H 77 48.14 1.01 33.10
CA GLY H 77 48.70 0.08 34.07
C GLY H 77 49.13 -1.25 33.49
N LEU H 78 50.45 -1.43 33.33
CA LEU H 78 50.97 -2.65 32.75
C LEU H 78 50.68 -3.83 33.66
N GLN H 79 50.19 -4.92 33.07
CA GLN H 79 49.92 -6.17 33.75
C GLN H 79 50.99 -7.20 33.39
N PRO H 80 51.17 -8.25 34.21
CA PRO H 80 52.12 -9.30 33.82
C PRO H 80 51.80 -9.94 32.48
N GLU H 81 50.53 -9.98 32.09
CA GLU H 81 50.12 -10.59 30.83
C GLU H 81 50.34 -9.68 29.63
N ASP H 82 50.77 -8.43 29.83
CA ASP H 82 50.89 -7.45 28.77
C ASP H 82 52.31 -7.34 28.23
N ILE H 83 53.17 -8.33 28.50
CA ILE H 83 54.54 -8.31 28.02
C ILE H 83 54.52 -8.80 26.57
N ALA H 84 54.84 -7.91 25.65
CA ALA H 84 54.72 -8.18 24.22
C ALA H 84 55.46 -7.08 23.46
N THR H 85 55.66 -7.32 22.17
CA THR H 85 56.15 -6.28 21.27
C THR H 85 54.93 -5.64 20.61
N TYR H 86 54.80 -4.33 20.74
CA TYR H 86 53.68 -3.57 20.17
C TYR H 86 54.13 -2.86 18.89
N TYR H 87 53.34 -3.03 17.83
CA TYR H 87 53.63 -2.45 16.52
C TYR H 87 52.49 -1.54 16.12
N CYS H 88 52.83 -0.47 15.39
CA CYS H 88 51.86 0.39 14.72
C CYS H 88 51.86 0.07 13.22
N GLN H 89 50.68 0.21 12.61
CA GLN H 89 50.51 -0.04 11.19
C GLN H 89 49.57 0.97 10.57
N LYS H 90 49.97 1.49 9.41
CA LYS H 90 49.10 2.31 8.56
C LYS H 90 49.12 1.68 7.18
N TYR H 91 47.96 1.18 6.75
CA TYR H 91 47.82 0.48 5.46
C TYR H 91 48.87 -0.64 5.42
N GLU H 92 49.69 -0.75 4.38
CA GLU H 92 50.69 -1.80 4.31
C GLU H 92 51.96 -1.51 5.10
N PHE H 93 52.09 -0.32 5.68
CA PHE H 93 53.33 0.10 6.32
C PHE H 93 53.31 -0.23 7.81
N PHE H 94 54.28 -1.03 8.24
CA PHE H 94 54.46 -1.43 9.63
C PHE H 94 55.60 -0.65 10.26
N GLY H 95 55.49 -0.41 11.56
CA GLY H 95 56.53 0.23 12.32
C GLY H 95 57.60 -0.75 12.77
N GLY H 96 58.58 -0.22 13.49
CA GLY H 96 59.68 -1.04 13.98
C GLY H 96 59.34 -1.90 15.18
N GLY H 97 58.34 -1.50 15.95
CA GLY H 97 57.93 -2.24 17.14
C GLY H 97 58.58 -1.71 18.40
N THR H 98 57.81 -1.76 19.49
CA THR H 98 58.26 -1.39 20.83
C THR H 98 58.13 -2.62 21.72
N LYS H 99 59.24 -3.02 22.34
CA LYS H 99 59.23 -4.17 23.24
C LYS H 99 58.80 -3.71 24.63
N VAL H 100 57.70 -4.25 25.12
CA VAL H 100 57.17 -3.92 26.43
C VAL H 100 57.28 -5.16 27.31
N ALA I 1 -30.40 43.62 36.48
CA ALA I 1 -30.10 42.33 37.16
C ALA I 1 -31.41 41.55 37.36
N LEU I 2 -31.63 40.95 38.53
CA LEU I 2 -32.85 40.22 38.84
C LEU I 2 -33.61 40.97 39.93
N THR I 3 -34.91 41.17 39.72
CA THR I 3 -35.74 41.81 40.73
C THR I 3 -36.17 40.77 41.76
N GLN I 4 -36.08 41.14 43.04
CA GLN I 4 -36.51 40.29 44.15
C GLN I 4 -37.15 41.14 45.24
N PRO I 5 -38.41 40.93 45.64
CA PRO I 5 -39.07 41.76 46.70
C PRO I 5 -38.14 42.06 47.88
N PRO I 6 -38.00 43.33 48.30
CA PRO I 6 -37.05 43.62 49.39
C PRO I 6 -37.30 42.88 50.69
N SER I 7 -38.56 42.64 51.08
CA SER I 7 -38.81 41.88 52.29
C SER I 7 -40.19 41.25 52.25
N VAL I 8 -40.31 40.11 52.94
CA VAL I 8 -41.57 39.39 53.12
C VAL I 8 -41.60 38.89 54.55
N SER I 9 -42.81 38.76 55.11
CA SER I 9 -42.96 38.37 56.50
C SER I 9 -44.17 37.46 56.65
N GLY I 10 -44.23 36.79 57.80
CA GLY I 10 -45.37 35.96 58.15
C GLY I 10 -45.17 35.39 59.53
N SER I 11 -46.23 34.79 60.06
CA SER I 11 -46.17 34.24 61.40
C SER I 11 -45.59 32.82 61.39
N PRO I 12 -45.07 32.34 62.53
CA PRO I 12 -44.64 30.95 62.60
C PRO I 12 -45.76 29.99 62.23
N GLY I 13 -45.40 28.97 61.45
CA GLY I 13 -46.34 27.97 60.99
C GLY I 13 -47.00 28.27 59.66
N GLN I 14 -46.90 29.49 59.17
CA GLN I 14 -47.47 29.88 57.88
C GLN I 14 -46.45 29.66 56.77
N SER I 15 -46.95 29.59 55.54
CA SER I 15 -46.09 29.50 54.38
C SER I 15 -45.80 30.91 53.86
N VAL I 16 -44.63 31.05 53.23
CA VAL I 16 -44.23 32.29 52.58
C VAL I 16 -43.57 31.94 51.27
N THR I 17 -43.77 32.81 50.27
CA THR I 17 -43.14 32.69 48.96
C THR I 17 -42.25 33.89 48.73
N ILE I 18 -41.04 33.64 48.23
CA ILE I 18 -40.07 34.66 47.87
C ILE I 18 -39.89 34.54 46.36
N SER I 19 -40.42 35.50 45.62
CA SER I 19 -40.34 35.45 44.17
C SER I 19 -39.03 36.04 43.66
N CYS I 20 -38.70 35.69 42.43
CA CYS I 20 -37.55 36.24 41.73
C CYS I 20 -37.93 36.32 40.26
N THR I 21 -37.84 37.51 39.67
CA THR I 21 -38.25 37.75 38.29
C THR I 21 -37.05 38.21 37.47
N GLY I 22 -36.85 37.55 36.33
CA GLY I 22 -35.78 37.86 35.41
C GLY I 22 -36.36 38.08 34.03
N THR I 23 -35.53 38.02 32.99
CA THR I 23 -35.97 38.16 31.61
C THR I 23 -35.89 36.81 30.91
N SER I 24 -36.23 36.80 29.63
CA SER I 24 -36.27 35.54 28.88
C SER I 24 -34.89 34.91 28.75
N SER I 25 -33.84 35.73 28.72
CA SER I 25 -32.49 35.21 28.58
C SER I 25 -31.89 34.67 29.89
N ASP I 26 -32.53 34.91 31.04
CA ASP I 26 -31.93 34.61 32.33
C ASP I 26 -32.60 33.45 33.04
N ILE I 27 -33.89 33.56 33.32
CA ILE I 27 -34.64 32.51 34.02
C ILE I 27 -35.50 31.72 33.04
N GLY I 28 -36.11 32.39 32.08
CA GLY I 28 -36.96 31.70 31.12
C GLY I 28 -36.20 30.67 30.30
N SER I 29 -35.12 31.10 29.66
CA SER I 29 -34.37 30.21 28.79
C SER I 29 -33.61 29.12 29.56
N TYR I 30 -33.14 29.42 30.78
CA TYR I 30 -32.31 28.50 31.54
C TYR I 30 -33.00 28.13 32.84
N ASN I 31 -33.18 26.83 33.05
CA ASN I 31 -33.75 26.29 34.29
C ASN I 31 -32.65 25.98 35.31
N TYR I 32 -31.79 26.97 35.56
CA TYR I 32 -30.63 26.83 36.43
C TYR I 32 -30.69 27.80 37.61
N VAL I 33 -31.90 28.19 38.03
CA VAL I 33 -32.02 29.11 39.15
C VAL I 33 -31.57 28.41 40.43
N SER I 34 -31.17 29.22 41.41
CA SER I 34 -30.77 28.71 42.71
C SER I 34 -31.09 29.77 43.77
N TRP I 35 -31.17 29.31 45.02
CA TRP I 35 -31.46 30.17 46.16
C TRP I 35 -30.47 29.93 47.29
N TYR I 36 -30.07 31.01 47.95
CA TYR I 36 -29.13 30.96 49.06
C TYR I 36 -29.75 31.64 50.27
N GLN I 37 -29.42 31.11 51.45
CA GLN I 37 -29.86 31.68 52.73
C GLN I 37 -28.63 32.20 53.45
N GLN I 38 -28.62 33.49 53.73
CA GLN I 38 -27.50 34.14 54.42
C GLN I 38 -27.98 34.75 55.73
N HIS I 39 -27.63 34.10 56.84
CA HIS I 39 -27.87 34.70 58.15
C HIS I 39 -26.83 35.81 58.33
N PRO I 40 -27.14 36.85 59.12
CA PRO I 40 -26.15 37.92 59.31
C PRO I 40 -24.82 37.36 59.75
N GLY I 41 -23.76 37.80 59.09
CA GLY I 41 -22.45 37.23 59.35
C GLY I 41 -22.31 35.92 58.61
N LYS I 42 -21.30 35.14 59.01
CA LYS I 42 -20.98 33.81 58.48
C LYS I 42 -20.91 33.90 56.94
N ALA I 43 -21.62 33.06 56.20
CA ALA I 43 -21.55 33.07 54.74
C ALA I 43 -22.85 32.48 54.18
N PRO I 44 -23.22 32.83 52.95
CA PRO I 44 -24.42 32.22 52.36
C PRO I 44 -24.29 30.71 52.24
N LYS I 45 -25.40 30.03 52.51
CA LYS I 45 -25.52 28.59 52.35
C LYS I 45 -26.47 28.28 51.20
N LEU I 46 -26.15 27.25 50.42
CA LEU I 46 -27.03 26.83 49.33
C LEU I 46 -28.25 26.14 49.91
N MET I 47 -29.44 26.60 49.50
CA MET I 47 -30.71 26.01 49.90
C MET I 47 -31.39 25.27 48.75
N ILE I 48 -31.43 25.87 47.57
CA ILE I 48 -32.07 25.29 46.40
C ILE I 48 -31.14 25.50 45.21
N TYR I 49 -31.03 24.49 44.36
CA TYR I 49 -30.33 24.60 43.09
C TYR I 49 -31.24 23.96 42.06
N ASP I 50 -31.09 24.37 40.79
CA ASP I 50 -32.01 23.95 39.74
C ASP I 50 -33.40 24.50 40.11
N VAL I 51 -34.43 24.18 39.33
CA VAL I 51 -35.76 24.69 39.66
C VAL I 51 -36.31 24.01 40.92
N THR I 52 -36.21 22.67 40.99
CA THR I 52 -36.84 21.90 42.06
C THR I 52 -35.91 21.09 42.95
N GLN I 53 -34.59 21.19 42.78
CA GLN I 53 -33.66 20.34 43.53
C GLN I 53 -33.10 21.09 44.74
N ARG I 54 -32.72 20.32 45.76
CA ARG I 54 -32.07 20.83 46.96
C ARG I 54 -30.83 19.99 47.26
N PRO I 55 -29.78 20.58 47.83
CA PRO I 55 -28.59 19.79 48.16
C PRO I 55 -28.81 18.93 49.39
N SER I 56 -27.96 17.90 49.50
CA SER I 56 -27.97 17.07 50.68
C SER I 56 -27.65 17.90 51.91
N GLY I 57 -28.37 17.64 53.01
CA GLY I 57 -28.23 18.38 54.24
C GLY I 57 -29.32 19.40 54.47
N VAL I 58 -30.09 19.73 53.45
CA VAL I 58 -31.21 20.67 53.55
C VAL I 58 -32.49 19.84 53.60
N SER I 59 -33.34 20.13 54.57
CA SER I 59 -34.56 19.37 54.75
C SER I 59 -35.58 19.76 53.69
N ASP I 60 -36.67 18.98 53.63
CA ASP I 60 -37.71 19.21 52.62
C ASP I 60 -38.62 20.38 52.97
N ARG I 61 -38.35 21.10 54.06
CA ARG I 61 -39.10 22.31 54.35
C ARG I 61 -38.88 23.36 53.28
N PHE I 62 -37.73 23.34 52.59
CA PHE I 62 -37.39 24.32 51.57
C PHE I 62 -37.61 23.73 50.19
N SER I 63 -38.37 24.44 49.36
CA SER I 63 -38.67 24.00 48.01
C SER I 63 -38.78 25.24 47.13
N GLY I 64 -39.00 25.01 45.84
CA GLY I 64 -39.14 26.12 44.92
C GLY I 64 -39.66 25.62 43.58
N SER I 65 -39.89 26.58 42.68
CA SER I 65 -40.46 26.27 41.37
C SER I 65 -40.12 27.40 40.41
N LYS I 66 -40.44 27.18 39.15
CA LYS I 66 -40.26 28.16 38.09
C LYS I 66 -41.45 28.11 37.15
N SER I 67 -41.95 29.30 36.79
CA SER I 67 -43.03 29.42 35.81
C SER I 67 -42.77 30.66 34.99
N GLY I 68 -42.75 30.49 33.66
CA GLY I 68 -42.46 31.61 32.79
C GLY I 68 -41.07 32.14 33.09
N ASN I 69 -40.98 33.44 33.37
CA ASN I 69 -39.73 34.10 33.72
C ASN I 69 -39.64 34.42 35.21
N THR I 70 -40.49 33.82 36.04
CA THR I 70 -40.52 34.05 37.48
C THR I 70 -40.16 32.78 38.23
N ALA I 71 -39.20 32.89 39.14
CA ALA I 71 -38.81 31.80 40.03
C ALA I 71 -39.32 32.13 41.43
N SER I 72 -39.64 31.10 42.21
CA SER I 72 -40.14 31.32 43.56
C SER I 72 -39.68 30.22 44.50
N LEU I 73 -39.25 30.62 45.69
CA LEU I 73 -38.90 29.73 46.78
C LEU I 73 -40.00 29.79 47.84
N THR I 74 -40.46 28.62 48.27
CA THR I 74 -41.53 28.50 49.25
C THR I 74 -40.98 27.81 50.51
N ILE I 75 -41.20 28.43 51.66
CA ILE I 75 -40.84 27.87 52.95
C ILE I 75 -42.13 27.65 53.73
N SER I 76 -42.43 26.40 54.05
CA SER I 76 -43.61 26.04 54.82
C SER I 76 -43.25 25.86 56.29
N GLY I 77 -44.18 26.23 57.17
CA GLY I 77 -44.01 25.97 58.59
C GLY I 77 -42.84 26.71 59.20
N LEU I 78 -42.73 27.99 58.90
CA LEU I 78 -41.59 28.84 59.28
C LEU I 78 -41.19 28.71 60.74
N GLN I 79 -39.88 28.59 60.99
CA GLN I 79 -39.29 28.55 62.32
C GLN I 79 -38.60 29.87 62.61
N ALA I 80 -38.38 30.12 63.90
CA ALA I 80 -37.65 31.31 64.31
C ALA I 80 -36.24 31.37 63.73
N ASP I 81 -35.63 30.21 63.47
CA ASP I 81 -34.25 30.16 63.00
C ASP I 81 -34.10 30.46 61.51
N ASP I 82 -35.18 30.78 60.81
CA ASP I 82 -35.14 31.10 59.39
C ASP I 82 -34.94 32.59 59.11
N GLU I 83 -34.72 33.41 60.13
CA GLU I 83 -34.57 34.84 59.92
C GLU I 83 -33.23 35.13 59.24
N ALA I 84 -33.26 35.21 57.92
CA ALA I 84 -32.04 35.36 57.13
C ALA I 84 -32.37 36.12 55.86
N ASP I 85 -31.32 36.62 55.21
CA ASP I 85 -31.43 37.27 53.91
C ASP I 85 -31.34 36.23 52.81
N TYR I 86 -32.39 36.10 52.01
CA TYR I 86 -32.44 35.15 50.91
C TYR I 86 -32.11 35.85 49.60
N TYR I 87 -31.32 35.17 48.76
CA TYR I 87 -30.91 35.69 47.46
C TYR I 87 -31.24 34.66 46.39
N CYS I 88 -31.70 35.14 45.24
CA CYS I 88 -31.86 34.32 44.06
C CYS I 88 -30.70 34.58 43.11
N SER I 89 -30.39 33.57 42.30
CA SER I 89 -29.41 33.71 41.24
C SER I 89 -29.85 32.83 40.08
N ALA I 90 -29.33 33.14 38.90
CA ALA I 90 -29.61 32.35 37.72
C ALA I 90 -28.44 32.44 36.77
N TYR I 91 -28.32 31.42 35.93
CA TYR I 91 -27.30 31.40 34.89
C TYR I 91 -27.84 32.19 33.70
N ALA I 92 -27.20 33.31 33.39
CA ALA I 92 -27.65 34.13 32.27
C ALA I 92 -27.16 33.56 30.94
N GLY I 93 -25.87 33.28 30.84
CA GLY I 93 -25.33 32.69 29.63
C GLY I 93 -23.83 32.59 29.75
N ARG I 94 -23.20 32.15 28.66
CA ARG I 94 -21.75 32.10 28.64
C ARG I 94 -21.11 33.48 28.65
N GLN I 95 -21.89 34.56 28.50
CA GLN I 95 -21.39 35.92 28.44
C GLN I 95 -21.54 36.63 29.79
N THR I 96 -22.78 36.80 30.26
CA THR I 96 -23.02 37.52 31.51
C THR I 96 -22.84 36.63 32.74
N PHE I 97 -22.93 35.31 32.57
CA PHE I 97 -22.78 34.31 33.65
C PHE I 97 -23.79 34.58 34.77
N TYR I 98 -23.44 34.33 36.03
CA TYR I 98 -24.37 34.38 37.15
C TYR I 98 -24.77 35.80 37.50
N ILE I 99 -26.08 36.04 37.57
CA ILE I 99 -26.65 37.32 37.97
C ILE I 99 -27.52 37.08 39.21
N PHE I 100 -27.13 37.66 40.34
CA PHE I 100 -27.86 37.48 41.58
C PHE I 100 -29.03 38.47 41.63
N GLY I 101 -29.64 38.62 42.80
CA GLY I 101 -30.73 39.56 43.03
C GLY I 101 -30.59 40.20 44.40
N GLY I 102 -31.47 41.14 44.67
CA GLY I 102 -31.50 41.76 45.98
C GLY I 102 -31.90 40.76 47.05
N GLY I 103 -31.77 41.20 48.30
CA GLY I 103 -31.99 40.34 49.45
C GLY I 103 -33.39 40.51 50.01
N THR I 104 -34.00 39.38 50.36
CA THR I 104 -35.33 39.34 50.96
C THR I 104 -35.21 39.12 52.46
N ARG I 105 -35.03 40.20 53.22
CA ARG I 105 -35.04 40.09 54.67
C ARG I 105 -36.34 39.44 55.13
N LEU I 106 -36.26 38.18 55.57
CA LEU I 106 -37.43 37.49 56.10
C LEU I 106 -37.45 37.68 57.61
N THR I 107 -38.48 38.35 58.11
CA THR I 107 -38.69 38.60 59.54
C THR I 107 -39.97 37.89 59.97
N VAL I 108 -39.83 36.68 60.52
CA VAL I 108 -41.00 35.96 61.01
C VAL I 108 -41.68 36.75 62.11
N LEU I 109 -43.00 36.72 62.12
CA LEU I 109 -43.78 37.50 63.07
C LEU I 109 -44.06 36.69 64.34
N GLU J 1 -51.19 31.90 -10.32
CA GLU J 1 -51.79 32.58 -9.13
C GLU J 1 -51.51 31.74 -7.89
N VAL J 2 -50.50 32.13 -7.12
CA VAL J 2 -50.19 31.47 -5.86
C VAL J 2 -51.08 32.06 -4.77
N GLN J 3 -51.34 31.25 -3.74
CA GLN J 3 -52.28 31.60 -2.68
C GLN J 3 -51.62 31.33 -1.34
N LEU J 4 -51.42 32.38 -0.55
CA LEU J 4 -50.95 32.30 0.82
C LEU J 4 -52.09 32.74 1.74
N VAL J 5 -52.57 31.83 2.57
CA VAL J 5 -53.72 32.07 3.44
C VAL J 5 -53.29 31.89 4.90
N GLU J 6 -53.22 33.00 5.62
CA GLU J 6 -52.79 33.02 7.02
C GLU J 6 -54.00 32.75 7.91
N THR J 7 -54.02 31.59 8.55
CA THR J 7 -55.13 31.16 9.41
C THR J 7 -54.67 31.29 10.86
N GLY J 8 -55.11 32.35 11.53
CA GLY J 8 -54.76 32.58 12.91
C GLY J 8 -55.09 34.00 13.30
N GLY J 9 -54.61 34.39 14.48
CA GLY J 9 -54.74 35.75 14.96
C GLY J 9 -55.93 35.95 15.86
N GLY J 10 -55.99 37.14 16.46
CA GLY J 10 -57.04 37.50 17.39
C GLY J 10 -56.59 38.48 18.45
N LEU J 11 -56.93 38.22 19.72
CA LEU J 11 -56.63 39.13 20.82
C LEU J 11 -55.86 38.38 21.91
N VAL J 12 -54.85 39.05 22.46
CA VAL J 12 -54.06 38.53 23.56
C VAL J 12 -53.88 39.68 24.55
N GLN J 13 -53.49 39.33 25.79
CA GLN J 13 -53.21 40.23 26.89
C GLN J 13 -51.70 40.22 27.15
N PRO J 14 -51.04 41.41 27.38
CA PRO J 14 -49.58 41.45 27.58
C PRO J 14 -49.01 40.37 28.48
N GLY J 15 -48.17 39.51 27.89
CA GLY J 15 -47.59 38.36 28.55
C GLY J 15 -48.04 37.03 27.98
N GLY J 16 -48.97 37.02 27.04
CA GLY J 16 -49.51 35.80 26.49
C GLY J 16 -48.74 35.31 25.28
N SER J 17 -49.18 34.18 24.74
CA SER J 17 -48.60 33.58 23.55
C SER J 17 -49.67 33.41 22.47
N LEU J 18 -49.23 33.41 21.22
CA LEU J 18 -50.12 33.24 20.07
C LEU J 18 -49.33 32.62 18.94
N LYS J 19 -49.95 31.68 18.23
CA LYS J 19 -49.37 31.03 17.07
C LYS J 19 -50.13 31.47 15.82
N LEU J 20 -49.38 31.76 14.77
CA LEU J 20 -49.90 32.03 13.44
C LEU J 20 -49.48 30.91 12.52
N SER J 21 -50.29 30.64 11.50
CA SER J 21 -49.94 29.66 10.49
C SER J 21 -50.36 30.15 9.13
N CYS J 22 -49.58 29.74 8.12
CA CYS J 22 -49.76 30.19 6.74
C CYS J 22 -49.63 28.98 5.82
N ARG J 23 -50.68 28.72 5.05
CA ARG J 23 -50.70 27.63 4.07
C ARG J 23 -50.45 28.18 2.68
N ALA J 24 -49.60 27.49 1.92
CA ALA J 24 -49.24 27.88 0.56
C ALA J 24 -49.81 26.89 -0.44
N SER J 25 -50.16 27.40 -1.62
CA SER J 25 -50.65 26.55 -2.70
C SER J 25 -50.43 27.26 -4.02
N GLY J 26 -50.19 26.46 -5.06
CA GLY J 26 -50.03 26.95 -6.42
C GLY J 26 -48.61 26.89 -6.94
N TYR J 27 -47.64 26.50 -6.11
CA TYR J 27 -46.24 26.47 -6.50
C TYR J 27 -45.52 25.48 -5.60
N THR J 28 -44.32 25.10 -6.02
CA THR J 28 -43.50 24.21 -5.19
C THR J 28 -43.15 24.91 -3.89
N PHE J 29 -43.48 24.26 -2.77
CA PHE J 29 -43.30 24.90 -1.47
C PHE J 29 -41.85 24.85 -1.01
N SER J 30 -41.23 23.67 -1.01
CA SER J 30 -39.87 23.53 -0.48
C SER J 30 -38.81 24.03 -1.45
N SER J 31 -38.96 25.27 -1.93
CA SER J 31 -37.96 25.89 -2.77
C SER J 31 -37.87 27.39 -2.53
N PHE J 32 -38.63 27.96 -1.59
CA PHE J 32 -38.69 29.40 -1.38
C PHE J 32 -38.49 29.69 0.11
N ALA J 33 -37.64 30.66 0.41
CA ALA J 33 -37.40 31.08 1.79
C ALA J 33 -38.50 32.04 2.21
N MET J 34 -39.36 31.61 3.13
CA MET J 34 -40.52 32.40 3.54
C MET J 34 -40.15 33.32 4.70
N SER J 35 -41.00 34.32 4.92
CA SER J 35 -40.79 35.33 5.95
C SER J 35 -42.13 35.82 6.48
N TRP J 36 -42.07 36.61 7.55
CA TRP J 36 -43.20 37.32 8.11
C TRP J 36 -42.87 38.80 8.22
N VAL J 37 -43.88 39.64 8.02
CA VAL J 37 -43.73 41.09 7.99
C VAL J 37 -44.92 41.71 8.70
N ARG J 38 -44.67 42.67 9.59
CA ARG J 38 -45.68 43.28 10.43
C ARG J 38 -46.01 44.68 9.95
N GLN J 39 -47.30 45.01 9.94
CA GLN J 39 -47.77 46.36 9.61
C GLN J 39 -48.67 46.86 10.74
N ALA J 40 -48.12 47.67 11.63
CA ALA J 40 -48.92 48.23 12.70
C ALA J 40 -49.93 49.23 12.11
N PRO J 41 -51.11 49.37 12.73
CA PRO J 41 -52.10 50.32 12.19
C PRO J 41 -51.53 51.73 12.06
N GLY J 42 -51.71 52.31 10.87
CA GLY J 42 -51.26 53.66 10.59
C GLY J 42 -49.79 53.79 10.29
N LYS J 43 -49.02 52.71 10.37
CA LYS J 43 -47.57 52.69 10.15
C LYS J 43 -47.24 51.86 8.92
N GLY J 44 -45.97 51.87 8.57
CA GLY J 44 -45.48 51.11 7.43
C GLY J 44 -45.11 49.68 7.77
N LEU J 45 -44.37 49.06 6.86
CA LEU J 45 -44.00 47.66 6.98
C LEU J 45 -42.69 47.52 7.74
N GLU J 46 -42.60 46.48 8.56
CA GLU J 46 -41.36 46.12 9.26
C GLU J 46 -41.17 44.62 9.18
N TRP J 47 -39.96 44.20 8.81
CA TRP J 47 -39.62 42.79 8.74
C TRP J 47 -39.45 42.23 10.15
N VAL J 48 -39.97 41.02 10.38
CA VAL J 48 -39.93 40.37 11.68
C VAL J 48 -38.99 39.17 11.69
N SER J 49 -39.18 38.23 10.77
CA SER J 49 -38.40 37.00 10.79
C SER J 49 -38.31 36.39 9.41
N LEU J 50 -37.25 35.62 9.19
CA LEU J 50 -37.00 34.94 7.93
C LEU J 50 -36.58 33.49 8.22
N ILE J 51 -37.09 32.57 7.41
CA ILE J 51 -36.74 31.15 7.48
C ILE J 51 -36.31 30.69 6.09
N ASN J 52 -35.31 29.81 6.04
CA ASN J 52 -34.79 29.33 4.78
C ASN J 52 -35.75 28.32 4.16
N ASP J 53 -35.45 27.87 2.94
CA ASP J 53 -36.36 26.97 2.24
C ASP J 53 -36.41 25.60 2.90
N ARG J 54 -35.30 25.18 3.51
CA ARG J 54 -35.20 23.90 4.17
C ARG J 54 -35.63 23.96 5.64
N GLY J 55 -35.78 25.15 6.21
CA GLY J 55 -36.19 25.30 7.59
C GLY J 55 -35.07 25.24 8.62
N GLY J 56 -33.84 24.96 8.20
CA GLY J 56 -32.75 24.83 9.15
C GLY J 56 -32.23 26.12 9.71
N LEU J 57 -32.37 27.22 8.96
CA LEU J 57 -31.84 28.53 9.34
C LEU J 57 -32.99 29.50 9.53
N THR J 58 -32.98 30.20 10.67
CA THR J 58 -33.96 31.21 11.00
C THR J 58 -33.23 32.50 11.36
N PHE J 59 -33.83 33.63 10.99
CA PHE J 59 -33.29 34.95 11.28
C PHE J 59 -34.43 35.81 11.80
N TYR J 60 -34.12 36.70 12.73
CA TYR J 60 -35.12 37.56 13.35
C TYR J 60 -34.62 39.00 13.40
N VAL J 61 -35.56 39.93 13.44
CA VAL J 61 -35.23 41.31 13.75
C VAL J 61 -34.89 41.39 15.23
N ASP J 62 -33.89 42.20 15.57
CA ASP J 62 -33.37 42.27 16.94
C ASP J 62 -34.46 42.49 17.98
N SER J 63 -35.49 43.26 17.63
CA SER J 63 -36.55 43.58 18.60
C SER J 63 -37.38 42.38 19.04
N VAL J 64 -37.32 41.25 18.33
CA VAL J 64 -38.09 40.06 18.68
C VAL J 64 -37.20 38.86 19.01
N LYS J 65 -35.88 39.02 19.06
CA LYS J 65 -35.02 37.88 19.30
C LYS J 65 -35.28 37.30 20.68
N GLY J 66 -35.39 35.97 20.74
CA GLY J 66 -35.64 35.26 21.97
C GLY J 66 -37.10 35.10 22.34
N ARG J 67 -38.02 35.72 21.60
CA ARG J 67 -39.45 35.64 21.86
C ARG J 67 -40.24 34.97 20.76
N PHE J 68 -39.83 35.11 19.50
CA PHE J 68 -40.55 34.55 18.37
C PHE J 68 -39.80 33.33 17.85
N THR J 69 -40.57 32.31 17.46
CA THR J 69 -40.04 31.13 16.79
C THR J 69 -40.77 30.94 15.46
N ILE J 70 -40.00 30.83 14.38
CA ILE J 70 -40.53 30.59 13.05
C ILE J 70 -40.16 29.16 12.64
N SER J 71 -41.14 28.45 12.10
CA SER J 71 -40.96 27.06 11.70
C SER J 71 -41.81 26.81 10.47
N ARG J 72 -41.41 25.83 9.68
CA ARG J 72 -42.15 25.44 8.49
C ARG J 72 -42.17 23.92 8.39
N ASP J 73 -43.19 23.42 7.70
CA ASP J 73 -43.37 21.99 7.45
C ASP J 73 -43.56 21.80 5.96
N ASN J 74 -42.55 21.22 5.30
CA ASN J 74 -42.58 21.09 3.86
C ASN J 74 -43.45 19.94 3.39
N SER J 75 -43.92 19.08 4.29
CA SER J 75 -44.81 17.98 3.93
C SER J 75 -46.26 18.41 3.94
N LYS J 76 -46.61 19.39 4.77
CA LYS J 76 -47.96 19.94 4.83
C LYS J 76 -48.11 21.23 4.03
N ASN J 77 -47.01 21.77 3.49
CA ASN J 77 -47.01 23.07 2.81
C ASN J 77 -47.51 24.17 3.73
N THR J 78 -47.03 24.18 4.98
CA THR J 78 -47.42 25.17 5.96
C THR J 78 -46.21 25.88 6.55
N LEU J 79 -46.43 27.15 6.89
CA LEU J 79 -45.48 27.99 7.62
C LEU J 79 -46.17 28.38 8.92
N SER J 80 -45.40 28.46 10.01
CA SER J 80 -45.97 28.94 11.27
C SER J 80 -44.99 29.83 12.00
N LEU J 81 -45.54 30.74 12.78
CA LEU J 81 -44.80 31.66 13.64
C LEU J 81 -45.45 31.63 15.01
N GLN J 82 -44.69 31.26 16.03
CA GLN J 82 -45.17 31.18 17.40
C GLN J 82 -44.50 32.29 18.21
N MET J 83 -45.32 33.17 18.78
CA MET J 83 -44.86 34.35 19.49
C MET J 83 -45.12 34.19 20.99
N HIS J 84 -44.15 34.59 21.80
CA HIS J 84 -44.29 34.63 23.24
C HIS J 84 -44.16 36.06 23.76
N SER J 85 -44.78 36.27 24.92
CA SER J 85 -44.80 37.50 25.72
C SER J 85 -45.70 38.57 25.10
N LEU J 86 -45.64 38.75 23.77
CA LEU J 86 -46.57 39.59 23.01
C LEU J 86 -46.76 40.97 23.63
N ARG J 87 -45.77 41.85 23.45
CA ARG J 87 -45.84 43.18 24.04
C ARG J 87 -46.79 44.06 23.22
N ASP J 88 -47.17 45.20 23.83
CA ASP J 88 -48.09 46.12 23.16
C ASP J 88 -47.54 46.62 21.84
N GLY J 89 -46.21 46.70 21.71
CA GLY J 89 -45.60 47.13 20.47
C GLY J 89 -45.69 46.11 19.35
N ASP J 90 -46.16 44.90 19.63
CA ASP J 90 -46.29 43.85 18.63
C ASP J 90 -47.67 43.82 17.97
N THR J 91 -48.57 44.74 18.34
CA THR J 91 -49.89 44.78 17.70
C THR J 91 -49.68 45.22 16.25
N ALA J 92 -50.16 44.41 15.31
CA ALA J 92 -49.95 44.70 13.91
C ALA J 92 -50.69 43.66 13.07
N VAL J 93 -50.81 43.96 11.78
CA VAL J 93 -51.18 42.95 10.80
C VAL J 93 -49.90 42.24 10.38
N TYR J 94 -49.89 40.91 10.51
CA TYR J 94 -48.74 40.08 10.17
C TYR J 94 -48.99 39.43 8.83
N TYR J 95 -48.17 39.77 7.84
CA TYR J 95 -48.27 39.26 6.49
C TYR J 95 -47.31 38.09 6.29
N CYS J 96 -47.82 37.05 5.64
CA CYS J 96 -47.02 35.92 5.22
C CYS J 96 -46.46 36.26 3.85
N ALA J 97 -45.13 36.17 3.72
CA ALA J 97 -44.45 36.52 2.48
C ALA J 97 -43.47 35.44 2.07
N THR J 98 -43.34 35.28 0.76
CA THR J 98 -42.43 34.32 0.14
C THR J 98 -41.29 35.09 -0.50
N GLY J 99 -40.07 34.82 -0.05
CA GLY J 99 -38.89 35.54 -0.51
C GLY J 99 -38.00 35.95 0.65
N GLY J 100 -36.83 36.44 0.28
CA GLY J 100 -35.84 36.92 1.25
C GLY J 100 -34.52 36.20 1.24
N MET J 101 -34.37 35.08 0.55
CA MET J 101 -33.16 34.27 0.66
C MET J 101 -33.18 33.22 -0.44
N SER J 102 -32.02 32.60 -0.66
CA SER J 102 -31.90 31.52 -1.62
C SER J 102 -30.93 30.46 -1.06
N SER J 103 -30.89 29.32 -1.73
CA SER J 103 -30.18 28.14 -1.25
C SER J 103 -28.71 28.11 -1.64
N ALA J 104 -28.19 29.15 -2.29
CA ALA J 104 -26.82 29.31 -2.78
C ALA J 104 -26.62 28.59 -4.11
N LEU J 105 -27.54 27.74 -4.54
CA LEU J 105 -27.49 27.09 -5.85
C LEU J 105 -28.55 27.65 -6.79
N GLN J 106 -29.10 28.81 -6.46
CA GLN J 106 -30.14 29.47 -7.25
C GLN J 106 -29.90 30.96 -7.15
N SER J 107 -30.60 31.72 -7.99
CA SER J 107 -30.34 33.15 -8.05
C SER J 107 -30.83 33.86 -6.80
N SER J 108 -30.27 35.04 -6.56
CA SER J 108 -30.58 35.78 -5.33
C SER J 108 -32.03 36.25 -5.35
N LYS J 109 -32.75 35.95 -4.27
CA LYS J 109 -34.12 36.40 -4.10
C LYS J 109 -34.26 37.34 -2.92
N TYR J 110 -33.48 38.43 -2.92
CA TYR J 110 -33.50 39.40 -1.83
C TYR J 110 -34.65 40.38 -2.02
N TYR J 111 -35.86 39.82 -2.02
CA TYR J 111 -37.10 40.58 -2.18
C TYR J 111 -38.25 39.66 -1.79
N PHE J 112 -39.37 40.25 -1.42
CA PHE J 112 -40.55 39.50 -0.97
C PHE J 112 -41.48 39.44 -2.17
N ASP J 113 -41.50 38.28 -2.85
CA ASP J 113 -42.21 38.16 -4.11
C ASP J 113 -43.73 38.02 -3.94
N PHE J 114 -44.18 37.05 -3.16
CA PHE J 114 -45.60 36.74 -3.01
C PHE J 114 -46.01 36.95 -1.57
N TRP J 115 -47.07 37.71 -1.36
CA TRP J 115 -47.58 38.03 -0.03
C TRP J 115 -48.94 37.37 0.20
N GLY J 116 -49.31 37.31 1.47
CA GLY J 116 -50.60 36.78 1.88
C GLY J 116 -51.61 37.90 2.10
N GLN J 117 -52.74 37.54 2.71
CA GLN J 117 -53.79 38.51 2.96
C GLN J 117 -53.66 39.21 4.30
N GLY J 118 -52.94 38.61 5.24
CA GLY J 118 -52.64 39.23 6.52
C GLY J 118 -53.52 38.80 7.68
N ALA J 119 -52.88 38.39 8.77
CA ALA J 119 -53.56 38.06 10.01
C ALA J 119 -53.45 39.27 10.93
N LEU J 120 -54.52 39.54 11.68
CA LEU J 120 -54.58 40.69 12.59
C LEU J 120 -54.30 40.22 14.02
N VAL J 121 -53.25 40.79 14.61
CA VAL J 121 -52.83 40.50 15.99
C VAL J 121 -53.04 41.75 16.83
N THR J 122 -53.87 41.65 17.86
CA THR J 122 -54.17 42.77 18.75
C THR J 122 -53.73 42.43 20.17
N VAL J 123 -53.01 43.35 20.80
CA VAL J 123 -52.51 43.21 22.16
C VAL J 123 -53.18 44.29 23.00
N SER J 124 -53.83 43.90 24.09
CA SER J 124 -54.50 44.85 24.96
C SER J 124 -54.50 44.37 26.42
N ASN K 6 -30.18 16.71 26.67
CA ASN K 6 -29.19 17.23 27.61
C ASN K 6 -27.79 16.62 27.43
N LEU K 7 -27.72 15.41 26.83
CA LEU K 7 -26.45 14.75 26.54
C LEU K 7 -26.34 14.55 25.04
N TRP K 8 -25.14 14.72 24.49
CA TRP K 8 -24.90 14.66 23.05
C TRP K 8 -23.72 13.72 22.75
N VAL K 9 -23.72 13.22 21.52
CA VAL K 9 -22.70 12.27 21.08
C VAL K 9 -21.39 13.02 20.87
N THR K 10 -20.34 12.58 21.57
CA THR K 10 -18.99 13.12 21.40
C THR K 10 -18.11 12.00 20.86
N VAL K 11 -17.51 12.24 19.69
CA VAL K 11 -16.70 11.23 19.01
C VAL K 11 -15.27 11.32 19.50
N TYR K 12 -14.75 10.20 20.02
CA TYR K 12 -13.38 10.09 20.48
C TYR K 12 -12.59 9.21 19.52
N TYR K 13 -11.34 9.59 19.26
CA TYR K 13 -10.43 8.82 18.43
C TYR K 13 -9.17 8.54 19.22
N GLY K 14 -8.79 7.27 19.29
CA GLY K 14 -7.65 6.84 20.07
C GLY K 14 -8.01 6.19 21.40
N VAL K 15 -9.21 5.65 21.53
CA VAL K 15 -9.67 5.04 22.78
C VAL K 15 -9.03 3.66 22.96
N PRO K 16 -8.69 3.23 24.18
CA PRO K 16 -8.04 1.92 24.37
C PRO K 16 -9.02 0.76 24.27
N VAL K 17 -9.56 0.57 23.07
CA VAL K 17 -10.55 -0.46 22.78
C VAL K 17 -9.99 -1.38 21.71
N TRP K 18 -10.19 -2.69 21.89
CA TRP K 18 -9.74 -3.67 20.91
C TRP K 18 -10.78 -4.76 20.71
N LYS K 19 -10.68 -5.41 19.56
CA LYS K 19 -11.48 -6.57 19.20
C LYS K 19 -10.56 -7.72 18.82
N GLU K 20 -11.09 -8.94 18.91
CA GLU K 20 -10.32 -10.10 18.47
C GLU K 20 -10.15 -10.09 16.95
N ALA K 21 -8.96 -10.45 16.50
CA ALA K 21 -8.68 -10.47 15.07
C ALA K 21 -7.43 -11.31 14.83
N ARG K 22 -7.18 -11.60 13.56
CA ARG K 22 -6.06 -12.43 13.13
C ARG K 22 -5.31 -11.74 12.02
N THR K 23 -3.99 -11.58 12.19
CA THR K 23 -3.13 -10.91 11.22
C THR K 23 -1.91 -11.78 10.98
N THR K 24 -1.10 -11.40 10.00
CA THR K 24 0.13 -12.13 9.65
C THR K 24 1.31 -11.47 10.36
N LEU K 25 1.42 -11.75 11.66
CA LEU K 25 2.57 -11.29 12.44
C LEU K 25 3.86 -11.77 11.79
N PHE K 26 4.88 -10.94 11.84
CA PHE K 26 6.15 -11.22 11.18
C PHE K 26 7.22 -11.58 12.20
N CYS K 27 8.04 -12.57 11.85
CA CYS K 27 9.13 -12.99 12.72
C CYS K 27 10.13 -11.85 12.90
N ALA K 28 11.01 -12.01 13.89
CA ALA K 28 12.05 -11.00 14.13
C ALA K 28 13.17 -11.67 14.94
N SER K 29 14.12 -12.27 14.23
CA SER K 29 15.28 -12.88 14.87
C SER K 29 16.22 -11.76 15.32
N CYS K 47 14.43 -12.40 10.89
CA CYS K 47 13.82 -11.82 9.71
C CYS K 47 13.88 -10.29 9.71
N VAL K 48 13.98 -9.69 10.90
CA VAL K 48 14.13 -8.25 11.10
C VAL K 48 14.73 -8.08 12.49
N PRO K 49 15.83 -7.34 12.66
CA PRO K 49 16.47 -7.25 13.99
C PRO K 49 15.49 -6.81 15.07
N THR K 50 15.59 -7.45 16.24
CA THR K 50 14.73 -7.12 17.37
C THR K 50 15.26 -5.89 18.10
N ASP K 51 14.39 -5.29 18.89
CA ASP K 51 14.69 -4.08 19.65
C ASP K 51 15.17 -4.45 21.04
N PRO K 52 15.75 -3.49 21.79
CA PRO K 52 16.29 -3.82 23.13
C PRO K 52 15.37 -4.61 24.03
N ASN K 53 14.12 -4.21 24.19
CA ASN K 53 13.18 -4.83 25.10
C ASN K 53 11.83 -4.95 24.40
N PRO K 54 10.97 -5.89 24.83
CA PRO K 54 9.61 -5.95 24.25
C PRO K 54 8.72 -4.77 24.66
N GLN K 55 9.17 -3.91 25.57
CA GLN K 55 8.38 -2.77 26.06
C GLN K 55 7.00 -3.22 26.52
N GLU K 56 7.01 -3.98 27.61
CA GLU K 56 5.78 -4.53 28.17
C GLU K 56 5.12 -3.49 29.05
N MET K 57 3.84 -3.20 28.76
CA MET K 57 3.01 -2.32 29.57
C MET K 57 1.95 -3.19 30.26
N VAL K 58 2.02 -3.30 31.57
CA VAL K 58 1.08 -4.12 32.32
C VAL K 58 -0.24 -3.36 32.41
N LEU K 59 -1.34 -4.04 32.05
CA LEU K 59 -2.66 -3.40 32.05
C LEU K 59 -3.33 -3.68 33.38
N GLY K 60 -3.46 -2.66 34.22
CA GLY K 60 -4.09 -2.84 35.50
C GLY K 60 -5.60 -2.97 35.36
N ASN K 61 -6.19 -3.83 36.18
CA ASN K 61 -7.65 -4.00 36.26
C ASN K 61 -8.26 -4.48 34.94
N VAL K 62 -7.51 -5.23 34.13
CA VAL K 62 -7.97 -5.72 32.84
C VAL K 62 -7.96 -7.24 32.90
N THR K 63 -9.08 -7.85 32.52
CA THR K 63 -9.22 -9.30 32.48
C THR K 63 -9.74 -9.68 31.11
N GLU K 64 -9.02 -10.56 30.42
CA GLU K 64 -9.33 -10.97 29.06
C GLU K 64 -9.50 -12.48 29.01
N ASN K 65 -10.27 -12.93 28.01
CA ASN K 65 -10.53 -14.35 27.79
C ASN K 65 -9.57 -14.89 26.74
N PHE K 66 -8.72 -15.82 27.14
CA PHE K 66 -7.80 -16.49 26.23
C PHE K 66 -8.37 -17.86 25.87
N ASN K 67 -7.90 -18.39 24.74
CA ASN K 67 -8.27 -19.74 24.30
C ASN K 67 -7.08 -20.30 23.53
N MET K 68 -6.19 -20.98 24.27
CA MET K 68 -4.95 -21.51 23.69
C MET K 68 -5.22 -22.42 22.50
N TRP K 69 -6.36 -23.12 22.50
CA TRP K 69 -6.70 -24.13 21.51
C TRP K 69 -7.42 -23.55 20.30
N LYS K 70 -7.47 -22.23 20.18
CA LYS K 70 -8.08 -21.55 19.04
C LYS K 70 -7.23 -20.36 18.63
N ASN K 71 -5.99 -20.30 19.09
CA ASN K 71 -5.07 -19.24 18.73
C ASN K 71 -4.64 -19.40 17.29
N ASP K 72 -4.43 -18.27 16.62
CA ASP K 72 -3.97 -18.27 15.23
C ASP K 72 -2.46 -18.18 15.15
N MET K 73 -1.83 -17.56 16.16
CA MET K 73 -0.37 -17.51 16.25
C MET K 73 0.27 -18.89 16.10
N VAL K 74 -0.45 -19.95 16.47
CA VAL K 74 0.04 -21.30 16.30
C VAL K 74 -0.05 -21.73 14.85
N ASP K 75 -1.15 -21.43 14.17
CA ASP K 75 -1.25 -21.81 12.76
C ASP K 75 -0.23 -21.04 11.94
N GLN K 76 0.00 -19.78 12.30
CA GLN K 76 1.00 -18.98 11.59
C GLN K 76 2.40 -19.52 11.86
N MET K 77 2.68 -19.90 13.11
CA MET K 77 4.00 -20.47 13.38
C MET K 77 4.19 -21.79 12.67
N HIS K 78 3.14 -22.61 12.60
CA HIS K 78 3.23 -23.88 11.87
C HIS K 78 3.56 -23.62 10.41
N GLU K 79 2.84 -22.68 9.78
CA GLU K 79 3.09 -22.38 8.37
C GLU K 79 4.50 -21.86 8.17
N ASP K 80 4.94 -20.94 9.05
CA ASP K 80 6.31 -20.43 8.98
C ASP K 80 7.33 -21.56 9.07
N VAL K 81 7.14 -22.51 9.97
CA VAL K 81 8.15 -23.55 10.14
C VAL K 81 8.14 -24.50 8.95
N ILE K 82 6.96 -24.90 8.47
CA ILE K 82 6.90 -25.80 7.30
C ILE K 82 7.26 -25.07 6.01
N SER K 83 7.56 -23.77 6.09
CA SER K 83 7.95 -22.98 4.93
C SER K 83 9.43 -22.64 4.98
N LEU K 84 9.95 -22.29 6.15
CA LEU K 84 11.38 -22.10 6.28
C LEU K 84 12.10 -23.42 6.04
N TRP K 85 11.55 -24.52 6.56
CA TRP K 85 12.22 -25.80 6.36
C TRP K 85 12.23 -26.15 4.88
N ALA K 86 11.11 -25.94 4.19
CA ALA K 86 10.99 -26.28 2.79
C ALA K 86 11.58 -25.21 1.86
N GLN K 87 12.19 -24.16 2.42
CA GLN K 87 12.92 -23.15 1.64
C GLN K 87 14.42 -23.27 1.85
N SER K 88 14.88 -24.23 2.65
CA SER K 88 16.30 -24.49 2.87
C SER K 88 16.77 -25.77 2.18
N LEU K 89 15.85 -26.64 1.79
CA LEU K 89 16.14 -27.85 1.05
C LEU K 89 15.88 -27.70 -0.44
N LYS K 90 15.36 -26.56 -0.87
CA LYS K 90 15.15 -26.34 -2.30
C LYS K 90 16.46 -26.20 -3.07
N PRO K 91 17.47 -25.41 -2.61
CA PRO K 91 18.76 -25.35 -3.31
C PRO K 91 19.74 -26.44 -2.86
N CYS K 92 19.28 -27.69 -2.83
CA CYS K 92 20.09 -28.78 -2.31
C CYS K 92 19.95 -29.99 -3.23
N VAL K 93 20.98 -30.84 -3.18
CA VAL K 93 21.04 -32.00 -4.07
C VAL K 93 19.85 -32.91 -3.80
N LYS K 94 19.19 -33.32 -4.88
CA LYS K 94 18.10 -34.30 -4.84
C LYS K 94 18.67 -35.65 -5.22
N LEU K 95 18.40 -36.67 -4.40
CA LEU K 95 19.04 -37.97 -4.59
C LEU K 95 18.27 -38.85 -5.57
N THR K 96 17.93 -38.29 -6.73
CA THR K 96 17.28 -39.08 -7.77
C THR K 96 18.20 -40.19 -8.31
N PRO K 97 19.48 -39.95 -8.62
CA PRO K 97 20.33 -41.03 -9.14
C PRO K 97 20.54 -42.21 -8.19
N LEU K 98 20.18 -42.10 -6.92
CA LEU K 98 20.38 -43.18 -5.96
C LEU K 98 19.15 -44.05 -5.74
N CYS K 99 18.05 -43.81 -6.47
CA CYS K 99 16.89 -44.69 -6.39
C CYS K 99 17.09 -45.85 -7.36
N VAL K 100 18.11 -46.65 -7.04
CA VAL K 100 18.55 -47.77 -7.85
C VAL K 100 18.60 -49.01 -6.97
N THR K 101 18.65 -50.17 -7.60
CA THR K 101 18.74 -51.42 -6.85
C THR K 101 20.08 -51.44 -6.12
N LEU K 102 20.03 -51.73 -4.82
CA LEU K 102 21.19 -51.84 -3.97
C LEU K 102 21.45 -53.30 -3.68
N GLU K 103 22.72 -53.70 -3.64
CA GLU K 103 23.11 -55.06 -3.28
C GLU K 103 23.71 -54.98 -1.89
N CYS K 104 22.91 -55.35 -0.89
CA CYS K 104 23.24 -55.10 0.51
C CYS K 104 23.53 -56.39 1.24
N THR K 105 24.63 -56.41 2.00
CA THR K 105 25.03 -57.52 2.83
C THR K 105 25.05 -57.05 4.29
N GLN K 106 25.25 -57.99 5.20
CA GLN K 106 25.30 -57.65 6.62
C GLN K 106 26.64 -56.98 6.94
N VAL K 107 26.62 -56.11 7.94
CA VAL K 107 27.82 -55.36 8.34
C VAL K 107 28.56 -56.24 9.34
N ASN K 108 29.38 -57.15 8.79
CA ASN K 108 30.17 -58.10 9.58
C ASN K 108 31.66 -57.97 9.27
N ALA K 109 32.11 -56.77 8.88
CA ALA K 109 33.51 -56.53 8.58
C ALA K 109 34.31 -56.32 9.86
N ASP K 125 18.69 -56.77 10.51
CA ASP K 125 19.88 -56.20 11.12
C ASP K 125 19.64 -54.73 11.41
N GLU K 126 20.63 -54.05 12.00
CA GLU K 126 20.56 -52.61 12.23
C GLU K 126 21.07 -51.84 11.03
N MET K 127 22.18 -52.29 10.45
CA MET K 127 22.82 -51.63 9.31
C MET K 127 23.16 -52.67 8.27
N LYS K 128 23.19 -52.22 7.01
CA LYS K 128 23.57 -53.07 5.89
C LYS K 128 24.62 -52.35 5.06
N ASN K 129 25.53 -53.13 4.48
CA ASN K 129 26.59 -52.63 3.62
C ASN K 129 26.11 -52.76 2.17
N CYS K 130 25.69 -51.65 1.59
CA CYS K 130 25.02 -51.64 0.29
C CYS K 130 25.92 -51.13 -0.82
N SER K 131 26.07 -51.93 -1.87
CA SER K 131 26.79 -51.57 -3.08
C SER K 131 25.81 -51.15 -4.15
N PHE K 132 26.18 -50.15 -4.96
CA PHE K 132 25.30 -49.70 -6.03
C PHE K 132 26.10 -49.07 -7.16
N ASN K 133 25.46 -49.00 -8.33
CA ASN K 133 26.00 -48.36 -9.52
C ASN K 133 25.20 -47.09 -9.78
N THR K 134 25.82 -45.94 -9.56
CA THR K 134 25.16 -44.64 -9.73
C THR K 134 25.80 -43.86 -10.86
N THR K 135 25.24 -42.68 -11.12
CA THR K 135 25.69 -41.79 -12.19
C THR K 135 26.74 -40.84 -11.63
N THR K 136 27.80 -40.61 -12.40
CA THR K 136 28.89 -39.74 -11.97
C THR K 136 28.72 -38.34 -12.58
N GLU K 137 29.70 -37.48 -12.34
CA GLU K 137 29.58 -36.08 -12.77
C GLU K 137 29.49 -35.96 -14.29
N ILE K 138 30.30 -36.74 -15.01
CA ILE K 138 30.28 -36.70 -16.48
C ILE K 138 29.12 -37.57 -16.95
N ARG K 139 28.25 -36.99 -17.78
CA ARG K 139 27.02 -37.66 -18.19
C ARG K 139 27.25 -38.70 -19.30
N ASP K 140 28.23 -39.58 -19.10
CA ASP K 140 28.47 -40.72 -19.99
C ASP K 140 29.06 -41.94 -19.29
N LYS K 141 29.57 -41.78 -18.07
CA LYS K 141 30.17 -42.83 -17.26
C LYS K 141 29.24 -43.20 -16.12
N LYS K 142 29.64 -44.24 -15.39
CA LYS K 142 28.94 -44.71 -14.21
C LYS K 142 29.96 -44.84 -13.08
N GLN K 143 29.47 -45.14 -11.88
CA GLN K 143 30.31 -45.18 -10.69
C GLN K 143 29.80 -46.25 -9.76
N LYS K 144 30.71 -47.07 -9.25
CA LYS K 144 30.38 -48.08 -8.24
C LYS K 144 30.78 -47.54 -6.88
N ALA K 145 29.86 -47.64 -5.92
CA ALA K 145 30.07 -47.13 -4.58
C ALA K 145 29.54 -48.14 -3.57
N TYR K 146 29.96 -47.98 -2.32
CA TYR K 146 29.47 -48.79 -1.22
C TYR K 146 29.21 -47.86 -0.05
N ALA K 147 28.02 -47.94 0.54
CA ALA K 147 27.65 -47.15 1.69
C ALA K 147 26.99 -48.03 2.74
N LEU K 148 27.05 -47.58 3.98
CA LEU K 148 26.38 -48.25 5.10
C LEU K 148 25.09 -47.51 5.41
N PHE K 149 23.96 -48.19 5.27
CA PHE K 149 22.64 -47.63 5.53
C PHE K 149 22.01 -48.41 6.67
N TYR K 150 21.10 -47.76 7.39
CA TYR K 150 20.39 -48.43 8.46
C TYR K 150 19.28 -49.27 7.84
N ARG K 151 18.94 -50.39 8.49
CA ARG K 151 17.90 -51.24 7.96
C ARG K 151 16.56 -50.51 7.89
N LEU K 152 16.32 -49.53 8.77
CA LEU K 152 15.07 -48.78 8.70
C LEU K 152 15.00 -47.87 7.49
N ASP K 153 16.11 -47.65 6.79
CA ASP K 153 16.17 -46.80 5.62
C ASP K 153 16.00 -47.56 4.31
N LEU K 154 15.89 -48.89 4.36
CA LEU K 154 15.85 -49.74 3.18
C LEU K 154 14.54 -50.50 3.16
N VAL K 155 14.07 -50.80 1.94
CA VAL K 155 12.90 -51.65 1.74
C VAL K 155 13.31 -52.75 0.77
N PRO K 156 13.10 -54.04 1.09
CA PRO K 156 13.50 -55.09 0.13
C PRO K 156 12.72 -55.04 -1.17
N LEU K 157 13.37 -55.47 -2.25
CA LEU K 157 12.72 -55.71 -3.52
C LEU K 157 12.42 -57.19 -3.74
N GLU K 158 12.84 -58.06 -2.82
CA GLU K 158 12.70 -59.50 -2.95
C GLU K 158 12.72 -60.07 -1.54
N ARG K 159 12.52 -61.38 -1.43
CA ARG K 159 12.55 -62.04 -0.12
C ARG K 159 13.88 -61.76 0.57
N GLU K 160 13.80 -61.30 1.82
CA GLU K 160 14.99 -60.94 2.57
C GLU K 160 15.66 -62.20 3.12
N ASN K 161 16.97 -62.29 2.95
CA ASN K 161 17.73 -63.42 3.46
C ASN K 161 17.85 -63.34 4.99
N SER K 167 25.47 -63.55 1.56
CA SER K 167 24.79 -63.31 0.30
C SER K 167 24.07 -61.96 0.35
N ALA K 168 24.14 -61.22 -0.76
CA ALA K 168 23.48 -59.93 -0.84
C ALA K 168 22.02 -60.10 -1.22
N SER K 169 21.19 -59.18 -0.73
CA SER K 169 19.79 -59.07 -1.09
C SER K 169 19.54 -57.70 -1.72
N LYS K 170 18.53 -57.64 -2.58
CA LYS K 170 18.17 -56.39 -3.26
C LYS K 170 17.29 -55.50 -2.39
N TYR K 171 17.68 -54.22 -2.27
CA TYR K 171 16.90 -53.21 -1.58
C TYR K 171 17.04 -51.88 -2.30
N ILE K 172 16.05 -51.01 -2.08
CA ILE K 172 16.09 -49.63 -2.53
C ILE K 172 15.89 -48.75 -1.31
N LEU K 173 16.20 -47.47 -1.47
CA LEU K 173 16.01 -46.53 -0.38
C LEU K 173 14.52 -46.37 -0.12
N ILE K 174 14.17 -46.23 1.16
CA ILE K 174 12.76 -46.19 1.55
C ILE K 174 12.07 -45.00 0.91
N ASN K 175 10.92 -45.26 0.28
CA ASN K 175 10.07 -44.28 -0.38
C ASN K 175 10.73 -43.61 -1.58
N CYS K 176 11.84 -44.13 -2.10
CA CYS K 176 12.46 -43.45 -3.23
C CYS K 176 11.65 -43.65 -4.51
N ASN K 177 10.89 -44.74 -4.60
CA ASN K 177 10.02 -44.98 -5.75
C ASN K 177 8.66 -44.32 -5.63
N THR K 178 8.41 -43.56 -4.55
CA THR K 178 7.16 -42.83 -4.36
C THR K 178 7.34 -41.32 -4.46
N SER K 179 8.54 -40.81 -4.19
CA SER K 179 8.82 -39.39 -4.33
C SER K 179 10.33 -39.22 -4.38
N ALA K 180 10.77 -37.96 -4.44
CA ALA K 180 12.19 -37.63 -4.45
C ALA K 180 12.69 -37.45 -3.02
N ILE K 181 13.91 -37.91 -2.77
CA ILE K 181 14.58 -37.72 -1.48
C ILE K 181 15.60 -36.61 -1.67
N THR K 182 15.49 -35.56 -0.88
CA THR K 182 16.37 -34.40 -0.96
C THR K 182 17.41 -34.49 0.15
N GLN K 183 18.68 -34.42 -0.24
CA GLN K 183 19.75 -34.39 0.75
C GLN K 183 19.88 -32.99 1.33
N ALA K 184 20.00 -32.93 2.65
CA ALA K 184 20.19 -31.63 3.28
C ALA K 184 21.57 -31.07 2.93
N CYS K 185 21.61 -29.78 2.60
CA CYS K 185 22.89 -29.14 2.36
C CYS K 185 23.70 -29.11 3.65
N PRO K 186 25.03 -29.14 3.56
CA PRO K 186 25.84 -29.07 4.79
C PRO K 186 25.65 -27.77 5.56
N LYS K 187 25.10 -26.73 4.94
CA LYS K 187 24.88 -25.44 5.57
C LYS K 187 23.51 -25.31 6.23
N VAL K 188 22.68 -26.35 6.19
CA VAL K 188 21.37 -26.27 6.84
C VAL K 188 21.57 -26.29 8.34
N ASN K 189 20.94 -25.34 9.03
CA ASN K 189 21.08 -25.19 10.47
C ASN K 189 20.02 -26.04 11.16
N PHE K 190 20.46 -27.07 11.88
CA PHE K 190 19.58 -27.97 12.61
C PHE K 190 19.49 -27.61 14.09
N ASP K 191 20.00 -26.44 14.49
CA ASP K 191 19.94 -25.96 15.86
C ASP K 191 18.84 -24.91 15.92
N PRO K 192 17.69 -25.17 16.55
CA PRO K 192 16.57 -24.22 16.50
C PRO K 192 16.96 -22.81 16.96
N ILE K 193 16.56 -21.82 16.18
CA ILE K 193 16.88 -20.41 16.42
C ILE K 193 15.64 -19.76 17.01
N PRO K 194 15.73 -19.08 18.16
CA PRO K 194 14.53 -18.45 18.72
C PRO K 194 13.90 -17.47 17.75
N ILE K 195 12.57 -17.54 17.64
CA ILE K 195 11.78 -16.69 16.76
C ILE K 195 10.91 -15.80 17.63
N HIS K 196 10.98 -14.49 17.40
CA HIS K 196 10.13 -13.51 18.07
C HIS K 196 9.06 -13.08 17.09
N TYR K 197 7.80 -13.16 17.51
CA TYR K 197 6.70 -12.66 16.69
C TYR K 197 6.34 -11.27 17.18
N CYS K 198 6.44 -10.29 16.28
CA CYS K 198 6.14 -8.90 16.54
C CYS K 198 4.88 -8.50 15.80
N THR K 199 4.20 -7.45 16.30
CA THR K 199 2.94 -7.07 15.71
C THR K 199 3.10 -6.19 14.47
N PRO K 200 2.15 -6.23 13.55
CA PRO K 200 2.07 -5.19 12.53
C PRO K 200 1.40 -3.97 13.16
N ALA K 201 1.50 -2.84 12.47
CA ALA K 201 0.83 -1.64 12.93
C ALA K 201 -0.67 -1.88 13.07
N GLY K 202 -1.27 -1.34 14.13
CA GLY K 202 -2.69 -1.49 14.36
C GLY K 202 -3.11 -2.66 15.22
N TYR K 203 -2.20 -3.51 15.68
CA TYR K 203 -2.54 -4.66 16.51
C TYR K 203 -1.63 -4.72 17.74
N ALA K 204 -2.05 -5.53 18.71
CA ALA K 204 -1.33 -5.68 19.97
C ALA K 204 -1.37 -7.12 20.45
N ILE K 205 -0.30 -7.55 21.11
CA ILE K 205 -0.20 -8.88 21.71
C ILE K 205 -0.48 -8.73 23.19
N LEU K 206 -1.49 -9.45 23.68
CA LEU K 206 -1.92 -9.36 25.07
C LEU K 206 -1.40 -10.60 25.79
N LYS K 207 -0.30 -10.45 26.53
CA LYS K 207 0.25 -11.56 27.29
C LYS K 207 -0.59 -11.81 28.55
N CYS K 208 -0.48 -13.01 29.08
CA CYS K 208 -1.12 -13.43 30.33
C CYS K 208 -0.08 -13.79 31.36
N ASN K 209 -0.08 -13.07 32.49
CA ASN K 209 0.91 -13.25 33.54
C ASN K 209 0.39 -14.00 34.75
N ASN K 210 -0.83 -14.53 34.71
CA ASN K 210 -1.27 -15.38 35.81
C ASN K 210 -0.40 -16.62 35.81
N LYS K 211 0.34 -16.81 36.91
CA LYS K 211 1.32 -17.90 36.95
C LYS K 211 0.70 -19.29 36.93
N THR K 212 -0.60 -19.41 37.25
CA THR K 212 -1.27 -20.70 37.29
C THR K 212 -2.37 -20.80 36.23
N PHE K 213 -2.22 -20.06 35.13
CA PHE K 213 -3.17 -20.16 34.04
C PHE K 213 -2.97 -21.48 33.32
N ASN K 214 -4.06 -22.14 32.93
CA ASN K 214 -3.92 -23.37 32.15
C ASN K 214 -3.83 -23.09 30.66
N GLY K 215 -4.65 -22.17 30.15
CA GLY K 215 -4.59 -21.79 28.75
C GLY K 215 -5.92 -21.27 28.23
N THR K 216 -7.03 -21.79 28.76
CA THR K 216 -8.37 -21.39 28.39
C THR K 216 -9.04 -20.72 29.57
N GLY K 217 -9.83 -19.69 29.28
CA GLY K 217 -10.62 -19.02 30.29
C GLY K 217 -10.08 -17.63 30.59
N SER K 218 -10.82 -16.92 31.45
CA SER K 218 -10.46 -15.56 31.82
C SER K 218 -9.09 -15.52 32.46
N CYS K 219 -8.30 -14.51 32.07
CA CYS K 219 -6.99 -14.25 32.64
C CYS K 219 -6.93 -12.80 33.11
N ASN K 220 -6.53 -12.60 34.37
CA ASN K 220 -6.30 -11.26 34.89
C ASN K 220 -4.81 -10.94 34.74
N ASN K 221 -4.41 -9.76 35.22
CA ASN K 221 -3.02 -9.31 35.16
C ASN K 221 -2.47 -9.44 33.74
N VAL K 222 -3.29 -9.02 32.78
CA VAL K 222 -2.95 -9.07 31.36
C VAL K 222 -2.00 -7.94 31.01
N SER K 223 -0.94 -8.26 30.28
CA SER K 223 0.04 -7.29 29.82
C SER K 223 -0.03 -7.14 28.31
N THR K 224 0.39 -5.97 27.83
CA THR K 224 0.51 -5.67 26.41
C THR K 224 1.99 -5.66 26.05
N VAL K 225 2.35 -6.41 25.01
CA VAL K 225 3.72 -6.45 24.51
C VAL K 225 3.70 -6.20 23.01
N GLN K 226 4.85 -5.78 22.50
CA GLN K 226 5.03 -5.57 21.07
C GLN K 226 5.52 -6.85 20.38
N CYS K 227 6.38 -7.62 21.04
CA CYS K 227 6.91 -8.88 20.50
C CYS K 227 6.83 -9.95 21.58
N THR K 228 6.80 -11.20 21.13
CA THR K 228 6.89 -12.35 22.02
C THR K 228 8.33 -12.59 22.47
N HIS K 229 8.49 -13.49 23.43
CA HIS K 229 9.81 -13.90 23.85
C HIS K 229 10.42 -14.78 22.75
N GLY K 230 11.66 -15.19 22.95
CA GLY K 230 12.29 -16.00 21.93
C GLY K 230 11.76 -17.41 22.02
N ILE K 231 11.11 -17.86 20.95
CA ILE K 231 10.47 -19.17 20.90
C ILE K 231 11.31 -20.04 19.97
N LYS K 232 11.83 -21.13 20.49
CA LYS K 232 12.63 -22.03 19.67
C LYS K 232 11.72 -23.00 18.94
N PRO K 233 11.87 -23.17 17.60
CA PRO K 233 11.04 -24.19 16.93
C PRO K 233 11.61 -25.60 17.14
N VAL K 234 11.49 -26.08 18.37
CA VAL K 234 11.98 -27.41 18.71
C VAL K 234 10.94 -28.43 18.30
N VAL K 235 11.37 -29.43 17.52
CA VAL K 235 10.52 -30.52 17.06
C VAL K 235 10.89 -31.75 17.89
N SER K 236 9.94 -32.21 18.69
CA SER K 236 10.13 -33.39 19.53
C SER K 236 8.77 -34.02 19.77
N THR K 237 8.73 -35.35 19.78
CA THR K 237 7.49 -36.08 20.05
C THR K 237 7.50 -36.62 21.47
N GLN K 238 6.31 -36.71 22.06
CA GLN K 238 6.04 -37.27 23.39
C GLN K 238 6.57 -36.44 24.55
N LEU K 239 7.81 -35.95 24.44
CA LEU K 239 8.44 -35.11 25.44
C LEU K 239 8.72 -33.75 24.84
N LEU K 240 8.33 -32.68 25.52
CA LEU K 240 8.64 -31.35 25.07
C LEU K 240 10.03 -31.00 25.59
N LEU K 241 10.92 -30.58 24.70
CA LEU K 241 12.31 -30.31 25.03
C LEU K 241 12.62 -28.82 24.89
N ASN K 242 13.53 -28.34 25.74
CA ASN K 242 14.06 -26.99 25.67
C ASN K 242 12.95 -25.93 25.65
N GLY K 243 11.91 -26.17 26.44
CA GLY K 243 10.81 -25.24 26.58
C GLY K 243 10.95 -24.38 27.83
N SER K 244 9.90 -23.60 28.08
CA SER K 244 9.82 -22.77 29.28
C SER K 244 9.12 -23.55 30.39
N LEU K 245 9.59 -23.38 31.61
CA LEU K 245 9.01 -24.05 32.76
C LEU K 245 7.91 -23.23 33.40
N ALA K 246 6.97 -23.94 34.04
CA ALA K 246 5.89 -23.28 34.76
C ALA K 246 6.46 -22.51 35.94
N GLU K 247 5.89 -21.34 36.20
CA GLU K 247 6.38 -20.48 37.28
C GLU K 247 6.11 -21.08 38.66
N GLU K 248 4.95 -21.71 38.85
CA GLU K 248 4.52 -22.16 40.18
C GLU K 248 4.48 -23.67 40.35
N GLU K 249 3.76 -24.39 39.49
CA GLU K 249 3.63 -25.83 39.65
C GLU K 249 3.31 -26.44 38.29
N ILE K 250 3.14 -27.76 38.28
CA ILE K 250 2.79 -28.47 37.06
C ILE K 250 1.38 -28.06 36.67
N ILE K 251 1.21 -27.64 35.41
CA ILE K 251 -0.04 -27.07 34.92
C ILE K 251 -0.59 -27.97 33.83
N ILE K 252 -1.50 -28.88 34.19
CA ILE K 252 -2.13 -29.74 33.19
C ILE K 252 -3.07 -28.89 32.37
N ARG K 253 -2.91 -28.94 31.04
CA ARG K 253 -3.77 -28.18 30.15
C ARG K 253 -4.22 -29.04 28.98
N SER K 254 -5.51 -28.91 28.65
CA SER K 254 -6.13 -29.63 27.55
C SER K 254 -7.36 -28.84 27.14
N GLU K 255 -7.76 -28.98 25.88
CA GLU K 255 -8.98 -28.32 25.42
C GLU K 255 -10.20 -28.82 26.20
N ASN K 256 -10.25 -30.12 26.51
CA ASN K 256 -11.40 -30.66 27.22
C ASN K 256 -10.95 -31.96 27.88
N LEU K 257 -10.70 -31.94 29.19
CA LEU K 257 -10.28 -33.14 29.91
C LEU K 257 -11.49 -34.03 30.23
N MET K 258 -12.14 -34.49 29.16
CA MET K 258 -13.28 -35.38 29.32
C MET K 258 -13.41 -36.34 28.15
N ASP K 259 -12.90 -35.97 26.98
CA ASP K 259 -12.82 -36.84 25.81
C ASP K 259 -11.42 -37.45 25.73
N ASN K 260 -11.21 -38.28 24.71
CA ASN K 260 -9.94 -38.99 24.49
C ASN K 260 -9.34 -38.66 23.14
N VAL K 261 -9.62 -37.48 22.60
CA VAL K 261 -9.08 -37.02 21.34
C VAL K 261 -8.10 -35.87 21.53
N LYS K 262 -8.42 -34.95 22.43
CA LYS K 262 -7.58 -33.78 22.60
C LYS K 262 -6.27 -34.16 23.30
N THR K 263 -5.19 -33.53 22.86
CA THR K 263 -3.90 -33.79 23.47
C THR K 263 -3.83 -33.10 24.82
N ILE K 264 -3.26 -33.81 25.81
CA ILE K 264 -3.05 -33.26 27.15
C ILE K 264 -1.60 -32.85 27.21
N ILE K 265 -1.37 -31.56 27.46
CA ILE K 265 -0.02 -31.00 27.57
C ILE K 265 0.26 -30.81 29.05
N VAL K 266 1.35 -31.39 29.51
CA VAL K 266 1.78 -31.28 30.89
C VAL K 266 2.93 -30.28 30.90
N HIS K 267 2.74 -29.13 31.53
CA HIS K 267 3.75 -28.08 31.55
C HIS K 267 4.44 -28.16 32.90
N LEU K 268 5.71 -28.56 32.89
CA LEU K 268 6.44 -28.84 34.11
C LEU K 268 7.02 -27.58 34.72
N ASP K 269 7.30 -27.64 36.02
CA ASP K 269 7.89 -26.53 36.75
C ASP K 269 9.38 -26.69 36.98
N GLN K 270 9.87 -27.94 37.00
CA GLN K 270 11.30 -28.24 37.09
C GLN K 270 11.64 -29.23 35.99
N SER K 271 12.71 -28.95 35.25
CA SER K 271 13.06 -29.77 34.10
C SER K 271 13.80 -31.04 34.50
N VAL K 272 13.59 -32.10 33.73
CA VAL K 272 14.30 -33.36 33.87
C VAL K 272 15.33 -33.40 32.74
N GLU K 273 16.59 -33.59 33.09
CA GLU K 273 17.66 -33.55 32.10
C GLU K 273 17.82 -34.90 31.40
N ILE K 274 17.89 -34.86 30.07
CA ILE K 274 18.07 -36.03 29.23
C ILE K 274 19.35 -35.82 28.43
N VAL K 275 20.22 -36.83 28.42
CA VAL K 275 21.47 -36.78 27.65
C VAL K 275 21.49 -37.97 26.70
N CYS K 276 21.54 -37.68 25.40
CA CYS K 276 21.46 -38.65 24.33
C CYS K 276 22.77 -38.68 23.56
N THR K 277 23.18 -39.87 23.13
CA THR K 277 24.43 -40.03 22.41
C THR K 277 24.32 -41.10 21.33
N ARG K 278 25.19 -40.96 20.34
CA ARG K 278 25.43 -41.98 19.31
C ARG K 278 26.89 -42.37 19.48
N PRO K 279 27.21 -43.45 20.19
CA PRO K 279 28.63 -43.72 20.51
C PRO K 279 29.47 -44.20 19.33
N ASN K 280 28.89 -44.51 18.18
CA ASN K 280 29.69 -45.08 17.11
C ASN K 280 30.60 -44.02 16.51
N ASN K 281 31.84 -44.43 16.21
CA ASN K 281 32.83 -43.55 15.58
C ASN K 281 32.72 -43.76 14.07
N ASN K 282 31.97 -42.89 13.40
CA ASN K 282 31.69 -43.04 11.98
C ASN K 282 32.74 -42.31 11.15
N THR K 283 33.10 -42.93 10.02
CA THR K 283 33.96 -42.32 9.01
C THR K 283 33.07 -42.00 7.82
N VAL K 284 32.99 -40.71 7.47
CA VAL K 284 32.09 -40.24 6.43
C VAL K 284 32.86 -40.13 5.13
N LYS K 285 32.30 -40.69 4.07
CA LYS K 285 32.83 -40.65 2.71
C LYS K 285 31.78 -39.97 1.84
N SER K 286 32.21 -39.48 0.69
CA SER K 286 31.27 -38.86 -0.23
C SER K 286 31.66 -39.14 -1.67
N ILE K 287 30.65 -39.14 -2.53
CA ILE K 287 30.81 -39.30 -3.97
C ILE K 287 30.02 -38.19 -4.65
N ARG K 288 30.41 -37.86 -5.86
CA ARG K 288 29.70 -36.89 -6.68
C ARG K 288 28.75 -37.64 -7.60
N ILE K 289 27.50 -37.17 -7.66
CA ILE K 289 26.46 -37.82 -8.44
C ILE K 289 25.93 -36.87 -9.53
N GLY K 290 26.66 -35.81 -9.85
CA GLY K 290 26.24 -34.88 -10.86
C GLY K 290 27.13 -33.66 -10.90
N PRO K 291 26.80 -32.70 -11.75
CA PRO K 291 27.66 -31.52 -11.90
C PRO K 291 27.58 -30.62 -10.68
N GLY K 292 28.36 -30.94 -9.65
CA GLY K 292 28.35 -30.20 -8.40
C GLY K 292 27.45 -30.76 -7.32
N GLN K 293 26.93 -31.97 -7.50
CA GLN K 293 26.03 -32.62 -6.54
C GLN K 293 26.81 -33.69 -5.80
N THR K 294 27.11 -33.45 -4.54
CA THR K 294 27.93 -34.35 -3.73
C THR K 294 27.02 -35.07 -2.74
N PHE K 295 27.10 -36.39 -2.74
CA PHE K 295 26.34 -37.25 -1.85
C PHE K 295 27.24 -37.71 -0.70
N TYR K 296 26.78 -37.49 0.53
CA TYR K 296 27.53 -37.85 1.73
C TYR K 296 26.91 -39.10 2.36
N TYR K 297 27.77 -40.03 2.78
CA TYR K 297 27.31 -41.27 3.35
C TYR K 297 28.36 -41.81 4.31
N THR K 298 27.93 -42.75 5.15
CA THR K 298 28.85 -43.41 6.08
C THR K 298 29.67 -44.43 5.30
N GLY K 299 30.99 -44.30 5.35
CA GLY K 299 31.87 -45.19 4.63
C GLY K 299 32.17 -46.43 5.45
N ASP K 300 32.61 -46.20 6.68
CA ASP K 300 32.95 -47.28 7.60
C ASP K 300 32.71 -46.79 9.02
N ILE K 301 32.89 -47.69 9.98
CA ILE K 301 32.78 -47.38 11.40
C ILE K 301 34.04 -47.89 12.07
N ILE K 302 34.67 -47.04 12.85
CA ILE K 302 35.92 -47.36 13.54
C ILE K 302 35.57 -47.87 14.93
N GLY K 303 36.14 -49.01 15.29
CA GLY K 303 35.84 -49.62 16.57
C GLY K 303 34.66 -50.56 16.46
N ASN K 304 33.99 -50.78 17.59
CA ASN K 304 32.89 -51.73 17.64
C ASN K 304 31.60 -51.01 17.27
N ILE K 305 30.51 -51.76 17.20
CA ILE K 305 29.18 -51.21 16.91
C ILE K 305 28.42 -51.17 18.23
N ARG K 306 27.98 -49.97 18.62
CA ARG K 306 27.22 -49.76 19.84
C ARG K 306 25.93 -49.03 19.50
N GLU K 307 24.86 -49.38 20.20
CA GLU K 307 23.57 -48.77 19.92
C GLU K 307 23.48 -47.39 20.55
N ALA K 308 22.79 -46.48 19.87
CA ALA K 308 22.51 -45.17 20.42
C ALA K 308 21.55 -45.28 21.60
N HIS K 309 21.69 -44.38 22.56
CA HIS K 309 20.87 -44.45 23.76
C HIS K 309 20.76 -43.07 24.41
N CYS K 310 19.81 -42.94 25.33
CA CYS K 310 19.59 -41.74 26.12
C CYS K 310 19.52 -42.12 27.58
N ASN K 311 20.06 -41.25 28.44
CA ASN K 311 20.11 -41.47 29.88
C ASN K 311 19.22 -40.45 30.56
N ILE K 312 18.27 -40.92 31.36
CA ILE K 312 17.47 -40.09 32.25
C ILE K 312 17.63 -40.64 33.65
N SER K 313 17.97 -39.78 34.60
CA SER K 313 18.12 -40.22 35.97
C SER K 313 16.79 -40.78 36.47
N GLU K 314 16.84 -41.94 37.13
CA GLU K 314 15.61 -42.58 37.59
C GLU K 314 14.91 -41.74 38.65
N LYS K 315 15.68 -41.14 39.55
CA LYS K 315 15.07 -40.41 40.66
C LYS K 315 14.31 -39.19 40.15
N LYS K 316 14.91 -38.44 39.22
CA LYS K 316 14.28 -37.21 38.78
C LYS K 316 13.06 -37.52 37.92
N TRP K 317 13.16 -38.54 37.06
CA TRP K 317 12.03 -38.90 36.23
C TRP K 317 10.86 -39.36 37.10
N HIS K 318 11.11 -40.29 38.02
CA HIS K 318 10.00 -40.83 38.78
C HIS K 318 9.44 -39.81 39.76
N GLU K 319 10.23 -38.82 40.17
CA GLU K 319 9.68 -37.73 40.97
C GLU K 319 8.77 -36.86 40.11
N MET K 320 9.22 -36.57 38.88
CA MET K 320 8.39 -35.81 37.95
C MET K 320 7.07 -36.52 37.71
N LEU K 321 7.13 -37.83 37.46
CA LEU K 321 5.90 -38.56 37.16
C LEU K 321 5.02 -38.70 38.39
N ARG K 322 5.61 -38.65 39.59
CA ARG K 322 4.79 -38.64 40.79
C ARG K 322 4.02 -37.34 40.86
N ARG K 323 4.70 -36.21 40.66
CA ARG K 323 4.00 -34.93 40.76
C ARG K 323 2.98 -34.77 39.63
N VAL K 324 3.26 -35.29 38.44
CA VAL K 324 2.26 -35.26 37.37
C VAL K 324 1.10 -36.18 37.69
N SER K 325 1.33 -37.25 38.45
CA SER K 325 0.24 -38.16 38.77
C SER K 325 -0.63 -37.59 39.88
N GLU K 326 -0.04 -36.75 40.74
CA GLU K 326 -0.82 -36.09 41.78
C GLU K 326 -1.59 -34.92 41.20
N LYS K 327 -1.01 -34.21 40.23
CA LYS K 327 -1.74 -33.13 39.58
C LYS K 327 -2.86 -33.67 38.69
N LEU K 328 -2.66 -34.81 38.05
CA LEU K 328 -3.72 -35.42 37.27
C LEU K 328 -4.78 -36.08 38.13
N ALA K 329 -4.50 -36.29 39.42
CA ALA K 329 -5.52 -36.76 40.35
C ALA K 329 -6.46 -35.65 40.79
N GLU K 330 -6.08 -34.39 40.56
CA GLU K 330 -6.94 -33.26 40.89
C GLU K 330 -7.98 -33.00 39.81
N HIS K 331 -7.84 -33.61 38.64
CA HIS K 331 -8.75 -33.47 37.53
C HIS K 331 -9.62 -34.70 37.31
N PHE K 332 -9.15 -35.87 37.76
CA PHE K 332 -9.86 -37.15 37.63
C PHE K 332 -9.98 -37.76 39.01
N PRO K 333 -10.80 -37.16 39.88
CA PRO K 333 -10.80 -37.58 41.29
C PRO K 333 -11.28 -39.00 41.48
N ASN K 334 -10.67 -39.69 42.45
CA ASN K 334 -11.01 -41.06 42.82
C ASN K 334 -10.72 -42.07 41.71
N LYS K 335 -9.91 -41.69 40.72
CA LYS K 335 -9.50 -42.59 39.65
C LYS K 335 -8.07 -43.05 39.88
N THR K 336 -7.75 -44.23 39.33
CA THR K 336 -6.37 -44.71 39.29
C THR K 336 -5.71 -44.13 38.05
N ILE K 337 -4.50 -43.61 38.21
CA ILE K 337 -3.75 -43.00 37.12
C ILE K 337 -2.59 -43.92 36.77
N LYS K 338 -2.56 -44.36 35.52
CA LYS K 338 -1.51 -45.22 35.00
C LYS K 338 -0.88 -44.57 33.78
N PHE K 339 0.42 -44.78 33.64
CA PHE K 339 1.19 -44.38 32.47
C PHE K 339 1.71 -45.63 31.80
N THR K 340 1.42 -45.78 30.51
CA THR K 340 1.86 -46.93 29.74
C THR K 340 2.42 -46.45 28.42
N SER K 341 3.03 -47.37 27.67
CA SER K 341 3.61 -47.01 26.39
C SER K 341 2.51 -46.84 25.34
N SER K 342 2.90 -46.25 24.20
CA SER K 342 1.94 -46.02 23.13
C SER K 342 1.39 -47.35 22.61
N SER K 343 0.09 -47.35 22.30
CA SER K 343 -0.58 -48.56 21.86
C SER K 343 -0.46 -48.82 20.35
N GLY K 344 0.12 -47.90 19.59
CA GLY K 344 0.25 -48.14 18.16
C GLY K 344 0.63 -46.87 17.44
N GLY K 345 0.86 -47.04 16.14
CA GLY K 345 1.24 -45.96 15.26
C GLY K 345 2.64 -46.15 14.69
N ASP K 346 3.03 -45.13 13.92
CA ASP K 346 4.33 -45.13 13.24
C ASP K 346 5.47 -44.83 14.19
N LEU K 347 6.69 -45.05 13.73
CA LEU K 347 7.85 -44.81 14.58
C LEU K 347 7.89 -43.38 15.08
N GLU K 348 7.44 -42.43 14.25
CA GLU K 348 7.49 -41.03 14.63
C GLU K 348 6.61 -40.68 15.82
N ILE K 349 5.64 -41.52 16.18
CA ILE K 349 4.77 -41.24 17.33
C ILE K 349 4.81 -42.32 18.41
N THR K 350 5.31 -43.53 18.13
CA THR K 350 5.43 -44.55 19.15
C THR K 350 6.73 -44.44 19.93
N THR K 351 7.73 -43.76 19.36
CA THR K 351 9.01 -43.49 19.98
C THR K 351 9.15 -41.99 20.24
N HIS K 352 10.19 -41.63 20.97
CA HIS K 352 10.53 -40.22 21.20
C HIS K 352 11.43 -39.77 20.06
N SER K 353 10.86 -38.98 19.16
CA SER K 353 11.56 -38.50 17.98
C SER K 353 12.17 -37.15 18.30
N PHE K 354 13.46 -36.99 18.01
CA PHE K 354 14.08 -35.68 18.20
C PHE K 354 15.30 -35.58 17.29
N ASN K 355 15.71 -34.34 17.05
CA ASN K 355 16.90 -34.02 16.28
C ASN K 355 18.06 -33.74 17.23
N CYS K 356 19.10 -34.58 17.14
CA CYS K 356 20.32 -34.45 17.94
C CYS K 356 21.49 -34.19 17.01
N ARG K 357 21.86 -32.92 16.88
CA ARG K 357 22.96 -32.48 16.02
C ARG K 357 22.77 -33.01 14.59
N GLY K 358 21.52 -33.03 14.14
CA GLY K 358 21.16 -33.47 12.81
C GLY K 358 20.72 -34.92 12.73
N GLU K 359 21.23 -35.78 13.61
CA GLU K 359 20.82 -37.18 13.61
C GLU K 359 19.46 -37.32 14.26
N PHE K 360 18.58 -38.09 13.64
CA PHE K 360 17.19 -38.23 14.06
C PHE K 360 17.03 -39.50 14.88
N PHE K 361 16.99 -39.35 16.20
CA PHE K 361 16.89 -40.47 17.12
C PHE K 361 15.42 -40.87 17.33
N TYR K 362 15.21 -42.05 17.95
CA TYR K 362 13.86 -42.57 18.14
C TYR K 362 13.87 -43.50 19.36
N CYS K 363 13.73 -42.92 20.55
CA CYS K 363 13.83 -43.71 21.78
C CYS K 363 12.58 -44.52 22.07
N ASN K 364 12.78 -45.68 22.69
CA ASN K 364 11.69 -46.59 22.98
C ASN K 364 10.70 -46.01 23.99
N THR K 365 11.20 -45.39 25.07
CA THR K 365 10.39 -44.77 26.11
C THR K 365 9.25 -45.66 26.61
N SER K 366 9.61 -46.89 27.02
CA SER K 366 8.68 -47.82 27.65
C SER K 366 9.11 -48.16 29.06
N GLY K 367 10.31 -47.75 29.48
CA GLY K 367 10.76 -47.89 30.85
C GLY K 367 10.43 -46.63 31.62
N LEU K 368 10.22 -45.52 30.89
CA LEU K 368 9.79 -44.28 31.51
C LEU K 368 8.31 -44.34 31.89
N PHE K 369 7.47 -44.61 30.90
CA PHE K 369 6.02 -44.58 31.09
C PHE K 369 5.53 -45.97 31.50
N ASN K 370 5.80 -46.30 32.76
CA ASN K 370 5.35 -47.55 33.36
C ASN K 370 5.18 -47.27 34.86
N SER K 371 3.97 -46.84 35.23
CA SER K 371 3.71 -46.48 36.62
C SER K 371 2.21 -46.57 36.87
N THR K 372 1.86 -46.74 38.14
CA THR K 372 0.48 -46.69 38.60
C THR K 372 0.42 -45.81 39.84
N TYR K 373 -0.50 -44.86 39.85
CA TYR K 373 -0.75 -44.02 41.01
C TYR K 373 -2.22 -44.15 41.38
N MET K 374 -2.48 -44.55 42.62
CA MET K 374 -3.82 -44.80 43.14
C MET K 374 -4.23 -43.68 44.10
N PRO K 375 -5.55 -43.50 44.35
CA PRO K 375 -6.01 -42.45 45.27
C PRO K 375 -5.41 -42.49 46.68
N ASN K 376 -4.81 -43.60 47.08
CA ASN K 376 -4.25 -43.67 48.43
C ASN K 376 -2.99 -42.84 48.59
N GLY K 377 -2.42 -42.32 47.51
CA GLY K 377 -1.24 -41.50 47.55
C GLY K 377 0.06 -42.26 47.42
N THR K 378 0.02 -43.59 47.39
CA THR K 378 1.22 -44.39 47.19
C THR K 378 1.45 -44.56 45.70
N TYR K 379 2.71 -44.43 45.30
CA TYR K 379 3.12 -44.56 43.91
C TYR K 379 3.73 -45.95 43.76
N MET K 380 3.16 -46.75 42.85
CA MET K 380 3.51 -48.17 42.79
C MET K 380 4.98 -48.45 42.56
N PRO K 381 5.62 -47.98 41.48
CA PRO K 381 7.04 -48.34 41.31
C PRO K 381 7.90 -47.52 42.28
N ASN K 382 7.86 -47.92 43.54
CA ASN K 382 8.48 -47.17 44.62
C ASN K 382 9.93 -47.60 44.84
N GLY K 383 10.61 -46.87 45.72
CA GLY K 383 12.04 -47.04 45.91
C GLY K 383 12.87 -46.18 44.98
N THR K 384 12.24 -45.39 44.12
CA THR K 384 12.91 -44.55 43.15
C THR K 384 13.14 -43.13 43.65
N ASN K 385 13.21 -42.94 44.96
CA ASN K 385 13.51 -41.64 45.57
C ASN K 385 14.83 -41.65 46.32
N ASN K 386 15.51 -42.81 46.38
CA ASN K 386 16.83 -42.95 46.98
C ASN K 386 17.73 -43.76 46.06
N SER K 387 17.44 -43.73 44.76
CA SER K 387 18.12 -44.55 43.77
C SER K 387 19.22 -43.75 43.09
N ASN K 388 20.23 -44.49 42.61
CA ASN K 388 21.31 -43.93 41.79
C ASN K 388 21.30 -44.50 40.38
N SER K 389 20.23 -45.18 39.98
CA SER K 389 20.19 -45.84 38.68
C SER K 389 19.90 -44.84 37.57
N THR K 390 20.01 -45.31 36.34
CA THR K 390 19.71 -44.55 35.14
C THR K 390 18.79 -45.38 34.26
N ILE K 391 17.90 -44.69 33.54
CA ILE K 391 16.96 -45.33 32.62
C ILE K 391 17.55 -45.18 31.22
N ILE K 392 18.07 -46.28 30.68
CA ILE K 392 18.74 -46.27 29.38
C ILE K 392 17.68 -46.59 28.32
N LEU K 393 17.42 -45.61 27.45
CA LEU K 393 16.44 -45.73 26.40
C LEU K 393 17.13 -46.05 25.08
N PRO K 394 16.88 -47.19 24.43
CA PRO K 394 17.63 -47.52 23.18
C PRO K 394 17.15 -46.82 21.91
N CYS K 395 17.51 -45.54 21.76
CA CYS K 395 17.17 -44.80 20.55
C CYS K 395 17.75 -45.44 19.30
N ARG K 396 16.91 -45.56 18.27
CA ARG K 396 17.32 -46.00 16.94
C ARG K 396 17.58 -44.77 16.08
N ILE K 397 18.43 -44.93 15.06
CA ILE K 397 18.82 -43.85 14.16
C ILE K 397 18.23 -44.13 12.79
N LYS K 398 17.63 -43.10 12.18
CA LYS K 398 17.05 -43.17 10.85
C LYS K 398 17.57 -42.00 10.03
N GLN K 399 17.75 -42.21 8.72
CA GLN K 399 18.32 -41.20 7.84
C GLN K 399 17.34 -40.64 6.83
N ILE K 400 16.60 -41.49 6.10
CA ILE K 400 15.57 -40.99 5.20
C ILE K 400 14.36 -40.66 6.06
N ILE K 401 14.27 -39.41 6.48
CA ILE K 401 13.23 -38.93 7.40
C ILE K 401 12.04 -38.44 6.58
N ASN K 402 10.90 -39.09 6.74
CA ASN K 402 9.68 -38.61 6.12
C ASN K 402 9.31 -37.25 6.72
N MET K 403 9.72 -36.18 6.03
CA MET K 403 9.52 -34.83 6.54
C MET K 403 8.05 -34.55 6.82
N TRP K 404 7.78 -34.04 8.03
CA TRP K 404 6.43 -33.70 8.48
C TRP K 404 5.49 -34.85 8.11
N GLN K 405 4.40 -34.58 7.38
CA GLN K 405 3.60 -35.63 6.77
C GLN K 405 3.22 -35.26 5.34
N GLU K 406 4.07 -34.47 4.67
CA GLU K 406 3.81 -34.07 3.29
C GLU K 406 3.72 -35.25 2.33
N VAL K 407 4.22 -36.43 2.70
CA VAL K 407 4.21 -37.64 1.89
C VAL K 407 5.10 -37.47 0.67
N GLY K 408 4.81 -36.51 -0.19
CA GLY K 408 5.57 -36.31 -1.42
C GLY K 408 6.88 -35.55 -1.26
N ARG K 409 7.52 -35.65 -0.10
CA ARG K 409 8.79 -34.96 0.15
C ARG K 409 9.42 -35.64 1.36
N ALA K 410 10.53 -36.33 1.13
CA ALA K 410 11.33 -36.92 2.18
C ALA K 410 12.58 -36.07 2.39
N MET K 411 13.48 -36.55 3.25
CA MET K 411 14.74 -35.86 3.51
C MET K 411 15.79 -36.86 3.92
N TYR K 412 17.01 -36.66 3.45
CA TYR K 412 18.16 -37.47 3.85
C TYR K 412 19.03 -36.64 4.78
N ALA K 413 19.23 -37.13 6.01
CA ALA K 413 20.10 -36.46 6.96
C ALA K 413 21.51 -37.00 6.76
N PRO K 414 22.49 -36.21 6.30
CA PRO K 414 23.81 -36.78 6.04
C PRO K 414 24.48 -37.16 7.34
N PRO K 415 25.33 -38.19 7.33
CA PRO K 415 26.01 -38.58 8.58
C PRO K 415 27.11 -37.59 8.94
N ILE K 416 27.42 -37.55 10.22
CA ILE K 416 28.48 -36.73 10.78
C ILE K 416 29.58 -37.65 11.30
N ALA K 417 30.81 -37.40 10.87
CA ALA K 417 31.93 -38.21 11.31
C ALA K 417 32.15 -38.06 12.81
N GLY K 418 32.66 -39.13 13.42
CA GLY K 418 32.86 -39.15 14.86
C GLY K 418 31.60 -39.57 15.56
N ASN K 419 31.40 -39.08 16.78
CA ASN K 419 30.24 -39.42 17.60
C ASN K 419 29.47 -38.14 17.92
N ILE K 420 28.30 -38.32 18.52
CA ILE K 420 27.40 -37.22 18.83
C ILE K 420 26.88 -37.42 20.25
N THR K 421 26.86 -36.32 21.02
CA THR K 421 26.19 -36.27 22.31
C THR K 421 25.38 -34.98 22.39
N CYS K 422 24.13 -35.10 22.85
CA CYS K 422 23.26 -33.93 23.03
C CYS K 422 22.64 -33.99 24.42
N ASN K 423 22.60 -32.84 25.08
CA ASN K 423 21.87 -32.67 26.33
C ASN K 423 20.65 -31.81 26.05
N SER K 424 19.57 -32.07 26.76
CA SER K 424 18.40 -31.21 26.66
C SER K 424 17.59 -31.31 27.95
N ASN K 425 16.71 -30.36 28.13
CA ASN K 425 15.83 -30.29 29.29
C ASN K 425 14.45 -30.75 28.87
N ILE K 426 13.86 -31.69 29.62
CA ILE K 426 12.49 -32.12 29.39
C ILE K 426 11.61 -31.17 30.21
N THR K 427 10.82 -30.37 29.51
CA THR K 427 10.00 -29.33 30.11
C THR K 427 8.51 -29.61 29.99
N GLY K 428 8.11 -30.76 29.48
CA GLY K 428 6.70 -31.05 29.37
C GLY K 428 6.47 -32.36 28.65
N LEU K 429 5.26 -32.88 28.83
CA LEU K 429 4.84 -34.16 28.28
C LEU K 429 3.63 -33.95 27.38
N LEU K 430 3.50 -34.81 26.37
CA LEU K 430 2.30 -34.88 25.53
C LEU K 430 1.63 -36.22 25.82
N LEU K 431 0.47 -36.18 26.45
CA LEU K 431 -0.26 -37.37 26.87
C LEU K 431 -1.60 -37.44 26.15
N VAL K 432 -2.03 -38.67 25.88
CA VAL K 432 -3.35 -38.97 25.33
C VAL K 432 -4.03 -39.97 26.26
N ARG K 433 -5.27 -39.69 26.62
CA ARG K 433 -6.01 -40.52 27.56
C ARG K 433 -6.81 -41.58 26.82
N ASP K 434 -6.85 -42.79 27.38
CA ASP K 434 -7.56 -43.90 26.75
C ASP K 434 -9.04 -43.83 27.09
N GLY K 435 -9.89 -43.89 26.05
CA GLY K 435 -11.32 -43.76 26.22
C GLY K 435 -11.99 -45.09 26.53
N GLY K 436 -13.32 -45.06 26.56
CA GLY K 436 -14.10 -46.26 26.76
C GLY K 436 -14.40 -46.54 28.21
N LYS K 437 -15.15 -47.62 28.43
CA LYS K 437 -15.51 -48.03 29.78
C LYS K 437 -14.27 -48.50 30.51
N ASN K 438 -14.18 -48.17 31.79
CA ASN K 438 -13.04 -48.58 32.60
C ASN K 438 -13.47 -48.72 34.05
N ASN K 439 -12.67 -49.46 34.82
CA ASN K 439 -12.92 -49.65 36.25
C ASN K 439 -12.21 -48.54 37.03
N ASN K 440 -12.69 -47.31 36.79
CA ASN K 440 -12.20 -46.09 37.45
C ASN K 440 -10.67 -45.97 37.40
N THR K 441 -10.10 -46.35 36.25
CA THR K 441 -8.67 -46.20 36.01
C THR K 441 -8.44 -45.47 34.70
N GLU K 442 -7.60 -44.43 34.73
CA GLU K 442 -7.17 -43.72 33.54
C GLU K 442 -5.81 -44.25 33.10
N ILE K 443 -5.63 -44.38 31.79
CA ILE K 443 -4.39 -44.86 31.19
C ILE K 443 -3.88 -43.79 30.24
N PHE K 444 -2.98 -42.93 30.72
CA PHE K 444 -2.44 -41.82 29.92
C PHE K 444 -1.22 -42.31 29.16
N ARG K 445 -1.36 -42.47 27.83
CA ARG K 445 -0.31 -43.00 26.99
C ARG K 445 0.31 -41.88 26.17
N PRO K 446 1.65 -41.84 26.02
CA PRO K 446 2.28 -40.74 25.27
C PRO K 446 1.68 -40.55 23.89
N GLY K 447 1.79 -39.33 23.37
CA GLY K 447 1.23 -39.00 22.08
C GLY K 447 2.09 -37.96 21.40
N GLY K 448 1.65 -37.56 20.22
CA GLY K 448 2.33 -36.52 19.48
C GLY K 448 2.13 -36.73 18.00
N GLY K 449 3.06 -36.16 17.23
CA GLY K 449 3.04 -36.24 15.78
C GLY K 449 2.52 -34.95 15.18
N ASP K 450 1.46 -34.41 15.80
CA ASP K 450 0.91 -33.13 15.38
C ASP K 450 1.76 -32.05 16.03
N MET K 451 2.45 -31.26 15.21
CA MET K 451 3.43 -30.32 15.73
C MET K 451 2.79 -29.01 16.19
N ARG K 452 1.48 -28.87 16.12
CA ARG K 452 0.85 -27.68 16.65
C ARG K 452 0.79 -27.75 18.17
N ASP K 453 0.70 -28.96 18.73
CA ASP K 453 0.65 -29.16 20.17
C ASP K 453 2.02 -29.02 20.81
N ASN K 454 3.08 -28.82 20.01
CA ASN K 454 4.41 -28.52 20.52
C ASN K 454 4.64 -27.02 20.58
N TRP K 455 3.82 -26.26 19.86
CA TRP K 455 3.89 -24.81 19.79
C TRP K 455 2.76 -24.17 20.57
N ARG K 456 1.74 -24.94 20.95
CA ARG K 456 0.69 -24.50 21.87
C ARG K 456 1.14 -24.58 23.33
N SER K 457 2.42 -24.80 23.59
CA SER K 457 2.97 -24.90 24.94
C SER K 457 4.00 -23.81 25.19
N GLU K 458 4.16 -22.88 24.25
CA GLU K 458 4.97 -21.68 24.40
C GLU K 458 4.27 -20.44 23.86
N LEU K 459 3.21 -20.59 23.05
CA LEU K 459 2.37 -19.50 22.58
C LEU K 459 1.01 -19.60 23.26
N TYR K 460 1.03 -20.01 24.53
CA TYR K 460 -0.20 -20.19 25.29
C TYR K 460 -0.68 -18.88 25.88
N LYS K 461 0.25 -18.01 26.28
CA LYS K 461 -0.10 -16.78 26.98
C LYS K 461 -0.37 -15.61 26.06
N TYR K 462 -0.20 -15.77 24.74
CA TYR K 462 -0.29 -14.64 23.81
C TYR K 462 -1.58 -14.69 23.02
N LYS K 463 -2.25 -13.54 22.97
CA LYS K 463 -3.46 -13.32 22.18
C LYS K 463 -3.21 -12.11 21.29
N VAL K 464 -3.73 -12.14 20.07
CA VAL K 464 -3.60 -11.04 19.11
C VAL K 464 -4.94 -10.31 19.04
N VAL K 465 -4.92 -8.99 19.25
CA VAL K 465 -6.10 -8.16 19.21
C VAL K 465 -5.87 -6.98 18.26
N GLU K 466 -6.97 -6.46 17.72
CA GLU K 466 -6.97 -5.30 16.83
C GLU K 466 -7.55 -4.11 17.58
N ILE K 467 -6.82 -2.99 17.58
CA ILE K 467 -7.30 -1.80 18.27
C ILE K 467 -8.41 -1.14 17.46
N LYS K 468 -9.45 -0.65 18.15
CA LYS K 468 -10.56 0.06 17.55
C LYS K 468 -10.54 1.50 18.09
N PRO K 469 -9.69 2.37 17.56
CA PRO K 469 -9.47 3.67 18.22
C PRO K 469 -10.66 4.60 18.14
N LEU K 470 -11.65 4.34 17.30
CA LEU K 470 -12.77 5.25 17.08
C LEU K 470 -13.97 4.78 17.89
N GLY K 471 -14.57 5.70 18.64
CA GLY K 471 -15.76 5.37 19.42
C GLY K 471 -16.51 6.63 19.79
N VAL K 472 -17.67 6.43 20.41
CA VAL K 472 -18.57 7.51 20.77
C VAL K 472 -18.98 7.37 22.23
N ALA K 473 -19.33 8.48 22.86
CA ALA K 473 -19.83 8.45 24.23
C ALA K 473 -20.65 9.71 24.48
N PRO K 474 -21.65 9.65 25.37
CA PRO K 474 -22.41 10.86 25.68
C PRO K 474 -21.62 11.83 26.54
N THR K 475 -21.76 13.11 26.24
CA THR K 475 -21.22 14.18 27.05
C THR K 475 -22.24 15.31 27.04
N ARG K 476 -21.94 16.36 27.80
CA ARG K 476 -22.74 17.58 27.82
C ARG K 476 -22.33 18.56 26.73
N CYS K 477 -21.44 18.14 25.83
CA CYS K 477 -20.84 19.02 24.83
C CYS K 477 -21.69 19.04 23.57
N LYS K 478 -22.09 20.24 23.14
CA LYS K 478 -22.82 20.43 21.90
C LYS K 478 -21.96 21.21 20.92
N ARG K 479 -22.05 20.86 19.64
CA ARG K 479 -21.36 21.62 18.62
C ARG K 479 -22.06 22.96 18.39
N ARG K 480 -21.26 23.97 18.06
CA ARG K 480 -21.76 25.31 17.78
C ARG K 480 -20.61 26.21 17.34
N LEU K 506 2.83 7.52 28.27
CA LEU K 506 2.50 6.32 29.02
C LEU K 506 2.80 5.07 28.19
N GLY K 507 1.81 4.52 27.51
CA GLY K 507 2.05 3.38 26.64
C GLY K 507 0.79 2.99 25.92
N PHE K 508 0.95 2.04 24.99
CA PHE K 508 -0.17 1.59 24.19
C PHE K 508 -1.16 0.81 25.06
N LEU K 509 -2.43 1.20 24.98
CA LEU K 509 -3.50 0.60 25.79
C LEU K 509 -3.28 0.76 27.29
N GLY K 510 -2.39 1.67 27.71
CA GLY K 510 -2.08 1.81 29.13
C GLY K 510 -3.29 2.13 29.97
N ALA K 511 -4.25 2.86 29.42
CA ALA K 511 -5.46 3.26 30.10
C ALA K 511 -6.62 2.31 29.84
N ALA K 512 -6.34 1.12 29.26
CA ALA K 512 -7.41 0.18 28.92
C ALA K 512 -8.23 -0.21 30.14
N GLY K 513 -7.61 -0.32 31.30
CA GLY K 513 -8.31 -0.65 32.52
C GLY K 513 -8.74 0.53 33.35
N SER K 514 -8.47 1.74 32.89
CA SER K 514 -8.84 2.95 33.62
C SER K 514 -10.26 3.36 33.24
N THR K 515 -10.83 4.27 34.02
CA THR K 515 -12.19 4.67 33.77
C THR K 515 -12.26 5.55 32.54
N MET K 516 -13.47 5.72 32.00
CA MET K 516 -13.64 6.43 30.75
C MET K 516 -13.26 7.91 30.83
N GLY K 517 -13.05 8.45 32.04
CA GLY K 517 -12.75 9.85 32.20
C GLY K 517 -11.26 10.09 32.44
N ALA K 518 -10.53 9.01 32.71
CA ALA K 518 -9.07 9.05 32.86
C ALA K 518 -8.36 8.51 31.63
N ALA K 519 -9.09 7.90 30.70
CA ALA K 519 -8.56 7.39 29.45
C ALA K 519 -8.80 8.35 28.30
N SER K 520 -9.51 9.45 28.53
CA SER K 520 -9.76 10.47 27.52
C SER K 520 -8.69 11.55 27.54
N ILE K 521 -7.61 11.35 28.30
CA ILE K 521 -6.46 12.22 28.29
C ILE K 521 -5.30 11.57 27.55
N THR K 522 -5.19 10.24 27.60
CA THR K 522 -4.16 9.49 26.88
C THR K 522 -4.75 8.99 25.56
N LEU K 523 -4.91 9.94 24.64
CA LEU K 523 -5.43 9.69 23.30
C LEU K 523 -4.37 9.88 22.25
N THR K 524 -3.42 10.78 22.47
CA THR K 524 -2.34 11.02 21.53
C THR K 524 -1.26 9.95 21.61
N VAL K 525 -1.44 8.94 22.46
CA VAL K 525 -0.48 7.86 22.62
C VAL K 525 -0.97 6.58 21.95
N GLN K 526 -2.28 6.32 21.97
CA GLN K 526 -2.83 5.21 21.22
C GLN K 526 -3.16 5.59 19.78
N ALA K 527 -3.07 6.88 19.44
CA ALA K 527 -3.24 7.36 18.08
C ALA K 527 -1.94 7.31 17.30
N ARG K 528 -0.81 7.63 17.93
CA ARG K 528 0.46 7.65 17.21
C ARG K 528 0.97 6.25 16.93
N GLN K 529 0.63 5.27 17.76
CA GLN K 529 1.11 3.91 17.58
C GLN K 529 0.28 3.10 16.60
N LEU K 530 -0.51 3.76 15.76
CA LEU K 530 -1.13 3.12 14.61
C LEU K 530 -0.19 3.16 13.40
N LEU K 531 0.92 3.91 13.50
CA LEU K 531 1.99 3.96 12.49
C LEU K 531 1.43 4.21 11.11
N SER K 532 0.48 5.12 11.01
CA SER K 532 -0.08 5.49 9.73
C SER K 532 -0.85 6.80 9.91
N GLY K 558 7.39 -11.37 2.01
CA GLY K 558 7.12 -10.17 1.25
C GLY K 558 5.63 -9.86 1.16
N ILE K 559 4.88 -10.76 0.52
CA ILE K 559 3.44 -10.54 0.35
C ILE K 559 2.75 -10.56 1.70
N LYS K 560 3.12 -11.51 2.58
CA LYS K 560 2.45 -11.64 3.87
C LYS K 560 2.53 -10.36 4.69
N GLN K 561 3.67 -9.67 4.66
CA GLN K 561 3.82 -8.44 5.42
C GLN K 561 3.25 -7.25 4.67
N LEU K 562 3.49 -7.20 3.36
CA LEU K 562 3.03 -6.06 2.58
C LEU K 562 1.51 -5.97 2.57
N GLN K 563 0.83 -7.11 2.57
CA GLN K 563 -0.63 -7.10 2.62
C GLN K 563 -1.13 -6.56 3.94
N THR K 564 -0.38 -6.74 5.03
CA THR K 564 -0.84 -6.23 6.31
C THR K 564 -0.46 -4.78 6.48
N ARG K 565 0.57 -4.32 5.78
CA ARG K 565 0.87 -2.89 5.78
C ARG K 565 -0.21 -2.14 5.01
N VAL K 566 -0.62 -2.69 3.87
CA VAL K 566 -1.70 -2.08 3.10
C VAL K 566 -3.01 -2.14 3.89
N LEU K 567 -3.27 -3.27 4.56
CA LEU K 567 -4.50 -3.38 5.34
C LEU K 567 -4.54 -2.37 6.48
N ALA K 568 -3.40 -2.18 7.17
CA ALA K 568 -3.34 -1.18 8.23
C ALA K 568 -3.59 0.21 7.67
N ILE K 569 -3.06 0.50 6.48
CA ILE K 569 -3.29 1.80 5.87
C ILE K 569 -4.77 1.96 5.54
N GLU K 570 -5.39 0.92 4.99
CA GLU K 570 -6.81 1.01 4.63
C GLU K 570 -7.66 1.24 5.87
N HIS K 571 -7.35 0.57 6.98
CA HIS K 571 -8.15 0.75 8.19
C HIS K 571 -7.98 2.16 8.74
N TYR K 572 -6.74 2.67 8.73
CA TYR K 572 -6.50 4.03 9.19
C TYR K 572 -7.29 5.02 8.34
N LEU K 573 -7.23 4.86 7.02
CA LEU K 573 -7.92 5.81 6.14
C LEU K 573 -9.43 5.69 6.26
N LYS K 574 -9.97 4.50 6.50
CA LYS K 574 -11.40 4.40 6.71
C LYS K 574 -11.82 5.12 7.98
N ASP K 575 -11.00 5.03 9.04
CA ASP K 575 -11.34 5.77 10.26
C ASP K 575 -11.25 7.27 10.05
N GLN K 576 -10.20 7.73 9.35
CA GLN K 576 -10.10 9.15 9.02
C GLN K 576 -11.27 9.62 8.17
N GLN K 577 -11.69 8.79 7.20
CA GLN K 577 -12.81 9.19 6.35
C GLN K 577 -14.08 9.29 7.17
N LEU K 578 -14.27 8.38 8.13
CA LEU K 578 -15.43 8.48 9.01
C LEU K 578 -15.39 9.79 9.78
N LEU K 579 -14.24 10.11 10.37
CA LEU K 579 -14.13 11.37 11.12
C LEU K 579 -14.42 12.56 10.21
N GLY K 580 -13.93 12.53 8.98
CA GLY K 580 -14.13 13.65 8.08
C GLY K 580 -15.58 13.84 7.69
N ILE K 581 -16.25 12.75 7.32
CA ILE K 581 -17.67 12.80 6.98
C ILE K 581 -18.50 13.35 8.14
N TRP K 582 -18.05 13.14 9.37
CA TRP K 582 -18.75 13.62 10.55
C TRP K 582 -18.40 15.05 10.92
N GLY K 583 -17.46 15.67 10.20
CA GLY K 583 -16.98 17.00 10.54
C GLY K 583 -15.93 17.03 11.64
N CYS K 584 -15.36 15.88 11.97
CA CYS K 584 -14.40 15.75 13.07
C CYS K 584 -12.96 15.66 12.59
N SER K 585 -12.68 15.99 11.33
CA SER K 585 -11.34 15.86 10.80
C SER K 585 -10.36 16.72 11.59
N GLY K 586 -9.22 16.13 11.93
CA GLY K 586 -8.18 16.85 12.63
C GLY K 586 -8.34 16.93 14.14
N LYS K 587 -9.34 16.23 14.71
CA LYS K 587 -9.62 16.26 16.13
C LYS K 587 -9.63 14.85 16.70
N LEU K 588 -9.14 14.70 17.93
CA LEU K 588 -9.24 13.45 18.66
C LEU K 588 -10.45 13.42 19.58
N ILE K 589 -10.88 14.57 20.06
CA ILE K 589 -12.10 14.71 20.86
C ILE K 589 -12.98 15.68 20.08
N CYS K 590 -14.09 15.18 19.56
CA CYS K 590 -14.96 15.93 18.67
C CYS K 590 -16.37 15.97 19.22
N CYS K 591 -16.89 17.16 19.44
CA CYS K 591 -18.26 17.35 19.90
C CYS K 591 -19.17 17.48 18.69
N THR K 592 -20.33 16.84 18.75
CA THR K 592 -21.27 16.82 17.64
C THR K 592 -22.61 17.39 18.09
N ALA K 593 -23.53 17.51 17.14
CA ALA K 593 -24.86 18.04 17.37
C ALA K 593 -25.93 16.96 17.44
N VAL K 594 -25.56 15.69 17.52
CA VAL K 594 -26.51 14.59 17.57
C VAL K 594 -26.87 14.36 19.04
N PRO K 595 -28.15 14.45 19.42
CA PRO K 595 -28.49 14.20 20.83
C PRO K 595 -28.37 12.73 21.15
N TRP K 596 -28.11 12.45 22.42
CA TRP K 596 -28.02 11.07 22.87
C TRP K 596 -29.42 10.54 23.17
N ASN K 597 -29.72 9.38 22.59
CA ASN K 597 -31.00 8.72 22.78
C ASN K 597 -30.88 7.78 23.97
N SER K 598 -31.78 7.94 24.95
CA SER K 598 -31.71 7.14 26.17
C SER K 598 -31.87 5.64 25.91
N SER K 599 -32.37 5.24 24.75
CA SER K 599 -32.46 3.82 24.44
C SER K 599 -31.09 3.23 24.11
N TRP K 600 -30.10 4.06 23.78
CA TRP K 600 -28.76 3.56 23.52
C TRP K 600 -28.05 3.23 24.82
N SER K 601 -28.21 4.10 25.82
CA SER K 601 -27.72 3.87 27.17
C SER K 601 -28.37 4.91 28.08
N ASN K 602 -28.92 4.47 29.21
CA ASN K 602 -29.59 5.36 30.15
C ASN K 602 -28.76 5.63 31.40
N LYS K 603 -27.46 5.36 31.35
CA LYS K 603 -26.59 5.64 32.47
C LYS K 603 -26.27 7.13 32.52
N SER K 604 -26.12 7.64 33.74
CA SER K 604 -25.75 9.03 33.93
C SER K 604 -24.26 9.22 33.68
N LEU K 605 -23.85 10.50 33.60
CA LEU K 605 -22.45 10.80 33.32
C LEU K 605 -21.52 10.28 34.41
N THR K 606 -21.97 10.30 35.66
CA THR K 606 -21.13 9.82 36.74
C THR K 606 -21.09 8.29 36.81
N ASP K 607 -21.96 7.61 36.07
CA ASP K 607 -21.96 6.15 35.97
C ASP K 607 -21.16 5.65 34.77
N ILE K 608 -20.77 6.55 33.86
CA ILE K 608 -20.06 6.19 32.63
C ILE K 608 -18.62 6.68 32.70
N TRP K 609 -18.43 7.98 32.76
CA TRP K 609 -17.10 8.58 32.71
C TRP K 609 -16.29 8.24 33.97
N ASP K 610 -16.94 8.15 35.12
CA ASP K 610 -16.26 7.93 36.38
C ASP K 610 -16.18 6.46 36.81
N ASN K 611 -17.09 5.60 36.34
CA ASN K 611 -17.15 4.22 36.82
C ASN K 611 -16.83 3.15 35.80
N MET K 612 -17.02 3.39 34.50
CA MET K 612 -16.81 2.36 33.49
C MET K 612 -15.55 2.60 32.69
N THR K 613 -15.01 1.51 32.16
CA THR K 613 -13.88 1.53 31.23
C THR K 613 -14.41 1.58 29.80
N TRP K 614 -13.50 1.86 28.86
CA TRP K 614 -13.92 1.94 27.46
C TRP K 614 -14.30 0.58 26.88
N MET K 615 -13.70 -0.51 27.37
CA MET K 615 -14.10 -1.84 26.90
C MET K 615 -15.53 -2.18 27.30
N GLN K 616 -15.90 -1.84 28.54
CA GLN K 616 -17.26 -2.12 28.99
C GLN K 616 -18.26 -1.28 28.21
N TRP K 617 -17.89 -0.04 27.92
CA TRP K 617 -18.74 0.83 27.13
C TRP K 617 -18.91 0.29 25.72
N ASP K 618 -17.81 -0.16 25.09
CA ASP K 618 -17.92 -0.72 23.76
C ASP K 618 -18.84 -1.94 23.79
N ARG K 619 -18.70 -2.78 24.82
CA ARG K 619 -19.58 -3.94 24.92
C ARG K 619 -21.02 -3.53 25.16
N GLU K 620 -21.27 -2.32 25.66
CA GLU K 620 -22.63 -1.85 25.88
C GLU K 620 -23.22 -1.27 24.60
N VAL K 621 -22.64 -0.17 24.11
CA VAL K 621 -23.09 0.45 22.85
C VAL K 621 -22.29 -0.17 21.71
N SER K 622 -22.80 -1.25 21.17
CA SER K 622 -22.22 -1.92 20.01
C SER K 622 -23.28 -2.25 18.99
N ASN K 623 -24.47 -2.67 19.42
CA ASN K 623 -25.59 -2.87 18.52
C ASN K 623 -26.13 -1.57 17.93
N TYR K 624 -25.67 -0.41 18.40
CA TYR K 624 -26.22 0.88 17.99
C TYR K 624 -25.26 1.73 17.16
N THR K 625 -24.08 1.22 16.81
CA THR K 625 -23.14 2.08 16.08
C THR K 625 -23.57 2.33 14.65
N GLY K 626 -24.38 1.45 14.07
CA GLY K 626 -24.89 1.67 12.73
C GLY K 626 -25.98 2.72 12.67
N ILE K 627 -26.50 3.14 13.82
CA ILE K 627 -27.49 4.20 13.92
C ILE K 627 -26.79 5.52 14.22
N ILE K 628 -25.85 5.47 15.16
CA ILE K 628 -25.13 6.68 15.56
C ILE K 628 -24.31 7.21 14.39
N TYR K 629 -23.63 6.32 13.66
CA TYR K 629 -22.79 6.78 12.56
C TYR K 629 -23.65 7.41 11.45
N ARG K 630 -24.82 6.82 11.18
CA ARG K 630 -25.71 7.39 10.18
C ARG K 630 -26.22 8.76 10.63
N LEU K 631 -26.57 8.88 11.90
CA LEU K 631 -27.04 10.17 12.40
C LEU K 631 -25.93 11.22 12.31
N LEU K 632 -24.69 10.82 12.59
CA LEU K 632 -23.58 11.77 12.53
C LEU K 632 -23.34 12.25 11.11
N GLU K 633 -23.40 11.36 10.12
CA GLU K 633 -23.17 11.83 8.76
C GLU K 633 -24.35 12.65 8.25
N ASP K 634 -25.57 12.34 8.70
CA ASP K 634 -26.71 13.15 8.28
C ASP K 634 -26.64 14.54 8.89
N SER K 635 -26.22 14.63 10.15
CA SER K 635 -26.09 15.93 10.80
C SER K 635 -24.99 16.76 10.13
N GLN K 636 -23.89 16.12 9.73
CA GLN K 636 -22.85 16.88 9.05
C GLN K 636 -23.33 17.34 7.68
N ASN K 637 -24.11 16.53 6.97
CA ASN K 637 -24.61 16.99 5.67
C ASN K 637 -25.52 18.19 5.84
N GLN K 638 -26.34 18.19 6.90
CA GLN K 638 -27.21 19.33 7.14
C GLN K 638 -26.39 20.56 7.52
N GLN K 639 -25.33 20.38 8.30
CA GLN K 639 -24.50 21.50 8.69
C GLN K 639 -23.74 22.07 7.49
N GLU K 640 -23.27 21.21 6.59
CA GLU K 640 -22.58 21.70 5.40
C GLU K 640 -23.50 22.49 4.49
N ARG K 641 -24.75 22.04 4.33
CA ARG K 641 -25.65 22.81 3.48
C ARG K 641 -26.07 24.11 4.16
N ASN K 642 -26.24 24.09 5.48
CA ASN K 642 -26.55 25.33 6.18
C ASN K 642 -25.37 26.29 6.13
N GLU K 643 -24.15 25.76 6.16
CA GLU K 643 -22.98 26.62 6.10
C GLU K 643 -22.84 27.25 4.73
N GLN K 644 -23.09 26.50 3.65
CA GLN K 644 -22.99 27.14 2.34
C GLN K 644 -24.12 28.14 2.15
N ASP K 645 -25.26 27.93 2.81
CA ASP K 645 -26.34 28.91 2.69
C ASP K 645 -26.02 30.18 3.46
N LEU K 646 -25.44 30.04 4.66
CA LEU K 646 -25.02 31.21 5.43
C LEU K 646 -23.89 31.96 4.73
N LEU K 647 -22.97 31.25 4.09
CA LEU K 647 -21.85 31.87 3.41
C LEU K 647 -22.22 32.47 2.06
N ALA K 648 -23.45 32.26 1.60
CA ALA K 648 -23.98 32.89 0.39
C ALA K 648 -25.00 33.95 0.73
N LEU K 649 -25.11 34.31 2.01
CA LEU K 649 -26.04 35.31 2.52
C LEU K 649 -25.27 36.60 2.73
N ASP K 650 -25.43 37.53 1.78
CA ASP K 650 -24.66 38.79 1.59
C ASP K 650 -24.37 38.91 0.10
N GLN L 1 -18.41 -37.15 -3.97
CA GLN L 1 -19.25 -37.84 -2.94
C GLN L 1 -18.35 -38.64 -1.99
N VAL L 2 -18.53 -38.41 -0.70
CA VAL L 2 -17.77 -39.14 0.32
C VAL L 2 -18.38 -40.52 0.49
N GLN L 3 -17.54 -41.55 0.38
CA GLN L 3 -17.98 -42.93 0.51
C GLN L 3 -16.98 -43.69 1.38
N LEU L 4 -17.50 -44.68 2.12
CA LEU L 4 -16.68 -45.63 2.86
C LEU L 4 -17.17 -47.02 2.48
N VAL L 5 -16.28 -47.83 1.91
CA VAL L 5 -16.63 -49.17 1.41
C VAL L 5 -15.84 -50.19 2.24
N GLN L 6 -16.56 -51.04 2.96
CA GLN L 6 -15.95 -52.03 3.84
C GLN L 6 -16.05 -53.42 3.21
N SER L 7 -15.20 -54.32 3.69
CA SER L 7 -15.21 -55.69 3.21
C SER L 7 -16.48 -56.40 3.66
N GLY L 8 -16.75 -57.54 3.00
CA GLY L 8 -17.96 -58.29 3.25
C GLY L 8 -17.90 -59.14 4.50
N ALA L 9 -18.99 -59.86 4.74
CA ALA L 9 -19.13 -60.66 5.95
C ALA L 9 -18.10 -61.78 5.97
N GLU L 10 -17.71 -62.19 7.19
CA GLU L 10 -16.72 -63.22 7.39
C GLU L 10 -17.13 -64.11 8.55
N VAL L 11 -16.67 -65.36 8.52
CA VAL L 11 -16.94 -66.35 9.56
C VAL L 11 -15.61 -66.88 10.10
N LYS L 12 -15.43 -66.77 11.42
CA LYS L 12 -14.23 -67.25 12.11
C LYS L 12 -14.61 -68.12 13.29
N LYS L 13 -13.66 -68.99 13.69
CA LYS L 13 -13.74 -69.86 14.85
C LYS L 13 -13.15 -69.16 16.07
N PRO L 14 -13.56 -69.49 17.29
CA PRO L 14 -12.96 -68.87 18.48
C PRO L 14 -11.45 -69.04 18.51
N GLY L 15 -10.77 -67.94 18.86
CA GLY L 15 -9.33 -67.89 18.92
C GLY L 15 -8.66 -67.34 17.67
N ALA L 16 -9.40 -67.27 16.56
CA ALA L 16 -8.86 -66.76 15.31
C ALA L 16 -8.83 -65.23 15.35
N SER L 17 -8.09 -64.65 14.40
CA SER L 17 -8.05 -63.22 14.17
C SER L 17 -8.75 -62.88 12.86
N VAL L 18 -9.46 -61.75 12.85
CA VAL L 18 -10.18 -61.26 11.68
C VAL L 18 -9.67 -59.86 11.35
N LYS L 19 -9.45 -59.62 10.06
CA LYS L 19 -9.01 -58.32 9.55
C LYS L 19 -10.13 -57.70 8.71
N VAL L 20 -10.51 -56.48 9.07
CA VAL L 20 -11.56 -55.72 8.39
C VAL L 20 -10.94 -54.48 7.80
N SER L 21 -11.38 -54.11 6.59
CA SER L 21 -10.84 -52.98 5.86
C SER L 21 -11.97 -52.00 5.52
N CYS L 22 -11.60 -50.72 5.38
CA CYS L 22 -12.56 -49.63 5.12
C CYS L 22 -11.97 -48.69 4.06
N LYS L 23 -12.07 -49.08 2.79
CA LYS L 23 -11.67 -48.20 1.70
C LYS L 23 -12.39 -46.86 1.82
N ALA L 24 -11.62 -45.77 1.74
CA ALA L 24 -12.15 -44.43 1.89
C ALA L 24 -11.94 -43.65 0.60
N SER L 25 -13.03 -43.10 0.05
CA SER L 25 -13.02 -42.39 -1.22
C SER L 25 -13.79 -41.08 -1.12
N GLY L 26 -13.29 -40.04 -1.78
CA GLY L 26 -13.98 -38.77 -1.91
C GLY L 26 -13.33 -37.59 -1.21
N TYR L 27 -12.46 -37.82 -0.23
CA TYR L 27 -11.89 -36.76 0.58
C TYR L 27 -10.40 -37.01 0.75
N SER L 28 -9.72 -36.11 1.46
CA SER L 28 -8.30 -36.27 1.77
C SER L 28 -8.17 -37.22 2.96
N PHE L 29 -7.57 -38.39 2.71
CA PHE L 29 -7.52 -39.44 3.72
C PHE L 29 -6.72 -39.02 4.95
N THR L 30 -5.58 -38.36 4.75
CA THR L 30 -4.66 -38.04 5.84
C THR L 30 -5.03 -36.77 6.61
N ASP L 31 -6.31 -36.38 6.63
CA ASP L 31 -6.74 -35.23 7.42
C ASP L 31 -7.92 -35.49 8.36
N TYR L 32 -8.50 -36.68 8.39
CA TYR L 32 -9.66 -36.96 9.21
C TYR L 32 -9.48 -38.26 10.00
N TYR L 33 -10.08 -38.29 11.19
CA TYR L 33 -10.08 -39.46 12.04
C TYR L 33 -11.13 -40.45 11.56
N ILE L 34 -10.79 -41.74 11.62
CA ILE L 34 -11.70 -42.82 11.26
C ILE L 34 -12.02 -43.60 12.54
N HIS L 35 -13.29 -43.70 12.86
CA HIS L 35 -13.79 -44.37 14.06
C HIS L 35 -14.37 -45.70 13.65
N TRP L 36 -14.02 -46.77 14.36
CA TRP L 36 -14.55 -48.09 14.12
C TRP L 36 -15.54 -48.43 15.22
N VAL L 37 -16.81 -48.62 14.86
CA VAL L 37 -17.90 -48.82 15.82
C VAL L 37 -18.44 -50.23 15.65
N ARG L 38 -18.54 -50.95 16.77
CA ARG L 38 -19.03 -52.32 16.79
C ARG L 38 -20.48 -52.32 17.25
N GLN L 39 -21.39 -52.78 16.40
CA GLN L 39 -22.82 -52.85 16.71
C GLN L 39 -23.19 -54.28 17.04
N ALA L 40 -23.46 -54.54 18.32
CA ALA L 40 -23.89 -55.87 18.71
C ALA L 40 -25.28 -56.12 18.16
N PRO L 41 -25.63 -57.38 17.83
CA PRO L 41 -26.91 -57.66 17.13
C PRO L 41 -28.13 -56.99 17.72
N GLY L 42 -28.23 -56.90 19.05
CA GLY L 42 -29.34 -56.22 19.68
C GLY L 42 -29.00 -55.52 20.99
N GLN L 43 -27.71 -55.24 21.22
CA GLN L 43 -27.24 -54.70 22.50
C GLN L 43 -26.58 -53.32 22.36
N GLY L 44 -26.79 -52.63 21.25
CA GLY L 44 -26.28 -51.27 21.11
C GLY L 44 -24.92 -51.16 20.44
N LEU L 45 -24.41 -49.93 20.46
CA LEU L 45 -23.21 -49.52 19.75
C LEU L 45 -22.06 -49.32 20.73
N GLU L 46 -20.97 -50.05 20.52
CA GLU L 46 -19.75 -49.87 21.30
C GLU L 46 -18.74 -49.14 20.43
N TRP L 47 -18.07 -48.14 21.02
CA TRP L 47 -17.19 -47.29 20.23
C TRP L 47 -15.89 -48.01 19.83
N MET L 48 -15.32 -48.80 20.72
CA MET L 48 -14.13 -49.62 20.45
C MET L 48 -12.83 -48.88 20.07
N GLY L 49 -12.86 -47.85 19.22
CA GLY L 49 -11.60 -47.16 18.91
C GLY L 49 -11.58 -46.15 17.76
N TRP L 50 -10.54 -45.29 17.72
CA TRP L 50 -10.31 -44.34 16.63
C TRP L 50 -8.87 -44.48 16.14
N ILE L 51 -8.68 -44.25 14.83
CA ILE L 51 -7.37 -44.19 14.18
C ILE L 51 -7.19 -42.82 13.53
N ASN L 52 -5.99 -42.26 13.67
CA ASN L 52 -5.62 -41.00 13.04
C ASN L 52 -4.68 -41.33 11.87
N PRO L 53 -5.16 -41.36 10.61
CA PRO L 53 -4.30 -41.81 9.51
C PRO L 53 -3.15 -40.88 9.16
N ARG L 54 -2.99 -39.73 9.81
CA ARG L 54 -1.87 -38.86 9.46
C ARG L 54 -0.54 -39.50 9.86
N PHE L 55 -0.40 -39.83 11.15
CA PHE L 55 0.75 -40.56 11.68
C PHE L 55 0.37 -41.94 12.18
N GLY L 56 -0.88 -42.36 11.98
CA GLY L 56 -1.32 -43.67 12.38
C GLY L 56 -1.63 -43.80 13.85
N GLY L 57 -1.97 -42.70 14.51
CA GLY L 57 -2.22 -42.75 15.93
C GLY L 57 -3.50 -43.53 16.21
N VAL L 58 -3.52 -44.22 17.34
CA VAL L 58 -4.67 -45.02 17.74
C VAL L 58 -5.00 -44.75 19.20
N ASN L 59 -6.29 -44.97 19.54
CA ASN L 59 -6.77 -44.86 20.92
C ASN L 59 -7.81 -45.96 21.14
N TYR L 60 -7.34 -47.17 21.40
CA TYR L 60 -8.25 -48.28 21.63
C TYR L 60 -8.88 -48.14 23.00
N ALA L 61 -10.17 -48.48 23.09
CA ALA L 61 -10.88 -48.39 24.35
C ALA L 61 -10.20 -49.28 25.39
N GLN L 62 -10.40 -48.95 26.67
CA GLN L 62 -9.72 -49.69 27.72
C GLN L 62 -10.21 -51.13 27.86
N LYS L 63 -11.30 -51.49 27.19
CA LYS L 63 -11.78 -52.87 27.17
C LYS L 63 -11.08 -53.65 26.06
N PHE L 64 -11.00 -53.07 24.87
CA PHE L 64 -10.46 -53.74 23.69
C PHE L 64 -8.99 -53.44 23.46
N GLN L 65 -8.22 -53.20 24.52
CA GLN L 65 -6.77 -53.02 24.38
C GLN L 65 -6.09 -54.36 24.50
N GLY L 66 -5.13 -54.62 23.62
CA GLY L 66 -4.44 -55.89 23.55
C GLY L 66 -4.97 -56.82 22.49
N ARG L 67 -6.19 -56.57 22.00
CA ARG L 67 -6.85 -57.41 21.01
C ARG L 67 -7.19 -56.69 19.72
N VAL L 68 -7.35 -55.37 19.74
CA VAL L 68 -7.78 -54.59 18.59
C VAL L 68 -6.57 -53.80 18.10
N THR L 69 -6.03 -54.22 16.96
CA THR L 69 -4.95 -53.50 16.29
C THR L 69 -5.55 -52.77 15.10
N MET L 70 -5.17 -51.50 14.93
CA MET L 70 -5.57 -50.70 13.79
C MET L 70 -4.34 -50.20 13.05
N THR L 71 -4.43 -50.22 11.73
CA THR L 71 -3.35 -49.76 10.86
C THR L 71 -3.97 -48.99 9.70
N ARG L 72 -3.12 -48.40 8.87
CA ARG L 72 -3.62 -47.63 7.71
C ARG L 72 -2.63 -47.73 6.54
N ASP L 73 -3.13 -47.80 5.31
CA ASP L 73 -2.32 -47.87 4.09
C ASP L 73 -2.75 -46.67 3.26
N THR L 74 -1.93 -45.62 3.29
CA THR L 74 -2.29 -44.37 2.63
C THR L 74 -2.10 -44.44 1.12
N SER L 75 -1.33 -45.42 0.62
CA SER L 75 -1.12 -45.52 -0.82
C SER L 75 -2.37 -45.97 -1.55
N ILE L 76 -3.33 -46.57 -0.84
CA ILE L 76 -4.60 -46.99 -1.41
C ILE L 76 -5.78 -46.43 -0.62
N ARG L 77 -5.50 -45.48 0.29
CA ARG L 77 -6.52 -44.83 1.12
C ARG L 77 -7.48 -45.81 1.80
N THR L 78 -6.92 -46.85 2.42
CA THR L 78 -7.70 -47.87 3.11
C THR L 78 -7.20 -48.01 4.55
N ALA L 79 -8.14 -48.04 5.48
CA ALA L 79 -7.87 -48.29 6.89
C ALA L 79 -8.11 -49.78 7.18
N HIS L 80 -7.34 -50.31 8.13
CA HIS L 80 -7.43 -51.72 8.50
C HIS L 80 -7.56 -51.84 10.00
N MET L 81 -8.41 -52.78 10.42
CA MET L 81 -8.59 -53.15 11.82
C MET L 81 -8.38 -54.66 11.94
N GLU L 82 -7.70 -55.08 12.99
CA GLU L 82 -7.52 -56.50 13.29
C GLU L 82 -7.99 -56.77 14.72
N LEU L 83 -8.87 -57.76 14.87
CA LEU L 83 -9.38 -58.19 16.17
C LEU L 83 -8.93 -59.62 16.42
N SER L 84 -8.10 -59.82 17.43
CA SER L 84 -7.56 -61.12 17.78
C SER L 84 -8.35 -61.74 18.94
N ARG L 85 -8.11 -63.05 19.15
CA ARG L 85 -8.72 -63.80 20.26
C ARG L 85 -10.23 -63.66 20.27
N LEU L 86 -10.84 -63.91 19.12
CA LEU L 86 -12.28 -63.78 18.97
C LEU L 86 -13.00 -64.74 19.89
N ILE L 87 -14.13 -64.28 20.45
CA ILE L 87 -14.99 -65.08 21.31
C ILE L 87 -16.40 -64.95 20.72
N SER L 88 -17.29 -65.84 21.15
CA SER L 88 -18.66 -65.82 20.63
C SER L 88 -19.38 -64.53 20.95
N ASP L 89 -18.95 -63.80 21.99
CA ASP L 89 -19.54 -62.52 22.33
C ASP L 89 -19.11 -61.39 21.41
N ASP L 90 -18.19 -61.65 20.47
CA ASP L 90 -17.71 -60.62 19.56
C ASP L 90 -18.49 -60.56 18.26
N THR L 91 -19.55 -61.36 18.12
CA THR L 91 -20.38 -61.28 16.92
C THR L 91 -21.06 -59.91 16.88
N ALA L 92 -20.90 -59.20 15.77
CA ALA L 92 -21.41 -57.84 15.67
C ALA L 92 -21.24 -57.33 14.25
N PHE L 93 -21.88 -56.21 13.98
CA PHE L 93 -21.68 -55.44 12.74
C PHE L 93 -20.62 -54.38 13.03
N TYR L 94 -19.49 -54.47 12.34
CA TYR L 94 -18.40 -53.51 12.53
C TYR L 94 -18.53 -52.41 11.50
N TYR L 95 -18.68 -51.18 11.97
CA TYR L 95 -18.90 -50.02 11.12
C TYR L 95 -17.68 -49.11 11.13
N CYS L 96 -17.38 -48.55 9.96
CA CYS L 96 -16.36 -47.53 9.77
C CYS L 96 -17.07 -46.19 9.70
N ALA L 97 -16.61 -45.21 10.48
CA ALA L 97 -17.25 -43.90 10.50
C ALA L 97 -16.24 -42.77 10.62
N ARG L 98 -16.63 -41.62 10.08
CA ARG L 98 -15.85 -40.39 10.10
C ARG L 98 -16.70 -39.24 10.60
N GLY L 99 -16.05 -38.23 11.20
CA GLY L 99 -16.76 -37.03 11.58
C GLY L 99 -16.98 -36.11 10.40
N ARG L 100 -17.91 -35.16 10.55
CA ARG L 100 -18.13 -34.18 9.50
C ARG L 100 -16.95 -33.22 9.36
N PHE L 101 -16.31 -32.85 10.47
CA PHE L 101 -15.17 -31.93 10.47
C PHE L 101 -13.98 -32.57 11.19
N ALA L 102 -12.79 -32.15 10.78
CA ALA L 102 -11.58 -32.55 11.49
C ALA L 102 -11.51 -31.93 12.88
N ASP L 103 -12.10 -30.75 13.06
CA ASP L 103 -12.03 -30.08 14.36
C ASP L 103 -12.92 -30.77 15.39
N SER L 104 -14.04 -31.34 14.96
CA SER L 104 -14.98 -32.05 15.83
C SER L 104 -15.28 -33.38 15.15
N VAL L 105 -14.69 -34.46 15.67
CA VAL L 105 -14.68 -35.75 14.97
C VAL L 105 -15.72 -36.72 15.50
N TRP L 106 -16.51 -36.34 16.50
CA TRP L 106 -17.51 -37.23 17.07
C TRP L 106 -18.84 -37.16 16.31
N ASN L 107 -19.03 -36.21 15.42
CA ASN L 107 -20.28 -36.06 14.67
C ASN L 107 -20.23 -36.99 13.48
N LEU L 108 -20.48 -38.28 13.74
CA LEU L 108 -20.24 -39.33 12.77
C LEU L 108 -21.31 -39.25 11.68
N LEU L 109 -21.10 -38.32 10.75
CA LEU L 109 -22.02 -38.12 9.65
C LEU L 109 -21.87 -39.17 8.55
N PHE L 110 -20.65 -39.64 8.30
CA PHE L 110 -20.35 -40.52 7.18
C PHE L 110 -20.05 -41.91 7.72
N TRP L 111 -20.84 -42.89 7.29
CA TRP L 111 -20.71 -44.28 7.69
C TRP L 111 -20.62 -45.16 6.45
N GLY L 112 -19.86 -46.25 6.57
CA GLY L 112 -19.82 -47.27 5.55
C GLY L 112 -20.85 -48.36 5.79
N GLN L 113 -20.77 -49.39 4.97
CA GLN L 113 -21.64 -50.55 5.15
C GLN L 113 -21.10 -51.42 6.26
N GLY L 114 -21.99 -52.07 7.00
CA GLY L 114 -21.56 -52.91 8.09
C GLY L 114 -20.91 -54.19 7.60
N THR L 115 -19.87 -54.62 8.31
CA THR L 115 -19.20 -55.88 8.08
C THR L 115 -19.66 -56.86 9.15
N LEU L 116 -20.32 -57.95 8.75
CA LEU L 116 -20.83 -58.92 9.69
C LEU L 116 -19.73 -59.94 10.01
N VAL L 117 -19.38 -60.04 11.28
CA VAL L 117 -18.41 -61.02 11.76
C VAL L 117 -19.17 -61.96 12.67
N THR L 118 -19.17 -63.24 12.34
CA THR L 118 -19.82 -64.28 13.15
C THR L 118 -18.73 -65.15 13.76
N VAL L 119 -18.83 -65.39 15.06
CA VAL L 119 -17.91 -66.25 15.78
C VAL L 119 -18.72 -67.40 16.37
N SER L 120 -18.38 -68.62 15.98
CA SER L 120 -19.11 -69.80 16.41
C SER L 120 -18.21 -71.01 16.22
N SER L 121 -18.60 -72.11 16.86
CA SER L 121 -17.88 -73.37 16.71
C SER L 121 -18.37 -74.13 15.48
N ASP M 1 -15.28 -42.80 32.85
CA ASP M 1 -16.58 -43.43 32.49
C ASP M 1 -17.70 -42.40 32.58
N ILE M 2 -18.40 -42.21 31.47
CA ILE M 2 -19.52 -41.29 31.37
C ILE M 2 -20.71 -42.12 30.89
N GLN M 3 -21.44 -42.71 31.83
CA GLN M 3 -22.55 -43.58 31.47
C GLN M 3 -23.69 -42.75 30.88
N MET M 4 -24.21 -43.19 29.74
CA MET M 4 -25.39 -42.58 29.13
C MET M 4 -26.61 -43.35 29.60
N THR M 5 -27.60 -42.63 30.14
CA THR M 5 -28.89 -43.21 30.51
C THR M 5 -29.93 -42.65 29.55
N GLN M 6 -30.56 -43.54 28.79
CA GLN M 6 -31.52 -43.18 27.76
C GLN M 6 -32.86 -43.81 28.09
N SER M 7 -33.94 -43.04 27.95
CA SER M 7 -35.27 -43.53 28.26
C SER M 7 -36.27 -42.82 27.36
N PRO M 8 -37.44 -43.44 27.08
CA PRO M 8 -37.89 -44.79 27.46
C PRO M 8 -37.16 -45.84 26.63
N SER M 9 -37.14 -47.11 27.03
CA SER M 9 -36.54 -48.14 26.19
C SER M 9 -37.42 -48.53 25.02
N SER M 10 -38.73 -48.30 25.12
CA SER M 10 -39.68 -48.64 24.06
C SER M 10 -40.78 -47.59 24.09
N LEU M 11 -41.01 -46.94 22.95
CA LEU M 11 -42.00 -45.86 22.85
C LEU M 11 -43.06 -46.27 21.83
N SER M 12 -44.30 -46.35 22.31
CA SER M 12 -45.44 -46.71 21.47
C SER M 12 -46.14 -45.44 21.02
N ALA M 13 -46.21 -45.23 19.71
CA ALA M 13 -46.84 -44.03 19.18
C ALA M 13 -47.37 -44.31 17.78
N SER M 14 -48.38 -43.55 17.39
CA SER M 14 -48.98 -43.61 16.07
C SER M 14 -48.49 -42.44 15.22
N VAL M 15 -49.05 -42.30 14.03
CA VAL M 15 -48.65 -41.23 13.12
C VAL M 15 -49.26 -39.92 13.58
N GLY M 16 -48.43 -38.90 13.73
CA GLY M 16 -48.84 -37.58 14.15
C GLY M 16 -48.70 -37.26 15.63
N ASP M 17 -48.46 -38.25 16.48
CA ASP M 17 -48.24 -37.95 17.89
C ASP M 17 -46.86 -37.37 18.11
N ARG M 18 -46.73 -36.57 19.17
CA ARG M 18 -45.44 -35.99 19.52
C ARG M 18 -44.60 -37.00 20.30
N VAL M 19 -43.37 -37.22 19.86
CA VAL M 19 -42.45 -38.19 20.43
C VAL M 19 -41.40 -37.42 21.23
N THR M 20 -41.22 -37.79 22.50
CA THR M 20 -40.20 -37.22 23.36
C THR M 20 -39.27 -38.32 23.86
N ILE M 21 -37.97 -38.13 23.65
CA ILE M 21 -36.94 -39.07 24.09
C ILE M 21 -35.92 -38.29 24.92
N THR M 22 -35.50 -38.86 26.05
CA THR M 22 -34.57 -38.24 26.96
C THR M 22 -33.26 -39.02 27.04
N CYS M 23 -32.20 -38.31 27.40
CA CYS M 23 -30.86 -38.88 27.56
C CYS M 23 -30.21 -38.14 28.72
N GLN M 24 -29.75 -38.88 29.73
CA GLN M 24 -29.21 -38.31 30.97
C GLN M 24 -27.74 -38.73 31.09
N ALA M 25 -26.84 -37.82 30.76
CA ALA M 25 -25.41 -38.09 30.92
C ALA M 25 -25.03 -38.11 32.40
N SER M 26 -23.97 -38.86 32.71
CA SER M 26 -23.44 -38.86 34.06
C SER M 26 -22.64 -37.59 34.34
N GLN M 27 -21.88 -37.12 33.35
CA GLN M 27 -21.11 -35.90 33.44
C GLN M 27 -21.31 -35.13 32.14
N GLY M 28 -21.47 -33.81 32.25
CA GLY M 28 -21.74 -32.96 31.11
C GLY M 28 -20.77 -31.82 30.95
N ILE M 29 -21.11 -30.67 31.53
CA ILE M 29 -20.31 -29.44 31.47
C ILE M 29 -19.99 -29.05 30.02
N SER M 30 -20.81 -29.49 29.07
CA SER M 30 -20.59 -29.18 27.67
C SER M 30 -21.80 -29.63 26.87
N ASN M 31 -22.24 -28.79 25.95
CA ASN M 31 -23.38 -29.11 25.08
C ASN M 31 -22.89 -29.86 23.84
N TYR M 32 -22.45 -31.11 24.05
CA TYR M 32 -21.91 -31.96 22.99
C TYR M 32 -22.61 -33.31 23.03
N LEU M 33 -23.86 -33.35 22.56
CA LEU M 33 -24.63 -34.58 22.43
C LEU M 33 -25.14 -34.72 21.01
N ASN M 34 -25.08 -35.94 20.48
CA ASN M 34 -25.51 -36.25 19.12
C ASN M 34 -26.61 -37.29 19.16
N TRP M 35 -27.49 -37.24 18.15
CA TRP M 35 -28.64 -38.12 18.05
C TRP M 35 -28.58 -38.87 16.72
N TYR M 36 -28.70 -40.20 16.76
CA TYR M 36 -28.53 -41.06 15.60
C TYR M 36 -29.79 -41.87 15.34
N GLN M 37 -30.39 -41.68 14.16
CA GLN M 37 -31.51 -42.49 13.68
C GLN M 37 -30.95 -43.70 12.95
N GLN M 38 -31.13 -44.89 13.53
CA GLN M 38 -30.66 -46.14 12.93
C GLN M 38 -31.86 -46.93 12.43
N LYS M 39 -31.94 -47.08 11.11
CA LYS M 39 -32.94 -47.93 10.49
C LYS M 39 -32.42 -49.38 10.47
N PRO M 40 -33.29 -50.39 10.64
CA PRO M 40 -32.80 -51.78 10.57
C PRO M 40 -32.11 -52.05 9.24
N GLY M 41 -30.94 -52.69 9.33
CA GLY M 41 -30.18 -53.05 8.16
C GLY M 41 -29.25 -51.97 7.63
N LYS M 42 -29.32 -50.76 8.17
CA LYS M 42 -28.53 -49.62 7.72
C LYS M 42 -27.68 -49.07 8.86
N ALA M 43 -26.59 -48.43 8.49
CA ALA M 43 -25.75 -47.77 9.48
C ALA M 43 -26.44 -46.50 9.99
N PRO M 44 -26.30 -46.17 11.29
CA PRO M 44 -27.01 -45.00 11.83
C PRO M 44 -26.79 -43.73 11.02
N LYS M 45 -27.77 -42.82 11.10
CA LYS M 45 -27.72 -41.52 10.44
C LYS M 45 -27.74 -40.42 11.49
N LEU M 46 -26.82 -39.47 11.38
CA LEU M 46 -26.76 -38.33 12.27
C LEU M 46 -27.84 -37.31 11.93
N LEU M 47 -28.62 -36.90 12.93
CA LEU M 47 -29.64 -35.86 12.76
C LEU M 47 -29.33 -34.58 13.49
N ILE M 48 -28.87 -34.65 14.73
CA ILE M 48 -28.65 -33.47 15.57
C ILE M 48 -27.16 -33.40 15.87
N TYR M 49 -26.39 -32.78 14.98
CA TYR M 49 -24.99 -32.52 15.26
C TYR M 49 -24.94 -31.42 16.30
N ASP M 50 -24.26 -31.68 17.42
CA ASP M 50 -24.20 -30.80 18.60
C ASP M 50 -25.52 -30.96 19.35
N ALA M 51 -25.63 -30.32 20.51
CA ALA M 51 -26.79 -30.55 21.37
C ALA M 51 -28.11 -30.18 20.70
N SER M 52 -28.13 -29.07 19.96
CA SER M 52 -29.35 -28.54 19.36
C SER M 52 -29.29 -28.36 17.85
N ASN M 53 -28.14 -27.99 17.29
CA ASN M 53 -28.02 -27.73 15.85
C ASN M 53 -28.46 -28.94 15.04
N LEU M 54 -29.13 -28.68 13.92
CA LEU M 54 -29.71 -29.71 13.07
C LEU M 54 -28.76 -30.02 11.91
N GLU M 55 -28.89 -31.23 11.38
CA GLU M 55 -28.04 -31.72 10.31
C GLU M 55 -28.72 -31.52 8.96
N THR M 56 -27.92 -31.13 7.97
CA THR M 56 -28.41 -31.00 6.60
C THR M 56 -28.99 -32.33 6.13
N GLY M 57 -29.98 -32.25 5.23
CA GLY M 57 -30.64 -33.44 4.72
C GLY M 57 -31.69 -34.05 5.64
N VAL M 58 -31.97 -33.42 6.78
CA VAL M 58 -32.96 -33.89 7.74
C VAL M 58 -34.11 -32.88 7.76
N PRO M 59 -35.37 -33.31 7.63
CA PRO M 59 -36.46 -32.32 7.64
C PRO M 59 -36.62 -31.66 9.00
N SER M 60 -37.23 -30.48 8.98
CA SER M 60 -37.43 -29.66 10.18
C SER M 60 -38.29 -30.31 11.24
N ARG M 61 -38.95 -31.45 10.96
CA ARG M 61 -39.77 -32.08 11.98
C ARG M 61 -38.94 -32.61 13.16
N PHE M 62 -37.63 -32.78 12.98
CA PHE M 62 -36.76 -33.27 14.03
C PHE M 62 -36.16 -32.07 14.76
N SER M 63 -36.07 -32.18 16.09
CA SER M 63 -35.50 -31.11 16.89
C SER M 63 -35.08 -31.67 18.25
N GLY M 64 -34.39 -30.83 19.01
CA GLY M 64 -34.03 -31.17 20.38
C GLY M 64 -33.29 -30.01 21.01
N SER M 65 -33.11 -30.11 22.32
CA SER M 65 -32.41 -29.07 23.07
C SER M 65 -32.02 -29.64 24.42
N GLY M 66 -31.18 -28.90 25.13
CA GLY M 66 -30.78 -29.26 26.47
C GLY M 66 -29.40 -28.75 26.77
N SER M 67 -28.92 -29.08 27.98
CA SER M 67 -27.62 -28.64 28.42
C SER M 67 -27.15 -29.54 29.55
N GLY M 68 -25.85 -29.50 29.81
CA GLY M 68 -25.28 -30.16 30.97
C GLY M 68 -25.47 -31.66 30.90
N THR M 69 -26.18 -32.20 31.88
CA THR M 69 -26.42 -33.64 32.01
C THR M 69 -27.85 -34.05 31.64
N ASP M 70 -28.62 -33.15 31.03
CA ASP M 70 -30.03 -33.42 30.70
C ASP M 70 -30.33 -32.87 29.33
N PHE M 71 -30.58 -33.77 28.37
CA PHE M 71 -30.89 -33.41 26.98
C PHE M 71 -32.22 -34.04 26.58
N THR M 72 -32.93 -33.34 25.69
CA THR M 72 -34.22 -33.81 25.18
C THR M 72 -34.23 -33.76 23.66
N PHE M 73 -34.70 -34.84 23.05
CA PHE M 73 -34.94 -34.95 21.62
C PHE M 73 -36.43 -35.11 21.40
N THR M 74 -36.97 -34.39 20.41
CA THR M 74 -38.39 -34.49 20.09
C THR M 74 -38.59 -34.59 18.58
N ILE M 75 -39.74 -35.15 18.21
CA ILE M 75 -40.23 -35.19 16.84
C ILE M 75 -41.61 -34.54 16.86
N SER M 76 -41.77 -33.50 16.04
CA SER M 76 -43.02 -32.74 15.98
C SER M 76 -44.02 -33.46 15.07
N GLY M 77 -44.43 -34.65 15.50
CA GLY M 77 -45.34 -35.49 14.75
C GLY M 77 -44.68 -36.65 14.04
N LEU M 78 -44.85 -37.85 14.60
CA LEU M 78 -44.24 -39.04 14.02
C LEU M 78 -44.83 -39.32 12.64
N GLN M 79 -43.95 -39.60 11.68
CA GLN M 79 -44.32 -39.97 10.33
C GLN M 79 -44.10 -41.47 10.12
N PRO M 80 -44.74 -42.08 9.13
CA PRO M 80 -44.46 -43.50 8.84
C PRO M 80 -43.00 -43.77 8.54
N GLU M 81 -42.27 -42.79 7.99
CA GLU M 81 -40.87 -42.96 7.64
C GLU M 81 -39.94 -42.81 8.83
N ASP M 82 -40.46 -42.45 10.01
CA ASP M 82 -39.65 -42.14 11.18
C ASP M 82 -39.52 -43.33 12.13
N ILE M 83 -39.85 -44.54 11.67
CA ILE M 83 -39.75 -45.73 12.52
C ILE M 83 -38.30 -46.18 12.51
N ALA M 84 -37.65 -46.09 13.66
CA ALA M 84 -36.22 -46.32 13.78
C ALA M 84 -35.88 -46.43 15.26
N THR M 85 -34.67 -46.91 15.55
CA THR M 85 -34.11 -46.85 16.89
C THR M 85 -33.26 -45.59 16.99
N TYR M 86 -33.57 -44.75 17.97
CA TYR M 86 -32.87 -43.48 18.19
C TYR M 86 -31.90 -43.63 19.35
N TYR M 87 -30.64 -43.22 19.13
CA TYR M 87 -29.57 -43.31 20.11
C TYR M 87 -29.03 -41.92 20.40
N CYS M 88 -28.61 -41.72 21.66
CA CYS M 88 -27.87 -40.54 22.06
C CYS M 88 -26.39 -40.91 22.23
N GLN M 89 -25.52 -39.95 21.93
CA GLN M 89 -24.08 -40.14 22.03
C GLN M 89 -23.41 -38.90 22.57
N LYS M 90 -22.50 -39.09 23.52
CA LYS M 90 -21.61 -38.04 24.00
C LYS M 90 -20.19 -38.58 23.88
N TYR M 91 -19.38 -37.96 23.01
CA TYR M 91 -18.01 -38.41 22.75
C TYR M 91 -18.07 -39.89 22.36
N GLU M 92 -17.28 -40.77 22.99
CA GLU M 92 -17.30 -42.19 22.64
C GLU M 92 -18.44 -42.96 23.29
N PHE M 93 -19.22 -42.33 24.16
CA PHE M 93 -20.23 -43.04 24.95
C PHE M 93 -21.58 -43.00 24.24
N PHE M 94 -22.12 -44.19 23.95
CA PHE M 94 -23.42 -44.36 23.31
C PHE M 94 -24.46 -44.80 24.34
N GLY M 95 -25.70 -44.39 24.11
CA GLY M 95 -26.80 -44.80 24.94
C GLY M 95 -27.36 -46.16 24.55
N GLY M 96 -28.39 -46.58 25.27
CA GLY M 96 -29.01 -47.87 25.01
C GLY M 96 -29.91 -47.90 23.81
N GLY M 97 -30.44 -46.75 23.41
CA GLY M 97 -31.34 -46.66 22.27
C GLY M 97 -32.80 -46.73 22.66
N THR M 98 -33.62 -45.98 21.93
CA THR M 98 -35.07 -45.96 22.08
C THR M 98 -35.68 -46.41 20.75
N LYS M 99 -36.50 -47.46 20.80
CA LYS M 99 -37.16 -47.96 19.60
C LYS M 99 -38.44 -47.17 19.37
N VAL M 100 -38.52 -46.49 18.23
CA VAL M 100 -39.68 -45.70 17.87
C VAL M 100 -40.34 -46.36 16.66
N ALA N 1 -33.77 53.98 10.16
CA ALA N 1 -34.29 53.11 9.07
C ALA N 1 -33.99 53.79 7.72
N LEU N 2 -34.95 53.80 6.79
CA LEU N 2 -34.80 54.45 5.49
C LEU N 2 -35.75 55.63 5.42
N THR N 3 -35.25 56.78 4.99
CA THR N 3 -36.08 57.96 4.81
C THR N 3 -36.78 57.88 3.46
N GLN N 4 -38.08 58.18 3.45
CA GLN N 4 -38.87 58.22 2.22
C GLN N 4 -39.89 59.35 2.29
N PRO N 5 -39.89 60.34 1.36
CA PRO N 5 -40.86 61.48 1.41
C PRO N 5 -42.27 61.04 1.79
N PRO N 6 -42.92 61.68 2.78
CA PRO N 6 -44.26 61.20 3.18
C PRO N 6 -45.30 61.18 2.08
N SER N 7 -45.30 62.14 1.15
CA SER N 7 -46.26 62.08 0.06
C SER N 7 -45.75 62.87 -1.14
N VAL N 8 -46.18 62.44 -2.33
CA VAL N 8 -45.89 63.10 -3.59
C VAL N 8 -47.17 63.05 -4.43
N SER N 9 -47.35 64.05 -5.29
CA SER N 9 -48.56 64.15 -6.09
C SER N 9 -48.23 64.66 -7.48
N GLY N 10 -49.19 64.50 -8.38
CA GLY N 10 -49.08 65.03 -9.73
C GLY N 10 -50.37 64.73 -10.48
N SER N 11 -50.48 65.35 -11.66
CA SER N 11 -51.67 65.19 -12.47
C SER N 11 -51.58 63.92 -13.32
N PRO N 12 -52.72 63.38 -13.77
CA PRO N 12 -52.68 62.27 -14.72
C PRO N 12 -51.88 62.61 -15.97
N GLY N 13 -51.04 61.66 -16.40
CA GLY N 13 -50.20 61.82 -17.56
C GLY N 13 -48.81 62.34 -17.27
N GLN N 14 -48.57 62.87 -16.07
CA GLN N 14 -47.26 63.38 -15.68
C GLN N 14 -46.45 62.27 -15.03
N SER N 15 -45.13 62.47 -14.99
CA SER N 15 -44.24 61.56 -14.30
C SER N 15 -44.06 62.02 -12.86
N VAL N 16 -43.80 61.05 -11.98
CA VAL N 16 -43.50 61.32 -10.58
C VAL N 16 -42.36 60.40 -10.16
N THR N 17 -41.51 60.91 -9.27
CA THR N 17 -40.42 60.15 -8.69
C THR N 17 -40.63 60.04 -7.18
N ILE N 18 -40.44 58.84 -6.65
CA ILE N 18 -40.52 58.56 -5.23
C ILE N 18 -39.12 58.14 -4.81
N SER N 19 -38.43 59.00 -4.07
CA SER N 19 -37.07 58.72 -3.66
C SER N 19 -37.04 57.89 -2.39
N CYS N 20 -35.89 57.26 -2.16
CA CYS N 20 -35.62 56.52 -0.92
C CYS N 20 -34.14 56.68 -0.65
N THR N 21 -33.80 57.19 0.54
CA THR N 21 -32.43 57.47 0.93
C THR N 21 -32.05 56.61 2.13
N GLY N 22 -30.91 55.93 2.01
CA GLY N 22 -30.37 55.10 3.07
C GLY N 22 -28.94 55.51 3.35
N THR N 23 -28.16 54.65 4.01
CA THR N 23 -26.76 54.91 4.29
C THR N 23 -25.90 54.00 3.42
N SER N 24 -24.58 54.11 3.61
CA SER N 24 -23.66 53.34 2.77
C SER N 24 -23.79 51.84 2.98
N SER N 25 -24.18 51.42 4.19
CA SER N 25 -24.33 50.00 4.48
C SER N 25 -25.63 49.40 3.96
N ASP N 26 -26.59 50.20 3.51
CA ASP N 26 -27.93 49.72 3.21
C ASP N 26 -28.24 49.73 1.71
N ILE N 27 -28.18 50.89 1.08
CA ILE N 27 -28.47 51.03 -0.34
C ILE N 27 -27.18 51.17 -1.15
N GLY N 28 -26.21 51.92 -0.63
CA GLY N 28 -24.96 52.10 -1.34
C GLY N 28 -24.22 50.80 -1.57
N SER N 29 -23.97 50.05 -0.50
CA SER N 29 -23.19 48.82 -0.61
C SER N 29 -23.94 47.71 -1.33
N TYR N 30 -25.26 47.66 -1.21
CA TYR N 30 -26.07 46.57 -1.76
C TYR N 30 -27.06 47.11 -2.78
N ASN N 31 -26.99 46.57 -4.00
CA ASN N 31 -27.93 46.91 -5.07
C ASN N 31 -29.13 45.97 -5.06
N TYR N 32 -29.77 45.84 -3.90
CA TYR N 32 -30.89 44.92 -3.67
C TYR N 32 -32.15 45.67 -3.24
N VAL N 33 -32.28 46.93 -3.65
CA VAL N 33 -33.47 47.69 -3.28
C VAL N 33 -34.70 47.11 -3.99
N SER N 34 -35.86 47.36 -3.40
CA SER N 34 -37.12 46.92 -3.99
C SER N 34 -38.21 47.91 -3.59
N TRP N 35 -39.30 47.90 -4.35
CA TRP N 35 -40.45 48.76 -4.12
C TRP N 35 -41.75 47.96 -4.14
N TYR N 36 -42.66 48.32 -3.24
CA TYR N 36 -43.96 47.67 -3.12
C TYR N 36 -45.05 48.71 -3.22
N GLN N 37 -46.18 48.31 -3.82
CA GLN N 37 -47.37 49.16 -3.95
C GLN N 37 -48.46 48.52 -3.11
N GLN N 38 -48.96 49.27 -2.12
CA GLN N 38 -50.01 48.80 -1.23
C GLN N 38 -51.23 49.70 -1.34
N HIS N 39 -52.27 49.21 -2.01
CA HIS N 39 -53.54 49.91 -2.01
C HIS N 39 -54.17 49.70 -0.64
N PRO N 40 -55.02 50.62 -0.17
CA PRO N 40 -55.63 50.43 1.15
C PRO N 40 -56.31 49.08 1.23
N GLY N 41 -56.04 48.36 2.31
CA GLY N 41 -56.54 47.00 2.43
C GLY N 41 -55.67 46.06 1.63
N LYS N 42 -56.19 44.86 1.39
CA LYS N 42 -55.54 43.80 0.61
C LYS N 42 -54.12 43.58 1.15
N ALA N 43 -53.08 43.60 0.32
CA ALA N 43 -51.72 43.35 0.77
C ALA N 43 -50.74 44.02 -0.19
N PRO N 44 -49.53 44.35 0.26
CA PRO N 44 -48.54 44.93 -0.67
C PRO N 44 -48.22 43.97 -1.81
N LYS N 45 -48.07 44.55 -3.01
CA LYS N 45 -47.65 43.83 -4.20
C LYS N 45 -46.25 44.29 -4.59
N LEU N 46 -45.42 43.35 -5.05
CA LEU N 46 -44.09 43.70 -5.53
C LEU N 46 -44.19 44.41 -6.87
N MET N 47 -43.57 45.58 -6.97
CA MET N 47 -43.50 46.36 -8.20
C MET N 47 -42.12 46.35 -8.82
N ILE N 48 -41.08 46.57 -8.03
CA ILE N 48 -39.70 46.61 -8.48
C ILE N 48 -38.86 45.80 -7.50
N TYR N 49 -37.92 45.04 -8.04
CA TYR N 49 -36.91 44.35 -7.25
C TYR N 49 -35.58 44.61 -7.94
N ASP N 50 -34.49 44.54 -7.16
CA ASP N 50 -33.18 44.93 -7.67
C ASP N 50 -33.25 46.41 -8.01
N VAL N 51 -32.18 46.99 -8.56
CA VAL N 51 -32.23 48.41 -8.90
C VAL N 51 -33.16 48.66 -10.10
N THR N 52 -33.02 47.86 -11.16
CA THR N 52 -33.75 48.09 -12.41
C THR N 52 -34.71 46.99 -12.85
N GLN N 53 -34.92 45.94 -12.07
CA GLN N 53 -35.74 44.81 -12.51
C GLN N 53 -37.16 44.92 -11.97
N ARG N 54 -38.11 44.33 -12.70
CA ARG N 54 -39.50 44.23 -12.29
C ARG N 54 -39.98 42.79 -12.44
N PRO N 55 -40.89 42.33 -11.60
CA PRO N 55 -41.39 40.96 -11.74
C PRO N 55 -42.36 40.82 -12.90
N SER N 56 -42.52 39.58 -13.35
CA SER N 56 -43.50 39.28 -14.38
C SER N 56 -44.89 39.65 -13.88
N GLY N 57 -45.69 40.25 -14.77
CA GLY N 57 -47.02 40.70 -14.44
C GLY N 57 -47.12 42.20 -14.22
N VAL N 58 -46.00 42.88 -14.04
CA VAL N 58 -45.95 44.33 -13.87
C VAL N 58 -45.52 44.93 -15.20
N SER N 59 -46.27 45.92 -15.65
CA SER N 59 -45.99 46.54 -16.95
C SER N 59 -44.77 47.45 -16.84
N ASP N 60 -44.29 47.91 -17.99
CA ASP N 60 -43.10 48.75 -18.04
C ASP N 60 -43.38 50.19 -17.64
N ARG N 61 -44.61 50.51 -17.22
CA ARG N 61 -44.88 51.83 -16.68
C ARG N 61 -44.09 52.10 -15.41
N PHE N 62 -43.76 51.04 -14.66
CA PHE N 62 -43.04 51.17 -13.40
C PHE N 62 -41.57 50.82 -13.60
N SER N 63 -40.70 51.73 -13.17
CA SER N 63 -39.26 51.56 -13.29
C SER N 63 -38.60 52.21 -12.09
N GLY N 64 -37.28 52.09 -12.01
CA GLY N 64 -36.55 52.69 -10.92
C GLY N 64 -35.05 52.66 -11.20
N SER N 65 -34.30 53.26 -10.29
CA SER N 65 -32.87 53.38 -10.45
C SER N 65 -32.23 53.60 -9.09
N LYS N 66 -30.89 53.58 -9.07
CA LYS N 66 -30.11 53.82 -7.87
C LYS N 66 -28.89 54.64 -8.23
N SER N 67 -28.61 55.66 -7.41
CA SER N 67 -27.42 56.48 -7.57
C SER N 67 -26.90 56.84 -6.20
N GLY N 68 -25.63 56.55 -5.95
CA GLY N 68 -25.06 56.81 -4.64
C GLY N 68 -25.80 56.00 -3.60
N ASN N 69 -26.31 56.68 -2.57
CA ASN N 69 -27.09 56.06 -1.51
C ASN N 69 -28.59 56.35 -1.62
N THR N 70 -29.04 56.84 -2.78
CA THR N 70 -30.44 57.19 -3.00
C THR N 70 -31.04 56.30 -4.08
N ALA N 71 -32.17 55.68 -3.77
CA ALA N 71 -32.94 54.88 -4.71
C ALA N 71 -34.18 55.68 -5.10
N SER N 72 -34.67 55.48 -6.32
CA SER N 72 -35.86 56.19 -6.77
C SER N 72 -36.69 55.34 -7.71
N LEU N 73 -38.00 55.37 -7.50
CA LEU N 73 -38.99 54.73 -8.36
C LEU N 73 -39.70 55.82 -9.17
N THR N 74 -39.79 55.61 -10.48
CA THR N 74 -40.43 56.55 -11.39
C THR N 74 -41.64 55.90 -12.04
N ILE N 75 -42.79 56.57 -11.97
CA ILE N 75 -44.02 56.14 -12.61
C ILE N 75 -44.37 57.19 -13.65
N SER N 76 -44.39 56.79 -14.92
CA SER N 76 -44.75 57.67 -16.02
C SER N 76 -46.21 57.47 -16.40
N GLY N 77 -46.86 58.56 -16.81
CA GLY N 77 -48.21 58.47 -17.35
C GLY N 77 -49.23 57.99 -16.34
N LEU N 78 -49.18 58.57 -15.14
CA LEU N 78 -49.99 58.15 -13.99
C LEU N 78 -51.46 57.95 -14.31
N GLN N 79 -52.03 56.83 -13.82
CA GLN N 79 -53.44 56.50 -13.94
C GLN N 79 -54.11 56.70 -12.59
N ALA N 80 -55.44 56.83 -12.64
CA ALA N 80 -56.23 56.94 -11.41
C ALA N 80 -56.05 55.74 -10.50
N ASP N 81 -55.78 54.56 -11.07
CA ASP N 81 -55.70 53.33 -10.30
C ASP N 81 -54.37 53.17 -9.55
N ASP N 82 -53.47 54.14 -9.62
CA ASP N 82 -52.18 54.09 -8.94
C ASP N 82 -52.22 54.71 -7.55
N GLU N 83 -53.39 55.12 -7.06
CA GLU N 83 -53.46 55.76 -5.75
C GLU N 83 -53.22 54.72 -4.66
N ALA N 84 -51.97 54.61 -4.23
CA ALA N 84 -51.57 53.58 -3.28
C ALA N 84 -50.40 54.09 -2.45
N ASP N 85 -50.15 53.41 -1.33
CA ASP N 85 -49.00 53.69 -0.49
C ASP N 85 -47.80 52.89 -0.98
N TYR N 86 -46.74 53.58 -1.38
CA TYR N 86 -45.53 52.95 -1.88
C TYR N 86 -44.49 52.89 -0.77
N TYR N 87 -43.79 51.75 -0.69
CA TYR N 87 -42.75 51.52 0.31
C TYR N 87 -41.48 51.08 -0.40
N CYS N 88 -40.35 51.57 0.09
CA CYS N 88 -39.04 51.08 -0.33
C CYS N 88 -38.49 50.14 0.73
N SER N 89 -37.64 49.22 0.30
CA SER N 89 -36.92 48.36 1.20
C SER N 89 -35.56 48.08 0.59
N ALA N 90 -34.62 47.65 1.44
CA ALA N 90 -33.29 47.29 0.98
C ALA N 90 -32.71 46.25 1.91
N TYR N 91 -31.79 45.47 1.38
CA TYR N 91 -31.06 44.49 2.16
C TYR N 91 -29.93 45.20 2.87
N ALA N 92 -29.98 45.25 4.21
CA ALA N 92 -28.94 45.92 4.97
C ALA N 92 -27.71 45.02 5.12
N GLY N 93 -27.91 43.79 5.57
CA GLY N 93 -26.81 42.87 5.70
C GLY N 93 -27.30 41.59 6.33
N ARG N 94 -26.36 40.68 6.59
CA ARG N 94 -26.73 39.45 7.28
C ARG N 94 -27.14 39.68 8.74
N GLN N 95 -26.96 40.90 9.26
CA GLN N 95 -27.26 41.23 10.65
C GLN N 95 -28.63 41.93 10.77
N THR N 96 -28.77 43.11 10.16
CA THR N 96 -30.02 43.87 10.27
C THR N 96 -31.07 43.40 9.28
N PHE N 97 -30.68 42.73 8.20
CA PHE N 97 -31.57 42.19 7.17
C PHE N 97 -32.41 43.32 6.56
N TYR N 98 -33.66 43.07 6.17
CA TYR N 98 -34.48 44.02 5.43
C TYR N 98 -34.96 45.17 6.29
N ILE N 99 -34.70 46.40 5.81
CA ILE N 99 -35.14 47.63 6.46
C ILE N 99 -36.04 48.38 5.48
N PHE N 100 -37.32 48.53 5.83
CA PHE N 100 -38.27 49.20 4.96
C PHE N 100 -38.18 50.71 5.18
N GLY N 101 -39.15 51.45 4.66
CA GLY N 101 -39.23 52.89 4.83
C GLY N 101 -40.67 53.32 5.02
N GLY N 102 -40.86 54.60 5.27
CA GLY N 102 -42.19 55.15 5.40
C GLY N 102 -42.95 55.07 4.09
N GLY N 103 -44.24 55.37 4.15
CA GLY N 103 -45.13 55.23 3.01
C GLY N 103 -45.31 56.56 2.29
N THR N 104 -45.30 56.49 0.96
CA THR N 104 -45.50 57.65 0.09
C THR N 104 -46.92 57.62 -0.45
N ARG N 105 -47.87 58.17 0.30
CA ARG N 105 -49.23 58.31 -0.19
C ARG N 105 -49.21 59.09 -1.51
N LEU N 106 -49.43 58.40 -2.63
CA LEU N 106 -49.52 59.05 -3.93
C LEU N 106 -50.98 59.38 -4.22
N THR N 107 -51.28 60.66 -4.31
CA THR N 107 -52.62 61.16 -4.62
C THR N 107 -52.57 61.89 -5.96
N VAL N 108 -52.93 61.19 -7.04
CA VAL N 108 -52.97 61.81 -8.36
C VAL N 108 -53.97 62.95 -8.36
N LEU N 109 -53.61 64.03 -9.05
CA LEU N 109 -54.44 65.23 -9.08
C LEU N 109 -55.43 65.18 -10.23
N GLU O 1 18.15 58.35 3.45
CA GLU O 1 17.06 59.36 3.37
C GLU O 1 15.95 58.84 2.47
N VAL O 2 14.89 58.33 3.08
CA VAL O 2 13.71 57.88 2.34
C VAL O 2 12.82 59.08 2.06
N GLN O 3 12.05 58.99 0.98
CA GLN O 3 11.23 60.11 0.49
C GLN O 3 9.83 59.59 0.22
N LEU O 4 8.86 60.12 0.95
CA LEU O 4 7.43 59.87 0.73
C LEU O 4 6.80 61.17 0.28
N VAL O 5 6.28 61.18 -0.96
CA VAL O 5 5.73 62.38 -1.58
C VAL O 5 4.26 62.12 -1.92
N GLU O 6 3.37 62.77 -1.17
CA GLU O 6 1.92 62.62 -1.35
C GLU O 6 1.45 63.59 -2.42
N THR O 7 1.04 63.05 -3.57
CA THR O 7 0.58 63.85 -4.71
C THR O 7 -0.93 63.74 -4.78
N GLY O 8 -1.62 64.77 -4.33
CA GLY O 8 -3.07 64.80 -4.36
C GLY O 8 -3.60 65.90 -3.47
N GLY O 9 -4.91 65.87 -3.25
CA GLY O 9 -5.54 66.79 -2.33
C GLY O 9 -6.12 68.01 -3.03
N GLY O 10 -6.88 68.79 -2.24
CA GLY O 10 -7.54 69.99 -2.75
C GLY O 10 -8.83 70.29 -2.02
N LEU O 11 -9.89 70.61 -2.76
CA LEU O 11 -11.17 71.01 -2.18
C LEU O 11 -12.28 70.11 -2.71
N VAL O 12 -13.18 69.72 -1.81
CA VAL O 12 -14.36 68.93 -2.16
C VAL O 12 -15.54 69.55 -1.41
N GLN O 13 -16.75 69.21 -1.86
CA GLN O 13 -18.02 69.61 -1.28
C GLN O 13 -18.67 68.40 -0.62
N PRO O 14 -19.27 68.54 0.62
CA PRO O 14 -19.85 67.39 1.33
C PRO O 14 -20.68 66.44 0.48
N GLY O 15 -20.20 65.20 0.36
CA GLY O 15 -20.80 64.18 -0.48
C GLY O 15 -19.92 63.74 -1.63
N GLY O 16 -18.76 64.38 -1.84
CA GLY O 16 -17.90 64.07 -2.96
C GLY O 16 -16.88 63.01 -2.62
N SER O 17 -16.06 62.67 -3.62
CA SER O 17 -14.97 61.71 -3.48
C SER O 17 -13.65 62.35 -3.85
N LEU O 18 -12.58 61.82 -3.28
CA LEU O 18 -11.22 62.30 -3.53
C LEU O 18 -10.24 61.15 -3.31
N LYS O 19 -9.26 61.05 -4.21
CA LYS O 19 -8.20 60.06 -4.11
C LYS O 19 -6.89 60.76 -3.78
N LEU O 20 -6.13 60.16 -2.87
CA LEU O 20 -4.78 60.57 -2.53
C LEU O 20 -3.83 59.47 -2.98
N SER O 21 -2.61 59.86 -3.32
CA SER O 21 -1.58 58.88 -3.66
C SER O 21 -0.25 59.31 -3.07
N CYS O 22 0.57 58.32 -2.74
CA CYS O 22 1.86 58.52 -2.07
C CYS O 22 2.89 57.63 -2.73
N ARG O 23 3.95 58.25 -3.26
CA ARG O 23 5.05 57.53 -3.87
C ARG O 23 6.23 57.44 -2.91
N ALA O 24 6.84 56.26 -2.84
CA ALA O 24 7.96 55.99 -1.95
C ALA O 24 9.23 55.78 -2.76
N SER O 25 10.36 56.19 -2.19
CA SER O 25 11.65 55.98 -2.82
C SER O 25 12.73 56.01 -1.75
N GLY O 26 13.79 55.24 -1.99
CA GLY O 26 14.95 55.19 -1.13
C GLY O 26 15.07 53.91 -0.32
N TYR O 27 14.10 53.01 -0.38
CA TYR O 27 14.10 51.79 0.40
C TYR O 27 13.23 50.78 -0.31
N THR O 28 13.35 49.52 0.10
CA THR O 28 12.51 48.47 -0.46
C THR O 28 11.06 48.74 -0.08
N PHE O 29 10.19 48.80 -1.09
CA PHE O 29 8.80 49.18 -0.85
C PHE O 29 7.99 48.02 -0.28
N SER O 30 8.02 46.87 -0.95
CA SER O 30 7.17 45.74 -0.54
C SER O 30 7.73 45.01 0.69
N SER O 31 8.01 45.74 1.75
CA SER O 31 8.45 45.15 3.01
C SER O 31 7.95 45.93 4.22
N PHE O 32 7.17 47.00 4.03
CA PHE O 32 6.74 47.87 5.11
C PHE O 32 5.23 48.07 5.03
N ALA O 33 4.55 47.94 6.17
CA ALA O 33 3.10 48.16 6.24
C ALA O 33 2.84 49.65 6.36
N MET O 34 2.27 50.25 5.31
CA MET O 34 2.05 51.69 5.27
C MET O 34 0.70 52.05 5.88
N SER O 35 0.57 53.34 6.20
CA SER O 35 -0.65 53.85 6.83
C SER O 35 -0.87 55.30 6.43
N TRP O 36 -2.04 55.83 6.80
CA TRP O 36 -2.39 57.22 6.65
C TRP O 36 -2.82 57.78 8.00
N VAL O 37 -2.50 59.06 8.24
CA VAL O 37 -2.76 59.72 9.52
C VAL O 37 -3.21 61.14 9.23
N ARG O 38 -4.28 61.58 9.89
CA ARG O 38 -4.92 62.86 9.63
C ARG O 38 -4.60 63.84 10.76
N GLN O 39 -4.30 65.08 10.39
CA GLN O 39 -4.09 66.17 11.35
C GLN O 39 -5.00 67.34 10.98
N ALA O 40 -6.13 67.45 11.67
CA ALA O 40 -7.03 68.56 11.43
C ALA O 40 -6.37 69.87 11.90
N PRO O 41 -6.66 71.00 11.26
CA PRO O 41 -6.04 72.26 11.69
C PRO O 41 -6.30 72.56 13.17
N GLY O 42 -5.23 72.86 13.89
CA GLY O 42 -5.30 73.19 15.30
C GLY O 42 -5.43 72.01 16.23
N LYS O 43 -5.53 70.79 15.71
CA LYS O 43 -5.70 69.56 16.47
C LYS O 43 -4.48 68.67 16.31
N GLY O 44 -4.49 67.57 17.06
CA GLY O 44 -3.42 66.59 17.01
C GLY O 44 -3.61 65.56 15.91
N LEU O 45 -2.84 64.48 16.03
CA LEU O 45 -2.81 63.42 15.05
C LEU O 45 -3.87 62.36 15.36
N GLU O 46 -4.50 61.83 14.32
CA GLU O 46 -5.42 60.71 14.45
C GLU O 46 -5.15 59.71 13.35
N TRP O 47 -5.06 58.44 13.71
CA TRP O 47 -4.85 57.37 12.74
C TRP O 47 -6.14 57.11 11.98
N VAL O 48 -6.01 56.91 10.66
CA VAL O 48 -7.15 56.69 9.78
C VAL O 48 -7.21 55.25 9.27
N SER O 49 -6.13 54.77 8.66
CA SER O 49 -6.16 53.45 8.04
C SER O 49 -4.76 52.86 7.98
N LEU O 50 -4.72 51.53 7.93
CA LEU O 50 -3.47 50.78 7.85
C LEU O 50 -3.62 49.68 6.80
N ILE O 51 -2.56 49.48 6.02
CA ILE O 51 -2.48 48.42 5.01
C ILE O 51 -1.21 47.63 5.24
N ASN O 52 -1.27 46.32 5.04
CA ASN O 52 -0.13 45.45 5.27
C ASN O 52 0.87 45.60 4.13
N ASP O 53 2.04 44.94 4.26
CA ASP O 53 3.09 45.10 3.27
C ASP O 53 2.69 44.48 1.94
N ARG O 54 1.90 43.42 1.98
CA ARG O 54 1.44 42.72 0.78
C ARG O 54 0.16 43.31 0.20
N GLY O 55 -0.54 44.16 0.94
CA GLY O 55 -1.77 44.76 0.47
C GLY O 55 -3.03 43.95 0.69
N GLY O 56 -2.91 42.73 1.19
CA GLY O 56 -4.08 41.88 1.35
C GLY O 56 -4.97 42.24 2.52
N LEU O 57 -4.39 42.86 3.56
CA LEU O 57 -5.11 43.20 4.79
C LEU O 57 -5.15 44.70 4.96
N THR O 58 -6.35 45.23 5.21
CA THR O 58 -6.57 46.64 5.46
C THR O 58 -7.33 46.80 6.77
N PHE O 59 -7.01 47.86 7.50
CA PHE O 59 -7.64 48.18 8.76
C PHE O 59 -7.97 49.67 8.76
N TYR O 60 -9.09 50.03 9.38
CA TYR O 60 -9.55 51.40 9.41
C TYR O 60 -9.98 51.79 10.81
N VAL O 61 -9.91 53.09 11.10
CA VAL O 61 -10.53 53.61 12.31
C VAL O 61 -12.04 53.58 12.12
N ASP O 62 -12.76 53.25 13.19
CA ASP O 62 -14.21 53.04 13.13
C ASP O 62 -14.94 54.21 12.45
N SER O 63 -14.46 55.43 12.67
CA SER O 63 -15.15 56.61 12.13
C SER O 63 -15.15 56.69 10.62
N VAL O 64 -14.31 55.92 9.92
CA VAL O 64 -14.24 55.94 8.46
C VAL O 64 -14.58 54.60 7.82
N LYS O 65 -15.01 53.62 8.60
CA LYS O 65 -15.29 52.30 8.03
C LYS O 65 -16.43 52.38 7.03
N GLY O 66 -16.23 51.76 5.87
CA GLY O 66 -17.21 51.73 4.82
C GLY O 66 -17.15 52.90 3.85
N ARG O 67 -16.31 53.89 4.11
CA ARG O 67 -16.17 55.06 3.26
C ARG O 67 -14.79 55.20 2.62
N PHE O 68 -13.73 54.77 3.30
CA PHE O 68 -12.37 54.91 2.80
C PHE O 68 -11.87 53.55 2.33
N THR O 69 -11.12 53.56 1.22
CA THR O 69 -10.44 52.39 0.70
C THR O 69 -8.95 52.71 0.57
N ILE O 70 -8.12 51.86 1.17
CA ILE O 70 -6.67 51.99 1.08
C ILE O 70 -6.14 50.85 0.21
N SER O 71 -5.24 51.19 -0.71
CA SER O 71 -4.68 50.23 -1.64
C SER O 71 -3.25 50.63 -1.93
N ARG O 72 -2.44 49.65 -2.30
CA ARG O 72 -1.05 49.88 -2.65
C ARG O 72 -0.70 49.04 -3.87
N ASP O 73 0.31 49.51 -4.59
CA ASP O 73 0.83 48.84 -5.80
C ASP O 73 2.33 48.70 -5.62
N ASN O 74 2.78 47.46 -5.40
CA ASN O 74 4.19 47.21 -5.11
C ASN O 74 5.05 47.23 -6.36
N SER O 75 4.46 47.27 -7.56
CA SER O 75 5.22 47.35 -8.78
C SER O 75 5.54 48.79 -9.17
N LYS O 76 4.68 49.73 -8.78
CA LYS O 76 4.89 51.15 -9.02
C LYS O 76 5.47 51.87 -7.81
N ASN O 77 5.60 51.19 -6.67
CA ASN O 77 6.03 51.82 -5.41
C ASN O 77 5.10 52.96 -5.02
N THR O 78 3.79 52.73 -5.12
CA THR O 78 2.80 53.74 -4.79
C THR O 78 1.80 53.21 -3.76
N LEU O 79 1.32 54.12 -2.93
CA LEU O 79 0.24 53.91 -1.98
C LEU O 79 -0.88 54.87 -2.38
N SER O 80 -2.12 54.43 -2.24
CA SER O 80 -3.25 55.33 -2.49
C SER O 80 -4.36 55.10 -1.46
N LEU O 81 -5.11 56.17 -1.23
CA LEU O 81 -6.27 56.18 -0.34
C LEU O 81 -7.38 56.89 -1.09
N GLN O 82 -8.50 56.19 -1.29
CA GLN O 82 -9.66 56.73 -1.99
C GLN O 82 -10.79 56.90 -0.98
N MET O 83 -11.25 58.13 -0.82
CA MET O 83 -12.26 58.50 0.17
C MET O 83 -13.57 58.83 -0.51
N HIS O 84 -14.67 58.35 0.07
CA HIS O 84 -16.01 58.69 -0.39
C HIS O 84 -16.78 59.44 0.70
N SER O 85 -17.76 60.22 0.24
CA SER O 85 -18.70 61.02 1.02
C SER O 85 -18.06 62.27 1.61
N LEU O 86 -16.84 62.14 2.16
CA LEU O 86 -16.01 63.27 2.60
C LEU O 86 -16.77 64.26 3.47
N ARG O 87 -17.02 63.91 4.72
CA ARG O 87 -17.77 64.78 5.62
C ARG O 87 -16.89 65.94 6.10
N ASP O 88 -17.55 66.96 6.66
CA ASP O 88 -16.83 68.13 7.14
C ASP O 88 -15.80 67.77 8.21
N GLY O 89 -16.06 66.71 8.97
CA GLY O 89 -15.10 66.27 9.98
C GLY O 89 -13.85 65.63 9.42
N ASP O 90 -13.79 65.40 8.11
CA ASP O 90 -12.63 64.79 7.47
C ASP O 90 -11.64 65.82 6.94
N THR O 91 -11.89 67.12 7.14
CA THR O 91 -10.94 68.13 6.70
C THR O 91 -9.70 68.02 7.57
N ALA O 92 -8.54 67.83 6.94
CA ALA O 92 -7.31 67.63 7.68
C ALA O 92 -6.15 67.56 6.70
N VAL O 93 -4.94 67.65 7.24
CA VAL O 93 -3.74 67.26 6.52
C VAL O 93 -3.58 65.75 6.69
N TYR O 94 -3.47 65.04 5.57
CA TYR O 94 -3.32 63.59 5.56
C TYR O 94 -1.87 63.25 5.29
N TYR O 95 -1.22 62.63 6.26
CA TYR O 95 0.18 62.25 6.17
C TYR O 95 0.31 60.80 5.75
N CYS O 96 1.24 60.55 4.83
CA CYS O 96 1.61 59.22 4.41
C CYS O 96 2.70 58.75 5.37
N ALA O 97 2.49 57.59 6.00
CA ALA O 97 3.42 57.06 6.97
C ALA O 97 3.73 55.60 6.69
N THR O 98 4.97 55.23 7.00
CA THR O 98 5.47 53.87 6.84
C THR O 98 5.65 53.26 8.22
N GLY O 99 4.94 52.16 8.49
CA GLY O 99 4.95 51.53 9.80
C GLY O 99 3.54 51.18 10.25
N GLY O 100 3.50 50.43 11.35
CA GLY O 100 2.24 50.02 11.96
C GLY O 100 2.01 48.53 12.03
N MET O 101 2.81 47.69 11.38
CA MET O 101 2.52 46.27 11.30
C MET O 101 3.74 45.56 10.73
N SER O 102 3.75 44.23 10.86
CA SER O 102 4.80 43.40 10.32
C SER O 102 4.19 42.10 9.77
N SER O 103 5.01 41.35 9.05
CA SER O 103 4.56 40.18 8.30
C SER O 103 4.55 38.90 9.12
N ALA O 104 4.84 38.95 10.42
CA ALA O 104 4.92 37.85 11.38
C ALA O 104 6.25 37.10 11.27
N LEU O 105 7.05 37.34 10.23
CA LEU O 105 8.38 36.76 10.09
C LEU O 105 9.47 37.82 10.29
N GLN O 106 9.11 38.96 10.87
CA GLN O 106 10.01 40.06 11.11
C GLN O 106 9.62 40.71 12.43
N SER O 107 10.47 41.58 12.94
CA SER O 107 10.22 42.15 14.26
C SER O 107 9.05 43.11 14.23
N SER O 108 8.48 43.33 15.41
CA SER O 108 7.27 44.16 15.52
C SER O 108 7.60 45.60 15.18
N LYS O 109 6.81 46.19 14.27
CA LYS O 109 6.94 47.59 13.90
C LYS O 109 5.70 48.38 14.27
N TYR O 110 5.31 48.33 15.54
CA TYR O 110 4.12 49.03 16.03
C TYR O 110 4.44 50.50 16.30
N TYR O 111 4.86 51.18 15.25
CA TYR O 111 5.21 52.59 15.29
C TYR O 111 5.31 53.09 13.85
N PHE O 112 5.15 54.39 13.67
CA PHE O 112 5.17 55.01 12.35
C PHE O 112 6.57 55.58 12.17
N ASP O 113 7.40 54.87 11.40
CA ASP O 113 8.82 55.22 11.30
C ASP O 113 9.09 56.42 10.39
N PHE O 114 8.63 56.36 9.14
CA PHE O 114 8.91 57.38 8.14
C PHE O 114 7.61 58.03 7.69
N TRP O 115 7.58 59.35 7.73
CA TRP O 115 6.40 60.13 7.36
C TRP O 115 6.65 60.91 6.08
N GLY O 116 5.55 61.36 5.47
CA GLY O 116 5.60 62.19 4.28
C GLY O 116 5.47 63.66 4.64
N GLN O 117 5.24 64.48 3.61
CA GLN O 117 5.13 65.92 3.79
C GLN O 117 3.71 66.37 4.05
N GLY O 118 2.72 65.57 3.65
CA GLY O 118 1.33 65.84 3.95
C GLY O 118 0.53 66.49 2.84
N ALA O 119 -0.61 65.88 2.51
CA ALA O 119 -1.56 66.43 1.54
C ALA O 119 -2.65 67.13 2.33
N LEU O 120 -3.13 68.26 1.80
CA LEU O 120 -4.16 69.06 2.46
C LEU O 120 -5.51 68.76 1.82
N VAL O 121 -6.46 68.30 2.63
CA VAL O 121 -7.82 67.98 2.21
C VAL O 121 -8.78 68.95 2.89
N THR O 122 -9.52 69.72 2.10
CA THR O 122 -10.47 70.70 2.61
C THR O 122 -11.87 70.34 2.15
N VAL O 123 -12.82 70.34 3.10
CA VAL O 123 -14.22 70.04 2.84
C VAL O 123 -15.02 71.30 3.16
N SER O 124 -15.82 71.76 2.20
CA SER O 124 -16.62 72.96 2.38
C SER O 124 -17.93 72.89 1.59
#